data_6USA
#
_entry.id   6USA
#
_cell.length_a   134.920
_cell.length_b   160.037
_cell.length_c   165.151
_cell.angle_alpha   90.000
_cell.angle_beta   90.000
_cell.angle_gamma   90.000
#
_symmetry.space_group_name_H-M   'P 21 21 21'
#
loop_
_entity.id
_entity.type
_entity.pdbx_description
1 polymer 'Tryptophan synthase alpha chain'
2 polymer 'Tryptophan synthase beta chain'
3 non-polymer 'FORMIC ACID'
4 non-polymer 'MALONATE ION'
5 non-polymer (3R,4R)-4-[4-(2-Chlorophenyl)piperazin-1-yl]-1,1-dioxothiolan-3-ol
6 non-polymer '2-[({3-HYDROXY-2-METHYL-5-[(PHOSPHONOOXY)METHYL]PYRIDIN-4-YL}METHYL)AMINO]ACRYLIC ACID'
7 non-polymer 'POTASSIUM ION'
8 non-polymer 1,2-ETHANEDIOL
9 non-polymer DI(HYDROXYETHYL)ETHER
10 non-polymer 'ACETATE ION'
11 non-polymer 'SULFATE ION'
12 non-polymer 'SODIUM ION'
13 water water
#
loop_
_entity_poly.entity_id
_entity_poly.type
_entity_poly.pdbx_seq_one_letter_code
_entity_poly.pdbx_strand_id
1 'polypeptide(L)'
;MVAVEQSEASRLGPVFDSCRANNRAALIGYLPTGYPDVPASVAAMTALVESGCDIIEVGVPYSDPGMDGPTIARATEAAL
RGGVRVRDTLAAVEAISIAGGRAVVMTYWNPVLRYGVDAFARDLAAAGGLGLITPDLIPDEAQQWLAASEEHRLDRIFLV
APSSTPERLAATVEASRGFVYAASTMGVTGARDAVSQAAPELVGRVKAVSDIPVGVGLGVRSRAQAAQIAQYADGVIVGS
ALVTALTEGLPRLRALTGELAAGVRLGMSAHHHHHH
;
A,C,E,G
2 'polypeptide(L)'
;MSAAIAEPTSHDPDSGGHFGGPSGWGGRYVPEALMAVIEEVTAAYQKERVSQDFLDDLDRLQANYAGRPSPLYEATRLSQ
HAGSARIFLKREDLNHTGSHKINNVLGQALLARRMGKTRVIAETGAGQHGVATATACALLGLDCVIYMGGIDTARQALNV
ARMRLLGAEVVAVQTGSKTLKDAINEAFRDWVANADNTYYCFGTAAGPHPFPTMVRDFQRIIGMEARVQIQGQAGRLPDA
VVACVGGGSNAIGIFHAFLDDPGVRLVGFEAAGDGVETGRHAATFTAGSPGAFHGSFSYLLQDEDGQTIESHSISAGLDY
PGVGPEHAWLKEAGRVDYRPITDSEAMDAFGLLCRMEGIIPAIESAHAVAGALKLGVELGRGAVIVVNLSGRGDKDVETA
AKWFGLLGND
;
B,D,F,H
#
# COMPACT_ATOMS: atom_id res chain seq x y z
N GLU A 8 45.57 31.31 32.61
CA GLU A 8 46.98 31.05 32.31
C GLU A 8 47.16 30.52 30.89
N ALA A 9 48.41 30.51 30.42
CA ALA A 9 48.71 30.14 29.05
C ALA A 9 48.80 28.63 28.89
N SER A 10 48.79 28.19 27.64
CA SER A 10 48.88 26.76 27.35
C SER A 10 50.32 26.27 27.43
N ARG A 11 50.46 24.98 27.70
CA ARG A 11 51.78 24.37 27.84
C ARG A 11 52.63 24.51 26.58
N LEU A 12 51.99 24.64 25.42
CA LEU A 12 52.70 24.80 24.15
C LEU A 12 52.73 26.25 23.68
N GLY A 13 52.08 27.17 24.40
CA GLY A 13 52.13 28.57 24.10
C GLY A 13 53.52 29.14 23.94
N PRO A 14 54.42 28.85 24.89
CA PRO A 14 55.82 29.32 24.73
C PRO A 14 56.47 28.94 23.41
N VAL A 15 56.35 27.68 22.99
CA VAL A 15 57.03 27.22 21.78
C VAL A 15 56.59 28.04 20.58
N PHE A 16 55.27 28.23 20.42
CA PHE A 16 54.78 28.99 19.28
C PHE A 16 55.14 30.47 19.39
N ASP A 17 55.14 31.01 20.62
CA ASP A 17 55.60 32.38 20.81
C ASP A 17 57.06 32.52 20.40
N SER A 18 57.90 31.58 20.83
CA SER A 18 59.31 31.61 20.45
C SER A 18 59.49 31.41 18.95
N CYS A 19 58.61 30.65 18.32
CA CYS A 19 58.72 30.43 16.88
C CYS A 19 58.28 31.66 16.10
N ARG A 20 57.16 32.26 16.48
CA ARG A 20 56.67 33.44 15.77
C ARG A 20 57.63 34.62 15.91
N ALA A 21 58.39 34.67 17.00
CA ALA A 21 59.42 35.70 17.14
C ALA A 21 60.57 35.48 16.18
N ASN A 22 60.94 34.21 15.95
CA ASN A 22 62.02 33.85 15.03
C ASN A 22 61.57 33.79 13.57
N ASN A 23 60.39 34.34 13.24
CA ASN A 23 59.87 34.35 11.88
C ASN A 23 59.86 32.94 11.29
N ARG A 24 59.36 31.99 12.07
CA ARG A 24 59.36 30.60 11.63
C ARG A 24 58.17 29.87 12.23
N ALA A 25 57.74 28.82 11.54
CA ALA A 25 56.74 27.93 12.09
C ALA A 25 57.41 26.88 12.97
N ALA A 26 56.62 26.27 13.84
CA ALA A 26 57.09 25.15 14.63
C ALA A 26 57.08 23.88 13.78
N LEU A 27 58.12 23.07 13.92
CA LEU A 27 58.18 21.78 13.24
C LEU A 27 57.66 20.71 14.21
N ILE A 28 56.54 20.09 13.86
CA ILE A 28 55.87 19.10 14.69
C ILE A 28 56.03 17.74 14.03
N GLY A 29 56.68 16.82 14.72
CA GLY A 29 57.04 15.52 14.16
C GLY A 29 56.32 14.38 14.86
N TYR A 30 55.80 13.45 14.08
CA TYR A 30 55.11 12.28 14.57
C TYR A 30 55.95 11.03 14.33
N LEU A 31 56.03 10.17 15.34
CA LEU A 31 56.59 8.84 15.22
C LEU A 31 55.77 7.90 16.11
N PRO A 32 55.45 6.70 15.64
CA PRO A 32 54.72 5.76 16.49
C PRO A 32 55.66 5.04 17.46
N THR A 33 55.15 4.80 18.66
CA THR A 33 55.92 4.07 19.66
C THR A 33 56.07 2.61 19.26
N GLY A 34 57.28 2.08 19.41
CA GLY A 34 57.52 0.67 19.18
C GLY A 34 57.84 0.27 17.76
N TYR A 35 58.06 1.23 16.86
CA TYR A 35 58.43 0.91 15.50
C TYR A 35 59.85 1.36 15.22
N PRO A 36 60.76 0.48 14.78
CA PRO A 36 60.54 -0.95 14.52
C PRO A 36 60.52 -1.81 15.79
N ASP A 37 61.00 -1.22 16.88
CA ASP A 37 60.87 -1.81 18.21
C ASP A 37 60.93 -0.67 19.22
N VAL A 38 60.63 -0.99 20.47
CA VAL A 38 60.54 0.06 21.50
C VAL A 38 61.85 0.82 21.66
N PRO A 39 63.01 0.18 21.84
CA PRO A 39 64.25 0.97 21.95
C PRO A 39 64.58 1.77 20.71
N ALA A 40 64.37 1.20 19.52
CA ALA A 40 64.70 1.91 18.28
C ALA A 40 63.80 3.13 18.09
N SER A 41 62.52 3.02 18.46
CA SER A 41 61.62 4.15 18.31
C SER A 41 61.98 5.29 19.24
N VAL A 42 62.40 4.97 20.47
CA VAL A 42 62.83 6.01 21.39
C VAL A 42 64.11 6.67 20.89
N ALA A 43 65.00 5.88 20.28
CA ALA A 43 66.19 6.48 19.66
C ALA A 43 65.79 7.45 18.55
N ALA A 44 64.80 7.09 17.74
CA ALA A 44 64.40 7.94 16.63
C ALA A 44 63.72 9.22 17.13
N MET A 45 62.91 9.11 18.18
CA MET A 45 62.30 10.31 18.74
C MET A 45 63.34 11.20 19.39
N THR A 46 64.39 10.62 19.98
CA THR A 46 65.49 11.42 20.50
C THR A 46 66.18 12.17 19.37
N ALA A 47 66.46 11.48 18.26
CA ALA A 47 67.06 12.14 17.11
C ALA A 47 66.20 13.30 16.60
N LEU A 48 64.87 13.16 16.68
CA LEU A 48 63.98 14.24 16.29
C LEU A 48 64.26 15.50 17.11
N VAL A 49 64.39 15.34 18.44
CA VAL A 49 64.74 16.47 19.30
C VAL A 49 66.11 17.02 18.90
N GLU A 50 67.07 16.13 18.69
CA GLU A 50 68.43 16.55 18.31
C GLU A 50 68.47 17.21 16.94
N SER A 51 67.53 16.91 16.05
CA SER A 51 67.57 17.40 14.67
C SER A 51 66.70 18.62 14.45
N GLY A 52 66.14 19.21 15.50
CA GLY A 52 65.43 20.46 15.38
C GLY A 52 63.92 20.39 15.36
N CYS A 53 63.33 19.32 15.89
CA CYS A 53 61.88 19.18 15.94
C CYS A 53 61.37 19.85 17.22
N ASP A 54 60.53 20.87 17.05
CA ASP A 54 60.09 21.66 18.20
C ASP A 54 59.12 20.89 19.08
N ILE A 55 58.20 20.14 18.48
CA ILE A 55 57.22 19.34 19.21
C ILE A 55 57.19 17.94 18.62
N ILE A 56 57.28 16.93 19.48
CA ILE A 56 57.19 15.53 19.07
C ILE A 56 55.78 15.03 19.37
N GLU A 57 55.14 14.41 18.38
CA GLU A 57 53.88 13.72 18.56
C GLU A 57 54.17 12.24 18.77
N VAL A 58 54.05 11.78 20.01
CA VAL A 58 54.27 10.37 20.33
C VAL A 58 52.98 9.62 19.99
N GLY A 59 53.05 8.73 19.01
CA GLY A 59 51.87 8.01 18.54
C GLY A 59 51.66 6.73 19.31
N VAL A 60 50.43 6.50 19.75
CA VAL A 60 50.03 5.25 20.39
C VAL A 60 49.51 4.32 19.31
N PRO A 61 50.14 3.18 19.07
CA PRO A 61 49.61 2.24 18.07
C PRO A 61 48.26 1.69 18.50
N TYR A 62 47.35 1.60 17.53
CA TYR A 62 46.00 1.12 17.76
C TYR A 62 45.68 0.01 16.78
N SER A 63 44.84 -0.93 17.23
CA SER A 63 44.56 -2.12 16.42
C SER A 63 43.73 -1.79 15.18
N ASP A 64 42.93 -0.73 15.22
CA ASP A 64 42.02 -0.38 14.12
C ASP A 64 42.14 1.09 13.75
N PRO A 65 43.32 1.51 13.26
CA PRO A 65 43.57 2.94 12.98
C PRO A 65 42.99 3.40 11.65
N GLY A 66 41.69 3.71 11.66
CA GLY A 66 40.99 4.04 10.44
C GLY A 66 41.45 5.33 9.79
N MET A 67 42.05 6.25 10.54
CA MET A 67 42.43 7.55 10.01
C MET A 67 43.88 7.61 9.57
N ASP A 68 44.61 6.51 9.62
CA ASP A 68 46.03 6.51 9.27
C ASP A 68 46.23 5.95 7.87
N GLY A 69 47.14 6.58 7.12
CA GLY A 69 47.50 6.12 5.81
C GLY A 69 48.28 4.82 5.87
N PRO A 70 48.56 4.24 4.70
CA PRO A 70 49.23 2.93 4.69
C PRO A 70 50.58 2.93 5.39
N THR A 71 51.36 4.00 5.27
CA THR A 71 52.70 4.01 5.85
C THR A 71 52.64 3.89 7.37
N ILE A 72 51.85 4.74 8.02
CA ILE A 72 51.74 4.68 9.47
C ILE A 72 51.00 3.43 9.92
N ALA A 73 50.01 2.99 9.15
CA ALA A 73 49.24 1.81 9.52
C ALA A 73 50.12 0.56 9.53
N ARG A 74 50.98 0.38 8.52
CA ARG A 74 51.91 -0.74 8.52
C ARG A 74 52.85 -0.67 9.72
N ALA A 75 53.35 0.52 10.03
CA ALA A 75 54.29 0.67 11.13
C ALA A 75 53.63 0.30 12.46
N THR A 76 52.40 0.79 12.69
CA THR A 76 51.72 0.50 13.95
C THR A 76 51.37 -0.98 14.06
N GLU A 77 51.04 -1.64 12.94
CA GLU A 77 50.82 -3.08 12.95
C GLU A 77 52.08 -3.81 13.40
N ALA A 78 53.23 -3.42 12.84
CA ALA A 78 54.49 -4.06 13.22
C ALA A 78 54.82 -3.80 14.68
N ALA A 79 54.59 -2.56 15.15
CA ALA A 79 54.86 -2.23 16.54
C ALA A 79 53.99 -3.07 17.47
N LEU A 80 52.74 -3.31 17.08
CA LEU A 80 51.85 -4.12 17.91
C LEU A 80 52.25 -5.60 17.87
N ARG A 81 52.75 -6.08 16.74
CA ARG A 81 53.27 -7.45 16.69
C ARG A 81 54.47 -7.61 17.61
N GLY A 82 55.30 -6.58 17.71
CA GLY A 82 56.41 -6.58 18.64
C GLY A 82 56.03 -6.42 20.09
N GLY A 83 54.74 -6.29 20.39
CA GLY A 83 54.29 -6.22 21.77
C GLY A 83 54.29 -4.84 22.38
N VAL A 84 54.11 -3.79 21.58
CA VAL A 84 54.13 -2.43 22.12
C VAL A 84 52.97 -2.26 23.09
N ARG A 85 53.20 -1.48 24.14
CA ARG A 85 52.20 -1.20 25.16
C ARG A 85 51.95 0.29 25.26
N VAL A 86 50.80 0.64 25.83
CA VAL A 86 50.50 2.05 26.08
C VAL A 86 51.53 2.65 27.03
N ARG A 87 51.97 1.87 28.02
CA ARG A 87 52.96 2.36 28.98
C ARG A 87 54.30 2.67 28.31
N ASP A 88 54.59 2.02 27.17
CA ASP A 88 55.80 2.37 26.43
C ASP A 88 55.72 3.78 25.87
N THR A 89 54.51 4.24 25.53
CA THR A 89 54.34 5.62 25.09
C THR A 89 54.65 6.60 26.22
N LEU A 90 54.27 6.25 27.45
CA LEU A 90 54.62 7.11 28.59
C LEU A 90 56.12 7.13 28.82
N ALA A 91 56.81 6.00 28.60
CA ALA A 91 58.27 5.99 28.70
C ALA A 91 58.90 6.83 27.60
N ALA A 92 58.31 6.82 26.40
CA ALA A 92 58.85 7.64 25.31
C ALA A 92 58.73 9.12 25.63
N VAL A 93 57.65 9.52 26.30
CA VAL A 93 57.48 10.91 26.70
C VAL A 93 58.54 11.30 27.74
N GLU A 94 58.83 10.39 28.68
CA GLU A 94 59.88 10.65 29.66
C GLU A 94 61.22 10.91 28.97
N ALA A 95 61.61 10.00 28.09
CA ALA A 95 62.89 10.15 27.39
C ALA A 95 62.93 11.45 26.58
N ILE A 96 61.82 11.80 25.93
CA ILE A 96 61.80 13.04 25.16
C ILE A 96 61.94 14.25 26.08
N SER A 97 61.26 14.23 27.23
CA SER A 97 61.42 15.32 28.19
C SER A 97 62.85 15.38 28.72
N ILE A 98 63.49 14.22 28.89
CA ILE A 98 64.84 14.18 29.44
C ILE A 98 65.84 14.75 28.44
N ALA A 99 65.65 14.51 27.15
CA ALA A 99 66.52 15.05 26.12
C ALA A 99 66.24 16.52 25.82
N GLY A 100 65.45 17.20 26.66
CA GLY A 100 65.12 18.59 26.43
C GLY A 100 64.07 18.82 25.37
N GLY A 101 63.35 17.79 24.95
CA GLY A 101 62.30 17.94 23.97
C GLY A 101 60.95 18.25 24.59
N ARG A 102 59.95 18.37 23.73
CA ARG A 102 58.58 18.62 24.16
C ARG A 102 57.67 17.63 23.45
N ALA A 103 56.95 16.84 24.23
CA ALA A 103 56.18 15.71 23.71
C ALA A 103 54.70 15.90 23.98
N VAL A 104 53.90 15.62 22.96
CA VAL A 104 52.47 15.41 23.11
C VAL A 104 52.17 14.01 22.58
N VAL A 105 51.08 13.43 23.06
CA VAL A 105 50.67 12.10 22.66
C VAL A 105 49.51 12.22 21.68
N MET A 106 49.60 11.52 20.57
CA MET A 106 48.50 11.37 19.62
C MET A 106 47.99 9.94 19.73
N THR A 107 46.69 9.81 20.00
CA THR A 107 46.14 8.50 20.29
C THR A 107 44.67 8.44 19.91
N TYR A 108 44.24 7.27 19.46
CA TYR A 108 42.82 6.97 19.41
C TYR A 108 42.27 6.87 20.82
N TRP A 109 40.95 7.06 20.94
CA TRP A 109 40.41 7.33 22.28
C TRP A 109 40.25 6.08 23.14
N ASN A 110 39.98 4.92 22.55
CA ASN A 110 39.68 3.75 23.37
C ASN A 110 40.85 3.32 24.26
N PRO A 111 42.10 3.31 23.83
CA PRO A 111 43.19 3.03 24.78
C PRO A 111 43.20 3.97 25.98
N VAL A 112 42.77 5.22 25.80
CA VAL A 112 42.66 6.13 26.94
C VAL A 112 41.53 5.71 27.87
N LEU A 113 40.41 5.27 27.30
CA LEU A 113 39.29 4.83 28.12
C LEU A 113 39.64 3.57 28.91
N ARG A 114 40.32 2.61 28.27
CA ARG A 114 40.72 1.40 28.98
C ARG A 114 41.72 1.72 30.08
N TYR A 115 42.60 2.69 29.84
CA TYR A 115 43.54 3.13 30.86
C TYR A 115 42.85 3.91 31.97
N GLY A 116 41.80 4.65 31.63
CA GLY A 116 41.19 5.59 32.54
C GLY A 116 41.61 7.01 32.19
N VAL A 117 40.64 7.86 31.87
CA VAL A 117 40.95 9.19 31.34
C VAL A 117 41.73 10.00 32.36
N ASP A 118 41.28 10.00 33.62
CA ASP A 118 41.98 10.75 34.64
C ASP A 118 43.35 10.13 34.94
N ALA A 119 43.42 8.81 35.01
CA ALA A 119 44.69 8.15 35.28
C ALA A 119 45.69 8.44 34.17
N PHE A 120 45.26 8.34 32.92
CA PHE A 120 46.18 8.57 31.81
C PHE A 120 46.63 10.03 31.75
N ALA A 121 45.71 10.97 31.97
CA ALA A 121 46.09 12.37 31.99
C ALA A 121 47.03 12.68 33.16
N ARG A 122 46.86 11.98 34.28
CA ARG A 122 47.77 12.15 35.40
C ARG A 122 49.16 11.62 35.06
N ASP A 123 49.23 10.39 34.56
CA ASP A 123 50.52 9.77 34.30
C ASP A 123 51.25 10.44 33.14
N LEU A 124 50.52 10.92 32.14
CA LEU A 124 51.16 11.65 31.04
C LEU A 124 51.74 12.97 31.53
N ALA A 125 50.98 13.71 32.34
CA ALA A 125 51.51 14.94 32.92
C ALA A 125 52.72 14.65 33.80
N ALA A 126 52.68 13.55 34.56
CA ALA A 126 53.82 13.18 35.39
C ALA A 126 55.05 12.90 34.54
N ALA A 127 54.86 12.24 33.40
CA ALA A 127 55.98 11.88 32.52
C ALA A 127 56.57 13.07 31.78
N GLY A 128 56.01 14.27 31.95
CA GLY A 128 56.48 15.44 31.24
C GLY A 128 55.70 15.79 29.99
N GLY A 129 54.62 15.07 29.71
CA GLY A 129 53.82 15.36 28.53
C GLY A 129 53.15 16.71 28.62
N LEU A 130 52.99 17.34 27.45
CA LEU A 130 52.43 18.68 27.38
C LEU A 130 51.02 18.73 26.81
N GLY A 131 50.53 17.65 26.22
CA GLY A 131 49.19 17.69 25.65
C GLY A 131 48.82 16.36 25.02
N LEU A 132 47.58 16.33 24.53
CA LEU A 132 46.98 15.12 23.96
C LEU A 132 46.25 15.48 22.68
N ILE A 133 46.55 14.75 21.61
CA ILE A 133 45.88 14.92 20.32
C ILE A 133 44.90 13.77 20.17
N THR A 134 43.62 14.09 19.93
CA THR A 134 42.55 13.11 19.91
C THR A 134 41.84 13.13 18.56
N PRO A 135 42.31 12.36 17.58
CA PRO A 135 41.71 12.43 16.23
C PRO A 135 40.32 11.82 16.13
N ASP A 136 39.95 10.88 16.99
CA ASP A 136 38.61 10.31 16.95
C ASP A 136 37.78 10.70 18.16
N LEU A 137 38.17 11.77 18.86
CA LEU A 137 37.39 12.31 19.98
C LEU A 137 37.00 13.74 19.63
N ILE A 138 35.71 13.97 19.47
CA ILE A 138 35.19 15.31 19.19
C ILE A 138 34.80 15.96 20.52
N PRO A 139 34.76 17.28 20.61
CA PRO A 139 34.36 17.92 21.89
C PRO A 139 33.00 17.48 22.40
N ASP A 140 32.12 16.96 21.54
CA ASP A 140 30.80 16.52 21.98
C ASP A 140 30.88 15.35 22.97
N GLU A 141 31.97 14.58 22.94
CA GLU A 141 32.14 13.43 23.81
C GLU A 141 33.26 13.62 24.82
N ALA A 142 33.86 14.79 24.89
CA ALA A 142 35.10 15.00 25.62
C ALA A 142 34.90 15.55 27.02
N GLN A 143 33.74 15.29 27.63
CA GLN A 143 33.46 15.84 28.96
C GLN A 143 34.52 15.42 29.97
N GLN A 144 34.77 14.10 30.06
CA GLN A 144 35.81 13.61 30.96
C GLN A 144 37.17 14.23 30.64
N TRP A 145 37.52 14.26 29.35
CA TRP A 145 38.85 14.71 28.97
C TRP A 145 39.05 16.20 29.26
N LEU A 146 38.00 17.02 29.06
CA LEU A 146 38.09 18.43 29.41
C LEU A 146 38.37 18.60 30.90
N ALA A 147 37.80 17.73 31.73
CA ALA A 147 38.02 17.82 33.18
C ALA A 147 39.44 17.41 33.53
N ALA A 148 39.93 16.30 32.94
CA ALA A 148 41.29 15.85 33.23
C ALA A 148 42.32 16.81 32.63
N SER A 149 42.02 17.38 31.46
CA SER A 149 42.94 18.33 30.83
C SER A 149 43.19 19.54 31.72
N GLU A 150 42.13 20.10 32.30
CA GLU A 150 42.29 21.24 33.18
C GLU A 150 42.95 20.85 34.49
N GLU A 151 42.58 19.68 35.02
CA GLU A 151 43.12 19.23 36.30
C GLU A 151 44.64 19.02 36.22
N HIS A 152 45.10 18.33 35.18
CA HIS A 152 46.50 17.96 35.06
C HIS A 152 47.28 18.87 34.11
N ARG A 153 46.71 20.01 33.73
CA ARG A 153 47.41 21.04 32.97
C ARG A 153 47.99 20.48 31.66
N LEU A 154 47.13 19.85 30.88
CA LEU A 154 47.50 19.29 29.59
C LEU A 154 46.78 20.02 28.48
N ASP A 155 47.50 20.32 27.40
CA ASP A 155 46.86 20.89 26.23
C ASP A 155 46.00 19.82 25.56
N ARG A 156 44.95 20.29 24.87
CA ARG A 156 44.02 19.40 24.20
C ARG A 156 43.89 19.84 22.76
N ILE A 157 44.40 19.03 21.84
CA ILE A 157 44.46 19.37 20.43
C ILE A 157 43.37 18.58 19.71
N PHE A 158 42.33 19.28 19.28
CA PHE A 158 41.28 18.71 18.46
C PHE A 158 41.54 19.00 16.99
N LEU A 159 40.86 18.24 16.13
CA LEU A 159 41.05 18.35 14.69
C LEU A 159 39.90 19.11 14.06
N VAL A 160 40.22 19.91 13.05
CA VAL A 160 39.22 20.49 12.17
C VAL A 160 39.54 20.02 10.75
N ALA A 161 38.50 19.94 9.93
CA ALA A 161 38.60 19.45 8.56
C ALA A 161 38.04 20.50 7.63
N PRO A 162 38.41 20.46 6.35
CA PRO A 162 37.81 21.39 5.37
C PRO A 162 36.29 21.35 5.36
N SER A 163 35.68 20.24 5.73
CA SER A 163 34.24 20.07 5.71
C SER A 163 33.55 20.57 6.98
N SER A 164 34.30 21.07 7.95
CA SER A 164 33.71 21.47 9.23
C SER A 164 32.72 22.61 9.03
N THR A 165 31.53 22.45 9.59
CA THR A 165 30.55 23.52 9.57
C THR A 165 31.07 24.72 10.37
N PRO A 166 30.65 25.94 10.00
CA PRO A 166 31.04 27.11 10.81
C PRO A 166 30.76 26.94 12.30
N GLU A 167 29.62 26.33 12.66
N GLU A 167 29.62 26.34 12.66
CA GLU A 167 29.32 26.14 14.07
CA GLU A 167 29.32 26.14 14.07
C GLU A 167 30.27 25.14 14.72
C GLU A 167 30.28 25.14 14.71
N ARG A 168 30.62 24.07 14.00
CA ARG A 168 31.49 23.04 14.57
C ARG A 168 32.94 23.49 14.60
N LEU A 169 33.40 24.21 13.58
CA LEU A 169 34.74 24.76 13.61
C LEU A 169 34.91 25.71 14.79
N ALA A 170 33.92 26.59 15.00
CA ALA A 170 33.99 27.50 16.13
C ALA A 170 34.00 26.77 17.46
N ALA A 171 33.17 25.73 17.59
CA ALA A 171 33.12 24.98 18.84
C ALA A 171 34.40 24.17 19.05
N THR A 172 34.92 23.57 17.98
CA THR A 172 36.15 22.78 18.10
C THR A 172 37.35 23.66 18.45
N VAL A 173 37.42 24.85 17.84
CA VAL A 173 38.52 25.76 18.16
C VAL A 173 38.43 26.24 19.61
N GLU A 174 37.21 26.58 20.05
CA GLU A 174 37.02 27.02 21.44
C GLU A 174 37.44 25.94 22.43
N ALA A 175 37.25 24.66 22.07
CA ALA A 175 37.55 23.56 22.97
C ALA A 175 39.03 23.21 23.01
N SER A 176 39.84 23.70 22.08
CA SER A 176 41.24 23.32 21.99
C SER A 176 42.12 24.21 22.85
N ARG A 177 43.23 23.63 23.32
CA ARG A 177 44.29 24.36 24.01
C ARG A 177 45.61 23.94 23.39
N GLY A 178 46.50 24.91 23.21
CA GLY A 178 47.79 24.63 22.59
C GLY A 178 47.81 24.96 21.11
N PHE A 179 47.23 24.09 20.29
CA PHE A 179 47.01 24.40 18.89
C PHE A 179 45.86 23.55 18.37
N VAL A 180 45.31 23.98 17.23
CA VAL A 180 44.25 23.25 16.55
C VAL A 180 44.85 22.54 15.35
N TYR A 181 44.63 21.23 15.26
CA TYR A 181 45.18 20.40 14.19
C TYR A 181 44.30 20.56 12.96
N ALA A 182 44.81 21.28 11.96
CA ALA A 182 44.08 21.49 10.70
C ALA A 182 44.51 20.40 9.72
N ALA A 183 43.76 19.31 9.70
CA ALA A 183 44.09 18.16 8.87
C ALA A 183 43.37 18.23 7.53
N SER A 184 44.08 17.85 6.47
CA SER A 184 43.52 17.85 5.12
C SER A 184 44.40 17.05 4.16
N SER A 196 44.87 22.39 -4.56
CA SER A 196 45.09 22.09 -3.16
C SER A 196 45.04 23.36 -2.31
N GLN A 197 43.97 24.14 -2.46
CA GLN A 197 43.77 25.36 -1.72
C GLN A 197 43.02 25.16 -0.41
N ALA A 198 42.73 23.90 -0.05
CA ALA A 198 41.93 23.65 1.15
C ALA A 198 42.68 24.01 2.42
N ALA A 199 44.00 23.77 2.45
CA ALA A 199 44.75 23.96 3.69
C ALA A 199 44.80 25.43 4.11
N PRO A 200 45.21 26.39 3.26
CA PRO A 200 45.21 27.79 3.73
C PRO A 200 43.82 28.32 4.04
N GLU A 201 42.80 27.89 3.27
CA GLU A 201 41.44 28.35 3.54
C GLU A 201 40.95 27.86 4.89
N LEU A 202 41.33 26.65 5.29
CA LEU A 202 40.96 26.14 6.60
C LEU A 202 41.62 26.95 7.71
N VAL A 203 42.91 27.26 7.55
CA VAL A 203 43.62 28.06 8.54
C VAL A 203 42.98 29.44 8.65
N GLY A 204 42.56 30.01 7.53
CA GLY A 204 41.91 31.31 7.56
C GLY A 204 40.62 31.30 8.35
N ARG A 205 39.82 30.24 8.21
CA ARG A 205 38.58 30.14 8.96
C ARG A 205 38.84 30.04 10.46
N VAL A 206 39.95 29.41 10.86
CA VAL A 206 40.29 29.33 12.26
C VAL A 206 40.76 30.69 12.78
N LYS A 207 41.58 31.40 11.99
CA LYS A 207 42.09 32.70 12.41
C LYS A 207 40.97 33.71 12.57
N ALA A 208 39.88 33.56 11.80
CA ALA A 208 38.77 34.51 11.87
C ALA A 208 38.01 34.45 13.19
N VAL A 209 38.29 33.48 14.05
CA VAL A 209 37.52 33.31 15.28
C VAL A 209 38.43 33.20 16.50
N SER A 210 39.73 33.02 16.27
CA SER A 210 40.63 32.77 17.40
C SER A 210 42.08 33.05 17.02
N ASP A 211 42.88 33.34 18.04
CA ASP A 211 44.32 33.54 17.89
C ASP A 211 45.13 32.29 18.21
N ILE A 212 44.47 31.17 18.53
CA ILE A 212 45.18 29.95 18.90
C ILE A 212 46.09 29.53 17.76
N PRO A 213 47.29 28.98 18.05
CA PRO A 213 48.14 28.50 16.95
C PRO A 213 47.44 27.40 16.16
N VAL A 214 47.80 27.31 14.88
CA VAL A 214 47.22 26.33 13.97
C VAL A 214 48.34 25.53 13.34
N GLY A 215 48.31 24.22 13.54
CA GLY A 215 49.21 23.31 12.85
C GLY A 215 48.52 22.69 11.66
N VAL A 216 49.29 22.41 10.61
CA VAL A 216 48.75 21.89 9.36
C VAL A 216 49.43 20.57 9.04
N GLY A 217 48.63 19.53 8.83
CA GLY A 217 49.10 18.26 8.28
C GLY A 217 48.69 18.19 6.82
N LEU A 218 49.63 17.73 5.97
CA LEU A 218 49.38 17.81 4.53
C LEU A 218 50.18 16.78 3.74
N GLY A 219 50.59 15.66 4.32
CA GLY A 219 51.51 14.76 3.64
C GLY A 219 52.82 15.43 3.29
N VAL A 220 53.36 16.25 4.20
CA VAL A 220 54.63 16.93 3.94
C VAL A 220 55.74 15.91 3.82
N ARG A 221 56.57 16.06 2.79
CA ARG A 221 57.71 15.17 2.62
C ARG A 221 58.96 15.88 2.13
N SER A 222 58.92 17.19 1.92
CA SER A 222 60.06 17.93 1.41
C SER A 222 60.16 19.28 2.12
N ARG A 223 61.35 19.87 2.05
CA ARG A 223 61.55 21.20 2.59
C ARG A 223 60.64 22.22 1.91
N ALA A 224 60.45 22.08 0.60
CA ALA A 224 59.64 23.03 -0.15
C ALA A 224 58.21 23.08 0.38
N GLN A 225 57.60 21.91 0.61
CA GLN A 225 56.23 21.87 1.10
C GLN A 225 56.13 22.47 2.49
N ALA A 226 57.09 22.15 3.36
CA ALA A 226 57.10 22.73 4.70
C ALA A 226 57.23 24.26 4.65
N ALA A 227 57.97 24.77 3.67
CA ALA A 227 58.10 26.22 3.55
C ALA A 227 56.81 26.86 3.07
N GLN A 228 56.09 26.19 2.16
CA GLN A 228 54.80 26.71 1.71
C GLN A 228 53.81 26.79 2.86
N ILE A 229 53.82 25.81 3.76
CA ILE A 229 52.86 25.77 4.86
C ILE A 229 53.22 26.81 5.91
N ALA A 230 54.52 27.01 6.16
CA ALA A 230 54.94 27.96 7.19
C ALA A 230 54.54 29.40 6.84
N GLN A 231 54.17 29.67 5.59
CA GLN A 231 53.73 31.00 5.21
C GLN A 231 52.48 31.41 5.99
N TYR A 232 51.52 30.48 6.12
CA TYR A 232 50.26 30.79 6.77
C TYR A 232 50.02 30.04 8.08
N ALA A 233 50.67 28.89 8.28
CA ALA A 233 50.44 28.08 9.46
C ALA A 233 51.44 28.41 10.57
N ASP A 234 50.99 28.24 11.81
CA ASP A 234 51.87 28.41 12.96
C ASP A 234 52.73 27.17 13.22
N GLY A 235 52.37 26.04 12.65
CA GLY A 235 53.15 24.83 12.82
C GLY A 235 52.98 23.94 11.61
N VAL A 236 54.06 23.24 11.27
CA VAL A 236 54.05 22.28 10.16
C VAL A 236 54.18 20.89 10.76
N ILE A 237 53.18 20.05 10.50
CA ILE A 237 53.09 18.71 11.07
C ILE A 237 53.53 17.70 10.03
N VAL A 238 54.44 16.81 10.39
CA VAL A 238 54.97 15.79 9.50
C VAL A 238 54.90 14.45 10.22
N GLY A 239 54.37 13.44 9.54
CA GLY A 239 54.21 12.13 10.14
C GLY A 239 54.61 10.98 9.22
N SER A 240 53.90 10.83 8.10
CA SER A 240 54.16 9.70 7.20
C SER A 240 55.58 9.74 6.66
N ALA A 241 56.07 10.93 6.30
CA ALA A 241 57.42 11.04 5.74
C ALA A 241 58.49 10.61 6.75
N LEU A 242 58.27 10.93 8.04
CA LEU A 242 59.26 10.58 9.05
C LEU A 242 59.35 9.07 9.23
N VAL A 243 58.21 8.38 9.26
CA VAL A 243 58.22 6.92 9.36
C VAL A 243 58.95 6.30 8.18
N THR A 244 58.64 6.79 6.97
CA THR A 244 59.34 6.31 5.78
C THR A 244 60.84 6.52 5.90
N ALA A 245 61.26 7.71 6.34
CA ALA A 245 62.68 7.98 6.52
C ALA A 245 63.28 7.08 7.59
N LEU A 246 62.55 6.86 8.69
CA LEU A 246 63.06 5.98 9.74
C LEU A 246 63.20 4.54 9.24
N THR A 247 62.26 4.09 8.40
CA THR A 247 62.34 2.73 7.88
C THR A 247 63.62 2.53 7.07
N GLU A 248 64.03 3.55 6.32
CA GLU A 248 65.31 3.46 5.60
C GLU A 248 66.48 3.50 6.58
N GLY A 249 66.41 4.36 7.59
CA GLY A 249 67.48 4.42 8.56
C GLY A 249 67.52 5.69 9.37
N LEU A 250 68.03 5.59 10.59
CA LEU A 250 68.18 6.75 11.46
C LEU A 250 68.94 7.91 10.83
N PRO A 251 70.02 7.70 10.05
CA PRO A 251 70.63 8.86 9.37
C PRO A 251 69.72 9.53 8.35
N ARG A 252 68.93 8.73 7.61
CA ARG A 252 67.95 9.32 6.69
C ARG A 252 66.92 10.16 7.43
N LEU A 253 66.60 9.79 8.68
CA LEU A 253 65.65 10.57 9.47
C LEU A 253 66.22 11.94 9.83
N ARG A 254 67.48 11.97 10.32
CA ARG A 254 68.09 13.24 10.70
C ARG A 254 68.23 14.16 9.51
N ALA A 255 68.58 13.62 8.35
CA ALA A 255 68.73 14.45 7.16
C ALA A 255 67.40 15.09 6.77
N LEU A 256 66.34 14.29 6.69
CA LEU A 256 65.03 14.83 6.32
C LEU A 256 64.54 15.86 7.33
N THR A 257 64.72 15.57 8.62
CA THR A 257 64.29 16.52 9.65
C THR A 257 65.04 17.84 9.52
N GLY A 258 66.33 17.77 9.19
CA GLY A 258 67.09 19.00 9.00
C GLY A 258 66.53 19.85 7.87
N GLU A 259 66.19 19.21 6.75
CA GLU A 259 65.56 19.93 5.64
C GLU A 259 64.23 20.54 6.08
N LEU A 260 63.43 19.77 6.83
CA LEU A 260 62.15 20.29 7.31
C LEU A 260 62.34 21.43 8.29
N ALA A 261 63.34 21.33 9.18
CA ALA A 261 63.65 22.44 10.08
C ALA A 261 64.07 23.68 9.30
N ALA A 262 64.76 23.49 8.16
CA ALA A 262 65.10 24.64 7.33
C ALA A 262 63.88 25.21 6.62
N GLY A 263 62.92 24.36 6.27
CA GLY A 263 61.76 24.84 5.53
C GLY A 263 60.84 25.72 6.36
N VAL A 264 60.65 25.37 7.64
CA VAL A 264 59.75 26.13 8.50
C VAL A 264 60.30 27.51 8.85
N ARG A 265 61.57 27.79 8.52
CA ARG A 265 62.19 29.07 8.80
C ARG A 265 62.13 29.95 7.57
N LEU A 266 61.71 31.20 7.76
CA LEU A 266 61.59 32.16 6.67
C LEU A 266 62.65 33.26 6.72
N GLY A 267 63.23 33.53 7.88
CA GLY A 267 64.24 34.56 8.01
C GLY A 267 64.42 35.06 9.44
N ILE B 5 1.03 6.20 12.21
CA ILE B 5 2.15 6.28 11.27
C ILE B 5 3.47 5.90 11.95
N ALA B 6 4.18 6.91 12.45
CA ALA B 6 5.47 6.69 13.09
C ALA B 6 5.29 6.18 14.52
N GLU B 7 6.15 5.26 14.91
CA GLU B 7 6.10 4.67 16.25
C GLU B 7 6.71 5.62 17.28
N PRO B 8 6.34 5.46 18.56
CA PRO B 8 6.77 6.43 19.58
C PRO B 8 8.29 6.46 19.76
N THR B 9 8.73 7.50 20.47
CA THR B 9 10.13 7.81 20.68
C THR B 9 10.57 7.49 22.12
N SER B 10 9.94 6.49 22.74
CA SER B 10 10.12 6.28 24.18
C SER B 10 11.50 5.74 24.51
N HIS B 11 11.99 4.77 23.73
CA HIS B 11 13.25 4.10 24.02
C HIS B 11 14.43 4.72 23.26
N ASP B 12 14.25 5.90 22.68
CA ASP B 12 15.26 6.49 21.82
C ASP B 12 16.32 7.23 22.64
N PRO B 13 17.50 7.42 22.06
CA PRO B 13 18.57 8.14 22.76
C PRO B 13 18.34 9.66 22.64
N ASP B 14 19.27 10.42 23.22
CA ASP B 14 19.17 11.87 23.15
C ASP B 14 19.70 12.35 21.80
N SER B 15 19.70 13.67 21.61
CA SER B 15 20.11 14.23 20.33
C SER B 15 21.57 13.92 19.99
N GLY B 16 22.40 13.66 21.00
CA GLY B 16 23.76 13.23 20.75
C GLY B 16 23.92 11.74 20.51
N GLY B 17 22.84 10.98 20.67
CA GLY B 17 22.87 9.55 20.41
C GLY B 17 23.21 8.69 21.59
N HIS B 18 22.97 9.14 22.82
CA HIS B 18 23.35 8.40 24.02
C HIS B 18 22.14 7.71 24.63
N PHE B 19 22.31 6.44 25.01
CA PHE B 19 21.29 5.67 25.70
C PHE B 19 21.60 5.63 27.19
N GLY B 20 20.61 5.97 28.01
CA GLY B 20 20.75 5.84 29.45
C GLY B 20 21.58 6.91 30.13
N GLY B 21 21.51 8.14 29.65
CA GLY B 21 22.27 9.22 30.22
C GLY B 21 23.10 9.95 29.17
N PRO B 22 23.44 11.21 29.45
CA PRO B 22 24.11 12.02 28.43
C PRO B 22 25.55 11.59 28.13
N SER B 23 26.13 10.71 28.95
CA SER B 23 27.44 10.13 28.67
C SER B 23 27.38 8.61 28.68
N GLY B 24 26.20 8.06 28.41
CA GLY B 24 26.01 6.62 28.41
C GLY B 24 26.39 5.97 27.10
N TRP B 25 25.66 4.92 26.75
CA TRP B 25 25.99 4.11 25.58
C TRP B 25 25.69 4.86 24.28
N GLY B 26 26.45 4.55 23.25
CA GLY B 26 26.23 5.16 21.96
C GLY B 26 27.14 6.33 21.66
N GLY B 27 26.55 7.48 21.36
CA GLY B 27 27.33 8.66 21.05
C GLY B 27 27.91 8.64 19.64
N ARG B 28 28.97 9.42 19.47
CA ARG B 28 29.63 9.59 18.17
C ARG B 28 31.14 9.65 18.41
N TYR B 29 31.81 8.51 18.28
CA TYR B 29 33.26 8.46 18.38
C TYR B 29 33.81 8.40 16.95
N VAL B 30 33.78 9.55 16.31
CA VAL B 30 34.19 9.70 14.90
C VAL B 30 35.11 10.90 14.80
N PRO B 31 35.89 11.00 13.73
CA PRO B 31 36.64 12.23 13.47
C PRO B 31 35.73 13.36 13.04
N GLU B 32 36.19 14.59 13.32
CA GLU B 32 35.50 15.78 12.86
C GLU B 32 35.36 15.81 11.34
N ALA B 33 36.21 15.07 10.62
CA ALA B 33 36.15 15.06 9.17
C ALA B 33 34.82 14.51 8.66
N LEU B 34 34.15 13.66 9.45
CA LEU B 34 32.87 13.08 9.05
C LEU B 34 31.66 13.77 9.67
N MET B 35 31.85 14.69 10.61
CA MET B 35 30.72 15.23 11.36
C MET B 35 29.76 16.01 10.46
N ALA B 36 30.25 16.59 9.37
CA ALA B 36 29.35 17.29 8.45
C ALA B 36 28.37 16.31 7.81
N VAL B 37 28.88 15.23 7.23
CA VAL B 37 27.99 14.30 6.53
C VAL B 37 27.16 13.52 7.53
N ILE B 38 27.67 13.28 8.74
CA ILE B 38 26.88 12.57 9.75
C ILE B 38 25.73 13.44 10.23
N GLU B 39 25.99 14.72 10.49
CA GLU B 39 24.90 15.63 10.82
C GLU B 39 23.89 15.74 9.68
N GLU B 40 24.38 15.70 8.43
CA GLU B 40 23.50 15.75 7.28
C GLU B 40 22.60 14.52 7.23
N VAL B 41 23.16 13.33 7.45
CA VAL B 41 22.35 12.12 7.46
C VAL B 41 21.36 12.15 8.62
N THR B 42 21.81 12.63 9.78
CA THR B 42 20.92 12.72 10.94
C THR B 42 19.76 13.64 10.66
N ALA B 43 20.02 14.79 10.02
CA ALA B 43 18.95 15.72 9.70
C ALA B 43 18.03 15.16 8.63
N ALA B 44 18.60 14.51 7.61
CA ALA B 44 17.77 13.89 6.59
C ALA B 44 16.87 12.82 7.17
N TYR B 45 17.40 12.02 8.10
CA TYR B 45 16.58 10.96 8.69
C TYR B 45 15.52 11.54 9.62
N GLN B 46 15.85 12.58 10.37
CA GLN B 46 14.87 13.20 11.25
C GLN B 46 13.71 13.77 10.46
N LYS B 47 13.99 14.34 9.29
CA LYS B 47 12.94 14.88 8.44
C LYS B 47 12.07 13.78 7.84
N GLU B 48 12.70 12.72 7.33
CA GLU B 48 11.96 11.71 6.57
C GLU B 48 11.25 10.70 7.46
N ARG B 49 11.73 10.47 8.68
CA ARG B 49 11.08 9.48 9.55
C ARG B 49 9.68 9.90 9.97
N VAL B 50 9.34 11.18 9.86
CA VAL B 50 8.00 11.66 10.20
C VAL B 50 7.22 12.08 8.95
N SER B 51 7.74 11.78 7.76
CA SER B 51 7.05 12.09 6.52
C SER B 51 6.25 10.87 6.07
N GLN B 52 4.92 11.04 5.96
N GLN B 52 4.91 11.05 5.96
CA GLN B 52 4.07 9.94 5.53
CA GLN B 52 4.06 9.96 5.52
C GLN B 52 4.40 9.51 4.11
C GLN B 52 4.44 9.50 4.11
N ASP B 53 4.84 10.45 3.26
CA ASP B 53 5.22 10.08 1.90
C ASP B 53 6.49 9.23 1.87
N PHE B 54 7.42 9.46 2.79
CA PHE B 54 8.58 8.59 2.86
C PHE B 54 8.19 7.21 3.39
N LEU B 55 7.34 7.17 4.41
CA LEU B 55 6.91 5.88 4.93
C LEU B 55 6.03 5.14 3.92
N ASP B 56 5.28 5.87 3.10
CA ASP B 56 4.52 5.25 2.02
C ASP B 56 5.45 4.62 0.99
N ASP B 57 6.51 5.33 0.60
CA ASP B 57 7.48 4.78 -0.35
C ASP B 57 8.11 3.51 0.20
N LEU B 58 8.52 3.54 1.47
CA LEU B 58 9.14 2.37 2.08
C LEU B 58 8.14 1.22 2.18
N ASP B 59 6.92 1.50 2.61
CA ASP B 59 5.91 0.45 2.72
C ASP B 59 5.60 -0.17 1.37
N ARG B 60 5.57 0.65 0.31
CA ARG B 60 5.26 0.14 -1.01
C ARG B 60 6.32 -0.86 -1.48
N LEU B 61 7.59 -0.56 -1.22
CA LEU B 61 8.65 -1.49 -1.61
C LEU B 61 8.65 -2.73 -0.74
N GLN B 62 8.34 -2.58 0.55
N GLN B 62 8.35 -2.58 0.56
CA GLN B 62 8.32 -3.74 1.44
CA GLN B 62 8.31 -3.73 1.45
C GLN B 62 7.23 -4.72 1.03
C GLN B 62 7.23 -4.71 1.04
N ALA B 63 6.06 -4.21 0.64
CA ALA B 63 4.94 -5.08 0.29
C ALA B 63 5.14 -5.75 -1.07
N ASN B 64 5.30 -4.97 -2.12
CA ASN B 64 5.30 -5.49 -3.48
C ASN B 64 6.67 -5.93 -3.98
N TYR B 65 7.75 -5.38 -3.44
CA TYR B 65 9.09 -5.72 -3.91
C TYR B 65 9.79 -6.72 -2.99
N ALA B 66 9.71 -6.55 -1.67
CA ALA B 66 10.38 -7.45 -0.74
C ALA B 66 9.49 -8.58 -0.25
N GLY B 67 8.18 -8.48 -0.43
CA GLY B 67 7.28 -9.56 -0.09
C GLY B 67 6.79 -9.59 1.33
N ARG B 68 6.87 -8.47 2.06
CA ARG B 68 6.35 -8.42 3.41
C ARG B 68 4.83 -8.46 3.40
N PRO B 69 4.19 -8.94 4.48
CA PRO B 69 4.80 -9.43 5.72
C PRO B 69 5.37 -10.84 5.60
N SER B 70 6.47 -11.10 6.30
CA SER B 70 6.98 -12.46 6.35
C SER B 70 6.14 -13.29 7.31
N PRO B 71 5.92 -14.57 7.01
CA PRO B 71 5.03 -15.38 7.84
C PRO B 71 5.67 -15.75 9.17
N LEU B 72 4.83 -16.30 10.05
CA LEU B 72 5.24 -16.86 11.32
C LEU B 72 4.87 -18.33 11.30
N TYR B 73 5.86 -19.21 11.30
CA TYR B 73 5.64 -20.64 11.16
C TYR B 73 5.94 -21.36 12.47
N GLU B 74 4.98 -22.14 12.96
CA GLU B 74 5.20 -22.95 14.14
C GLU B 74 5.93 -24.22 13.74
N ALA B 75 7.18 -24.38 14.20
CA ALA B 75 8.01 -25.53 13.86
C ALA B 75 7.72 -26.68 14.83
N THR B 76 6.58 -27.31 14.61
CA THR B 76 6.09 -28.34 15.53
C THR B 76 7.09 -29.48 15.67
N ARG B 77 7.79 -29.83 14.59
CA ARG B 77 8.70 -30.97 14.66
C ARG B 77 9.97 -30.67 15.45
N LEU B 78 10.22 -29.41 15.82
CA LEU B 78 11.31 -29.08 16.71
C LEU B 78 10.97 -29.25 18.19
N SER B 79 9.68 -29.42 18.52
CA SER B 79 9.22 -29.28 19.90
C SER B 79 9.94 -30.23 20.84
N GLN B 80 10.02 -31.52 20.47
CA GLN B 80 10.57 -32.52 21.38
C GLN B 80 12.06 -32.32 21.63
N HIS B 81 12.73 -31.52 20.81
CA HIS B 81 14.14 -31.22 21.02
C HIS B 81 14.34 -29.90 21.76
N ALA B 82 13.24 -29.30 22.24
CA ALA B 82 13.28 -28.05 23.00
C ALA B 82 12.40 -28.17 24.25
N GLY B 83 12.52 -29.30 24.95
CA GLY B 83 11.77 -29.49 26.19
C GLY B 83 10.27 -29.44 26.02
N SER B 84 9.76 -29.80 24.83
CA SER B 84 8.34 -29.78 24.51
C SER B 84 7.77 -28.36 24.49
N ALA B 85 8.63 -27.35 24.34
CA ALA B 85 8.16 -25.99 24.11
C ALA B 85 7.75 -25.83 22.65
N ARG B 86 7.06 -24.73 22.35
CA ARG B 86 6.54 -24.46 21.02
C ARG B 86 7.38 -23.36 20.37
N ILE B 87 8.01 -23.70 19.25
CA ILE B 87 8.94 -22.80 18.57
C ILE B 87 8.25 -22.20 17.36
N PHE B 88 8.20 -20.86 17.30
CA PHE B 88 7.64 -20.14 16.17
C PHE B 88 8.75 -19.39 15.46
N LEU B 89 8.88 -19.63 14.15
CA LEU B 89 9.94 -19.04 13.34
C LEU B 89 9.42 -17.82 12.60
N LYS B 90 9.98 -16.65 12.90
CA LYS B 90 9.72 -15.45 12.11
C LYS B 90 10.54 -15.55 10.84
N ARG B 91 9.87 -15.66 9.70
CA ARG B 91 10.49 -16.17 8.48
C ARG B 91 11.10 -15.04 7.64
N GLU B 92 12.06 -14.33 8.23
CA GLU B 92 12.79 -13.33 7.48
C GLU B 92 13.65 -13.96 6.38
N ASP B 93 13.91 -15.28 6.47
CA ASP B 93 14.62 -15.98 5.41
C ASP B 93 13.88 -15.93 4.08
N LEU B 94 12.61 -15.56 4.09
CA LEU B 94 11.81 -15.47 2.87
C LEU B 94 11.77 -14.07 2.26
N ASN B 95 12.41 -13.08 2.90
CA ASN B 95 12.50 -11.76 2.29
C ASN B 95 13.30 -11.83 1.00
N HIS B 96 13.02 -10.90 0.10
CA HIS B 96 13.86 -10.71 -1.07
C HIS B 96 15.32 -10.51 -0.65
N THR B 97 16.22 -11.20 -1.36
CA THR B 97 17.66 -11.35 -1.14
C THR B 97 17.99 -12.33 -0.01
N GLY B 98 17.01 -12.77 0.77
CA GLY B 98 17.21 -13.89 1.67
C GLY B 98 17.55 -13.57 3.12
N SER B 99 17.34 -12.34 3.57
CA SER B 99 17.61 -12.02 4.97
C SER B 99 16.87 -10.76 5.37
N HIS B 100 16.95 -10.44 6.66
CA HIS B 100 16.37 -9.22 7.20
C HIS B 100 17.07 -7.97 6.69
N LYS B 101 18.29 -8.09 6.16
CA LYS B 101 19.08 -6.92 5.80
C LYS B 101 18.33 -6.00 4.85
N ILE B 102 17.45 -6.57 4.01
CA ILE B 102 16.76 -5.78 3.01
C ILE B 102 15.86 -4.72 3.65
N ASN B 103 15.35 -4.99 4.85
CA ASN B 103 14.49 -4.02 5.54
C ASN B 103 15.24 -2.71 5.77
N ASN B 104 16.44 -2.79 6.33
CA ASN B 104 17.23 -1.60 6.62
C ASN B 104 17.74 -0.96 5.34
N VAL B 105 18.15 -1.78 4.36
CA VAL B 105 18.70 -1.26 3.12
C VAL B 105 17.66 -0.45 2.36
N LEU B 106 16.41 -0.94 2.29
CA LEU B 106 15.37 -0.21 1.58
C LEU B 106 15.13 1.16 2.18
N GLY B 107 15.16 1.27 3.51
CA GLY B 107 14.99 2.56 4.14
C GLY B 107 16.16 3.49 3.87
N GLN B 108 17.39 2.99 4.03
CA GLN B 108 18.56 3.84 3.86
C GLN B 108 18.78 4.21 2.40
N ALA B 109 18.46 3.32 1.47
CA ALA B 109 18.65 3.63 0.05
C ALA B 109 17.64 4.68 -0.40
N LEU B 110 16.40 4.60 0.09
CA LEU B 110 15.45 5.67 -0.17
C LEU B 110 15.95 6.98 0.42
N LEU B 111 16.55 6.92 1.61
CA LEU B 111 17.11 8.11 2.22
C LEU B 111 18.26 8.67 1.39
N ALA B 112 19.20 7.81 1.00
CA ALA B 112 20.31 8.25 0.15
C ALA B 112 19.80 8.93 -1.11
N ARG B 113 18.71 8.42 -1.67
CA ARG B 113 18.10 9.05 -2.83
C ARG B 113 17.52 10.41 -2.47
N ARG B 114 16.80 10.50 -1.34
CA ARG B 114 16.23 11.77 -0.92
C ARG B 114 17.31 12.83 -0.70
N MET B 115 18.52 12.42 -0.30
CA MET B 115 19.60 13.37 -0.05
C MET B 115 20.35 13.79 -1.31
N GLY B 116 20.06 13.18 -2.46
CA GLY B 116 20.80 13.48 -3.66
C GLY B 116 22.17 12.84 -3.74
N LYS B 117 22.47 11.87 -2.87
CA LYS B 117 23.70 11.10 -3.02
C LYS B 117 23.61 10.24 -4.26
N THR B 118 24.74 10.09 -4.96
CA THR B 118 24.80 9.29 -6.17
C THR B 118 25.63 8.02 -6.01
N ARG B 119 26.38 7.89 -4.93
CA ARG B 119 27.26 6.76 -4.69
C ARG B 119 26.94 6.20 -3.32
N VAL B 120 26.83 4.88 -3.23
CA VAL B 120 26.54 4.20 -1.97
C VAL B 120 27.64 3.18 -1.70
N ILE B 121 28.17 3.20 -0.48
CA ILE B 121 29.14 2.20 -0.04
C ILE B 121 28.56 1.44 1.14
N ALA B 122 29.12 0.26 1.39
CA ALA B 122 28.70 -0.55 2.51
C ALA B 122 29.75 -1.61 2.81
N GLU B 123 29.78 -2.04 4.07
CA GLU B 123 30.54 -3.20 4.50
C GLU B 123 29.64 -4.43 4.45
N THR B 124 30.27 -5.60 4.43
CA THR B 124 29.48 -6.81 4.55
C THR B 124 30.36 -7.95 5.09
N GLY B 125 29.75 -8.81 5.89
CA GLY B 125 30.44 -9.96 6.43
C GLY B 125 29.94 -11.24 5.80
N ALA B 126 28.67 -11.56 6.03
CA ALA B 126 28.06 -12.73 5.41
C ALA B 126 27.73 -12.46 3.94
N GLY B 127 27.75 -11.21 3.50
CA GLY B 127 27.37 -10.88 2.15
C GLY B 127 25.89 -10.61 1.96
N GLN B 128 25.07 -10.82 2.98
CA GLN B 128 23.64 -10.55 2.85
C GLN B 128 23.36 -9.05 2.81
N HIS B 129 24.03 -8.29 3.68
CA HIS B 129 23.86 -6.84 3.62
C HIS B 129 24.46 -6.27 2.34
N GLY B 130 25.59 -6.82 1.89
CA GLY B 130 26.17 -6.38 0.63
C GLY B 130 25.26 -6.67 -0.55
N VAL B 131 24.68 -7.87 -0.59
CA VAL B 131 23.75 -8.22 -1.66
C VAL B 131 22.54 -7.29 -1.63
N ALA B 132 21.97 -7.10 -0.43
CA ALA B 132 20.81 -6.22 -0.29
C ALA B 132 21.12 -4.80 -0.74
N THR B 133 22.28 -4.28 -0.32
CA THR B 133 22.68 -2.94 -0.75
C THR B 133 22.84 -2.87 -2.25
N ALA B 134 23.58 -3.82 -2.83
CA ALA B 134 23.71 -3.88 -4.28
C ALA B 134 22.33 -4.00 -4.94
N THR B 135 21.41 -4.73 -4.30
CA THR B 135 20.07 -4.90 -4.84
C THR B 135 19.34 -3.56 -4.92
N ALA B 136 19.32 -2.80 -3.82
CA ALA B 136 18.62 -1.52 -3.82
C ALA B 136 19.30 -0.49 -4.71
N CYS B 137 20.63 -0.53 -4.81
CA CYS B 137 21.33 0.41 -5.66
C CYS B 137 21.04 0.16 -7.13
N ALA B 138 20.92 -1.11 -7.52
CA ALA B 138 20.44 -1.42 -8.86
C ALA B 138 19.02 -0.91 -9.05
N LEU B 139 18.16 -1.14 -8.05
CA LEU B 139 16.76 -0.71 -8.13
C LEU B 139 16.64 0.81 -8.28
N LEU B 140 17.53 1.58 -7.65
CA LEU B 140 17.40 3.02 -7.56
C LEU B 140 18.44 3.77 -8.39
N GLY B 141 19.24 3.07 -9.19
CA GLY B 141 20.18 3.73 -10.07
C GLY B 141 21.37 4.36 -9.39
N LEU B 142 21.81 3.79 -8.28
CA LEU B 142 22.94 4.32 -7.50
C LEU B 142 24.17 3.47 -7.74
N ASP B 143 25.33 4.13 -7.84
CA ASP B 143 26.58 3.40 -7.90
C ASP B 143 26.90 2.81 -6.54
N CYS B 144 27.44 1.59 -6.54
CA CYS B 144 27.54 0.81 -5.33
C CYS B 144 28.92 0.17 -5.21
N VAL B 145 29.54 0.31 -4.04
CA VAL B 145 30.84 -0.27 -3.74
C VAL B 145 30.73 -0.97 -2.39
N ILE B 146 30.98 -2.28 -2.37
CA ILE B 146 30.87 -3.09 -1.17
C ILE B 146 32.27 -3.48 -0.70
N TYR B 147 32.49 -3.41 0.61
CA TYR B 147 33.75 -3.81 1.22
C TYR B 147 33.53 -5.08 2.03
N MET B 148 34.41 -6.07 1.82
CA MET B 148 34.24 -7.39 2.39
C MET B 148 35.61 -7.98 2.70
N GLY B 149 35.76 -8.53 3.90
CA GLY B 149 37.03 -9.13 4.27
C GLY B 149 37.38 -10.30 3.38
N GLY B 150 38.67 -10.45 3.09
CA GLY B 150 39.11 -11.47 2.15
C GLY B 150 38.76 -12.88 2.60
N ILE B 151 38.81 -13.13 3.91
CA ILE B 151 38.38 -14.43 4.44
C ILE B 151 36.90 -14.65 4.17
N ASP B 152 36.10 -13.57 4.25
CA ASP B 152 34.66 -13.71 4.02
C ASP B 152 34.33 -13.90 2.55
N THR B 153 35.07 -13.24 1.65
CA THR B 153 34.83 -13.46 0.23
C THR B 153 35.04 -14.92 -0.17
N ALA B 154 35.83 -15.66 0.59
CA ALA B 154 36.07 -17.07 0.28
C ALA B 154 35.00 -17.99 0.85
N ARG B 155 34.50 -17.71 2.06
CA ARG B 155 33.51 -18.59 2.66
C ARG B 155 32.07 -18.17 2.40
N GLN B 156 31.85 -17.00 1.81
CA GLN B 156 30.53 -16.58 1.33
C GLN B 156 30.60 -16.19 -0.13
N ALA B 157 31.27 -17.02 -0.94
CA ALA B 157 31.55 -16.64 -2.33
C ALA B 157 30.29 -16.52 -3.17
N LEU B 158 29.21 -17.22 -2.81
CA LEU B 158 27.96 -17.09 -3.54
C LEU B 158 27.48 -15.64 -3.55
N ASN B 159 27.63 -14.94 -2.43
CA ASN B 159 27.15 -13.57 -2.34
C ASN B 159 28.08 -12.58 -3.04
N VAL B 160 29.38 -12.86 -3.06
CA VAL B 160 30.31 -12.05 -3.86
C VAL B 160 29.82 -12.01 -5.31
N ALA B 161 29.49 -13.18 -5.85
CA ALA B 161 29.08 -13.25 -7.24
C ALA B 161 27.71 -12.62 -7.47
N ARG B 162 26.79 -12.78 -6.51
CA ARG B 162 25.51 -12.10 -6.59
C ARG B 162 25.69 -10.59 -6.65
N MET B 163 26.55 -10.05 -5.78
CA MET B 163 26.81 -8.61 -5.77
C MET B 163 27.35 -8.13 -7.10
N ARG B 164 28.21 -8.92 -7.73
CA ARG B 164 28.81 -8.49 -8.99
C ARG B 164 27.80 -8.55 -10.13
N LEU B 165 26.91 -9.55 -10.12
CA LEU B 165 25.84 -9.60 -11.12
C LEU B 165 24.93 -8.40 -11.00
N LEU B 166 24.75 -7.88 -9.79
CA LEU B 166 23.92 -6.70 -9.57
C LEU B 166 24.62 -5.41 -9.93
N GLY B 167 25.88 -5.47 -10.38
CA GLY B 167 26.59 -4.29 -10.85
C GLY B 167 27.44 -3.58 -9.82
N ALA B 168 27.62 -4.17 -8.64
CA ALA B 168 28.40 -3.54 -7.59
C ALA B 168 29.87 -3.94 -7.70
N GLU B 169 30.74 -3.00 -7.34
CA GLU B 169 32.15 -3.32 -7.18
C GLU B 169 32.37 -3.89 -5.79
N VAL B 170 32.96 -5.08 -5.71
CA VAL B 170 33.29 -5.71 -4.45
C VAL B 170 34.80 -5.59 -4.24
N VAL B 171 35.18 -5.03 -3.09
CA VAL B 171 36.58 -4.83 -2.73
C VAL B 171 36.90 -5.78 -1.59
N ALA B 172 37.84 -6.70 -1.83
CA ALA B 172 38.26 -7.64 -0.80
C ALA B 172 39.25 -6.95 0.14
N VAL B 173 38.95 -6.96 1.43
CA VAL B 173 39.77 -6.30 2.43
C VAL B 173 40.76 -7.29 3.00
N GLN B 174 42.04 -6.94 2.96
CA GLN B 174 43.12 -7.84 3.38
C GLN B 174 43.76 -7.45 4.70
N THR B 175 43.34 -6.35 5.31
CA THR B 175 43.95 -5.91 6.55
C THR B 175 43.32 -6.60 7.77
N GLY B 176 44.03 -6.55 8.89
CA GLY B 176 43.51 -7.06 10.14
C GLY B 176 43.14 -8.52 10.06
N SER B 177 41.99 -8.86 10.66
CA SER B 177 41.47 -10.22 10.66
C SER B 177 40.77 -10.58 9.36
N LYS B 178 40.76 -9.69 8.37
CA LYS B 178 40.17 -9.93 7.05
C LYS B 178 38.71 -10.38 7.16
N THR B 179 37.98 -9.86 8.15
CA THR B 179 36.57 -10.16 8.32
C THR B 179 35.78 -8.88 8.53
N LEU B 180 34.64 -8.96 9.23
CA LEU B 180 33.66 -7.88 9.21
C LEU B 180 34.23 -6.59 9.79
N LYS B 181 34.90 -6.65 10.94
CA LYS B 181 35.41 -5.43 11.57
C LYS B 181 36.40 -4.70 10.67
N ASP B 182 37.07 -5.44 9.79
CA ASP B 182 38.07 -4.86 8.90
C ASP B 182 37.45 -4.30 7.63
N ALA B 183 36.36 -4.91 7.16
CA ALA B 183 35.60 -4.30 6.08
C ALA B 183 35.01 -2.97 6.51
N ILE B 184 34.56 -2.89 7.77
CA ILE B 184 34.04 -1.63 8.31
C ILE B 184 35.12 -0.56 8.31
N ASN B 185 36.34 -0.92 8.70
CA ASN B 185 37.44 0.04 8.70
C ASN B 185 37.68 0.62 7.31
N GLU B 186 37.64 -0.23 6.28
CA GLU B 186 37.89 0.24 4.92
C GLU B 186 36.73 1.08 4.40
N ALA B 187 35.49 0.67 4.71
CA ALA B 187 34.35 1.50 4.35
C ALA B 187 34.43 2.86 5.02
N PHE B 188 34.85 2.89 6.28
CA PHE B 188 35.08 4.17 6.94
C PHE B 188 36.06 5.02 6.15
N ARG B 189 37.21 4.44 5.77
CA ARG B 189 38.20 5.19 5.00
C ARG B 189 37.61 5.74 3.71
N ASP B 190 36.80 4.93 3.02
CA ASP B 190 36.17 5.39 1.79
C ASP B 190 35.28 6.60 2.07
N TRP B 191 34.53 6.58 3.17
CA TRP B 191 33.54 7.62 3.41
C TRP B 191 34.18 8.98 3.66
N VAL B 192 35.24 9.02 4.49
CA VAL B 192 35.86 10.31 4.75
C VAL B 192 36.47 10.88 3.47
N ALA B 193 36.92 10.01 2.56
CA ALA B 193 37.47 10.47 1.30
C ALA B 193 36.40 10.91 0.30
N ASN B 194 35.17 10.44 0.45
CA ASN B 194 34.11 10.72 -0.51
C ASN B 194 32.85 11.20 0.17
N ALA B 195 33.00 12.05 1.20
CA ALA B 195 31.84 12.50 1.96
C ALA B 195 30.88 13.33 1.11
N ASP B 196 31.39 13.99 0.06
CA ASP B 196 30.57 14.93 -0.70
C ASP B 196 29.41 14.23 -1.41
N ASN B 197 29.69 13.10 -2.06
CA ASN B 197 28.71 12.45 -2.92
C ASN B 197 28.28 11.07 -2.45
N THR B 198 28.94 10.50 -1.44
CA THR B 198 28.74 9.10 -1.09
C THR B 198 27.89 8.99 0.18
N TYR B 199 26.90 8.11 0.12
CA TYR B 199 26.14 7.71 1.30
C TYR B 199 26.69 6.39 1.82
N TYR B 200 26.91 6.30 3.13
CA TYR B 200 27.36 5.06 3.76
C TYR B 200 26.14 4.31 4.28
N CYS B 201 25.84 3.18 3.65
CA CYS B 201 24.69 2.35 4.01
C CYS B 201 25.18 1.28 4.99
N PHE B 202 25.11 1.59 6.28
CA PHE B 202 25.63 0.69 7.29
C PHE B 202 24.61 -0.41 7.61
N GLY B 203 25.12 -1.62 7.81
CA GLY B 203 24.30 -2.80 7.81
C GLY B 203 23.82 -3.36 9.13
N THR B 204 24.24 -2.79 10.25
CA THR B 204 23.84 -3.32 11.54
C THR B 204 23.58 -2.18 12.52
N ALA B 205 22.96 -2.51 13.66
CA ALA B 205 22.51 -1.50 14.61
C ALA B 205 23.67 -1.06 15.51
N ALA B 206 24.69 -0.50 14.87
CA ALA B 206 25.87 -0.02 15.57
C ALA B 206 26.38 1.22 14.87
N GLY B 207 27.59 1.65 15.21
CA GLY B 207 28.17 2.82 14.62
C GLY B 207 27.77 4.08 15.35
N PRO B 208 28.17 5.23 14.82
CA PRO B 208 27.81 6.49 15.47
C PRO B 208 26.36 6.84 15.23
N HIS B 209 25.82 7.63 16.13
CA HIS B 209 24.52 8.25 15.90
C HIS B 209 24.51 8.90 14.52
N PRO B 210 23.46 8.68 13.70
CA PRO B 210 22.15 8.11 14.04
C PRO B 210 21.95 6.64 13.66
N PHE B 211 23.03 5.92 13.36
CA PHE B 211 22.88 4.60 12.74
C PHE B 211 22.25 3.55 13.65
N PRO B 212 22.63 3.46 14.94
CA PRO B 212 21.92 2.50 15.81
C PRO B 212 20.42 2.71 15.84
N THR B 213 19.97 3.96 15.85
CA THR B 213 18.54 4.23 15.91
C THR B 213 17.88 4.06 14.55
N MET B 214 18.52 4.55 13.49
CA MET B 214 17.93 4.45 12.15
C MET B 214 17.80 3.01 11.71
N VAL B 215 18.82 2.18 11.97
CA VAL B 215 18.77 0.78 11.58
C VAL B 215 17.69 0.04 12.37
N ARG B 216 17.65 0.27 13.69
CA ARG B 216 16.59 -0.33 14.48
C ARG B 216 15.22 0.08 13.99
N ASP B 217 15.04 1.36 13.64
CA ASP B 217 13.74 1.84 13.19
C ASP B 217 13.31 1.16 11.89
N PHE B 218 14.26 0.90 10.99
CA PHE B 218 13.93 0.20 9.75
C PHE B 218 13.71 -1.29 9.97
N GLN B 219 14.21 -1.85 11.07
CA GLN B 219 13.99 -3.26 11.37
C GLN B 219 12.82 -3.49 12.33
N ARG B 220 12.25 -2.42 12.89
CA ARG B 220 11.13 -2.56 13.82
C ARG B 220 9.99 -3.37 13.24
N ILE B 221 9.84 -3.34 11.91
CA ILE B 221 8.74 -4.01 11.23
C ILE B 221 8.69 -5.49 11.57
N ILE B 222 9.85 -6.11 11.83
CA ILE B 222 9.89 -7.53 12.19
C ILE B 222 9.10 -7.78 13.46
N GLY B 223 9.41 -7.03 14.52
CA GLY B 223 8.72 -7.24 15.78
C GLY B 223 7.28 -6.79 15.78
N MET B 224 6.97 -5.73 15.03
N MET B 224 6.95 -5.75 15.01
CA MET B 224 5.58 -5.28 14.91
CA MET B 224 5.57 -5.30 14.94
C MET B 224 4.71 -6.38 14.31
C MET B 224 4.68 -6.34 14.28
N GLU B 225 5.17 -6.99 13.22
CA GLU B 225 4.42 -8.08 12.60
C GLU B 225 4.35 -9.28 13.53
N ALA B 226 5.48 -9.67 14.11
CA ALA B 226 5.53 -10.87 14.95
C ALA B 226 4.61 -10.74 16.15
N ARG B 227 4.51 -9.54 16.72
CA ARG B 227 3.66 -9.36 17.90
C ARG B 227 2.19 -9.59 17.55
N VAL B 228 1.78 -9.18 16.34
CA VAL B 228 0.41 -9.46 15.91
C VAL B 228 0.25 -10.94 15.61
N GLN B 229 1.20 -11.51 14.86
CA GLN B 229 1.06 -12.88 14.38
C GLN B 229 1.00 -13.88 15.53
N ILE B 230 1.87 -13.71 16.53
CA ILE B 230 1.95 -14.69 17.62
C ILE B 230 0.68 -14.65 18.45
N GLN B 231 0.05 -13.49 18.60
CA GLN B 231 -1.20 -13.42 19.34
C GLN B 231 -2.33 -14.10 18.58
N GLY B 232 -2.31 -14.03 17.25
CA GLY B 232 -3.32 -14.72 16.47
C GLY B 232 -3.14 -16.22 16.44
N GLN B 233 -1.91 -16.70 16.47
CA GLN B 233 -1.61 -18.12 16.33
C GLN B 233 -1.47 -18.86 17.65
N ALA B 234 -0.89 -18.23 18.68
CA ALA B 234 -0.78 -18.84 19.98
C ALA B 234 -1.84 -18.34 20.97
N GLY B 235 -2.61 -17.32 20.60
CA GLY B 235 -3.64 -16.80 21.46
C GLY B 235 -3.16 -15.90 22.58
N ARG B 236 -1.86 -15.64 22.68
CA ARG B 236 -1.32 -14.83 23.77
C ARG B 236 0.05 -14.32 23.37
N LEU B 237 0.61 -13.46 24.21
CA LEU B 237 1.97 -13.02 24.01
C LEU B 237 2.93 -14.18 24.28
N PRO B 238 4.09 -14.20 23.62
CA PRO B 238 5.02 -15.30 23.81
C PRO B 238 5.69 -15.24 25.18
N ASP B 239 6.21 -16.39 25.61
CA ASP B 239 7.02 -16.45 26.82
C ASP B 239 8.42 -15.91 26.58
N ALA B 240 8.92 -16.04 25.35
CA ALA B 240 10.24 -15.51 25.04
C ALA B 240 10.32 -15.18 23.55
N VAL B 241 11.13 -14.17 23.24
CA VAL B 241 11.51 -13.81 21.89
C VAL B 241 13.04 -13.86 21.83
N VAL B 242 13.58 -14.58 20.85
CA VAL B 242 15.01 -14.81 20.78
C VAL B 242 15.53 -14.53 19.37
N ALA B 243 16.81 -14.17 19.30
CA ALA B 243 17.45 -13.86 18.02
C ALA B 243 18.96 -13.97 18.21
N CYS B 244 19.66 -14.11 17.09
CA CYS B 244 21.12 -14.06 17.13
C CYS B 244 21.59 -12.61 17.10
N VAL B 245 22.77 -12.37 17.67
CA VAL B 245 23.28 -11.02 17.84
C VAL B 245 24.69 -10.95 17.29
N GLY B 246 24.84 -10.32 16.13
CA GLY B 246 26.15 -9.88 15.67
C GLY B 246 26.35 -8.44 16.08
N GLY B 247 26.10 -7.52 15.16
CA GLY B 247 26.02 -6.11 15.53
C GLY B 247 24.71 -5.77 16.20
N GLY B 248 23.65 -6.53 15.92
CA GLY B 248 22.42 -6.44 16.67
C GLY B 248 21.17 -6.01 15.90
N SER B 249 21.24 -5.95 14.57
CA SER B 249 20.13 -5.35 13.81
C SER B 249 18.90 -6.24 13.80
N ASN B 250 19.06 -7.53 13.51
CA ASN B 250 17.88 -8.38 13.45
C ASN B 250 17.32 -8.63 14.85
N ALA B 251 18.17 -8.69 15.88
CA ALA B 251 17.68 -8.91 17.23
C ALA B 251 16.89 -7.71 17.74
N ILE B 252 17.43 -6.50 17.56
CA ILE B 252 16.72 -5.32 18.03
C ILE B 252 15.44 -5.12 17.24
N GLY B 253 15.43 -5.51 15.97
CA GLY B 253 14.24 -5.33 15.16
C GLY B 253 13.05 -6.14 15.66
N ILE B 254 13.30 -7.37 16.09
CA ILE B 254 12.20 -8.18 16.60
C ILE B 254 11.98 -7.94 18.09
N PHE B 255 13.00 -7.49 18.83
CA PHE B 255 12.84 -7.25 20.26
C PHE B 255 11.93 -6.05 20.54
N HIS B 256 12.01 -5.02 19.70
CA HIS B 256 11.57 -3.70 20.12
C HIS B 256 10.08 -3.67 20.44
N ALA B 257 9.26 -4.30 19.59
CA ALA B 257 7.82 -4.29 19.81
C ALA B 257 7.42 -4.95 21.12
N PHE B 258 8.31 -5.72 21.75
CA PHE B 258 8.01 -6.43 22.99
C PHE B 258 8.66 -5.80 24.21
N LEU B 259 9.35 -4.67 24.07
CA LEU B 259 10.10 -4.11 25.18
C LEU B 259 9.21 -3.76 26.36
N ASP B 260 8.00 -3.26 26.09
CA ASP B 260 7.08 -2.84 27.14
C ASP B 260 6.13 -3.96 27.57
N ASP B 261 6.32 -5.17 27.06
CA ASP B 261 5.58 -6.33 27.55
C ASP B 261 6.40 -6.97 28.66
N PRO B 262 6.11 -6.69 29.92
CA PRO B 262 7.02 -7.09 31.00
C PRO B 262 7.12 -8.58 31.21
N GLY B 263 6.15 -9.36 30.70
CA GLY B 263 6.20 -10.80 30.82
C GLY B 263 6.86 -11.54 29.68
N VAL B 264 7.30 -10.82 28.64
CA VAL B 264 7.92 -11.44 27.48
C VAL B 264 9.44 -11.40 27.68
N ARG B 265 10.04 -12.57 27.89
CA ARG B 265 11.48 -12.66 28.02
C ARG B 265 12.15 -12.43 26.68
N LEU B 266 13.30 -11.76 26.71
CA LEU B 266 14.07 -11.46 25.51
C LEU B 266 15.48 -11.99 25.68
N VAL B 267 15.92 -12.80 24.73
CA VAL B 267 17.25 -13.42 24.79
C VAL B 267 17.93 -13.28 23.44
N GLY B 268 19.14 -12.72 23.45
CA GLY B 268 19.98 -12.66 22.26
C GLY B 268 21.12 -13.66 22.40
N PHE B 269 21.42 -14.36 21.32
CA PHE B 269 22.46 -15.39 21.32
C PHE B 269 23.60 -14.96 20.41
N GLU B 270 24.80 -14.86 20.99
CA GLU B 270 26.00 -14.43 20.28
C GLU B 270 26.90 -15.63 20.00
N ALA B 271 27.83 -15.43 19.06
CA ALA B 271 28.66 -16.52 18.55
C ALA B 271 29.85 -16.78 19.47
N ALA B 272 30.00 -18.02 19.90
CA ALA B 272 31.09 -18.40 20.80
C ALA B 272 32.19 -19.21 20.11
N GLY B 273 32.09 -19.40 18.79
CA GLY B 273 33.18 -20.03 18.05
C GLY B 273 33.57 -21.39 18.59
N ASP B 274 34.87 -21.55 18.86
CA ASP B 274 35.36 -22.79 19.46
C ASP B 274 34.98 -22.92 20.92
N GLY B 275 34.63 -21.83 21.57
CA GLY B 275 34.33 -21.81 22.99
C GLY B 275 34.87 -20.51 23.55
N VAL B 276 34.19 -19.98 24.57
CA VAL B 276 34.57 -18.68 25.12
C VAL B 276 35.90 -18.74 25.86
N GLU B 277 36.32 -19.92 26.29
CA GLU B 277 37.57 -20.09 27.02
C GLU B 277 38.76 -20.34 26.11
N THR B 278 38.55 -20.36 24.79
CA THR B 278 39.62 -20.64 23.84
C THR B 278 40.24 -19.39 23.23
N GLY B 279 39.59 -18.25 23.36
CA GLY B 279 40.07 -17.08 22.64
C GLY B 279 39.74 -17.08 21.16
N ARG B 280 38.98 -18.07 20.68
CA ARG B 280 38.48 -18.10 19.31
C ARG B 280 36.95 -18.05 19.41
N HIS B 281 36.41 -16.84 19.51
CA HIS B 281 34.98 -16.65 19.70
C HIS B 281 34.63 -15.22 19.30
N ALA B 282 33.33 -14.91 19.39
CA ALA B 282 32.83 -13.56 19.17
C ALA B 282 31.80 -13.17 20.23
N ALA B 283 31.96 -13.69 21.44
CA ALA B 283 30.98 -13.52 22.52
C ALA B 283 31.21 -12.17 23.18
N THR B 284 30.71 -11.12 22.52
CA THR B 284 31.00 -9.76 22.93
C THR B 284 30.49 -9.48 24.35
N PHE B 285 29.26 -9.89 24.65
CA PHE B 285 28.73 -9.64 25.99
C PHE B 285 29.28 -10.62 27.03
N THR B 286 29.60 -11.85 26.62
CA THR B 286 30.08 -12.84 27.57
C THR B 286 31.51 -12.56 28.01
N ALA B 287 32.37 -12.18 27.06
CA ALA B 287 33.79 -12.02 27.35
C ALA B 287 34.31 -10.61 27.15
N GLY B 288 33.46 -9.67 26.73
CA GLY B 288 33.89 -8.31 26.47
C GLY B 288 33.65 -7.37 27.64
N SER B 289 34.01 -6.11 27.40
CA SER B 289 33.90 -5.07 28.41
C SER B 289 33.57 -3.76 27.70
N PRO B 290 33.06 -2.76 28.44
CA PRO B 290 32.70 -1.50 27.79
C PRO B 290 33.90 -0.76 27.22
N GLY B 291 33.66 -0.02 26.15
CA GLY B 291 34.70 0.74 25.49
C GLY B 291 34.17 1.38 24.24
N ALA B 292 35.02 2.20 23.62
CA ALA B 292 34.69 2.91 22.39
C ALA B 292 35.23 2.14 21.19
N PHE B 293 34.34 1.85 20.24
CA PHE B 293 34.71 1.01 19.11
C PHE B 293 33.75 1.29 17.97
N HIS B 294 34.29 1.58 16.79
CA HIS B 294 33.52 1.75 15.57
C HIS B 294 32.40 2.79 15.75
N GLY B 295 32.77 3.92 16.33
CA GLY B 295 31.90 5.07 16.41
C GLY B 295 30.91 5.10 17.56
N SER B 296 30.92 4.11 18.45
CA SER B 296 29.99 4.09 19.57
C SER B 296 30.69 3.59 20.83
N PHE B 297 30.07 3.89 21.97
CA PHE B 297 30.50 3.34 23.26
C PHE B 297 29.58 2.19 23.60
N SER B 298 30.15 0.98 23.64
CA SER B 298 29.37 -0.23 23.83
C SER B 298 30.29 -1.29 24.41
N TYR B 299 29.92 -2.56 24.25
CA TYR B 299 30.80 -3.66 24.62
C TYR B 299 31.63 -4.08 23.43
N LEU B 300 32.88 -4.47 23.69
CA LEU B 300 33.72 -5.08 22.66
C LEU B 300 34.73 -6.01 23.33
N LEU B 301 35.26 -6.92 22.52
CA LEU B 301 36.39 -7.75 22.92
C LEU B 301 37.66 -6.93 22.79
N GLN B 302 38.30 -6.63 23.92
CA GLN B 302 39.49 -5.79 23.94
C GLN B 302 40.47 -6.33 24.98
N ASP B 303 41.76 -6.11 24.73
CA ASP B 303 42.79 -6.55 25.66
C ASP B 303 42.99 -5.50 26.75
N GLU B 304 44.03 -5.67 27.57
CA GLU B 304 44.24 -4.81 28.73
C GLU B 304 44.60 -3.38 28.35
N ASP B 305 45.12 -3.15 27.15
CA ASP B 305 45.44 -1.82 26.68
C ASP B 305 44.33 -1.19 25.86
N GLY B 306 43.25 -1.91 25.60
CA GLY B 306 42.19 -1.39 24.77
C GLY B 306 42.35 -1.66 23.30
N GLN B 307 43.24 -2.56 22.91
CA GLN B 307 43.32 -3.00 21.53
C GLN B 307 42.25 -4.04 21.28
N THR B 308 41.67 -4.00 20.09
CA THR B 308 40.56 -4.90 19.76
C THR B 308 41.07 -6.33 19.60
N ILE B 309 40.41 -7.26 20.28
CA ILE B 309 40.71 -8.68 20.11
C ILE B 309 39.96 -9.20 18.90
N GLU B 310 40.69 -9.82 17.97
CA GLU B 310 40.06 -10.34 16.77
C GLU B 310 39.11 -11.48 17.11
N SER B 311 37.94 -11.46 16.50
CA SER B 311 36.91 -12.45 16.76
C SER B 311 37.06 -13.65 15.83
N HIS B 312 36.37 -14.73 16.16
CA HIS B 312 36.32 -15.91 15.31
C HIS B 312 34.96 -16.57 15.46
N SER B 313 34.44 -17.07 14.35
CA SER B 313 33.16 -17.79 14.31
C SER B 313 33.05 -18.48 12.98
N ILE B 314 32.38 -19.65 12.99
CA ILE B 314 32.07 -20.29 11.72
C ILE B 314 31.07 -19.47 10.93
N SER B 315 30.35 -18.58 11.60
CA SER B 315 29.35 -17.72 10.98
C SER B 315 29.97 -16.37 10.67
N ALA B 316 30.04 -16.03 9.37
CA ALA B 316 30.65 -14.77 8.97
C ALA B 316 29.84 -13.57 9.44
N GLY B 317 28.52 -13.72 9.58
CA GLY B 317 27.68 -12.61 9.99
C GLY B 317 27.78 -12.28 11.46
N LEU B 318 28.21 -13.23 12.28
CA LEU B 318 28.38 -13.01 13.71
C LEU B 318 29.84 -12.84 14.12
N ASP B 319 30.76 -12.94 13.17
CA ASP B 319 32.19 -12.88 13.43
C ASP B 319 32.61 -11.43 13.59
N TYR B 320 32.23 -10.85 14.74
CA TYR B 320 32.40 -9.43 14.99
C TYR B 320 32.68 -9.21 16.47
N PRO B 321 33.76 -8.51 16.83
CA PRO B 321 34.10 -8.34 18.25
C PRO B 321 33.30 -7.27 18.97
N GLY B 322 32.38 -6.59 18.29
CA GLY B 322 31.61 -5.55 18.93
C GLY B 322 30.12 -5.83 18.95
N VAL B 323 29.32 -4.85 19.38
CA VAL B 323 27.87 -4.98 19.45
C VAL B 323 27.29 -3.59 19.55
N GLY B 324 26.03 -3.44 19.11
CA GLY B 324 25.38 -2.16 19.08
C GLY B 324 25.05 -1.59 20.44
N PRO B 325 25.08 -0.26 20.55
CA PRO B 325 24.94 0.37 21.88
C PRO B 325 23.57 0.16 22.52
N GLU B 326 22.49 0.08 21.74
CA GLU B 326 21.19 -0.13 22.37
C GLU B 326 21.14 -1.48 23.07
N HIS B 327 21.83 -2.49 22.53
CA HIS B 327 21.91 -3.78 23.21
C HIS B 327 22.68 -3.67 24.52
N ALA B 328 23.77 -2.91 24.53
CA ALA B 328 24.50 -2.67 25.78
C ALA B 328 23.59 -2.02 26.80
N TRP B 329 22.79 -1.04 26.37
CA TRP B 329 21.84 -0.39 27.28
C TRP B 329 20.80 -1.38 27.79
N LEU B 330 20.22 -2.17 26.88
CA LEU B 330 19.22 -3.14 27.30
C LEU B 330 19.81 -4.20 28.24
N LYS B 331 21.09 -4.54 28.06
CA LYS B 331 21.71 -5.50 28.96
C LYS B 331 21.94 -4.88 30.34
N GLU B 332 22.49 -3.66 30.38
CA GLU B 332 22.72 -3.00 31.66
C GLU B 332 21.41 -2.81 32.42
N ALA B 333 20.33 -2.51 31.69
CA ALA B 333 19.03 -2.31 32.32
C ALA B 333 18.38 -3.61 32.77
N GLY B 334 18.91 -4.76 32.34
CA GLY B 334 18.33 -6.03 32.69
C GLY B 334 17.10 -6.44 31.90
N ARG B 335 16.84 -5.78 30.76
CA ARG B 335 15.68 -6.12 29.96
C ARG B 335 15.92 -7.31 29.05
N VAL B 336 17.16 -7.48 28.58
CA VAL B 336 17.50 -8.55 27.64
C VAL B 336 18.69 -9.33 28.19
N ASP B 337 18.63 -10.65 28.07
N ASP B 337 18.64 -10.65 28.05
CA ASP B 337 19.74 -11.52 28.44
CA ASP B 337 19.71 -11.54 28.43
C ASP B 337 20.48 -11.95 27.18
C ASP B 337 20.47 -11.98 27.18
N TYR B 338 21.80 -11.99 27.26
CA TYR B 338 22.65 -12.37 26.13
C TYR B 338 23.49 -13.57 26.53
N ARG B 339 23.47 -14.61 25.68
CA ARG B 339 24.09 -15.88 25.96
C ARG B 339 24.93 -16.36 24.79
N PRO B 340 25.97 -17.14 25.04
CA PRO B 340 26.81 -17.67 23.96
C PRO B 340 26.30 -18.98 23.39
N ILE B 341 26.58 -19.15 22.08
CA ILE B 341 26.29 -20.38 21.34
C ILE B 341 27.51 -20.72 20.49
N THR B 342 27.99 -21.96 20.60
CA THR B 342 29.22 -22.36 19.92
C THR B 342 28.96 -22.75 18.47
N ASP B 343 30.05 -22.86 17.71
CA ASP B 343 30.00 -23.38 16.34
C ASP B 343 29.24 -24.70 16.28
N SER B 344 29.59 -25.63 17.18
CA SER B 344 28.99 -26.96 17.15
C SER B 344 27.51 -26.91 17.48
N GLU B 345 27.12 -26.11 18.48
CA GLU B 345 25.71 -25.98 18.81
C GLU B 345 24.92 -25.42 17.62
N ALA B 346 25.49 -24.44 16.93
CA ALA B 346 24.80 -23.84 15.79
C ALA B 346 24.64 -24.85 14.66
N MET B 347 25.71 -25.59 14.35
CA MET B 347 25.64 -26.53 13.24
C MET B 347 24.71 -27.69 13.55
N ASP B 348 24.67 -28.14 14.81
CA ASP B 348 23.65 -29.10 15.21
C ASP B 348 22.25 -28.55 14.93
N ALA B 349 22.00 -27.30 15.31
CA ALA B 349 20.70 -26.69 15.07
C ALA B 349 20.44 -26.50 13.58
N PHE B 350 21.48 -26.12 12.83
CA PHE B 350 21.37 -26.02 11.38
C PHE B 350 20.86 -27.33 10.79
N GLY B 351 21.56 -28.43 11.05
CA GLY B 351 21.14 -29.71 10.50
C GLY B 351 19.80 -30.17 11.00
N LEU B 352 19.46 -29.86 12.27
CA LEU B 352 18.17 -30.26 12.80
C LEU B 352 17.03 -29.53 12.10
N LEU B 353 17.17 -28.23 11.88
CA LEU B 353 16.14 -27.50 11.14
C LEU B 353 16.00 -28.02 9.71
N CYS B 354 17.10 -28.48 9.11
CA CYS B 354 17.05 -29.00 7.75
C CYS B 354 16.19 -30.26 7.67
N ARG B 355 16.47 -31.25 8.51
CA ARG B 355 15.81 -32.54 8.38
C ARG B 355 14.46 -32.61 9.09
N MET B 356 14.18 -31.69 10.02
CA MET B 356 12.90 -31.69 10.71
C MET B 356 11.85 -30.81 10.04
N GLU B 357 12.24 -29.61 9.59
CA GLU B 357 11.27 -28.67 9.02
C GLU B 357 11.53 -28.34 7.56
N GLY B 358 12.59 -28.86 6.96
CA GLY B 358 12.86 -28.56 5.56
C GLY B 358 13.24 -27.13 5.29
N ILE B 359 13.80 -26.43 6.28
CA ILE B 359 14.28 -25.07 6.11
C ILE B 359 15.80 -25.08 6.28
N ILE B 360 16.51 -24.55 5.28
CA ILE B 360 17.96 -24.41 5.37
C ILE B 360 18.26 -23.02 5.89
N PRO B 361 18.64 -22.86 7.16
CA PRO B 361 18.83 -21.52 7.72
C PRO B 361 20.22 -20.99 7.44
N ALA B 362 20.35 -19.67 7.56
CA ALA B 362 21.67 -19.07 7.67
C ALA B 362 22.34 -19.60 8.93
N ILE B 363 23.67 -19.78 8.85
CA ILE B 363 24.40 -20.25 10.01
C ILE B 363 24.28 -19.26 11.17
N GLU B 364 24.19 -17.96 10.87
CA GLU B 364 23.85 -16.97 11.88
C GLU B 364 22.55 -17.34 12.58
N SER B 365 21.49 -17.57 11.81
CA SER B 365 20.19 -17.89 12.37
C SER B 365 20.22 -19.20 13.14
N ALA B 366 21.08 -20.14 12.73
CA ALA B 366 21.19 -21.41 13.44
C ALA B 366 21.64 -21.21 14.88
N HIS B 367 22.39 -20.14 15.16
CA HIS B 367 22.72 -19.83 16.55
C HIS B 367 21.47 -19.54 17.36
N ALA B 368 20.51 -18.85 16.75
CA ALA B 368 19.28 -18.51 17.46
C ALA B 368 18.38 -19.73 17.62
N VAL B 369 18.34 -20.60 16.61
CA VAL B 369 17.61 -21.85 16.74
C VAL B 369 18.23 -22.72 17.82
N ALA B 370 19.56 -22.77 17.87
CA ALA B 370 20.24 -23.54 18.91
C ALA B 370 19.89 -23.02 20.29
N GLY B 371 19.93 -21.70 20.47
CA GLY B 371 19.61 -21.12 21.76
C GLY B 371 18.16 -21.33 22.16
N ALA B 372 17.25 -21.33 21.19
CA ALA B 372 15.84 -21.56 21.51
C ALA B 372 15.60 -22.99 21.96
N LEU B 373 16.34 -23.95 21.41
CA LEU B 373 16.23 -25.33 21.88
C LEU B 373 16.64 -25.45 23.35
N LYS B 374 17.78 -24.84 23.71
CA LYS B 374 18.19 -24.81 25.11
C LYS B 374 17.17 -24.06 25.97
N LEU B 375 16.69 -22.91 25.49
CA LEU B 375 15.72 -22.14 26.26
C LEU B 375 14.42 -22.91 26.42
N GLY B 376 14.02 -23.65 25.40
CA GLY B 376 12.78 -24.43 25.49
C GLY B 376 12.84 -25.48 26.58
N VAL B 377 14.01 -26.08 26.79
CA VAL B 377 14.17 -27.02 27.90
C VAL B 377 14.04 -26.29 29.23
N GLU B 378 14.61 -25.09 29.34
CA GLU B 378 14.52 -24.33 30.57
C GLU B 378 13.09 -23.88 30.86
N LEU B 379 12.38 -23.42 29.84
CA LEU B 379 11.00 -22.98 30.03
C LEU B 379 10.03 -24.15 30.08
N GLY B 380 10.29 -25.21 29.30
CA GLY B 380 9.52 -26.42 29.42
C GLY B 380 8.27 -26.48 28.55
N ARG B 381 7.50 -27.54 28.79
CA ARG B 381 6.33 -27.85 28.00
C ARG B 381 5.37 -26.67 27.91
N GLY B 382 4.87 -26.41 26.70
CA GLY B 382 3.86 -25.40 26.47
C GLY B 382 4.39 -24.00 26.22
N ALA B 383 5.64 -23.72 26.57
CA ALA B 383 6.18 -22.38 26.43
C ALA B 383 6.18 -21.94 24.98
N VAL B 384 5.81 -20.68 24.75
CA VAL B 384 5.75 -20.10 23.42
C VAL B 384 6.99 -19.24 23.23
N ILE B 385 7.84 -19.65 22.30
CA ILE B 385 9.11 -18.98 22.03
C ILE B 385 9.12 -18.56 20.56
N VAL B 386 9.21 -17.26 20.32
CA VAL B 386 9.32 -16.72 18.97
C VAL B 386 10.80 -16.59 18.64
N VAL B 387 11.20 -17.15 17.49
CA VAL B 387 12.59 -17.14 17.04
C VAL B 387 12.65 -16.35 15.74
N ASN B 388 13.60 -15.42 15.65
CA ASN B 388 13.83 -14.67 14.43
C ASN B 388 14.74 -15.50 13.53
N LEU B 389 14.16 -16.08 12.47
CA LEU B 389 14.95 -16.78 11.46
C LEU B 389 15.46 -15.73 10.49
N SER B 390 16.64 -15.17 10.78
CA SER B 390 17.07 -13.94 10.14
C SER B 390 17.39 -14.13 8.66
N GLY B 391 17.76 -15.33 8.23
CA GLY B 391 18.05 -15.54 6.83
C GLY B 391 18.13 -17.00 6.46
N ARG B 392 18.19 -17.26 5.16
N ARG B 392 18.18 -17.26 5.16
CA ARG B 392 18.34 -18.60 4.64
CA ARG B 392 18.34 -18.61 4.65
C ARG B 392 19.81 -18.91 4.38
C ARG B 392 19.82 -18.92 4.42
N GLY B 393 20.11 -20.21 4.24
CA GLY B 393 21.49 -20.65 4.19
C GLY B 393 22.09 -21.01 2.84
N ASP B 394 21.52 -20.50 1.74
CA ASP B 394 22.11 -20.73 0.43
C ASP B 394 23.59 -20.38 0.42
N LYS B 395 23.95 -19.27 1.06
CA LYS B 395 25.34 -18.84 1.13
C LYS B 395 26.21 -19.80 1.91
N ASP B 396 25.62 -20.62 2.78
CA ASP B 396 26.36 -21.49 3.68
C ASP B 396 26.31 -22.95 3.25
N VAL B 397 25.70 -23.24 2.11
CA VAL B 397 25.45 -24.63 1.71
C VAL B 397 26.77 -25.39 1.56
N GLU B 398 27.77 -24.76 0.94
CA GLU B 398 29.06 -25.42 0.77
C GLU B 398 29.71 -25.69 2.12
N THR B 399 29.68 -24.71 3.02
CA THR B 399 30.25 -24.91 4.36
C THR B 399 29.50 -26.00 5.11
N ALA B 400 28.17 -26.01 5.03
CA ALA B 400 27.38 -27.00 5.74
C ALA B 400 27.60 -28.39 5.17
N ALA B 401 27.66 -28.51 3.84
CA ALA B 401 27.89 -29.81 3.22
C ALA B 401 29.20 -30.43 3.67
N LYS B 402 30.25 -29.61 3.78
CA LYS B 402 31.54 -30.13 4.25
C LYS B 402 31.46 -30.54 5.72
N TRP B 403 30.81 -29.73 6.56
CA TRP B 403 30.66 -30.05 7.97
C TRP B 403 30.00 -31.41 8.18
N PHE B 404 28.98 -31.71 7.39
CA PHE B 404 28.20 -32.93 7.57
C PHE B 404 28.67 -34.07 6.67
N GLY B 405 29.83 -33.93 6.05
CA GLY B 405 30.38 -35.00 5.22
C GLY B 405 29.58 -35.31 3.98
N LEU B 406 28.99 -34.30 3.35
CA LEU B 406 28.16 -34.46 2.17
C LEU B 406 28.87 -34.09 0.88
N LEU B 407 30.16 -33.73 0.94
CA LEU B 407 30.97 -33.55 -0.25
C LEU B 407 32.29 -34.30 -0.21
N GLY B 408 32.76 -34.72 0.96
CA GLY B 408 33.99 -35.49 1.05
C GLY B 408 35.19 -34.67 1.49
N GLU C 8 -12.38 -64.59 -36.41
CA GLU C 8 -12.70 -65.94 -35.94
C GLU C 8 -11.64 -66.45 -34.96
N ALA C 9 -10.49 -66.86 -35.51
CA ALA C 9 -9.39 -67.40 -34.72
C ALA C 9 -8.17 -66.50 -34.83
N SER C 10 -7.27 -66.65 -33.86
CA SER C 10 -6.07 -65.81 -33.83
C SER C 10 -5.02 -66.34 -34.80
N ARG C 11 -4.06 -65.46 -35.14
CA ARG C 11 -2.99 -65.85 -36.05
C ARG C 11 -1.98 -66.76 -35.39
N LEU C 12 -1.78 -66.62 -34.09
CA LEU C 12 -0.86 -67.48 -33.34
C LEU C 12 -1.55 -68.70 -32.76
N GLY C 13 -2.85 -68.87 -33.00
CA GLY C 13 -3.60 -69.98 -32.50
C GLY C 13 -3.00 -71.33 -32.87
N PRO C 14 -2.86 -71.60 -34.17
CA PRO C 14 -2.23 -72.85 -34.61
C PRO C 14 -0.87 -73.13 -33.97
N VAL C 15 -0.07 -72.10 -33.68
CA VAL C 15 1.25 -72.33 -33.09
C VAL C 15 1.10 -72.87 -31.67
N PHE C 16 0.22 -72.26 -30.87
CA PHE C 16 0.03 -72.74 -29.50
C PHE C 16 -0.71 -74.07 -29.47
N ASP C 17 -1.62 -74.30 -30.42
CA ASP C 17 -2.30 -75.58 -30.50
C ASP C 17 -1.30 -76.71 -30.77
N SER C 18 -0.39 -76.49 -31.72
CA SER C 18 0.63 -77.48 -32.03
C SER C 18 1.54 -77.73 -30.84
N CYS C 19 1.69 -76.75 -29.94
CA CYS C 19 2.54 -76.94 -28.78
C CYS C 19 1.83 -77.73 -27.68
N ARG C 20 0.53 -77.51 -27.51
CA ARG C 20 -0.22 -78.32 -26.56
C ARG C 20 -0.36 -79.76 -27.04
N ALA C 21 -0.44 -79.96 -28.35
CA ALA C 21 -0.47 -81.32 -28.89
C ALA C 21 0.83 -82.05 -28.62
N ASN C 22 1.96 -81.39 -28.87
CA ASN C 22 3.28 -81.95 -28.57
C ASN C 22 3.63 -81.87 -27.10
N ASN C 23 2.67 -81.56 -26.24
CA ASN C 23 2.85 -81.54 -24.78
C ASN C 23 4.06 -80.70 -24.39
N ARG C 24 4.01 -79.43 -24.76
CA ARG C 24 5.12 -78.52 -24.49
C ARG C 24 4.61 -77.09 -24.57
N ALA C 25 5.48 -76.16 -24.19
CA ALA C 25 5.22 -74.74 -24.32
C ALA C 25 5.97 -74.18 -25.51
N ALA C 26 5.49 -73.03 -26.00
CA ALA C 26 6.12 -72.37 -27.13
C ALA C 26 7.34 -71.59 -26.68
N LEU C 27 8.38 -71.57 -27.52
CA LEU C 27 9.58 -70.79 -27.28
C LEU C 27 9.45 -69.48 -28.05
N ILE C 28 9.34 -68.37 -27.33
CA ILE C 28 9.15 -67.05 -27.90
C ILE C 28 10.43 -66.27 -27.66
N GLY C 29 11.15 -65.95 -28.73
CA GLY C 29 12.46 -65.33 -28.66
C GLY C 29 12.44 -63.90 -29.16
N TYR C 30 13.08 -63.01 -28.40
CA TYR C 30 13.16 -61.58 -28.72
C TYR C 30 14.58 -61.23 -29.16
N LEU C 31 14.67 -60.45 -30.23
CA LEU C 31 15.91 -59.82 -30.66
C LEU C 31 15.57 -58.44 -31.18
N PRO C 32 16.41 -57.44 -30.90
CA PRO C 32 16.16 -56.10 -31.44
C PRO C 32 16.75 -55.91 -32.83
N THR C 33 15.96 -55.34 -33.74
CA THR C 33 16.44 -55.05 -35.08
C THR C 33 17.64 -54.11 -35.03
N GLY C 34 18.64 -54.41 -35.86
CA GLY C 34 19.77 -53.51 -35.99
C GLY C 34 20.89 -53.70 -34.97
N TYR C 35 20.83 -54.74 -34.15
CA TYR C 35 21.95 -55.02 -33.26
C TYR C 35 22.61 -56.33 -33.63
N PRO C 36 23.94 -56.36 -33.82
CA PRO C 36 24.82 -55.19 -33.75
C PRO C 36 24.78 -54.34 -35.02
N ASP C 37 24.17 -54.88 -36.08
CA ASP C 37 23.79 -54.13 -37.26
C ASP C 37 22.58 -54.81 -37.88
N VAL C 38 21.98 -54.15 -38.87
CA VAL C 38 20.77 -54.71 -39.49
C VAL C 38 21.02 -56.07 -40.11
N PRO C 39 22.04 -56.27 -40.97
CA PRO C 39 22.26 -57.63 -41.50
C PRO C 39 22.54 -58.67 -40.45
N ALA C 40 23.37 -58.36 -39.45
CA ALA C 40 23.67 -59.34 -38.41
C ALA C 40 22.43 -59.71 -37.61
N SER C 41 21.60 -58.72 -37.28
CA SER C 41 20.39 -59.00 -36.51
C SER C 41 19.43 -59.90 -37.29
N VAL C 42 19.30 -59.67 -38.59
CA VAL C 42 18.45 -60.51 -39.41
C VAL C 42 19.03 -61.91 -39.54
N ALA C 43 20.36 -62.00 -39.67
CA ALA C 43 21.00 -63.32 -39.66
C ALA C 43 20.79 -64.00 -38.32
N ALA C 44 20.78 -63.24 -37.23
CA ALA C 44 20.54 -63.81 -35.92
C ALA C 44 19.10 -64.27 -35.77
N MET C 45 18.15 -63.48 -36.26
CA MET C 45 16.74 -63.87 -36.18
C MET C 45 16.47 -65.10 -37.04
N THR C 46 17.14 -65.22 -38.19
CA THR C 46 17.04 -66.43 -38.99
C THR C 46 17.59 -67.64 -38.21
N ALA C 47 18.70 -67.44 -37.52
CA ALA C 47 19.27 -68.51 -36.70
C ALA C 47 18.28 -68.97 -35.63
N LEU C 48 17.51 -68.03 -35.07
CA LEU C 48 16.50 -68.40 -34.08
C LEU C 48 15.45 -69.33 -34.68
N VAL C 49 15.03 -69.07 -35.91
CA VAL C 49 14.05 -69.93 -36.57
C VAL C 49 14.62 -71.34 -36.74
N GLU C 50 15.88 -71.43 -37.20
CA GLU C 50 16.49 -72.72 -37.44
C GLU C 50 16.85 -73.46 -36.15
N SER C 51 17.02 -72.73 -35.05
CA SER C 51 17.47 -73.33 -33.79
C SER C 51 16.33 -73.70 -32.86
N GLY C 52 15.08 -73.56 -33.30
CA GLY C 52 13.94 -74.06 -32.56
C GLY C 52 13.01 -73.04 -31.95
N CYS C 53 13.15 -71.75 -32.30
CA CYS C 53 12.22 -70.75 -31.79
C CYS C 53 10.88 -70.86 -32.49
N ASP C 54 9.81 -70.99 -31.70
CA ASP C 54 8.47 -71.11 -32.27
C ASP C 54 7.95 -69.75 -32.73
N ILE C 55 8.19 -68.70 -31.94
CA ILE C 55 7.73 -67.36 -32.24
C ILE C 55 8.91 -66.41 -32.06
N ILE C 56 9.07 -65.49 -33.02
CA ILE C 56 10.12 -64.47 -32.96
C ILE C 56 9.47 -63.14 -32.62
N GLU C 57 9.98 -62.48 -31.58
CA GLU C 57 9.62 -61.10 -31.27
C GLU C 57 10.67 -60.19 -31.89
N VAL C 58 10.28 -59.47 -32.94
CA VAL C 58 11.15 -58.50 -33.58
C VAL C 58 10.99 -57.16 -32.86
N GLY C 59 12.06 -56.70 -32.22
CA GLY C 59 12.00 -55.49 -31.42
C GLY C 59 12.34 -54.25 -32.20
N VAL C 60 11.48 -53.25 -32.09
CA VAL C 60 11.72 -51.93 -32.69
C VAL C 60 12.50 -51.11 -31.67
N PRO C 61 13.75 -50.75 -31.94
CA PRO C 61 14.52 -49.96 -30.99
C PRO C 61 13.91 -48.58 -30.79
N TYR C 62 13.80 -48.17 -29.52
CA TYR C 62 13.19 -46.92 -29.14
C TYR C 62 14.18 -46.07 -28.35
N SER C 63 14.04 -44.75 -28.47
CA SER C 63 15.01 -43.83 -27.88
C SER C 63 14.92 -43.75 -26.36
N ASP C 64 13.78 -44.10 -25.77
CA ASP C 64 13.58 -43.99 -24.32
C ASP C 64 12.83 -45.23 -23.84
N PRO C 65 13.50 -46.39 -23.84
CA PRO C 65 12.82 -47.67 -23.50
C PRO C 65 12.80 -47.96 -22.01
N GLY C 66 11.91 -47.25 -21.30
CA GLY C 66 11.89 -47.34 -19.85
C GLY C 66 11.56 -48.72 -19.32
N MET C 67 10.84 -49.52 -20.11
N MET C 67 10.83 -49.52 -20.12
CA MET C 67 10.44 -50.86 -19.68
CA MET C 67 10.43 -50.86 -19.69
C MET C 67 11.48 -51.94 -19.97
C MET C 67 11.51 -51.91 -19.90
N ASP C 68 12.53 -51.62 -20.71
CA ASP C 68 13.55 -52.59 -21.05
C ASP C 68 14.68 -52.58 -20.03
N GLY C 69 15.18 -53.77 -19.71
CA GLY C 69 16.31 -53.90 -18.83
C GLY C 69 17.59 -53.42 -19.49
N PRO C 70 18.71 -53.55 -18.77
CA PRO C 70 19.97 -52.97 -19.28
C PRO C 70 20.54 -53.69 -20.49
N THR C 71 20.37 -55.00 -20.60
CA THR C 71 20.91 -55.72 -21.75
C THR C 71 20.25 -55.25 -23.04
N ILE C 72 18.93 -55.23 -23.07
CA ILE C 72 18.23 -54.84 -24.29
C ILE C 72 18.32 -53.32 -24.51
N ALA C 73 18.29 -52.53 -23.43
CA ALA C 73 18.34 -51.09 -23.59
C ALA C 73 19.66 -50.65 -24.23
N ARG C 74 20.76 -51.31 -23.87
CA ARG C 74 22.06 -50.96 -24.46
C ARG C 74 22.19 -51.50 -25.87
N ALA C 75 21.57 -52.66 -26.16
CA ALA C 75 21.58 -53.17 -27.52
C ALA C 75 20.76 -52.27 -28.45
N THR C 76 19.53 -51.94 -28.05
CA THR C 76 18.71 -51.04 -28.87
C THR C 76 19.37 -49.68 -29.01
N GLU C 77 20.07 -49.23 -27.97
CA GLU C 77 20.79 -47.96 -28.04
C GLU C 77 21.95 -48.04 -29.04
N ALA C 78 22.63 -49.18 -29.09
CA ALA C 78 23.69 -49.37 -30.08
C ALA C 78 23.11 -49.48 -31.49
N ALA C 79 21.93 -50.11 -31.62
CA ALA C 79 21.28 -50.20 -32.92
C ALA C 79 20.93 -48.81 -33.46
N LEU C 80 20.50 -47.91 -32.58
CA LEU C 80 20.14 -46.57 -33.02
C LEU C 80 21.37 -45.75 -33.39
N ARG C 81 22.46 -45.90 -32.63
CA ARG C 81 23.72 -45.27 -33.04
C ARG C 81 24.18 -45.78 -34.39
N GLY C 82 23.84 -47.03 -34.73
CA GLY C 82 24.17 -47.59 -36.04
C GLY C 82 23.25 -47.15 -37.16
N GLY C 83 22.14 -46.48 -36.84
CA GLY C 83 21.25 -45.96 -37.84
C GLY C 83 20.02 -46.80 -38.14
N VAL C 84 19.59 -47.66 -37.21
CA VAL C 84 18.44 -48.52 -37.48
C VAL C 84 17.20 -47.66 -37.70
N ARG C 85 16.38 -48.07 -38.65
CA ARG C 85 15.12 -47.41 -38.96
C ARG C 85 13.98 -48.39 -38.78
N VAL C 86 12.77 -47.85 -38.65
CA VAL C 86 11.59 -48.69 -38.42
C VAL C 86 11.37 -49.64 -39.58
N ARG C 87 11.66 -49.19 -40.81
CA ARG C 87 11.48 -50.05 -41.98
C ARG C 87 12.35 -51.31 -41.91
N ASP C 88 13.50 -51.23 -41.22
CA ASP C 88 14.34 -52.41 -41.05
C ASP C 88 13.61 -53.52 -40.29
N THR C 89 12.75 -53.14 -39.34
CA THR C 89 11.97 -54.15 -38.62
C THR C 89 10.99 -54.86 -39.56
N LEU C 90 10.36 -54.12 -40.47
CA LEU C 90 9.46 -54.76 -41.42
C LEU C 90 10.23 -55.68 -42.37
N ALA C 91 11.44 -55.26 -42.78
CA ALA C 91 12.28 -56.13 -43.60
C ALA C 91 12.70 -57.39 -42.84
N ALA C 92 12.94 -57.27 -41.53
CA ALA C 92 13.30 -58.44 -40.73
C ALA C 92 12.11 -59.39 -40.61
N VAL C 93 10.90 -58.85 -40.45
CA VAL C 93 9.71 -59.69 -40.40
C VAL C 93 9.58 -60.50 -41.69
N GLU C 94 9.80 -59.86 -42.84
CA GLU C 94 9.69 -60.56 -44.11
C GLU C 94 10.74 -61.66 -44.21
N ALA C 95 11.99 -61.37 -43.84
CA ALA C 95 13.03 -62.38 -43.87
C ALA C 95 12.69 -63.55 -42.96
N ILE C 96 12.04 -63.28 -41.83
CA ILE C 96 11.66 -64.36 -40.93
C ILE C 96 10.54 -65.20 -41.53
N SER C 97 9.53 -64.54 -42.11
CA SER C 97 8.43 -65.27 -42.73
C SER C 97 8.92 -66.11 -43.92
N ILE C 98 9.85 -65.56 -44.70
CA ILE C 98 10.38 -66.29 -45.85
C ILE C 98 11.16 -67.52 -45.40
N ALA C 99 11.89 -67.42 -44.28
CA ALA C 99 12.64 -68.54 -43.75
C ALA C 99 11.77 -69.56 -43.02
N GLY C 100 10.46 -69.35 -42.96
CA GLY C 100 9.55 -70.29 -42.35
C GLY C 100 9.05 -69.93 -40.97
N GLY C 101 9.67 -68.94 -40.33
CA GLY C 101 9.34 -68.60 -38.96
C GLY C 101 8.03 -67.85 -38.83
N ARG C 102 7.67 -67.59 -37.57
CA ARG C 102 6.46 -66.84 -37.22
C ARG C 102 6.87 -65.62 -36.41
N ALA C 103 6.63 -64.44 -36.96
CA ALA C 103 7.15 -63.20 -36.39
C ALA C 103 6.03 -62.29 -35.90
N VAL C 104 6.23 -61.74 -34.69
CA VAL C 104 5.47 -60.61 -34.19
C VAL C 104 6.45 -59.47 -33.96
N VAL C 105 5.91 -58.27 -33.78
CA VAL C 105 6.72 -57.08 -33.54
C VAL C 105 6.41 -56.56 -32.15
N MET C 106 7.45 -56.24 -31.38
CA MET C 106 7.31 -55.59 -30.09
C MET C 106 7.87 -54.19 -30.19
N THR C 107 7.05 -53.19 -29.87
CA THR C 107 7.44 -51.81 -30.08
C THR C 107 6.75 -50.92 -29.06
N TYR C 108 7.45 -49.86 -28.66
CA TYR C 108 6.78 -48.74 -28.00
C TYR C 108 5.87 -48.03 -29.01
N TRP C 109 4.91 -47.27 -28.49
CA TRP C 109 3.78 -46.88 -29.34
C TRP C 109 4.08 -45.68 -30.22
N ASN C 110 4.91 -44.73 -29.78
CA ASN C 110 5.13 -43.54 -30.60
C ASN C 110 5.69 -43.83 -31.98
N PRO C 111 6.67 -44.74 -32.16
CA PRO C 111 7.07 -45.09 -33.53
C PRO C 111 5.91 -45.54 -34.40
N VAL C 112 4.92 -46.23 -33.82
CA VAL C 112 3.73 -46.61 -34.58
C VAL C 112 2.90 -45.38 -34.92
N LEU C 113 2.72 -44.49 -33.95
CA LEU C 113 1.98 -43.25 -34.20
C LEU C 113 2.64 -42.44 -35.31
N ARG C 114 3.97 -42.31 -35.26
N ARG C 114 3.97 -42.31 -35.27
CA ARG C 114 4.68 -41.57 -36.29
CA ARG C 114 4.67 -41.55 -36.30
C ARG C 114 4.53 -42.22 -37.65
C ARG C 114 4.55 -42.21 -37.66
N TYR C 115 4.51 -43.56 -37.68
CA TYR C 115 4.34 -44.27 -38.94
C TYR C 115 2.91 -44.14 -39.47
N GLY C 116 1.93 -44.06 -38.56
CA GLY C 116 0.54 -44.22 -38.90
C GLY C 116 0.05 -45.58 -38.45
N VAL C 117 -0.92 -45.61 -37.54
CA VAL C 117 -1.33 -46.88 -36.94
C VAL C 117 -1.86 -47.83 -38.02
N ASP C 118 -2.76 -47.34 -38.87
CA ASP C 118 -3.32 -48.19 -39.92
C ASP C 118 -2.24 -48.60 -40.92
N ALA C 119 -1.41 -47.64 -41.34
CA ALA C 119 -0.38 -47.94 -42.34
C ALA C 119 0.63 -48.94 -41.81
N PHE C 120 0.98 -48.86 -40.52
CA PHE C 120 1.94 -49.79 -39.96
C PHE C 120 1.37 -51.19 -39.87
N ALA C 121 0.10 -51.32 -39.46
CA ALA C 121 -0.54 -52.63 -39.45
C ALA C 121 -0.61 -53.20 -40.85
N ARG C 122 -0.94 -52.37 -41.84
CA ARG C 122 -0.97 -52.81 -43.22
C ARG C 122 0.39 -53.36 -43.66
N ASP C 123 1.46 -52.58 -43.41
CA ASP C 123 2.78 -53.00 -43.86
C ASP C 123 3.31 -54.17 -43.03
N LEU C 124 2.94 -54.25 -41.75
CA LEU C 124 3.34 -55.41 -40.96
C LEU C 124 2.67 -56.67 -41.46
N ALA C 125 1.38 -56.59 -41.78
CA ALA C 125 0.69 -57.74 -42.36
C ALA C 125 1.33 -58.14 -43.68
N ALA C 126 1.57 -57.17 -44.57
CA ALA C 126 2.14 -57.46 -45.87
C ALA C 126 3.51 -58.12 -45.75
N ALA C 127 4.28 -57.76 -44.72
CA ALA C 127 5.58 -58.39 -44.52
C ALA C 127 5.46 -59.81 -43.99
N GLY C 128 4.26 -60.28 -43.68
CA GLY C 128 4.07 -61.58 -43.06
C GLY C 128 3.99 -61.55 -41.56
N GLY C 129 4.00 -60.37 -40.94
CA GLY C 129 3.86 -60.29 -39.50
C GLY C 129 2.50 -60.76 -39.03
N LEU C 130 2.48 -61.30 -37.81
CA LEU C 130 1.29 -61.92 -37.27
C LEU C 130 0.67 -61.18 -36.10
N GLY C 131 1.37 -60.21 -35.52
CA GLY C 131 0.82 -59.53 -34.36
C GLY C 131 1.76 -58.48 -33.84
N LEU C 132 1.28 -57.78 -32.82
CA LEU C 132 1.98 -56.63 -32.25
C LEU C 132 1.93 -56.73 -30.73
N ILE C 133 3.10 -56.61 -30.10
CA ILE C 133 3.21 -56.53 -28.65
C ILE C 133 3.43 -55.07 -28.28
N THR C 134 2.55 -54.54 -27.42
CA THR C 134 2.48 -53.10 -27.15
C THR C 134 2.68 -52.85 -25.65
N PRO C 135 3.92 -52.79 -25.19
CA PRO C 135 4.16 -52.68 -23.74
C PRO C 135 3.69 -51.36 -23.12
N ASP C 136 3.69 -50.25 -23.85
CA ASP C 136 3.25 -48.98 -23.29
C ASP C 136 1.92 -48.52 -23.88
N LEU C 137 1.16 -49.44 -24.48
CA LEU C 137 -0.19 -49.16 -24.96
C LEU C 137 -1.16 -50.04 -24.19
N ILE C 138 -2.05 -49.41 -23.42
CA ILE C 138 -3.09 -50.13 -22.69
C ILE C 138 -4.36 -50.06 -23.53
N PRO C 139 -5.32 -50.97 -23.33
CA PRO C 139 -6.56 -50.92 -24.12
C PRO C 139 -7.28 -49.58 -24.04
N ASP C 140 -7.15 -48.87 -22.91
CA ASP C 140 -7.82 -47.58 -22.72
C ASP C 140 -7.47 -46.59 -23.84
N GLU C 141 -6.31 -46.74 -24.46
CA GLU C 141 -5.87 -45.86 -25.53
C GLU C 141 -5.80 -46.55 -26.88
N ALA C 142 -6.29 -47.79 -26.97
CA ALA C 142 -6.04 -48.65 -28.12
C ALA C 142 -7.13 -48.60 -29.18
N GLN C 143 -7.90 -47.51 -29.25
CA GLN C 143 -8.99 -47.41 -30.22
C GLN C 143 -8.51 -47.65 -31.64
N GLN C 144 -7.54 -46.85 -32.09
CA GLN C 144 -7.01 -47.00 -33.44
C GLN C 144 -6.43 -48.39 -33.66
N TRP C 145 -5.77 -48.95 -32.65
CA TRP C 145 -5.09 -50.23 -32.81
C TRP C 145 -6.07 -51.40 -32.89
N LEU C 146 -7.13 -51.36 -32.07
CA LEU C 146 -8.16 -52.40 -32.18
C LEU C 146 -8.77 -52.43 -33.57
N ALA C 147 -9.03 -51.25 -34.14
CA ALA C 147 -9.58 -51.20 -35.50
C ALA C 147 -8.59 -51.72 -36.52
N ALA C 148 -7.32 -51.30 -36.41
CA ALA C 148 -6.30 -51.78 -37.33
C ALA C 148 -6.01 -53.26 -37.14
N SER C 149 -6.07 -53.73 -35.88
CA SER C 149 -5.84 -55.15 -35.62
C SER C 149 -6.91 -56.01 -36.30
N GLU C 150 -8.17 -55.58 -36.23
CA GLU C 150 -9.25 -56.33 -36.86
C GLU C 150 -9.16 -56.24 -38.38
N GLU C 151 -8.96 -55.03 -38.91
CA GLU C 151 -8.94 -54.84 -40.37
C GLU C 151 -7.89 -55.71 -41.03
N HIS C 152 -6.66 -55.70 -40.51
CA HIS C 152 -5.54 -56.37 -41.14
C HIS C 152 -5.24 -57.74 -40.54
N ARG C 153 -6.12 -58.26 -39.69
CA ARG C 153 -6.03 -59.61 -39.14
C ARG C 153 -4.68 -59.84 -38.45
N LEU C 154 -4.41 -59.00 -37.46
CA LEU C 154 -3.20 -59.09 -36.65
C LEU C 154 -3.57 -59.37 -35.20
N ASP C 155 -2.78 -60.20 -34.54
CA ASP C 155 -2.97 -60.43 -33.12
C ASP C 155 -2.49 -59.21 -32.33
N ARG C 156 -3.13 -58.96 -31.20
CA ARG C 156 -2.80 -57.83 -30.34
C ARG C 156 -2.46 -58.37 -28.96
N ILE C 157 -1.17 -58.32 -28.61
CA ILE C 157 -0.65 -58.89 -27.38
C ILE C 157 -0.45 -57.73 -26.39
N PHE C 158 -1.39 -57.59 -25.45
CA PHE C 158 -1.22 -56.64 -24.37
C PHE C 158 -0.50 -57.30 -23.20
N LEU C 159 -0.06 -56.47 -22.26
CA LEU C 159 0.66 -56.95 -21.08
C LEU C 159 -0.23 -56.86 -19.85
N VAL C 160 -0.15 -57.87 -19.00
CA VAL C 160 -0.69 -57.80 -17.65
C VAL C 160 0.47 -57.87 -16.68
N ALA C 161 0.21 -57.47 -15.44
CA ALA C 161 1.24 -57.36 -14.43
C ALA C 161 0.71 -57.95 -13.13
N PRO C 162 1.60 -58.35 -12.22
CA PRO C 162 1.13 -58.80 -10.90
C PRO C 162 0.25 -57.80 -10.18
N SER C 163 0.49 -56.50 -10.37
CA SER C 163 -0.29 -55.47 -9.69
C SER C 163 -1.61 -55.15 -10.38
N SER C 164 -1.89 -55.79 -11.51
CA SER C 164 -3.13 -55.51 -12.24
C SER C 164 -4.34 -55.82 -11.37
N THR C 165 -5.24 -54.84 -11.27
CA THR C 165 -6.49 -55.06 -10.57
C THR C 165 -7.30 -56.15 -11.27
N PRO C 166 -8.22 -56.80 -10.54
CA PRO C 166 -9.07 -57.82 -11.20
C PRO C 166 -9.84 -57.25 -12.39
N GLU C 167 -10.39 -56.05 -12.24
CA GLU C 167 -11.13 -55.43 -13.33
C GLU C 167 -10.25 -55.20 -14.54
N ARG C 168 -9.05 -54.65 -14.32
CA ARG C 168 -8.19 -54.31 -15.45
C ARG C 168 -7.59 -55.56 -16.08
N LEU C 169 -7.27 -56.57 -15.27
CA LEU C 169 -6.80 -57.83 -15.84
C LEU C 169 -7.84 -58.45 -16.75
N ALA C 170 -9.11 -58.38 -16.36
CA ALA C 170 -10.17 -58.94 -17.20
C ALA C 170 -10.30 -58.17 -18.50
N ALA C 171 -10.31 -56.83 -18.41
CA ALA C 171 -10.43 -56.02 -19.62
C ALA C 171 -9.21 -56.20 -20.53
N THR C 172 -8.03 -56.41 -19.96
CA THR C 172 -6.84 -56.58 -20.77
C THR C 172 -6.84 -57.93 -21.48
N VAL C 173 -7.23 -58.98 -20.77
CA VAL C 173 -7.33 -60.30 -21.40
C VAL C 173 -8.38 -60.28 -22.50
N GLU C 174 -9.52 -59.64 -22.24
CA GLU C 174 -10.59 -59.59 -23.23
C GLU C 174 -10.14 -58.89 -24.51
N ALA C 175 -9.29 -57.88 -24.38
CA ALA C 175 -8.84 -57.11 -25.53
C ALA C 175 -7.72 -57.78 -26.31
N SER C 176 -7.15 -58.87 -25.79
CA SER C 176 -5.98 -59.49 -26.40
C SER C 176 -6.38 -60.61 -27.36
N ARG C 177 -5.56 -60.79 -28.40
CA ARG C 177 -5.67 -61.89 -29.34
C ARG C 177 -4.30 -62.52 -29.52
N GLY C 178 -4.29 -63.83 -29.72
CA GLY C 178 -3.04 -64.53 -29.88
C GLY C 178 -2.51 -65.07 -28.55
N PHE C 179 -1.99 -64.18 -27.71
CA PHE C 179 -1.65 -64.54 -26.33
C PHE C 179 -1.53 -63.26 -25.52
N VAL C 180 -1.46 -63.44 -24.19
CA VAL C 180 -1.32 -62.34 -23.25
C VAL C 180 0.07 -62.43 -22.63
N TYR C 181 0.75 -61.29 -22.56
CA TYR C 181 2.12 -61.21 -22.07
C TYR C 181 2.06 -60.95 -20.56
N ALA C 182 2.43 -61.97 -19.77
CA ALA C 182 2.44 -61.86 -18.31
C ALA C 182 3.82 -61.36 -17.88
N ALA C 183 3.95 -60.04 -17.75
CA ALA C 183 5.22 -59.40 -17.51
C ALA C 183 5.54 -59.35 -16.02
N SER C 184 6.83 -59.48 -15.70
CA SER C 184 7.31 -59.38 -14.33
C SER C 184 8.67 -58.69 -14.26
N SER C 196 9.92 -67.16 -5.94
CA SER C 196 8.75 -66.29 -5.96
C SER C 196 7.62 -66.93 -6.74
N GLN C 197 6.39 -66.77 -6.23
CA GLN C 197 5.21 -67.39 -6.80
C GLN C 197 4.36 -66.42 -7.61
N ALA C 198 4.90 -65.23 -7.94
CA ALA C 198 4.09 -64.20 -8.58
C ALA C 198 3.77 -64.55 -10.03
N ALA C 199 4.71 -65.18 -10.74
CA ALA C 199 4.44 -65.52 -12.14
C ALA C 199 3.38 -66.60 -12.29
N PRO C 200 3.43 -67.73 -11.56
CA PRO C 200 2.31 -68.67 -11.66
C PRO C 200 0.99 -68.09 -11.18
N GLU C 201 1.02 -67.27 -10.13
CA GLU C 201 -0.21 -66.63 -9.65
C GLU C 201 -0.84 -65.76 -10.74
N LEU C 202 -0.01 -65.03 -11.49
CA LEU C 202 -0.54 -64.17 -12.55
C LEU C 202 -1.16 -65.01 -13.67
N VAL C 203 -0.50 -66.09 -14.08
CA VAL C 203 -1.05 -66.95 -15.12
C VAL C 203 -2.37 -67.55 -14.66
N GLY C 204 -2.45 -67.97 -13.39
CA GLY C 204 -3.67 -68.55 -12.87
C GLY C 204 -4.83 -67.58 -12.91
N ARG C 205 -4.57 -66.31 -12.58
CA ARG C 205 -5.63 -65.29 -12.65
C ARG C 205 -6.09 -65.07 -14.08
N VAL C 206 -5.19 -65.23 -15.06
CA VAL C 206 -5.61 -65.18 -16.45
C VAL C 206 -6.38 -66.44 -16.82
N LYS C 207 -5.89 -67.61 -16.38
CA LYS C 207 -6.55 -68.87 -16.68
C LYS C 207 -7.96 -68.92 -16.11
N ALA C 208 -8.24 -68.15 -15.06
CA ALA C 208 -9.56 -68.14 -14.45
C ALA C 208 -10.59 -67.33 -15.22
N VAL C 209 -10.17 -66.55 -16.22
CA VAL C 209 -11.10 -65.73 -16.99
C VAL C 209 -11.07 -66.05 -18.49
N SER C 210 -10.06 -66.76 -18.99
CA SER C 210 -10.00 -67.04 -20.41
C SER C 210 -9.08 -68.22 -20.66
N ASP C 211 -9.22 -68.81 -21.84
CA ASP C 211 -8.36 -69.89 -22.31
C ASP C 211 -7.27 -69.40 -23.26
N ILE C 212 -7.13 -68.09 -23.41
CA ILE C 212 -6.12 -67.53 -24.32
C ILE C 212 -4.74 -67.96 -23.85
N PRO C 213 -3.80 -68.28 -24.75
CA PRO C 213 -2.45 -68.63 -24.31
C PRO C 213 -1.81 -67.50 -23.53
N VAL C 214 -0.92 -67.87 -22.61
CA VAL C 214 -0.26 -66.93 -21.71
C VAL C 214 1.24 -67.09 -21.87
N GLY C 215 1.91 -66.03 -22.30
CA GLY C 215 3.36 -66.00 -22.35
C GLY C 215 3.93 -65.38 -21.09
N VAL C 216 5.03 -65.95 -20.62
CA VAL C 216 5.67 -65.51 -19.38
C VAL C 216 7.11 -65.13 -19.69
N GLY C 217 7.46 -63.88 -19.42
CA GLY C 217 8.83 -63.40 -19.48
C GLY C 217 9.35 -63.19 -18.08
N LEU C 218 10.53 -63.76 -17.80
CA LEU C 218 11.04 -63.79 -16.44
C LEU C 218 12.56 -63.80 -16.38
N GLY C 219 13.22 -63.14 -17.33
CA GLY C 219 14.67 -63.16 -17.38
C GLY C 219 15.22 -64.57 -17.48
N VAL C 220 14.62 -65.38 -18.37
CA VAL C 220 15.03 -66.77 -18.54
C VAL C 220 16.44 -66.81 -19.13
N ARG C 221 17.32 -67.61 -18.53
CA ARG C 221 18.70 -67.71 -18.96
C ARG C 221 19.16 -69.11 -19.28
N SER C 222 18.49 -70.14 -18.75
CA SER C 222 18.98 -71.51 -18.85
C SER C 222 17.85 -72.44 -19.26
N ARG C 223 18.24 -73.66 -19.65
CA ARG C 223 17.29 -74.70 -19.98
C ARG C 223 16.38 -75.02 -18.79
N ALA C 224 16.94 -75.03 -17.58
CA ALA C 224 16.16 -75.37 -16.40
C ALA C 224 15.07 -74.34 -16.13
N GLN C 225 15.42 -73.05 -16.20
CA GLN C 225 14.44 -72.00 -15.97
C GLN C 225 13.32 -72.06 -17.00
N ALA C 226 13.65 -72.35 -18.26
CA ALA C 226 12.62 -72.54 -19.28
C ALA C 226 11.73 -73.72 -18.95
N ALA C 227 12.31 -74.81 -18.43
CA ALA C 227 11.52 -75.97 -18.06
C ALA C 227 10.56 -75.64 -16.92
N GLN C 228 11.02 -74.89 -15.92
CA GLN C 228 10.16 -74.54 -14.79
C GLN C 228 8.94 -73.76 -15.27
N ILE C 229 9.14 -72.78 -16.14
CA ILE C 229 8.03 -71.94 -16.60
C ILE C 229 7.13 -72.71 -17.55
N ALA C 230 7.68 -73.68 -18.30
CA ALA C 230 6.88 -74.48 -19.21
C ALA C 230 5.82 -75.30 -18.49
N GLN C 231 5.99 -75.54 -17.19
CA GLN C 231 5.04 -76.37 -16.44
C GLN C 231 3.69 -75.69 -16.25
N TYR C 232 3.63 -74.36 -16.33
CA TYR C 232 2.37 -73.65 -16.13
C TYR C 232 2.04 -72.62 -17.20
N ALA C 233 3.00 -72.16 -17.99
CA ALA C 233 2.76 -71.13 -19.00
C ALA C 233 2.62 -71.75 -20.37
N ASP C 234 1.80 -71.11 -21.21
CA ASP C 234 1.65 -71.56 -22.59
C ASP C 234 2.86 -71.20 -23.45
N GLY C 235 3.59 -70.16 -23.08
CA GLY C 235 4.77 -69.76 -23.81
C GLY C 235 5.83 -69.23 -22.87
N VAL C 236 7.09 -69.46 -23.25
CA VAL C 236 8.24 -69.01 -22.50
C VAL C 236 8.96 -67.95 -23.34
N ILE C 237 9.13 -66.76 -22.77
CA ILE C 237 9.65 -65.60 -23.48
C ILE C 237 11.07 -65.35 -23.02
N VAL C 238 12.02 -65.39 -23.96
CA VAL C 238 13.43 -65.16 -23.70
C VAL C 238 13.89 -64.01 -24.57
N GLY C 239 14.54 -63.02 -23.95
CA GLY C 239 15.00 -61.87 -24.70
C GLY C 239 16.39 -61.41 -24.30
N SER C 240 16.55 -61.01 -23.04
CA SER C 240 17.85 -60.52 -22.56
C SER C 240 18.94 -61.56 -22.76
N ALA C 241 18.64 -62.83 -22.47
CA ALA C 241 19.66 -63.86 -22.62
C ALA C 241 20.07 -64.05 -24.07
N LEU C 242 19.12 -63.92 -25.00
CA LEU C 242 19.45 -64.07 -26.41
C LEU C 242 20.34 -62.92 -26.89
N VAL C 243 20.09 -61.71 -26.40
CA VAL C 243 20.94 -60.57 -26.74
C VAL C 243 22.35 -60.81 -26.19
N THR C 244 22.45 -61.20 -24.92
CA THR C 244 23.75 -61.50 -24.32
C THR C 244 24.49 -62.57 -25.12
N ALA C 245 23.78 -63.60 -25.57
CA ALA C 245 24.40 -64.66 -26.34
C ALA C 245 24.92 -64.14 -27.68
N LEU C 246 24.05 -63.44 -28.43
CA LEU C 246 24.45 -62.91 -29.73
C LEU C 246 25.65 -61.99 -29.61
N THR C 247 25.77 -61.24 -28.51
CA THR C 247 26.93 -60.39 -28.30
C THR C 247 28.22 -61.22 -28.24
N GLU C 248 28.16 -62.37 -27.57
CA GLU C 248 29.32 -63.26 -27.56
C GLU C 248 29.60 -63.79 -28.96
N GLY C 249 28.55 -64.22 -29.67
CA GLY C 249 28.71 -64.69 -31.03
C GLY C 249 27.49 -65.44 -31.53
N LEU C 250 27.29 -65.43 -32.84
CA LEU C 250 26.20 -66.19 -33.43
C LEU C 250 26.23 -67.67 -33.06
N PRO C 251 27.39 -68.36 -33.00
CA PRO C 251 27.37 -69.75 -32.52
C PRO C 251 26.85 -69.89 -31.11
N ARG C 252 27.16 -68.94 -30.23
CA ARG C 252 26.66 -69.01 -28.85
C ARG C 252 25.14 -68.85 -28.82
N LEU C 253 24.59 -67.98 -29.68
CA LEU C 253 23.14 -67.85 -29.75
C LEU C 253 22.48 -69.16 -30.19
N ARG C 254 23.08 -69.83 -31.18
N ARG C 254 23.07 -69.83 -31.19
CA ARG C 254 22.51 -71.09 -31.68
CA ARG C 254 22.50 -71.08 -31.67
C ARG C 254 22.45 -72.14 -30.58
C ARG C 254 22.45 -72.15 -30.59
N ALA C 255 23.51 -72.24 -29.78
CA ALA C 255 23.55 -73.25 -28.72
C ALA C 255 22.53 -72.94 -27.62
N LEU C 256 22.51 -71.69 -27.15
CA LEU C 256 21.57 -71.32 -26.09
C LEU C 256 20.13 -71.55 -26.53
N THR C 257 19.81 -71.22 -27.78
CA THR C 257 18.44 -71.43 -28.27
C THR C 257 18.10 -72.91 -28.31
N GLY C 258 19.04 -73.76 -28.71
CA GLY C 258 18.81 -75.19 -28.68
C GLY C 258 18.51 -75.70 -27.28
N GLU C 259 19.26 -75.19 -26.29
CA GLU C 259 18.99 -75.58 -24.91
C GLU C 259 17.62 -75.10 -24.46
N LEU C 260 17.26 -73.86 -24.80
CA LEU C 260 15.94 -73.36 -24.46
C LEU C 260 14.84 -74.15 -25.16
N ALA C 261 15.08 -74.58 -26.40
CA ALA C 261 14.11 -75.41 -27.09
C ALA C 261 13.93 -76.75 -26.40
N ALA C 262 14.98 -77.25 -25.73
CA ALA C 262 14.85 -78.48 -24.96
C ALA C 262 14.05 -78.26 -23.68
N GLY C 263 14.26 -77.12 -23.02
CA GLY C 263 13.61 -76.87 -21.74
C GLY C 263 12.10 -76.80 -21.84
N VAL C 264 11.59 -76.20 -22.93
CA VAL C 264 10.15 -76.06 -23.08
C VAL C 264 9.45 -77.38 -23.36
N ARG C 265 10.21 -78.43 -23.68
CA ARG C 265 9.63 -79.74 -23.98
C ARG C 265 9.57 -80.66 -22.76
N LEU C 266 10.17 -80.28 -21.64
CA LEU C 266 10.27 -81.20 -20.51
C LEU C 266 8.94 -81.34 -19.78
N GLY C 267 8.21 -80.23 -19.59
CA GLY C 267 6.96 -80.25 -18.85
C GLY C 267 5.91 -81.20 -19.41
N ALA D 4 -8.91 -23.66 -3.69
CA ALA D 4 -10.12 -23.61 -4.48
C ALA D 4 -10.15 -24.74 -5.51
N ILE D 5 -9.33 -25.78 -5.29
CA ILE D 5 -9.24 -26.90 -6.21
C ILE D 5 -10.40 -27.88 -6.06
N ALA D 6 -11.35 -27.61 -5.17
CA ALA D 6 -12.50 -28.49 -5.02
C ALA D 6 -13.49 -28.33 -6.18
N GLU D 7 -13.51 -27.17 -6.81
CA GLU D 7 -14.45 -26.90 -7.88
C GLU D 7 -13.79 -27.18 -9.23
N PRO D 8 -14.31 -28.13 -10.01
CA PRO D 8 -13.73 -28.39 -11.34
C PRO D 8 -14.14 -27.34 -12.35
N THR D 9 -13.24 -27.08 -13.29
CA THR D 9 -13.48 -26.10 -14.35
C THR D 9 -14.01 -26.79 -15.60
N SER D 10 -14.49 -25.96 -16.53
CA SER D 10 -14.91 -26.44 -17.85
C SER D 10 -13.73 -26.71 -18.78
N HIS D 11 -12.50 -26.56 -18.28
CA HIS D 11 -11.29 -26.85 -19.04
C HIS D 11 -10.68 -28.19 -18.67
N ASP D 12 -11.39 -29.01 -17.88
CA ASP D 12 -10.86 -30.27 -17.40
C ASP D 12 -10.95 -31.34 -18.47
N PRO D 13 -10.12 -32.38 -18.37
CA PRO D 13 -10.20 -33.50 -19.29
C PRO D 13 -11.28 -34.49 -18.84
N ASP D 14 -11.55 -35.47 -19.72
CA ASP D 14 -12.52 -36.49 -19.38
C ASP D 14 -11.94 -37.43 -18.31
N SER D 15 -12.71 -38.47 -17.98
CA SER D 15 -12.27 -39.39 -16.93
C SER D 15 -10.97 -40.10 -17.32
N GLY D 16 -10.71 -40.25 -18.61
CA GLY D 16 -9.47 -40.82 -19.11
C GLY D 16 -8.30 -39.85 -19.21
N GLY D 17 -8.53 -38.56 -18.96
CA GLY D 17 -7.47 -37.59 -19.02
C GLY D 17 -7.23 -36.98 -20.38
N HIS D 18 -8.26 -36.89 -21.21
CA HIS D 18 -8.13 -36.39 -22.57
C HIS D 18 -8.67 -34.97 -22.67
N PHE D 19 -7.90 -34.09 -23.30
CA PHE D 19 -8.31 -32.72 -23.58
C PHE D 19 -8.75 -32.60 -25.03
N GLY D 20 -9.79 -31.78 -25.25
CA GLY D 20 -10.19 -31.44 -26.60
C GLY D 20 -10.94 -32.50 -27.35
N GLY D 21 -11.58 -33.44 -26.65
CA GLY D 21 -12.40 -34.45 -27.27
C GLY D 21 -11.67 -35.27 -28.32
N PRO D 22 -12.05 -35.10 -29.58
CA PRO D 22 -11.52 -35.97 -30.65
C PRO D 22 -10.02 -35.84 -30.87
N SER D 23 -9.39 -34.72 -30.51
CA SER D 23 -7.95 -34.59 -30.73
C SER D 23 -7.13 -35.46 -29.78
N GLY D 24 -7.69 -35.80 -28.63
CA GLY D 24 -7.08 -36.77 -27.73
C GLY D 24 -5.78 -36.36 -27.09
N TRP D 25 -5.64 -35.08 -26.72
CA TRP D 25 -4.47 -34.66 -25.98
C TRP D 25 -4.49 -35.25 -24.57
N GLY D 26 -3.34 -35.72 -24.11
CA GLY D 26 -3.21 -36.25 -22.77
C GLY D 26 -3.34 -37.77 -22.74
N GLY D 27 -4.23 -38.27 -21.90
CA GLY D 27 -4.42 -39.70 -21.77
C GLY D 27 -3.40 -40.33 -20.82
N ARG D 28 -3.25 -41.64 -20.97
CA ARG D 28 -2.36 -42.45 -20.13
C ARG D 28 -1.60 -43.41 -21.06
N TYR D 29 -0.41 -42.99 -21.50
CA TYR D 29 0.43 -43.85 -22.33
C TYR D 29 1.51 -44.47 -21.44
N VAL D 30 1.03 -45.36 -20.57
CA VAL D 30 1.88 -46.00 -19.56
C VAL D 30 1.67 -47.50 -19.65
N PRO D 31 2.63 -48.29 -19.18
CA PRO D 31 2.42 -49.73 -19.07
C PRO D 31 1.38 -50.09 -18.03
N GLU D 32 0.73 -51.22 -18.26
CA GLU D 32 -0.28 -51.73 -17.31
C GLU D 32 0.29 -51.88 -15.91
N ALA D 33 1.60 -52.07 -15.79
CA ALA D 33 2.24 -52.27 -14.49
C ALA D 33 2.09 -51.06 -13.56
N LEU D 34 1.81 -49.87 -14.11
CA LEU D 34 1.62 -48.68 -13.29
C LEU D 34 0.16 -48.29 -13.13
N MET D 35 -0.77 -48.97 -13.80
CA MET D 35 -2.15 -48.51 -13.81
C MET D 35 -2.81 -48.64 -12.44
N ALA D 36 -2.43 -49.65 -11.66
CA ALA D 36 -2.98 -49.79 -10.31
C ALA D 36 -2.67 -48.57 -9.46
N VAL D 37 -1.40 -48.17 -9.40
CA VAL D 37 -1.03 -47.04 -8.56
C VAL D 37 -1.47 -45.73 -9.20
N ILE D 38 -1.48 -45.65 -10.53
CA ILE D 38 -1.94 -44.43 -11.20
C ILE D 38 -3.43 -44.22 -10.94
N GLU D 39 -4.22 -45.29 -10.98
CA GLU D 39 -5.62 -45.19 -10.61
C GLU D 39 -5.78 -44.89 -9.13
N GLU D 40 -4.89 -45.45 -8.30
CA GLU D 40 -4.92 -45.16 -6.87
C GLU D 40 -4.63 -43.69 -6.59
N VAL D 41 -3.63 -43.12 -7.27
CA VAL D 41 -3.35 -41.69 -7.12
C VAL D 41 -4.51 -40.85 -7.63
N THR D 42 -5.12 -41.26 -8.74
CA THR D 42 -6.25 -40.52 -9.28
C THR D 42 -7.43 -40.51 -8.31
N ALA D 43 -7.74 -41.67 -7.73
CA ALA D 43 -8.86 -41.73 -6.79
C ALA D 43 -8.56 -40.93 -5.52
N ALA D 44 -7.32 -40.98 -5.04
CA ALA D 44 -6.98 -40.25 -3.83
C ALA D 44 -7.04 -38.74 -4.06
N TYR D 45 -6.58 -38.29 -5.23
CA TYR D 45 -6.66 -36.86 -5.53
C TYR D 45 -8.10 -36.39 -5.60
N GLN D 46 -8.96 -37.15 -6.29
CA GLN D 46 -10.36 -36.77 -6.38
C GLN D 46 -11.04 -36.79 -5.02
N LYS D 47 -10.58 -37.65 -4.11
CA LYS D 47 -11.17 -37.71 -2.77
C LYS D 47 -10.72 -36.53 -1.92
N GLU D 48 -9.41 -36.26 -1.88
CA GLU D 48 -8.88 -35.26 -0.96
C GLU D 48 -9.06 -33.84 -1.47
N ARG D 49 -9.21 -33.64 -2.79
CA ARG D 49 -9.35 -32.29 -3.32
C ARG D 49 -10.63 -31.61 -2.85
N VAL D 50 -11.60 -32.38 -2.34
CA VAL D 50 -12.84 -31.83 -1.81
C VAL D 50 -12.95 -32.07 -0.31
N SER D 51 -11.87 -32.46 0.35
CA SER D 51 -11.87 -32.65 1.79
C SER D 51 -11.41 -31.37 2.47
N GLN D 52 -12.23 -30.84 3.38
CA GLN D 52 -11.88 -29.59 4.04
C GLN D 52 -10.64 -29.73 4.90
N ASP D 53 -10.43 -30.91 5.50
CA ASP D 53 -9.21 -31.15 6.26
C ASP D 53 -7.98 -31.03 5.35
N PHE D 54 -8.08 -31.54 4.12
CA PHE D 54 -6.96 -31.46 3.20
C PHE D 54 -6.73 -30.03 2.73
N LEU D 55 -7.81 -29.33 2.36
CA LEU D 55 -7.67 -27.96 1.90
C LEU D 55 -7.14 -27.04 3.00
N ASP D 56 -7.56 -27.28 4.25
CA ASP D 56 -7.05 -26.49 5.36
C ASP D 56 -5.56 -26.71 5.55
N ASP D 57 -5.12 -27.96 5.52
CA ASP D 57 -3.69 -28.27 5.64
C ASP D 57 -2.88 -27.58 4.56
N LEU D 58 -3.40 -27.59 3.32
CA LEU D 58 -2.65 -26.99 2.21
C LEU D 58 -2.63 -25.47 2.32
N ASP D 59 -3.76 -24.86 2.68
CA ASP D 59 -3.79 -23.41 2.87
C ASP D 59 -2.86 -22.97 3.99
N ARG D 60 -2.87 -23.72 5.11
CA ARG D 60 -2.00 -23.38 6.24
C ARG D 60 -0.54 -23.40 5.85
N LEU D 61 -0.11 -24.43 5.10
CA LEU D 61 1.28 -24.52 4.70
C LEU D 61 1.65 -23.46 3.67
N GLN D 62 0.75 -23.18 2.71
CA GLN D 62 1.02 -22.15 1.72
C GLN D 62 1.23 -20.80 2.38
N ALA D 63 0.44 -20.49 3.40
CA ALA D 63 0.54 -19.19 4.05
C ALA D 63 1.75 -19.12 4.98
N ASN D 64 1.76 -19.96 6.01
CA ASN D 64 2.75 -19.83 7.08
C ASN D 64 4.10 -20.44 6.73
N TYR D 65 4.14 -21.43 5.84
CA TYR D 65 5.38 -22.13 5.54
C TYR D 65 6.01 -21.68 4.22
N ALA D 66 5.22 -21.59 3.16
CA ALA D 66 5.75 -21.26 1.84
C ALA D 66 5.83 -19.76 1.57
N GLY D 67 5.01 -18.96 2.25
CA GLY D 67 5.05 -17.52 2.12
C GLY D 67 4.05 -16.90 1.16
N ARG D 68 2.93 -17.58 0.87
CA ARG D 68 1.93 -17.07 -0.04
C ARG D 68 1.05 -16.02 0.65
N PRO D 69 0.50 -15.07 -0.11
CA PRO D 69 0.65 -14.91 -1.57
C PRO D 69 1.99 -14.30 -1.94
N SER D 70 2.51 -14.67 -3.10
CA SER D 70 3.65 -13.96 -3.65
C SER D 70 3.18 -12.60 -4.15
N PRO D 71 3.99 -11.56 -4.03
CA PRO D 71 3.56 -10.24 -4.47
C PRO D 71 3.63 -10.09 -5.99
N LEU D 72 2.95 -9.06 -6.47
CA LEU D 72 3.03 -8.62 -7.86
C LEU D 72 3.71 -7.26 -7.88
N TYR D 73 4.80 -7.15 -8.65
CA TYR D 73 5.68 -5.99 -8.59
C TYR D 73 5.79 -5.36 -9.97
N GLU D 74 5.43 -4.07 -10.06
CA GLU D 74 5.56 -3.35 -11.32
C GLU D 74 7.00 -2.90 -11.49
N ALA D 75 7.69 -3.46 -12.49
CA ALA D 75 9.11 -3.19 -12.72
C ALA D 75 9.24 -1.98 -13.63
N THR D 76 9.12 -0.80 -13.03
CA THR D 76 9.10 0.45 -13.81
C THR D 76 10.43 0.73 -14.50
N ARG D 77 11.54 0.19 -13.98
CA ARG D 77 12.82 0.38 -14.64
C ARG D 77 12.96 -0.46 -15.91
N LEU D 78 12.11 -1.47 -16.10
CA LEU D 78 12.10 -2.23 -17.34
C LEU D 78 11.33 -1.56 -18.45
N SER D 79 10.44 -0.61 -18.10
CA SER D 79 9.47 -0.08 -19.07
C SER D 79 10.15 0.48 -20.31
N GLN D 80 11.23 1.25 -20.13
CA GLN D 80 11.93 1.83 -21.26
C GLN D 80 12.51 0.78 -22.20
N HIS D 81 12.75 -0.44 -21.69
CA HIS D 81 13.26 -1.53 -22.50
C HIS D 81 12.16 -2.42 -23.06
N ALA D 82 10.90 -2.08 -22.81
CA ALA D 82 9.75 -2.87 -23.27
C ALA D 82 8.74 -1.97 -23.96
N GLY D 83 9.22 -1.04 -24.78
CA GLY D 83 8.33 -0.17 -25.53
C GLY D 83 7.44 0.71 -24.67
N SER D 84 7.89 1.03 -23.45
CA SER D 84 7.14 1.79 -22.47
C SER D 84 5.88 1.06 -22.01
N ALA D 85 5.80 -0.24 -22.25
CA ALA D 85 4.77 -1.05 -21.61
C ALA D 85 5.07 -1.16 -20.11
N ARG D 86 4.07 -1.63 -19.37
CA ARG D 86 4.19 -1.77 -17.92
C ARG D 86 4.34 -3.25 -17.58
N ILE D 87 5.53 -3.65 -17.15
CA ILE D 87 5.83 -5.04 -16.86
C ILE D 87 5.57 -5.30 -15.38
N PHE D 88 4.69 -6.25 -15.08
CA PHE D 88 4.39 -6.66 -13.72
C PHE D 88 4.96 -8.06 -13.50
N LEU D 89 5.80 -8.20 -12.48
CA LEU D 89 6.48 -9.46 -12.17
C LEU D 89 5.74 -10.17 -11.04
N LYS D 90 5.18 -11.34 -11.35
CA LYS D 90 4.59 -12.20 -10.33
C LYS D 90 5.72 -12.94 -9.62
N ARG D 91 5.94 -12.61 -8.34
CA ARG D 91 7.22 -12.90 -7.67
C ARG D 91 7.22 -14.28 -7.01
N GLU D 92 7.12 -15.31 -7.86
CA GLU D 92 7.26 -16.67 -7.35
C GLU D 92 8.68 -16.97 -6.86
N ASP D 93 9.65 -16.14 -7.25
CA ASP D 93 11.03 -16.31 -6.78
C ASP D 93 11.15 -16.12 -5.28
N LEU D 94 10.16 -15.50 -4.64
CA LEU D 94 10.17 -15.27 -3.20
C LEU D 94 9.59 -16.42 -2.41
N ASN D 95 9.00 -17.41 -3.07
CA ASN D 95 8.48 -18.59 -2.35
C ASN D 95 9.60 -19.30 -1.60
N HIS D 96 9.23 -19.96 -0.51
CA HIS D 96 10.14 -20.89 0.14
C HIS D 96 10.70 -21.88 -0.89
N THR D 97 12.00 -22.11 -0.82
CA THR D 97 12.84 -22.90 -1.72
C THR D 97 13.14 -22.16 -3.03
N GLY D 98 12.43 -21.08 -3.34
CA GLY D 98 12.86 -20.19 -4.39
C GLY D 98 12.22 -20.34 -5.74
N SER D 99 11.09 -21.04 -5.86
CA SER D 99 10.40 -21.14 -7.13
C SER D 99 8.95 -21.55 -6.90
N HIS D 100 8.21 -21.66 -8.00
CA HIS D 100 6.83 -22.11 -7.99
C HIS D 100 6.67 -23.58 -7.66
N LYS D 101 7.75 -24.37 -7.74
CA LYS D 101 7.62 -25.82 -7.58
C LYS D 101 7.01 -26.19 -6.24
N ILE D 102 7.21 -25.36 -5.20
CA ILE D 102 6.74 -25.71 -3.87
C ILE D 102 5.23 -25.78 -3.83
N ASN D 103 4.54 -25.03 -4.72
CA ASN D 103 3.08 -25.08 -4.76
C ASN D 103 2.59 -26.49 -5.07
N ASN D 104 3.09 -27.06 -6.17
CA ASN D 104 2.69 -28.40 -6.57
C ASN D 104 3.18 -29.44 -5.57
N VAL D 105 4.37 -29.23 -4.99
CA VAL D 105 4.95 -30.23 -4.11
C VAL D 105 4.18 -30.33 -2.80
N LEU D 106 3.79 -29.19 -2.23
CA LEU D 106 3.04 -29.23 -0.98
C LEU D 106 1.73 -29.98 -1.14
N GLY D 107 1.06 -29.80 -2.28
CA GLY D 107 -0.17 -30.55 -2.52
C GLY D 107 0.07 -32.04 -2.65
N GLN D 108 1.06 -32.43 -3.46
CA GLN D 108 1.30 -33.85 -3.70
C GLN D 108 1.90 -34.55 -2.48
N ALA D 109 2.77 -33.85 -1.74
CA ALA D 109 3.36 -34.46 -0.55
C ALA D 109 2.31 -34.73 0.51
N LEU D 110 1.37 -33.81 0.70
CA LEU D 110 0.25 -34.07 1.60
C LEU D 110 -0.60 -35.23 1.11
N LEU D 111 -0.80 -35.31 -0.21
CA LEU D 111 -1.57 -36.42 -0.78
C LEU D 111 -0.85 -37.75 -0.54
N ALA D 112 0.48 -37.78 -0.76
CA ALA D 112 1.24 -38.98 -0.48
C ALA D 112 1.04 -39.44 0.95
N ARG D 113 1.03 -38.49 1.90
CA ARG D 113 0.78 -38.85 3.28
C ARG D 113 -0.63 -39.40 3.47
N ARG D 114 -1.61 -38.81 2.79
CA ARG D 114 -2.98 -39.30 2.90
C ARG D 114 -3.12 -40.73 2.39
N MET D 115 -2.34 -41.09 1.35
CA MET D 115 -2.42 -42.43 0.77
C MET D 115 -1.64 -43.46 1.55
N GLY D 116 -0.97 -43.08 2.63
CA GLY D 116 -0.15 -44.02 3.36
C GLY D 116 1.13 -44.43 2.68
N LYS D 117 1.53 -43.74 1.62
CA LYS D 117 2.82 -43.99 1.00
C LYS D 117 3.94 -43.55 1.94
N THR D 118 5.00 -44.34 1.99
CA THR D 118 6.11 -44.08 2.92
C THR D 118 7.36 -43.56 2.22
N ARG D 119 7.34 -43.44 0.89
CA ARG D 119 8.52 -43.11 0.12
C ARG D 119 8.11 -42.25 -1.06
N VAL D 120 8.82 -41.15 -1.27
CA VAL D 120 8.53 -40.22 -2.37
C VAL D 120 9.73 -40.15 -3.29
N ILE D 121 9.48 -40.27 -4.59
CA ILE D 121 10.51 -40.08 -5.60
C ILE D 121 10.11 -38.91 -6.49
N ALA D 122 11.12 -38.33 -7.12
CA ALA D 122 10.89 -37.22 -8.02
C ALA D 122 12.08 -37.08 -8.96
N GLU D 123 11.81 -36.61 -10.16
CA GLU D 123 12.83 -36.15 -11.08
C GLU D 123 13.10 -34.67 -10.82
N THR D 124 14.23 -34.20 -11.32
CA THR D 124 14.51 -32.77 -11.28
C THR D 124 15.52 -32.41 -12.35
N GLY D 125 15.35 -31.22 -12.93
CA GLY D 125 16.28 -30.74 -13.93
C GLY D 125 17.09 -29.58 -13.39
N ALA D 126 16.41 -28.46 -13.11
CA ALA D 126 17.07 -27.33 -12.49
C ALA D 126 17.42 -27.60 -11.03
N GLY D 127 16.85 -28.63 -10.43
CA GLY D 127 17.02 -28.88 -9.02
C GLY D 127 16.03 -28.16 -8.13
N GLN D 128 15.17 -27.30 -8.70
CA GLN D 128 14.19 -26.59 -7.89
C GLN D 128 13.06 -27.51 -7.47
N HIS D 129 12.59 -28.38 -8.37
CA HIS D 129 11.58 -29.35 -7.97
C HIS D 129 12.17 -30.38 -7.02
N GLY D 130 13.43 -30.75 -7.22
CA GLY D 130 14.09 -31.65 -6.28
C GLY D 130 14.22 -31.05 -4.89
N VAL D 131 14.59 -29.76 -4.81
CA VAL D 131 14.70 -29.11 -3.52
C VAL D 131 13.33 -28.97 -2.87
N ALA D 132 12.31 -28.63 -3.65
CA ALA D 132 10.96 -28.52 -3.10
C ALA D 132 10.49 -29.85 -2.55
N THR D 133 10.66 -30.93 -3.33
CA THR D 133 10.26 -32.25 -2.87
C THR D 133 11.02 -32.67 -1.61
N ALA D 134 12.35 -32.54 -1.65
CA ALA D 134 13.16 -32.82 -0.47
C ALA D 134 12.69 -32.00 0.73
N THR D 135 12.31 -30.74 0.49
CA THR D 135 11.83 -29.89 1.56
C THR D 135 10.56 -30.44 2.19
N ALA D 136 9.56 -30.78 1.37
CA ALA D 136 8.31 -31.29 1.92
C ALA D 136 8.49 -32.66 2.58
N CYS D 137 9.38 -33.49 2.06
CA CYS D 137 9.60 -34.80 2.68
C CYS D 137 10.29 -34.67 4.03
N ALA D 138 11.18 -33.69 4.17
CA ALA D 138 11.76 -33.43 5.49
C ALA D 138 10.71 -32.93 6.46
N LEU D 139 9.81 -32.06 5.98
CA LEU D 139 8.77 -31.51 6.83
C LEU D 139 7.77 -32.58 7.26
N LEU D 140 7.41 -33.47 6.34
CA LEU D 140 6.41 -34.50 6.62
C LEU D 140 7.02 -35.83 7.02
N GLY D 141 8.36 -35.92 7.09
CA GLY D 141 9.01 -37.14 7.54
C GLY D 141 8.90 -38.31 6.59
N LEU D 142 9.03 -38.06 5.29
CA LEU D 142 8.98 -39.10 4.27
C LEU D 142 10.37 -39.36 3.72
N ASP D 143 10.66 -40.61 3.40
CA ASP D 143 11.88 -40.92 2.65
C ASP D 143 11.79 -40.32 1.26
N CYS D 144 12.92 -39.83 0.75
CA CYS D 144 12.93 -39.08 -0.49
C CYS D 144 14.13 -39.46 -1.33
N VAL D 145 13.90 -39.75 -2.61
CA VAL D 145 14.95 -40.05 -3.56
C VAL D 145 14.70 -39.20 -4.80
N ILE D 146 15.71 -38.43 -5.21
CA ILE D 146 15.60 -37.53 -6.35
C ILE D 146 16.48 -38.06 -7.48
N TYR D 147 15.93 -38.11 -8.68
CA TYR D 147 16.69 -38.47 -9.87
C TYR D 147 17.03 -37.21 -10.66
N MET D 148 18.30 -37.07 -11.01
CA MET D 148 18.80 -35.85 -11.65
C MET D 148 19.87 -36.22 -12.66
N GLY D 149 19.76 -35.67 -13.86
CA GLY D 149 20.73 -35.96 -14.89
C GLY D 149 22.13 -35.49 -14.51
N GLY D 150 23.12 -36.28 -14.93
CA GLY D 150 24.50 -35.97 -14.57
C GLY D 150 24.96 -34.61 -15.04
N ILE D 151 24.49 -34.16 -16.20
CA ILE D 151 24.81 -32.82 -16.66
C ILE D 151 24.16 -31.78 -15.76
N ASP D 152 22.95 -32.05 -15.26
CA ASP D 152 22.26 -31.09 -14.41
C ASP D 152 22.85 -31.04 -13.00
N THR D 153 23.40 -32.15 -12.50
CA THR D 153 24.08 -32.10 -11.22
C THR D 153 25.31 -31.21 -11.28
N ALA D 154 25.91 -31.08 -12.46
CA ALA D 154 27.11 -30.25 -12.59
C ALA D 154 26.77 -28.77 -12.72
N ARG D 155 25.77 -28.42 -13.52
CA ARG D 155 25.44 -27.01 -13.74
C ARG D 155 24.42 -26.46 -12.76
N GLN D 156 23.83 -27.30 -11.90
CA GLN D 156 22.95 -26.87 -10.82
C GLN D 156 23.42 -27.44 -9.50
N ALA D 157 24.74 -27.41 -9.27
CA ALA D 157 25.34 -28.10 -8.14
C ALA D 157 24.85 -27.56 -6.81
N LEU D 158 24.52 -26.27 -6.73
CA LEU D 158 24.00 -25.71 -5.48
C LEU D 158 22.78 -26.47 -4.99
N ASN D 159 21.90 -26.88 -5.92
CA ASN D 159 20.68 -27.55 -5.51
C ASN D 159 20.90 -29.01 -5.16
N VAL D 160 21.92 -29.65 -5.73
CA VAL D 160 22.29 -30.99 -5.29
C VAL D 160 22.65 -30.99 -3.82
N ALA D 161 23.47 -30.02 -3.41
CA ALA D 161 23.89 -29.96 -2.02
C ALA D 161 22.75 -29.57 -1.09
N ARG D 162 21.82 -28.72 -1.54
CA ARG D 162 20.65 -28.40 -0.73
C ARG D 162 19.79 -29.64 -0.51
N MET D 163 19.61 -30.46 -1.55
CA MET D 163 18.81 -31.67 -1.43
C MET D 163 19.41 -32.63 -0.41
N ARG D 164 20.73 -32.81 -0.43
N ARG D 164 20.74 -32.80 -0.42
CA ARG D 164 21.37 -33.72 0.51
CA ARG D 164 21.37 -33.73 0.50
C ARG D 164 21.28 -33.20 1.93
C ARG D 164 21.31 -33.21 1.94
N LEU D 165 21.42 -31.89 2.12
CA LEU D 165 21.28 -31.31 3.45
C LEU D 165 19.87 -31.49 3.99
N LEU D 166 18.87 -31.53 3.11
CA LEU D 166 17.49 -31.77 3.50
C LEU D 166 17.19 -33.25 3.76
N GLY D 167 18.16 -34.15 3.55
CA GLY D 167 17.96 -35.56 3.84
C GLY D 167 17.51 -36.40 2.68
N ALA D 168 17.49 -35.86 1.47
CA ALA D 168 17.09 -36.61 0.29
C ALA D 168 18.29 -37.33 -0.30
N GLU D 169 18.04 -38.54 -0.82
CA GLU D 169 19.04 -39.22 -1.62
C GLU D 169 18.96 -38.71 -3.05
N VAL D 170 20.13 -38.50 -3.66
CA VAL D 170 20.22 -37.98 -5.03
C VAL D 170 20.90 -39.03 -5.88
N VAL D 171 20.22 -39.47 -6.94
CA VAL D 171 20.77 -40.43 -7.90
C VAL D 171 21.10 -39.66 -9.18
N ALA D 172 22.37 -39.63 -9.54
CA ALA D 172 22.81 -38.96 -10.75
C ALA D 172 22.59 -39.88 -11.95
N VAL D 173 21.84 -39.41 -12.94
CA VAL D 173 21.46 -40.19 -14.11
C VAL D 173 22.43 -39.92 -15.24
N GLN D 174 23.12 -40.96 -15.71
CA GLN D 174 24.15 -40.82 -16.73
C GLN D 174 23.72 -41.38 -18.09
N THR D 175 22.48 -41.80 -18.25
CA THR D 175 22.01 -42.33 -19.51
C THR D 175 21.42 -41.23 -20.38
N GLY D 176 21.33 -41.52 -21.68
CA GLY D 176 20.73 -40.58 -22.62
C GLY D 176 21.45 -39.25 -22.64
N SER D 177 20.67 -38.17 -22.66
CA SER D 177 21.23 -36.83 -22.66
C SER D 177 21.64 -36.35 -21.28
N LYS D 178 21.47 -37.18 -20.24
CA LYS D 178 21.88 -36.86 -18.88
C LYS D 178 21.22 -35.58 -18.38
N THR D 179 20.01 -35.31 -18.87
CA THR D 179 19.25 -34.16 -18.42
C THR D 179 17.84 -34.57 -18.01
N LEU D 180 16.88 -33.65 -18.11
CA LEU D 180 15.59 -33.82 -17.44
C LEU D 180 14.83 -35.05 -17.94
N LYS D 181 14.79 -35.26 -19.26
CA LYS D 181 14.00 -36.38 -19.77
C LYS D 181 14.58 -37.71 -19.33
N ASP D 182 15.89 -37.76 -19.13
CA ASP D 182 16.54 -38.99 -18.67
C ASP D 182 16.29 -39.23 -17.19
N ALA D 183 16.23 -38.16 -16.40
CA ALA D 183 15.84 -38.31 -15.00
C ALA D 183 14.41 -38.82 -14.88
N ILE D 184 13.54 -38.40 -15.80
CA ILE D 184 12.16 -38.86 -15.78
C ILE D 184 12.09 -40.35 -16.11
N ASN D 185 12.87 -40.78 -17.10
CA ASN D 185 12.94 -42.21 -17.42
C ASN D 185 13.35 -43.03 -16.20
N GLU D 186 14.32 -42.54 -15.44
CA GLU D 186 14.83 -43.31 -14.29
C GLU D 186 13.83 -43.32 -13.14
N ALA D 187 13.18 -42.18 -12.88
CA ALA D 187 12.14 -42.14 -11.85
C ALA D 187 10.98 -43.05 -12.21
N PHE D 188 10.64 -43.12 -13.50
CA PHE D 188 9.62 -44.07 -13.95
C PHE D 188 10.01 -45.49 -13.59
N ARG D 189 11.26 -45.88 -13.91
CA ARG D 189 11.71 -47.24 -13.61
C ARG D 189 11.64 -47.52 -12.12
N ASP D 190 11.98 -46.54 -11.29
CA ASP D 190 11.82 -46.69 -9.85
C ASP D 190 10.37 -46.98 -9.49
N TRP D 191 9.43 -46.17 -9.98
CA TRP D 191 8.03 -46.30 -9.61
C TRP D 191 7.49 -47.68 -10.01
N VAL D 192 7.83 -48.15 -11.21
CA VAL D 192 7.38 -49.46 -11.66
C VAL D 192 7.81 -50.55 -10.69
N ALA D 193 9.03 -50.46 -10.17
CA ALA D 193 9.54 -51.47 -9.25
C ALA D 193 8.98 -51.31 -7.84
N ASN D 194 8.61 -50.10 -7.43
CA ASN D 194 8.29 -49.80 -6.04
C ASN D 194 6.91 -49.18 -5.87
N ALA D 195 5.95 -49.57 -6.72
CA ALA D 195 4.67 -48.86 -6.79
C ALA D 195 3.87 -48.96 -5.50
N ASP D 196 3.95 -50.08 -4.79
CA ASP D 196 3.01 -50.31 -3.68
C ASP D 196 3.29 -49.39 -2.49
N ASN D 197 4.52 -48.91 -2.33
CA ASN D 197 4.83 -48.02 -1.21
C ASN D 197 5.32 -46.64 -1.62
N THR D 198 5.59 -46.40 -2.91
CA THR D 198 6.20 -45.16 -3.37
C THR D 198 5.17 -44.26 -4.04
N TYR D 199 5.23 -42.98 -3.71
CA TYR D 199 4.49 -41.94 -4.41
C TYR D 199 5.45 -41.20 -5.34
N TYR D 200 5.05 -41.04 -6.60
CA TYR D 200 5.85 -40.31 -7.58
C TYR D 200 5.36 -38.85 -7.60
N CYS D 201 6.18 -37.95 -7.04
CA CYS D 201 5.85 -36.54 -6.98
C CYS D 201 6.39 -35.88 -8.25
N PHE D 202 5.58 -35.90 -9.30
CA PHE D 202 5.99 -35.36 -10.59
C PHE D 202 5.93 -33.84 -10.58
N GLY D 203 6.93 -33.21 -11.19
CA GLY D 203 7.19 -31.80 -11.01
C GLY D 203 6.69 -30.85 -12.06
N THR D 204 6.09 -31.33 -13.14
CA THR D 204 5.62 -30.44 -14.19
C THR D 204 4.26 -30.92 -14.69
N ALA D 205 3.64 -30.09 -15.52
CA ALA D 205 2.26 -30.33 -15.95
C ALA D 205 2.19 -31.26 -17.16
N ALA D 206 2.87 -32.39 -17.05
CA ALA D 206 2.86 -33.40 -18.12
C ALA D 206 2.64 -34.76 -17.46
N GLY D 207 3.02 -35.82 -18.16
CA GLY D 207 2.86 -37.16 -17.66
C GLY D 207 1.48 -37.71 -17.96
N PRO D 208 1.19 -38.90 -17.45
CA PRO D 208 -0.15 -39.46 -17.63
C PRO D 208 -1.14 -38.83 -16.67
N HIS D 209 -2.41 -38.87 -17.07
CA HIS D 209 -3.49 -38.53 -16.15
C HIS D 209 -3.32 -39.34 -14.87
N PRO D 210 -3.41 -38.72 -13.69
CA PRO D 210 -3.94 -37.39 -13.39
C PRO D 210 -2.93 -36.24 -13.30
N PHE D 211 -1.66 -36.49 -13.62
CA PHE D 211 -0.62 -35.53 -13.29
C PHE D 211 -0.77 -34.19 -14.01
N PRO D 212 -1.04 -34.12 -15.31
CA PRO D 212 -1.23 -32.79 -15.93
C PRO D 212 -2.29 -31.95 -15.24
N THR D 213 -3.44 -32.53 -14.92
CA THR D 213 -4.51 -31.78 -14.29
C THR D 213 -4.18 -31.47 -12.84
N MET D 214 -3.68 -32.46 -12.11
CA MET D 214 -3.39 -32.28 -10.69
C MET D 214 -2.32 -31.22 -10.48
N VAL D 215 -1.22 -31.29 -11.25
CA VAL D 215 -0.15 -30.31 -11.10
C VAL D 215 -0.66 -28.91 -11.41
N ARG D 216 -1.42 -28.77 -12.50
CA ARG D 216 -2.02 -27.49 -12.85
C ARG D 216 -2.91 -26.98 -11.72
N ASP D 217 -3.72 -27.86 -11.13
CA ASP D 217 -4.63 -27.45 -10.07
C ASP D 217 -3.87 -26.88 -8.88
N PHE D 218 -2.76 -27.51 -8.48
CA PHE D 218 -1.97 -26.98 -7.38
C PHE D 218 -1.25 -25.69 -7.76
N GLN D 219 -1.05 -25.43 -9.05
CA GLN D 219 -0.41 -24.21 -9.50
C GLN D 219 -1.41 -23.10 -9.84
N ARG D 220 -2.71 -23.42 -9.93
CA ARG D 220 -3.72 -22.41 -10.25
C ARG D 220 -3.67 -21.22 -9.30
N ILE D 221 -3.18 -21.42 -8.08
CA ILE D 221 -3.12 -20.36 -7.09
C ILE D 221 -2.34 -19.16 -7.62
N ILE D 222 -1.34 -19.40 -8.46
CA ILE D 222 -0.53 -18.31 -9.02
C ILE D 222 -1.41 -17.35 -9.79
N GLY D 223 -2.13 -17.87 -10.80
CA GLY D 223 -2.96 -17.01 -11.63
C GLY D 223 -4.15 -16.43 -10.91
N MET D 224 -4.69 -17.16 -9.92
CA MET D 224 -5.79 -16.62 -9.14
C MET D 224 -5.35 -15.41 -8.34
N GLU D 225 -4.19 -15.50 -7.69
CA GLU D 225 -3.62 -14.35 -6.99
C GLU D 225 -3.33 -13.22 -7.98
N ALA D 226 -2.69 -13.55 -9.10
CA ALA D 226 -2.27 -12.52 -10.04
C ALA D 226 -3.45 -11.77 -10.63
N ARG D 227 -4.55 -12.48 -10.91
CA ARG D 227 -5.73 -11.82 -11.46
C ARG D 227 -6.33 -10.83 -10.47
N VAL D 228 -6.32 -11.17 -9.18
CA VAL D 228 -6.80 -10.24 -8.17
C VAL D 228 -5.83 -9.06 -8.02
N GLN D 229 -4.54 -9.35 -8.00
CA GLN D 229 -3.55 -8.30 -7.72
C GLN D 229 -3.44 -7.30 -8.86
N ILE D 230 -3.62 -7.75 -10.11
CA ILE D 230 -3.46 -6.82 -11.24
C ILE D 230 -4.67 -5.89 -11.32
N GLN D 231 -5.87 -6.40 -11.00
N GLN D 231 -5.87 -6.40 -11.03
CA GLN D 231 -7.04 -5.54 -10.97
CA GLN D 231 -7.04 -5.53 -10.97
C GLN D 231 -6.94 -4.49 -9.87
C GLN D 231 -6.88 -4.48 -9.88
N GLY D 232 -6.39 -4.88 -8.71
CA GLY D 232 -6.21 -3.93 -7.63
C GLY D 232 -5.15 -2.89 -7.91
N GLN D 233 -4.01 -3.31 -8.46
CA GLN D 233 -2.90 -2.39 -8.69
C GLN D 233 -3.10 -1.56 -9.95
N ALA D 234 -3.48 -2.20 -11.05
CA ALA D 234 -3.56 -1.51 -12.33
C ALA D 234 -4.95 -0.98 -12.67
N GLY D 235 -6.00 -1.48 -11.99
CA GLY D 235 -7.35 -1.04 -12.26
C GLY D 235 -8.06 -1.81 -13.35
N ARG D 236 -7.44 -2.83 -13.94
N ARG D 236 -7.43 -2.83 -13.94
CA ARG D 236 -8.06 -3.58 -15.01
CA ARG D 236 -8.04 -3.57 -15.04
C ARG D 236 -7.30 -4.89 -15.20
C ARG D 236 -7.28 -4.88 -15.22
N LEU D 237 -7.86 -5.75 -16.04
CA LEU D 237 -7.20 -6.99 -16.39
C LEU D 237 -6.02 -6.69 -17.32
N PRO D 238 -4.98 -7.52 -17.30
CA PRO D 238 -3.80 -7.24 -18.12
C PRO D 238 -4.10 -7.37 -19.60
N ASP D 239 -3.27 -6.72 -20.42
CA ASP D 239 -3.31 -6.95 -21.85
C ASP D 239 -2.68 -8.28 -22.23
N ALA D 240 -1.69 -8.74 -21.47
CA ALA D 240 -1.03 -10.01 -21.73
C ALA D 240 -0.50 -10.60 -20.44
N VAL D 241 -0.57 -11.93 -20.35
CA VAL D 241 0.09 -12.71 -19.30
C VAL D 241 1.05 -13.68 -19.97
N VAL D 242 2.32 -13.63 -19.56
CA VAL D 242 3.36 -14.44 -20.21
C VAL D 242 4.11 -15.25 -19.15
N ALA D 243 4.77 -16.30 -19.62
CA ALA D 243 5.54 -17.20 -18.78
C ALA D 243 6.41 -18.08 -19.65
N CYS D 244 7.48 -18.59 -19.05
CA CYS D 244 8.31 -19.57 -19.73
C CYS D 244 7.64 -20.95 -19.66
N VAL D 245 7.98 -21.82 -20.62
CA VAL D 245 7.33 -23.12 -20.76
C VAL D 245 8.41 -24.19 -20.91
N GLY D 246 8.60 -24.99 -19.86
CA GLY D 246 9.31 -26.24 -20.00
C GLY D 246 8.31 -27.36 -20.21
N GLY D 247 7.99 -28.10 -19.14
CA GLY D 247 6.85 -28.98 -19.19
C GLY D 247 5.53 -28.25 -19.12
N GLY D 248 5.50 -27.10 -18.46
CA GLY D 248 4.36 -26.20 -18.53
C GLY D 248 3.64 -25.88 -17.24
N SER D 249 4.26 -26.16 -16.08
CA SER D 249 3.51 -26.02 -14.83
C SER D 249 3.36 -24.57 -14.40
N ASN D 250 4.46 -23.79 -14.42
CA ASN D 250 4.33 -22.41 -13.98
C ASN D 250 3.51 -21.59 -14.97
N ALA D 251 3.57 -21.93 -16.26
CA ALA D 251 2.77 -21.20 -17.25
C ALA D 251 1.29 -21.52 -17.11
N ILE D 252 0.95 -22.80 -17.00
CA ILE D 252 -0.46 -23.17 -16.84
C ILE D 252 -1.00 -22.68 -15.51
N GLY D 253 -0.12 -22.46 -14.52
CA GLY D 253 -0.59 -21.98 -13.22
C GLY D 253 -0.98 -20.53 -13.24
N ILE D 254 -0.27 -19.71 -14.01
CA ILE D 254 -0.63 -18.30 -14.11
C ILE D 254 -1.62 -18.05 -15.25
N PHE D 255 -1.68 -18.93 -16.26
CA PHE D 255 -2.61 -18.75 -17.37
C PHE D 255 -4.05 -19.04 -16.94
N HIS D 256 -4.25 -20.03 -16.07
CA HIS D 256 -5.54 -20.69 -16.00
C HIS D 256 -6.65 -19.76 -15.54
N ALA D 257 -6.37 -18.88 -14.58
CA ALA D 257 -7.39 -17.95 -14.12
C ALA D 257 -7.79 -16.94 -15.19
N PHE D 258 -7.00 -16.78 -16.25
CA PHE D 258 -7.29 -15.83 -17.31
C PHE D 258 -7.88 -16.48 -18.55
N LEU D 259 -8.13 -17.79 -18.54
CA LEU D 259 -8.52 -18.49 -19.77
C LEU D 259 -9.80 -17.93 -20.35
N ASP D 260 -10.78 -17.62 -19.50
CA ASP D 260 -12.08 -17.13 -19.95
C ASP D 260 -12.17 -15.62 -20.00
N ASP D 261 -11.03 -14.91 -19.93
CA ASP D 261 -10.98 -13.48 -20.14
C ASP D 261 -10.56 -13.23 -21.57
N PRO D 262 -11.51 -13.01 -22.50
CA PRO D 262 -11.16 -13.06 -23.93
C PRO D 262 -10.25 -11.93 -24.39
N GLY D 263 -10.09 -10.87 -23.62
CA GLY D 263 -9.19 -9.80 -23.99
C GLY D 263 -7.76 -9.94 -23.51
N VAL D 264 -7.45 -11.00 -22.77
CA VAL D 264 -6.13 -11.18 -22.19
C VAL D 264 -5.34 -12.11 -23.10
N ARG D 265 -4.29 -11.58 -23.74
CA ARG D 265 -3.39 -12.42 -24.51
C ARG D 265 -2.57 -13.30 -23.58
N LEU D 266 -2.38 -14.55 -23.99
CA LEU D 266 -1.57 -15.52 -23.25
C LEU D 266 -0.42 -15.96 -24.14
N VAL D 267 0.81 -15.80 -23.65
CA VAL D 267 1.99 -16.11 -24.45
C VAL D 267 2.94 -16.94 -23.60
N GLY D 268 3.25 -18.15 -24.07
CA GLY D 268 4.31 -18.96 -23.48
C GLY D 268 5.58 -18.86 -24.30
N PHE D 269 6.72 -18.81 -23.61
CA PHE D 269 8.01 -18.71 -24.26
C PHE D 269 8.83 -19.94 -23.92
N GLU D 270 9.31 -20.63 -24.95
CA GLU D 270 10.07 -21.86 -24.80
C GLU D 270 11.53 -21.62 -25.16
N ALA D 271 12.38 -22.51 -24.67
CA ALA D 271 13.82 -22.37 -24.84
C ALA D 271 14.23 -22.74 -26.27
N ALA D 272 14.89 -21.81 -26.94
CA ALA D 272 15.40 -22.04 -28.29
C ALA D 272 16.90 -22.29 -28.33
N GLY D 273 17.55 -22.35 -27.17
CA GLY D 273 18.95 -22.77 -27.10
C GLY D 273 19.86 -21.93 -27.97
N ASP D 274 20.64 -22.62 -28.82
CA ASP D 274 21.50 -21.94 -29.79
C ASP D 274 20.74 -21.33 -30.95
N GLY D 275 19.43 -21.58 -31.04
CA GLY D 275 18.64 -21.16 -32.19
C GLY D 275 17.84 -22.33 -32.73
N VAL D 276 16.61 -22.06 -33.20
CA VAL D 276 15.74 -23.15 -33.63
C VAL D 276 16.24 -23.85 -34.88
N GLU D 277 17.11 -23.20 -35.65
CA GLU D 277 17.63 -23.79 -36.88
C GLU D 277 18.91 -24.58 -36.66
N THR D 278 19.37 -24.71 -35.42
CA THR D 278 20.66 -25.32 -35.12
C THR D 278 20.55 -26.75 -34.63
N GLY D 279 19.35 -27.23 -34.32
CA GLY D 279 19.25 -28.54 -33.70
C GLY D 279 19.78 -28.62 -32.29
N ARG D 280 20.03 -27.49 -31.64
CA ARG D 280 20.42 -27.43 -30.23
C ARG D 280 19.43 -26.48 -29.54
N HIS D 281 18.21 -26.97 -29.30
CA HIS D 281 17.15 -26.16 -28.74
C HIS D 281 16.17 -27.07 -27.99
N ALA D 282 15.19 -26.44 -27.35
CA ALA D 282 14.11 -27.16 -26.68
C ALA D 282 12.76 -26.55 -27.07
N ALA D 283 12.65 -26.06 -28.30
CA ALA D 283 11.46 -25.35 -28.78
C ALA D 283 10.43 -26.37 -29.24
N THR D 284 9.74 -26.96 -28.26
CA THR D 284 8.85 -28.08 -28.53
C THR D 284 7.73 -27.69 -29.48
N PHE D 285 7.05 -26.56 -29.23
CA PHE D 285 5.96 -26.17 -30.11
C PHE D 285 6.46 -25.60 -31.43
N THR D 286 7.61 -24.90 -31.41
CA THR D 286 8.11 -24.29 -32.64
C THR D 286 8.58 -25.35 -33.63
N ALA D 287 9.25 -26.41 -33.15
CA ALA D 287 9.88 -27.37 -34.04
C ALA D 287 9.42 -28.80 -33.84
N GLY D 288 8.54 -29.07 -32.87
CA GLY D 288 8.05 -30.41 -32.62
C GLY D 288 6.78 -30.74 -33.38
N SER D 289 6.20 -31.88 -33.02
CA SER D 289 5.00 -32.37 -33.69
C SER D 289 4.27 -33.30 -32.73
N PRO D 290 2.99 -33.58 -32.96
CA PRO D 290 2.23 -34.44 -32.05
C PRO D 290 2.80 -35.85 -31.97
N GLY D 291 2.64 -36.44 -30.79
CA GLY D 291 3.08 -37.81 -30.55
C GLY D 291 2.91 -38.16 -29.09
N ALA D 292 3.14 -39.44 -28.79
CA ALA D 292 3.07 -39.95 -27.43
C ALA D 292 4.48 -39.97 -26.82
N PHE D 293 4.59 -39.42 -25.62
CA PHE D 293 5.88 -39.32 -24.97
C PHE D 293 5.67 -39.08 -23.48
N HIS D 294 6.32 -39.88 -22.65
CA HIS D 294 6.25 -39.75 -21.19
C HIS D 294 4.81 -39.74 -20.69
N GLY D 295 4.02 -40.72 -21.16
CA GLY D 295 2.71 -40.97 -20.62
C GLY D 295 1.57 -40.15 -21.19
N SER D 296 1.85 -39.19 -22.07
CA SER D 296 0.79 -38.34 -22.60
C SER D 296 0.95 -38.18 -24.10
N PHE D 297 -0.15 -37.82 -24.74
CA PHE D 297 -0.15 -37.42 -26.15
C PHE D 297 -0.14 -35.90 -26.20
N SER D 298 0.93 -35.36 -26.77
CA SER D 298 1.18 -33.92 -26.76
C SER D 298 2.19 -33.63 -27.88
N TYR D 299 2.90 -32.51 -27.78
CA TYR D 299 3.97 -32.19 -28.72
C TYR D 299 5.31 -32.64 -28.16
N LEU D 300 6.21 -33.05 -29.06
CA LEU D 300 7.58 -33.36 -28.68
C LEU D 300 8.48 -33.15 -29.87
N LEU D 301 9.77 -32.94 -29.60
CA LEU D 301 10.80 -33.00 -30.63
C LEU D 301 11.06 -34.47 -30.94
N GLN D 302 10.82 -34.86 -32.19
CA GLN D 302 10.95 -36.25 -32.58
C GLN D 302 11.41 -36.31 -34.03
N ASP D 303 12.11 -37.40 -34.38
CA ASP D 303 12.61 -37.55 -35.74
C ASP D 303 11.54 -38.26 -36.59
N GLU D 304 11.89 -38.61 -37.83
CA GLU D 304 10.91 -39.14 -38.77
C GLU D 304 10.41 -40.53 -38.40
N ASP D 305 11.12 -41.26 -37.54
CA ASP D 305 10.65 -42.53 -37.04
C ASP D 305 9.92 -42.41 -35.71
N GLY D 306 9.86 -41.22 -35.14
CA GLY D 306 9.25 -41.04 -33.84
C GLY D 306 10.20 -41.22 -32.66
N GLN D 307 11.51 -41.21 -32.90
CA GLN D 307 12.46 -41.24 -31.81
C GLN D 307 12.61 -39.85 -31.22
N THR D 308 12.70 -39.78 -29.90
CA THR D 308 12.85 -38.49 -29.23
C THR D 308 14.16 -37.84 -29.63
N ILE D 309 14.09 -36.58 -30.04
CA ILE D 309 15.29 -35.79 -30.28
C ILE D 309 15.71 -35.14 -28.97
N GLU D 310 16.99 -35.22 -28.66
CA GLU D 310 17.47 -34.64 -27.42
C GLU D 310 17.46 -33.13 -27.49
N SER D 311 16.99 -32.51 -26.42
CA SER D 311 16.93 -31.06 -26.33
C SER D 311 18.24 -30.49 -25.79
N HIS D 312 18.42 -29.19 -26.02
CA HIS D 312 19.57 -28.47 -25.47
C HIS D 312 19.14 -27.05 -25.13
N SER D 313 19.54 -26.59 -23.95
CA SER D 313 19.27 -25.22 -23.53
C SER D 313 20.27 -24.88 -22.43
N ILE D 314 20.64 -23.59 -22.36
CA ILE D 314 21.46 -23.14 -21.26
C ILE D 314 20.70 -23.29 -19.94
N SER D 315 19.37 -23.37 -20.01
CA SER D 315 18.53 -23.49 -18.84
C SER D 315 18.21 -24.96 -18.58
N ALA D 316 18.61 -25.46 -17.41
CA ALA D 316 18.30 -26.84 -17.05
C ALA D 316 16.80 -27.07 -16.94
N GLY D 317 16.05 -26.06 -16.49
CA GLY D 317 14.63 -26.24 -16.25
C GLY D 317 13.80 -26.32 -17.51
N LEU D 318 14.27 -25.72 -18.60
CA LEU D 318 13.56 -25.75 -19.87
C LEU D 318 14.15 -26.76 -20.84
N ASP D 319 15.22 -27.46 -20.46
CA ASP D 319 15.93 -28.38 -21.34
C ASP D 319 15.17 -29.70 -21.42
N TYR D 320 14.04 -29.66 -22.13
CA TYR D 320 13.14 -30.78 -22.17
C TYR D 320 12.43 -30.83 -23.51
N PRO D 321 12.49 -31.95 -24.23
CA PRO D 321 11.91 -32.02 -25.59
C PRO D 321 10.39 -32.20 -25.63
N GLY D 322 9.71 -32.31 -24.49
CA GLY D 322 8.28 -32.46 -24.46
C GLY D 322 7.57 -31.23 -23.91
N VAL D 323 6.25 -31.37 -23.77
CA VAL D 323 5.43 -30.32 -23.18
C VAL D 323 4.11 -30.94 -22.75
N GLY D 324 3.49 -30.36 -21.73
CA GLY D 324 2.26 -30.86 -21.18
C GLY D 324 1.09 -30.81 -22.15
N PRO D 325 0.16 -31.76 -22.02
CA PRO D 325 -0.93 -31.87 -23.00
C PRO D 325 -1.92 -30.71 -22.97
N GLU D 326 -2.21 -30.14 -21.80
CA GLU D 326 -3.15 -29.02 -21.79
C GLU D 326 -2.62 -27.84 -22.59
N HIS D 327 -1.31 -27.67 -22.65
CA HIS D 327 -0.73 -26.63 -23.50
C HIS D 327 -0.95 -26.95 -24.98
N ALA D 328 -0.74 -28.20 -25.37
CA ALA D 328 -1.01 -28.61 -26.74
C ALA D 328 -2.47 -28.36 -27.11
N TRP D 329 -3.38 -28.60 -26.17
CA TRP D 329 -4.79 -28.29 -26.40
C TRP D 329 -5.00 -26.79 -26.53
N LEU D 330 -4.40 -25.99 -25.64
CA LEU D 330 -4.57 -24.55 -25.72
C LEU D 330 -3.94 -23.97 -26.98
N LYS D 331 -2.88 -24.60 -27.49
CA LYS D 331 -2.29 -24.14 -28.74
C LYS D 331 -3.19 -24.45 -29.93
N GLU D 332 -3.75 -25.66 -29.97
CA GLU D 332 -4.65 -26.02 -31.05
C GLU D 332 -5.87 -25.11 -31.09
N ALA D 333 -6.39 -24.75 -29.92
CA ALA D 333 -7.56 -23.88 -29.83
C ALA D 333 -7.24 -22.42 -30.12
N GLY D 334 -5.97 -22.06 -30.22
CA GLY D 334 -5.60 -20.67 -30.46
C GLY D 334 -5.71 -19.77 -29.26
N ARG D 335 -5.94 -20.31 -28.06
CA ARG D 335 -6.05 -19.49 -26.87
C ARG D 335 -4.70 -18.98 -26.39
N VAL D 336 -3.64 -19.78 -26.56
CA VAL D 336 -2.29 -19.41 -26.13
C VAL D 336 -1.37 -19.47 -27.34
N ASP D 337 -0.44 -18.52 -27.42
CA ASP D 337 0.60 -18.50 -28.43
C ASP D 337 1.93 -18.87 -27.77
N TYR D 338 2.73 -19.67 -28.47
CA TYR D 338 4.01 -20.16 -27.95
C TYR D 338 5.13 -19.71 -28.87
N ARG D 339 6.16 -19.09 -28.28
CA ARG D 339 7.20 -18.44 -29.06
C ARG D 339 8.58 -18.79 -28.51
N PRO D 340 9.59 -18.86 -29.38
CA PRO D 340 10.93 -19.26 -28.94
C PRO D 340 11.79 -18.09 -28.45
N ILE D 341 12.63 -18.40 -27.46
CA ILE D 341 13.58 -17.46 -26.89
C ILE D 341 14.93 -18.16 -26.78
N THR D 342 15.98 -17.53 -27.32
CA THR D 342 17.30 -18.12 -27.37
C THR D 342 18.05 -17.93 -26.05
N ASP D 343 19.17 -18.65 -25.93
CA ASP D 343 20.06 -18.47 -24.78
C ASP D 343 20.50 -17.02 -24.64
N SER D 344 20.93 -16.42 -25.76
CA SER D 344 21.44 -15.05 -25.71
C SER D 344 20.36 -14.07 -25.28
N GLU D 345 19.16 -14.19 -25.86
CA GLU D 345 18.05 -13.33 -25.48
C GLU D 345 17.73 -13.47 -23.99
N ALA D 346 17.72 -14.70 -23.48
CA ALA D 346 17.40 -14.92 -22.07
C ALA D 346 18.47 -14.31 -21.18
N MET D 347 19.75 -14.54 -21.50
CA MET D 347 20.83 -14.02 -20.66
C MET D 347 20.88 -12.50 -20.67
N ASP D 348 20.58 -11.88 -21.82
CA ASP D 348 20.45 -10.43 -21.85
C ASP D 348 19.38 -9.95 -20.88
N ALA D 349 18.20 -10.58 -20.94
CA ALA D 349 17.13 -10.25 -20.00
C ALA D 349 17.55 -10.55 -18.57
N PHE D 350 18.34 -11.61 -18.37
CA PHE D 350 18.89 -11.92 -17.06
C PHE D 350 19.65 -10.72 -16.50
N GLY D 351 20.66 -10.25 -17.24
CA GLY D 351 21.47 -9.14 -16.77
C GLY D 351 20.66 -7.85 -16.64
N LEU D 352 19.74 -7.62 -17.56
CA LEU D 352 18.93 -6.41 -17.51
C LEU D 352 18.08 -6.38 -16.24
N LEU D 353 17.46 -7.51 -15.88
CA LEU D 353 16.67 -7.55 -14.66
C LEU D 353 17.55 -7.33 -13.43
N CYS D 354 18.79 -7.85 -13.46
CA CYS D 354 19.73 -7.60 -12.36
C CYS D 354 20.00 -6.11 -12.19
N ARG D 355 20.35 -5.42 -13.29
CA ARG D 355 20.77 -4.04 -13.20
C ARG D 355 19.60 -3.07 -13.02
N MET D 356 18.43 -3.41 -13.56
CA MET D 356 17.29 -2.49 -13.53
C MET D 356 16.47 -2.61 -12.26
N GLU D 357 16.24 -3.83 -11.78
CA GLU D 357 15.35 -4.05 -10.65
C GLU D 357 16.02 -4.71 -9.45
N GLY D 358 17.29 -5.09 -9.55
CA GLY D 358 17.93 -5.77 -8.43
C GLY D 358 17.39 -7.14 -8.14
N ILE D 359 16.81 -7.81 -9.13
CA ILE D 359 16.29 -9.16 -8.98
C ILE D 359 17.13 -10.08 -9.85
N ILE D 360 17.74 -11.10 -9.26
CA ILE D 360 18.49 -12.10 -9.99
C ILE D 360 17.54 -13.24 -10.31
N PRO D 361 17.10 -13.40 -11.56
CA PRO D 361 16.09 -14.41 -11.87
C PRO D 361 16.73 -15.76 -12.16
N ALA D 362 15.90 -16.80 -12.05
CA ALA D 362 16.27 -18.08 -12.63
C ALA D 362 16.43 -17.90 -14.14
N ILE D 363 17.40 -18.61 -14.72
CA ILE D 363 17.62 -18.52 -16.16
C ILE D 363 16.35 -18.95 -16.90
N GLU D 364 15.58 -19.87 -16.31
CA GLU D 364 14.27 -20.20 -16.86
C GLU D 364 13.39 -18.97 -16.97
N SER D 365 13.20 -18.25 -15.85
CA SER D 365 12.31 -17.10 -15.82
C SER D 365 12.82 -15.96 -16.70
N ALA D 366 14.13 -15.89 -16.90
CA ALA D 366 14.69 -14.87 -17.78
C ALA D 366 14.20 -15.03 -19.22
N HIS D 367 13.84 -16.25 -19.62
CA HIS D 367 13.22 -16.45 -20.93
C HIS D 367 11.90 -15.70 -21.01
N ALA D 368 11.11 -15.75 -19.93
CA ALA D 368 9.82 -15.05 -19.93
C ALA D 368 10.02 -13.54 -19.90
N VAL D 369 11.02 -13.06 -19.15
CA VAL D 369 11.33 -11.63 -19.16
C VAL D 369 11.77 -11.21 -20.56
N ALA D 370 12.59 -12.03 -21.21
CA ALA D 370 13.04 -11.71 -22.56
C ALA D 370 11.86 -11.59 -23.52
N GLY D 371 10.92 -12.53 -23.43
CA GLY D 371 9.74 -12.45 -24.26
C GLY D 371 8.84 -11.30 -23.88
N ALA D 372 8.76 -10.98 -22.58
CA ALA D 372 7.97 -9.83 -22.15
C ALA D 372 8.51 -8.54 -22.76
N LEU D 373 9.83 -8.40 -22.83
CA LEU D 373 10.43 -7.22 -23.45
C LEU D 373 9.99 -7.07 -24.89
N LYS D 374 10.04 -8.16 -25.66
CA LYS D 374 9.64 -8.10 -27.05
C LYS D 374 8.14 -7.84 -27.19
N LEU D 375 7.34 -8.42 -26.30
CA LEU D 375 5.90 -8.19 -26.36
C LEU D 375 5.54 -6.77 -25.96
N GLY D 376 6.34 -6.15 -25.09
CA GLY D 376 6.09 -4.76 -24.75
C GLY D 376 6.31 -3.83 -25.93
N VAL D 377 7.35 -4.08 -26.71
CA VAL D 377 7.58 -3.31 -27.93
C VAL D 377 6.40 -3.48 -28.90
N GLU D 378 5.83 -4.69 -28.94
CA GLU D 378 4.65 -4.93 -29.76
C GLU D 378 3.47 -4.11 -29.29
N LEU D 379 3.13 -4.23 -28.00
CA LEU D 379 1.86 -3.69 -27.50
C LEU D 379 1.91 -2.19 -27.30
N GLY D 380 3.08 -1.62 -26.98
CA GLY D 380 3.21 -0.17 -26.90
C GLY D 380 3.06 0.38 -25.50
N ARG D 381 3.12 1.72 -25.44
CA ARG D 381 3.10 2.43 -24.17
C ARG D 381 1.79 2.17 -23.43
N GLY D 382 1.89 1.95 -22.12
CA GLY D 382 0.73 1.78 -21.27
C GLY D 382 0.14 0.38 -21.24
N ALA D 383 0.57 -0.51 -22.12
CA ALA D 383 0.08 -1.88 -22.09
C ALA D 383 0.55 -2.57 -20.81
N VAL D 384 -0.32 -3.41 -20.24
CA VAL D 384 -0.07 -4.08 -18.98
C VAL D 384 0.23 -5.54 -19.26
N ILE D 385 1.46 -5.96 -18.94
CA ILE D 385 1.94 -7.31 -19.20
C ILE D 385 2.34 -7.93 -17.87
N VAL D 386 1.67 -9.01 -17.50
CA VAL D 386 2.00 -9.75 -16.28
C VAL D 386 2.94 -10.90 -16.65
N VAL D 387 4.04 -11.01 -15.93
CA VAL D 387 5.08 -12.00 -16.19
C VAL D 387 5.24 -12.87 -14.95
N ASN D 388 5.16 -14.18 -15.14
CA ASN D 388 5.47 -15.10 -14.05
C ASN D 388 6.98 -15.16 -13.88
N LEU D 389 7.47 -14.65 -12.75
CA LEU D 389 8.89 -14.79 -12.41
C LEU D 389 9.01 -16.07 -11.60
N SER D 390 9.26 -17.17 -12.30
CA SER D 390 9.03 -18.49 -11.71
C SER D 390 10.01 -18.81 -10.59
N GLY D 391 11.25 -18.34 -10.67
CA GLY D 391 12.20 -18.64 -9.62
C GLY D 391 13.33 -17.64 -9.57
N ARG D 392 14.13 -17.74 -8.51
N ARG D 392 14.12 -17.75 -8.50
CA ARG D 392 15.31 -16.91 -8.33
CA ARG D 392 15.31 -16.91 -8.33
C ARG D 392 16.54 -17.64 -8.83
C ARG D 392 16.53 -17.64 -8.88
N GLY D 393 17.57 -16.87 -9.17
CA GLY D 393 18.73 -17.40 -9.86
C GLY D 393 19.96 -17.77 -9.05
N ASP D 394 19.79 -18.05 -7.75
CA ASP D 394 20.91 -18.52 -6.93
C ASP D 394 21.60 -19.71 -7.57
N LYS D 395 20.81 -20.67 -8.06
CA LYS D 395 21.36 -21.86 -8.70
C LYS D 395 22.14 -21.54 -9.96
N ASP D 396 21.91 -20.39 -10.57
CA ASP D 396 22.48 -20.03 -11.87
C ASP D 396 23.61 -19.01 -11.76
N VAL D 397 24.00 -18.63 -10.54
CA VAL D 397 24.92 -17.50 -10.38
C VAL D 397 26.27 -17.80 -11.02
N GLU D 398 26.76 -19.04 -10.87
CA GLU D 398 28.00 -19.42 -11.52
C GLU D 398 27.88 -19.34 -13.04
N THR D 399 26.82 -19.92 -13.59
CA THR D 399 26.62 -19.90 -15.04
C THR D 399 26.56 -18.47 -15.56
N ALA D 400 25.80 -17.61 -14.88
CA ALA D 400 25.65 -16.23 -15.31
C ALA D 400 26.97 -15.47 -15.18
N ALA D 401 27.70 -15.69 -14.09
CA ALA D 401 28.97 -15.00 -13.89
C ALA D 401 29.95 -15.33 -15.01
N LYS D 402 29.99 -16.59 -15.43
CA LYS D 402 30.86 -16.96 -16.55
C LYS D 402 30.38 -16.31 -17.85
N TRP D 403 29.06 -16.22 -18.03
CA TRP D 403 28.52 -15.61 -19.25
C TRP D 403 28.92 -14.15 -19.38
N PHE D 404 28.86 -13.40 -18.27
CA PHE D 404 29.17 -11.97 -18.28
C PHE D 404 30.62 -11.67 -17.94
N GLY D 405 31.48 -12.68 -17.83
CA GLY D 405 32.89 -12.46 -17.53
C GLY D 405 33.15 -11.86 -16.17
N LEU D 406 32.44 -12.33 -15.15
CA LEU D 406 32.62 -11.81 -13.80
C LEU D 406 33.30 -12.84 -12.91
N LEU D 407 34.40 -13.40 -13.40
CA LEU D 407 35.14 -14.42 -12.65
C LEU D 407 36.58 -13.97 -12.40
N ALA E 9 10.40 74.85 -12.33
CA ALA E 9 9.36 75.61 -13.01
C ALA E 9 8.15 74.74 -13.32
N SER E 10 7.25 74.63 -12.35
CA SER E 10 6.06 73.80 -12.52
C SER E 10 4.97 74.55 -13.27
N ARG E 11 3.90 73.82 -13.61
CA ARG E 11 2.79 74.38 -14.37
C ARG E 11 1.71 74.99 -13.49
N LEU E 12 1.49 74.46 -12.30
CA LEU E 12 0.52 75.01 -11.37
C LEU E 12 1.15 75.99 -10.38
N GLY E 13 2.46 76.16 -10.40
CA GLY E 13 3.17 77.07 -9.54
C GLY E 13 2.60 78.48 -9.55
N PRO E 14 2.44 79.08 -10.73
CA PRO E 14 1.84 80.42 -10.79
C PRO E 14 0.48 80.54 -10.12
N VAL E 15 -0.32 79.48 -10.10
CA VAL E 15 -1.65 79.56 -9.50
C VAL E 15 -1.54 79.63 -7.98
N PHE E 16 -0.60 78.90 -7.40
CA PHE E 16 -0.42 78.94 -5.95
C PHE E 16 0.29 80.21 -5.50
N ASP E 17 1.16 80.77 -6.34
CA ASP E 17 1.77 82.05 -6.02
C ASP E 17 0.73 83.16 -6.00
N SER E 18 -0.12 83.20 -7.04
CA SER E 18 -1.18 84.21 -7.09
C SER E 18 -2.18 84.05 -5.96
N CYS E 19 -2.23 82.89 -5.31
CA CYS E 19 -3.04 82.71 -4.11
C CYS E 19 -2.29 83.11 -2.85
N ARG E 20 -0.97 82.94 -2.82
CA ARG E 20 -0.17 83.45 -1.72
C ARG E 20 -0.22 84.98 -1.68
N ALA E 21 0.15 85.62 -2.79
CA ALA E 21 0.16 87.08 -2.86
C ALA E 21 -1.24 87.66 -2.70
N ASN E 22 -2.29 86.86 -2.89
CA ASN E 22 -3.65 87.29 -2.65
C ASN E 22 -4.16 86.90 -1.27
N ASN E 23 -3.31 86.29 -0.44
CA ASN E 23 -3.64 85.97 0.96
C ASN E 23 -4.85 85.05 1.04
N ARG E 24 -4.76 83.93 0.35
CA ARG E 24 -5.84 82.94 0.35
C ARG E 24 -5.32 81.61 -0.14
N ALA E 25 -6.16 80.59 -0.01
CA ALA E 25 -5.87 79.26 -0.52
C ALA E 25 -6.63 79.03 -1.83
N ALA E 26 -6.09 78.12 -2.64
CA ALA E 26 -6.72 77.80 -3.91
C ALA E 26 -7.89 76.84 -3.71
N LEU E 27 -8.97 77.09 -4.44
CA LEU E 27 -10.13 76.20 -4.42
C LEU E 27 -9.98 75.20 -5.55
N ILE E 28 -9.75 73.93 -5.21
CA ILE E 28 -9.54 72.85 -6.16
C ILE E 28 -10.79 71.99 -6.20
N GLY E 29 -11.45 71.95 -7.36
CA GLY E 29 -12.71 71.26 -7.52
C GLY E 29 -12.57 70.05 -8.41
N TYR E 30 -13.27 68.97 -8.05
CA TYR E 30 -13.28 67.72 -8.80
C TYR E 30 -14.67 67.48 -9.35
N LEU E 31 -14.74 67.04 -10.61
CA LEU E 31 -15.97 66.57 -11.21
C LEU E 31 -15.65 65.44 -12.17
N PRO E 32 -16.47 64.39 -12.22
CA PRO E 32 -16.21 63.28 -13.14
C PRO E 32 -16.78 63.57 -14.53
N THR E 33 -15.96 63.30 -15.55
CA THR E 33 -16.42 63.45 -16.93
C THR E 33 -17.62 62.56 -17.18
N GLY E 34 -18.65 63.12 -17.80
CA GLY E 34 -19.79 62.34 -18.22
C GLY E 34 -20.88 62.15 -17.20
N TYR E 35 -20.85 62.88 -16.08
CA TYR E 35 -21.95 62.83 -15.14
C TYR E 35 -22.67 64.17 -15.10
N PRO E 36 -24.01 64.20 -15.28
CA PRO E 36 -24.89 63.04 -15.53
C PRO E 36 -24.81 62.55 -16.97
N ASP E 37 -24.27 63.38 -17.85
CA ASP E 37 -23.87 62.98 -19.19
C ASP E 37 -22.71 63.85 -19.60
N VAL E 38 -22.11 63.53 -20.75
CA VAL E 38 -20.93 64.27 -21.20
C VAL E 38 -21.23 65.74 -21.45
N PRO E 39 -22.30 66.12 -22.17
CA PRO E 39 -22.58 67.56 -22.32
C PRO E 39 -22.83 68.29 -21.01
N ALA E 40 -23.68 67.73 -20.15
CA ALA E 40 -23.98 68.39 -18.88
C ALA E 40 -22.75 68.48 -17.98
N SER E 41 -21.87 67.49 -18.05
CA SER E 41 -20.66 67.53 -17.22
C SER E 41 -19.73 68.67 -17.66
N VAL E 42 -19.72 68.99 -18.96
CA VAL E 42 -18.92 70.12 -19.42
C VAL E 42 -19.56 71.43 -18.97
N ALA E 43 -20.89 71.49 -18.98
CA ALA E 43 -21.58 72.69 -18.48
C ALA E 43 -21.31 72.90 -17.00
N ALA E 44 -21.18 71.82 -16.23
CA ALA E 44 -20.89 71.95 -14.81
C ALA E 44 -19.45 72.35 -14.57
N MET E 45 -18.50 71.75 -15.29
CA MET E 45 -17.09 72.10 -15.12
C MET E 45 -16.84 73.54 -15.53
N THR E 46 -17.52 74.00 -16.59
CA THR E 46 -17.46 75.41 -16.95
C THR E 46 -17.99 76.28 -15.82
N ALA E 47 -19.13 75.88 -15.24
CA ALA E 47 -19.70 76.64 -14.12
C ALA E 47 -18.71 76.76 -12.97
N LEU E 48 -17.87 75.74 -12.77
CA LEU E 48 -16.86 75.82 -11.71
C LEU E 48 -15.87 76.95 -11.97
N VAL E 49 -15.38 77.06 -13.21
CA VAL E 49 -14.47 78.14 -13.55
C VAL E 49 -15.13 79.49 -13.35
N GLU E 50 -16.39 79.62 -13.77
CA GLU E 50 -17.12 80.87 -13.60
C GLU E 50 -17.40 81.17 -12.14
N SER E 51 -17.64 80.14 -11.32
CA SER E 51 -17.98 80.33 -9.91
C SER E 51 -16.76 80.41 -9.02
N GLY E 52 -15.56 80.52 -9.60
CA GLY E 52 -14.36 80.77 -8.83
C GLY E 52 -13.50 79.58 -8.46
N CYS E 53 -13.49 78.54 -9.28
CA CYS E 53 -12.60 77.40 -9.04
C CYS E 53 -11.24 77.69 -9.66
N ASP E 54 -10.20 77.70 -8.83
CA ASP E 54 -8.86 78.01 -9.31
C ASP E 54 -8.24 76.86 -10.08
N ILE E 55 -8.56 75.62 -9.69
CA ILE E 55 -8.06 74.42 -10.35
C ILE E 55 -9.20 73.42 -10.45
N ILE E 56 -9.39 72.87 -11.64
CA ILE E 56 -10.44 71.88 -11.90
C ILE E 56 -9.80 70.51 -11.98
N GLU E 57 -10.26 69.58 -11.15
CA GLU E 57 -9.84 68.18 -11.22
C GLU E 57 -10.82 67.43 -12.11
N VAL E 58 -10.38 67.08 -13.32
CA VAL E 58 -11.22 66.34 -14.26
C VAL E 58 -11.02 64.85 -13.98
N GLY E 59 -12.06 64.20 -13.47
CA GLY E 59 -11.97 62.79 -13.08
C GLY E 59 -12.32 61.86 -14.22
N VAL E 60 -11.50 60.85 -14.42
CA VAL E 60 -11.74 59.81 -15.42
C VAL E 60 -12.53 58.69 -14.74
N PRO E 61 -13.78 58.46 -15.12
CA PRO E 61 -14.55 57.36 -14.51
C PRO E 61 -13.87 56.02 -14.74
N TYR E 62 -13.83 55.22 -13.67
CA TYR E 62 -13.17 53.92 -13.66
C TYR E 62 -14.12 52.87 -13.10
N SER E 63 -14.04 51.65 -13.65
CA SER E 63 -15.01 50.62 -13.33
C SER E 63 -14.87 50.09 -11.89
N ASP E 64 -13.69 50.21 -11.29
CA ASP E 64 -13.48 49.73 -9.92
C ASP E 64 -12.75 50.79 -9.11
N PRO E 65 -13.45 51.89 -8.75
CA PRO E 65 -12.83 53.01 -8.03
C PRO E 65 -12.80 52.80 -6.51
N GLY E 66 -11.85 51.99 -6.07
CA GLY E 66 -11.79 51.59 -4.68
C GLY E 66 -11.50 52.72 -3.72
N MET E 67 -10.73 53.72 -4.16
N MET E 67 -10.74 53.73 -4.16
CA MET E 67 -10.37 54.84 -3.30
CA MET E 67 -10.38 54.83 -3.28
C MET E 67 -11.43 55.93 -3.23
C MET E 67 -11.47 55.89 -3.18
N ASP E 68 -12.54 55.78 -3.95
CA ASP E 68 -13.59 56.79 -3.98
C ASP E 68 -14.75 56.40 -3.07
N GLY E 69 -15.39 57.42 -2.51
CA GLY E 69 -16.58 57.22 -1.71
C GLY E 69 -17.80 56.97 -2.56
N PRO E 70 -18.91 56.63 -1.89
CA PRO E 70 -20.11 56.22 -2.65
C PRO E 70 -20.71 57.32 -3.51
N THR E 71 -20.53 58.59 -3.14
CA THR E 71 -21.08 59.66 -3.97
C THR E 71 -20.37 59.76 -5.31
N ILE E 72 -19.04 59.81 -5.29
CA ILE E 72 -18.28 59.81 -6.53
C ILE E 72 -18.39 58.47 -7.24
N ALA E 73 -18.39 57.37 -6.48
CA ALA E 73 -18.46 56.05 -7.10
C ALA E 73 -19.77 55.84 -7.85
N ARG E 74 -20.89 56.27 -7.25
CA ARG E 74 -22.17 56.13 -7.94
C ARG E 74 -22.27 57.07 -9.14
N ALA E 75 -21.62 58.25 -9.06
CA ALA E 75 -21.61 59.15 -10.20
C ALA E 75 -20.84 58.57 -11.37
N THR E 76 -19.68 57.96 -11.09
CA THR E 76 -18.89 57.38 -12.16
C THR E 76 -19.57 56.15 -12.77
N GLU E 77 -20.29 55.37 -11.95
CA GLU E 77 -21.06 54.25 -12.48
C GLU E 77 -22.06 54.72 -13.53
N ALA E 78 -22.82 55.76 -13.21
CA ALA E 78 -23.80 56.28 -14.16
C ALA E 78 -23.13 56.86 -15.39
N ALA E 79 -21.97 57.51 -15.20
CA ALA E 79 -21.24 58.04 -16.35
C ALA E 79 -20.82 56.92 -17.29
N LEU E 80 -20.38 55.79 -16.74
CA LEU E 80 -19.97 54.66 -17.57
C LEU E 80 -21.18 53.97 -18.20
N ARG E 81 -22.29 53.89 -17.46
CA ARG E 81 -23.51 53.37 -18.07
C ARG E 81 -24.00 54.26 -19.21
N GLY E 82 -23.73 55.56 -19.12
CA GLY E 82 -24.02 56.48 -20.21
C GLY E 82 -23.05 56.44 -21.36
N GLY E 83 -21.96 55.68 -21.22
CA GLY E 83 -21.02 55.49 -22.31
C GLY E 83 -19.86 56.45 -22.35
N VAL E 84 -19.50 57.06 -21.23
CA VAL E 84 -18.38 58.00 -21.22
C VAL E 84 -17.11 57.30 -21.68
N ARG E 85 -16.28 58.02 -22.41
CA ARG E 85 -15.00 57.52 -22.86
C ARG E 85 -13.89 58.37 -22.27
N VAL E 86 -12.67 57.82 -22.29
CA VAL E 86 -11.51 58.59 -21.81
C VAL E 86 -11.27 59.80 -22.69
N ARG E 87 -11.53 59.68 -24.00
CA ARG E 87 -11.39 60.82 -24.88
C ARG E 87 -12.34 61.95 -24.48
N ASP E 88 -13.51 61.62 -23.92
CA ASP E 88 -14.41 62.64 -23.42
C ASP E 88 -13.75 63.48 -22.32
N THR E 89 -12.84 62.88 -21.55
CA THR E 89 -12.12 63.63 -20.53
C THR E 89 -11.18 64.65 -21.15
N LEU E 90 -10.46 64.26 -22.21
CA LEU E 90 -9.61 65.22 -22.90
C LEU E 90 -10.43 66.32 -23.57
N ALA E 91 -11.62 65.97 -24.07
CA ALA E 91 -12.49 66.99 -24.64
C ALA E 91 -12.93 67.98 -23.57
N ALA E 92 -13.20 67.51 -22.36
CA ALA E 92 -13.57 68.41 -21.27
C ALA E 92 -12.40 69.29 -20.84
N VAL E 93 -11.19 68.73 -20.85
CA VAL E 93 -10.01 69.52 -20.51
C VAL E 93 -9.84 70.68 -21.50
N GLU E 94 -10.09 70.41 -22.78
CA GLU E 94 -9.97 71.46 -23.79
C GLU E 94 -11.01 72.55 -23.56
N ALA E 95 -12.26 72.16 -23.30
CA ALA E 95 -13.32 73.15 -23.07
C ALA E 95 -13.06 73.98 -21.83
N ILE E 96 -12.42 73.39 -20.81
CA ILE E 96 -12.11 74.15 -19.61
C ILE E 96 -11.01 75.17 -19.89
N SER E 97 -9.99 74.77 -20.64
CA SER E 97 -8.87 75.68 -20.91
C SER E 97 -9.32 76.87 -21.75
N ILE E 98 -10.07 76.62 -22.84
CA ILE E 98 -10.49 77.71 -23.71
C ILE E 98 -11.51 78.62 -23.01
N ALA E 99 -12.17 78.13 -21.96
CA ALA E 99 -13.04 78.96 -21.14
C ALA E 99 -12.28 79.67 -20.02
N GLY E 100 -10.95 79.61 -20.03
CA GLY E 100 -10.15 80.32 -19.04
C GLY E 100 -9.87 79.57 -17.76
N GLY E 101 -10.09 78.26 -17.73
CA GLY E 101 -9.84 77.49 -16.52
C GLY E 101 -8.48 76.84 -16.48
N ARG E 102 -8.18 76.23 -15.34
CA ARG E 102 -6.96 75.46 -15.13
C ARG E 102 -7.36 74.05 -14.75
N ALA E 103 -7.12 73.09 -15.64
CA ALA E 103 -7.60 71.73 -15.49
C ALA E 103 -6.44 70.76 -15.30
N VAL E 104 -6.57 69.87 -14.32
CA VAL E 104 -5.77 68.66 -14.22
C VAL E 104 -6.71 67.47 -14.34
N VAL E 105 -6.12 66.29 -14.49
CA VAL E 105 -6.88 65.05 -14.62
C VAL E 105 -6.53 64.14 -13.44
N MET E 106 -7.56 63.71 -12.72
CA MET E 106 -7.42 62.67 -11.71
C MET E 106 -7.93 61.36 -12.28
N THR E 107 -7.09 60.32 -12.24
CA THR E 107 -7.43 59.07 -12.88
C THR E 107 -6.75 57.91 -12.18
N TYR E 108 -7.43 56.77 -12.16
CA TYR E 108 -6.77 55.52 -11.86
C TYR E 108 -5.83 55.17 -13.02
N TRP E 109 -4.87 54.28 -12.75
CA TRP E 109 -3.75 54.17 -13.66
C TRP E 109 -4.01 53.26 -14.85
N ASN E 110 -4.86 52.24 -14.70
CA ASN E 110 -5.07 51.31 -15.82
C ASN E 110 -5.61 51.98 -17.07
N PRO E 111 -6.59 52.91 -17.02
CA PRO E 111 -6.98 53.60 -18.25
C PRO E 111 -5.82 54.34 -18.90
N VAL E 112 -4.86 54.82 -18.12
CA VAL E 112 -3.67 55.45 -18.69
C VAL E 112 -2.80 54.40 -19.37
N LEU E 113 -2.64 53.24 -18.75
CA LEU E 113 -1.87 52.16 -19.36
C LEU E 113 -2.50 51.71 -20.67
N ARG E 114 -3.82 51.58 -20.70
CA ARG E 114 -4.52 51.14 -21.91
C ARG E 114 -4.33 52.14 -23.03
N TYR E 115 -4.49 53.44 -22.72
CA TYR E 115 -4.30 54.50 -23.71
C TYR E 115 -2.86 54.57 -24.18
N GLY E 116 -1.91 54.24 -23.31
CA GLY E 116 -0.51 54.48 -23.57
C GLY E 116 -0.04 55.67 -22.76
N VAL E 117 0.96 55.48 -21.91
CA VAL E 117 1.34 56.51 -20.95
C VAL E 117 1.84 57.77 -21.68
N ASP E 118 2.79 57.59 -22.59
CA ASP E 118 3.34 58.73 -23.30
C ASP E 118 2.30 59.39 -24.19
N ALA E 119 1.55 58.57 -24.94
CA ALA E 119 0.50 59.11 -25.80
C ALA E 119 -0.55 59.86 -25.01
N PHE E 120 -0.84 59.40 -23.78
CA PHE E 120 -1.82 60.11 -22.96
C PHE E 120 -1.25 61.40 -22.41
N ALA E 121 0.04 61.41 -22.03
CA ALA E 121 0.66 62.64 -21.59
C ALA E 121 0.66 63.68 -22.71
N ARG E 122 0.92 63.23 -23.94
CA ARG E 122 0.95 64.14 -25.08
C ARG E 122 -0.43 64.72 -25.36
N ASP E 123 -1.45 63.86 -25.47
CA ASP E 123 -2.79 64.33 -25.79
C ASP E 123 -3.37 65.18 -24.67
N LEU E 124 -2.95 64.93 -23.42
CA LEU E 124 -3.40 65.77 -22.31
C LEU E 124 -2.78 67.16 -22.39
N ALA E 125 -1.47 67.23 -22.66
CA ALA E 125 -0.81 68.52 -22.82
C ALA E 125 -1.40 69.28 -24.00
N ALA E 126 -1.63 68.59 -25.12
CA ALA E 126 -2.17 69.25 -26.30
C ALA E 126 -3.57 69.78 -26.05
N ALA E 127 -4.33 69.14 -25.18
CA ALA E 127 -5.68 69.60 -24.84
C ALA E 127 -5.68 70.75 -23.85
N GLY E 128 -4.51 71.21 -23.41
CA GLY E 128 -4.43 72.25 -22.40
C GLY E 128 -4.30 71.77 -20.98
N GLY E 129 -4.12 70.46 -20.78
CA GLY E 129 -4.03 69.93 -19.43
C GLY E 129 -2.74 70.34 -18.74
N LEU E 130 -2.82 70.56 -17.44
CA LEU E 130 -1.68 71.02 -16.66
C LEU E 130 -0.97 69.92 -15.90
N GLY E 131 -1.70 68.91 -15.44
CA GLY E 131 -1.07 67.86 -14.68
C GLY E 131 -1.97 66.65 -14.54
N LEU E 132 -1.49 65.69 -13.74
CA LEU E 132 -2.16 64.42 -13.55
C LEU E 132 -2.09 64.03 -12.08
N ILE E 133 -3.24 63.74 -11.49
CA ILE E 133 -3.33 63.20 -10.13
C ILE E 133 -3.52 61.71 -10.25
N THR E 134 -2.64 60.94 -9.58
CA THR E 134 -2.56 59.49 -9.74
C THR E 134 -2.76 58.82 -8.38
N PRO E 135 -4.02 58.61 -7.98
CA PRO E 135 -4.27 58.08 -6.63
C PRO E 135 -3.80 56.64 -6.40
N ASP E 136 -3.69 55.81 -7.45
CA ASP E 136 -3.24 54.42 -7.25
C ASP E 136 -1.87 54.17 -7.91
N LEU E 137 -1.12 55.21 -8.21
CA LEU E 137 0.23 55.09 -8.73
C LEU E 137 1.18 55.71 -7.70
N ILE E 138 2.02 54.86 -7.10
CA ILE E 138 3.07 55.33 -6.18
C ILE E 138 4.33 55.57 -7.01
N PRO E 139 5.30 56.34 -6.50
CA PRO E 139 6.53 56.57 -7.30
C PRO E 139 7.28 55.30 -7.63
N ASP E 140 7.13 54.24 -6.81
CA ASP E 140 7.81 52.98 -7.05
C ASP E 140 7.46 52.38 -8.42
N GLU E 141 6.31 52.74 -8.98
CA GLU E 141 5.86 52.19 -10.25
C GLU E 141 5.76 53.24 -11.34
N ALA E 142 6.30 54.44 -11.13
CA ALA E 142 6.02 55.59 -11.97
C ALA E 142 7.15 55.92 -12.95
N GLN E 143 7.95 54.93 -13.33
CA GLN E 143 9.06 55.17 -14.27
C GLN E 143 8.55 55.80 -15.57
N GLN E 144 7.60 55.14 -16.22
CA GLN E 144 7.08 55.64 -17.48
C GLN E 144 6.40 57.00 -17.32
N TRP E 145 5.76 57.23 -16.18
CA TRP E 145 5.06 58.50 -15.94
C TRP E 145 6.03 59.64 -15.66
N LEU E 146 7.12 59.37 -14.92
CA LEU E 146 8.14 60.38 -14.71
C LEU E 146 8.72 60.86 -16.03
N ALA E 147 9.00 59.92 -16.94
CA ALA E 147 9.50 60.30 -18.26
C ALA E 147 8.44 61.06 -19.06
N ALA E 148 7.18 60.61 -18.99
CA ALA E 148 6.13 61.27 -19.75
C ALA E 148 5.80 62.64 -19.18
N SER E 149 5.94 62.84 -17.87
CA SER E 149 5.65 64.15 -17.28
C SER E 149 6.76 65.16 -17.60
N GLU E 150 8.01 64.71 -17.69
CA GLU E 150 9.10 65.59 -18.08
C GLU E 150 9.01 65.95 -19.56
N GLU E 151 8.78 64.95 -20.41
CA GLU E 151 8.74 65.17 -21.85
C GLU E 151 7.67 66.20 -22.22
N HIS E 152 6.45 66.03 -21.71
CA HIS E 152 5.33 66.84 -22.13
C HIS E 152 4.98 67.94 -21.12
N ARG E 153 5.89 68.23 -20.18
CA ARG E 153 5.79 69.39 -19.28
C ARG E 153 4.48 69.37 -18.49
N LEU E 154 4.22 68.25 -17.83
CA LEU E 154 3.02 68.06 -17.04
C LEU E 154 3.38 67.89 -15.57
N ASP E 155 2.54 68.43 -14.69
CA ASP E 155 2.74 68.25 -13.26
C ASP E 155 2.28 66.86 -12.83
N ARG E 156 2.89 66.35 -11.78
CA ARG E 156 2.58 65.02 -11.25
C ARG E 156 2.24 65.14 -9.77
N ILE E 157 0.96 64.97 -9.44
CA ILE E 157 0.46 65.13 -8.08
C ILE E 157 0.30 63.73 -7.51
N PHE E 158 1.24 63.34 -6.64
CA PHE E 158 1.12 62.10 -5.89
C PHE E 158 0.42 62.36 -4.55
N LEU E 159 -0.05 61.28 -3.94
CA LEU E 159 -0.77 61.36 -2.68
C LEU E 159 0.12 60.93 -1.53
N VAL E 160 -0.02 61.62 -0.40
CA VAL E 160 0.52 61.16 0.88
C VAL E 160 -0.66 60.88 1.80
N ALA E 161 -0.38 60.13 2.86
CA ALA E 161 -1.40 59.70 3.81
C ALA E 161 -0.87 59.85 5.22
N PRO E 162 -1.76 59.99 6.20
CA PRO E 162 -1.28 60.07 7.60
C PRO E 162 -0.43 58.88 8.03
N SER E 163 -0.61 57.72 7.39
CA SER E 163 0.15 56.53 7.75
C SER E 163 1.48 56.43 7.02
N SER E 164 1.80 57.39 6.14
CA SER E 164 3.05 57.35 5.40
C SER E 164 4.23 57.35 6.37
N THR E 165 5.15 56.40 6.18
CA THR E 165 6.40 56.44 6.91
C THR E 165 7.16 57.71 6.53
N PRO E 166 8.08 58.18 7.38
CA PRO E 166 8.86 59.37 7.01
C PRO E 166 9.63 59.18 5.72
N GLU E 167 10.18 57.98 5.50
CA GLU E 167 10.98 57.73 4.29
C GLU E 167 10.11 57.72 3.05
N ARG E 168 8.89 57.18 3.15
CA ARG E 168 8.00 57.17 2.00
C ARG E 168 7.37 58.53 1.75
N LEU E 169 7.07 59.29 2.81
CA LEU E 169 6.57 60.64 2.63
C LEU E 169 7.60 61.51 1.94
N ALA E 170 8.86 61.41 2.35
CA ALA E 170 9.91 62.22 1.72
C ALA E 170 10.03 61.90 0.23
N ALA E 171 10.10 60.61 -0.11
CA ALA E 171 10.30 60.22 -1.50
C ALA E 171 9.09 60.60 -2.36
N THR E 172 7.89 60.48 -1.81
CA THR E 172 6.69 60.82 -2.57
C THR E 172 6.63 62.33 -2.84
N VAL E 173 7.02 63.14 -1.86
CA VAL E 173 7.02 64.59 -2.04
C VAL E 173 8.07 64.99 -3.06
N GLU E 174 9.26 64.38 -3.01
CA GLU E 174 10.32 64.72 -3.93
C GLU E 174 9.94 64.39 -5.37
N ALA E 175 9.11 63.37 -5.57
CA ALA E 175 8.70 62.97 -6.92
C ALA E 175 7.53 63.78 -7.45
N SER E 176 6.95 64.67 -6.66
CA SER E 176 5.78 65.42 -7.07
C SER E 176 6.17 66.77 -7.68
N ARG E 177 5.32 67.24 -8.59
CA ARG E 177 5.41 68.60 -9.12
C ARG E 177 4.01 69.20 -9.11
N GLY E 178 3.94 70.51 -8.85
CA GLY E 178 2.65 71.17 -8.76
C GLY E 178 2.17 71.26 -7.32
N PHE E 179 1.67 70.15 -6.78
CA PHE E 179 1.35 70.07 -5.37
C PHE E 179 1.24 68.61 -4.96
N VAL E 180 1.20 68.39 -3.64
CA VAL E 180 1.06 67.07 -3.06
C VAL E 180 -0.33 66.96 -2.45
N TYR E 181 -1.01 65.85 -2.73
CA TYR E 181 -2.40 65.63 -2.34
C TYR E 181 -2.40 64.93 -0.97
N ALA E 182 -2.66 65.69 0.09
CA ALA E 182 -2.74 65.14 1.44
C ALA E 182 -4.18 64.70 1.70
N ALA E 183 -4.41 63.39 1.70
CA ALA E 183 -5.75 62.82 1.78
C ALA E 183 -5.97 62.17 3.13
N SER E 184 -7.10 62.49 3.76
CA SER E 184 -7.50 61.88 5.02
C SER E 184 -8.93 61.37 4.95
N GLN E 197 -7.28 65.60 13.95
CA GLN E 197 -6.34 66.66 13.59
C GLN E 197 -5.14 66.11 12.84
N ALA E 198 -5.37 65.07 12.04
CA ALA E 198 -4.28 64.48 11.27
C ALA E 198 -3.98 65.25 10.00
N ALA E 199 -4.96 65.97 9.46
CA ALA E 199 -4.73 66.75 8.25
C ALA E 199 -3.66 67.83 8.45
N PRO E 200 -3.74 68.71 9.45
CA PRO E 200 -2.65 69.68 9.62
C PRO E 200 -1.33 69.03 10.00
N GLU E 201 -1.39 67.96 10.79
CA GLU E 201 -0.17 67.25 11.16
C GLU E 201 0.52 66.65 9.94
N LEU E 202 -0.26 66.12 9.00
CA LEU E 202 0.33 65.58 7.77
C LEU E 202 0.92 66.68 6.91
N VAL E 203 0.19 67.79 6.75
CA VAL E 203 0.71 68.92 5.99
C VAL E 203 2.00 69.43 6.60
N GLY E 204 2.07 69.45 7.93
CA GLY E 204 3.30 69.86 8.59
C GLY E 204 4.48 68.99 8.23
N ARG E 205 4.26 67.67 8.15
CA ARG E 205 5.34 66.76 7.78
C ARG E 205 5.81 66.99 6.36
N VAL E 206 4.94 67.50 5.49
CA VAL E 206 5.37 67.87 4.14
C VAL E 206 6.17 69.16 4.19
N LYS E 207 5.65 70.18 4.88
CA LYS E 207 6.36 71.45 5.01
C LYS E 207 7.75 71.27 5.60
N ALA E 208 7.89 70.32 6.52
CA ALA E 208 9.19 70.07 7.15
C ALA E 208 10.23 69.54 6.18
N VAL E 209 9.83 69.11 4.98
CA VAL E 209 10.79 68.59 4.02
C VAL E 209 10.76 69.32 2.68
N SER E 210 9.71 70.08 2.36
CA SER E 210 9.62 70.70 1.05
C SER E 210 8.73 71.94 1.11
N ASP E 211 8.90 72.79 0.10
CA ASP E 211 8.10 73.98 -0.09
C ASP E 211 6.99 73.80 -1.12
N ILE E 212 6.78 72.58 -1.59
CA ILE E 212 5.76 72.34 -2.62
C ILE E 212 4.39 72.64 -2.04
N PRO E 213 3.47 73.24 -2.80
CA PRO E 213 2.10 73.41 -2.30
C PRO E 213 1.49 72.09 -1.87
N VAL E 214 0.62 72.16 -0.87
CA VAL E 214 -0.07 70.99 -0.34
C VAL E 214 -1.57 71.23 -0.44
N GLY E 215 -2.28 70.31 -1.10
CA GLY E 215 -3.73 70.33 -1.17
C GLY E 215 -4.29 69.30 -0.21
N VAL E 216 -5.35 69.69 0.50
CA VAL E 216 -5.97 68.85 1.51
C VAL E 216 -7.38 68.50 1.05
N GLY E 217 -7.65 67.21 0.90
CA GLY E 217 -8.99 66.71 0.70
C GLY E 217 -9.51 66.12 2.00
N LEU E 218 -10.71 66.53 2.40
CA LEU E 218 -11.22 66.16 3.72
C LEU E 218 -12.73 66.00 3.74
N GLY E 219 -13.37 65.75 2.60
CA GLY E 219 -14.82 65.74 2.55
C GLY E 219 -15.45 67.09 2.82
N VAL E 220 -14.80 68.18 2.39
CA VAL E 220 -15.32 69.51 2.66
C VAL E 220 -16.70 69.67 2.03
N ARG E 221 -17.62 70.27 2.79
CA ARG E 221 -18.96 70.50 2.27
C ARG E 221 -19.51 71.88 2.61
N SER E 222 -18.80 72.69 3.40
CA SER E 222 -19.33 73.98 3.84
C SER E 222 -18.27 75.06 3.68
N ARG E 223 -18.76 76.30 3.60
CA ARG E 223 -17.87 77.46 3.61
C ARG E 223 -16.95 77.46 4.82
N ALA E 224 -17.49 77.07 5.99
CA ALA E 224 -16.70 77.10 7.22
C ALA E 224 -15.60 76.04 7.19
N GLN E 225 -15.89 74.85 6.69
CA GLN E 225 -14.87 73.80 6.61
C GLN E 225 -13.73 74.21 5.70
N ALA E 226 -14.05 74.79 4.54
CA ALA E 226 -13.01 75.29 3.65
C ALA E 226 -12.16 76.37 4.32
N ALA E 227 -12.75 77.13 5.23
CA ALA E 227 -12.03 78.20 5.90
C ALA E 227 -10.94 77.66 6.82
N GLN E 228 -11.28 76.66 7.63
CA GLN E 228 -10.31 76.08 8.54
C GLN E 228 -9.10 75.52 7.79
N ILE E 229 -9.35 74.79 6.70
CA ILE E 229 -8.27 74.16 5.97
C ILE E 229 -7.34 75.20 5.35
N ALA E 230 -7.88 76.34 4.94
CA ALA E 230 -7.05 77.38 4.32
C ALA E 230 -6.02 77.97 5.28
N GLN E 231 -6.19 77.77 6.59
CA GLN E 231 -5.25 78.35 7.55
C GLN E 231 -3.87 77.72 7.44
N TYR E 232 -3.80 76.46 7.02
CA TYR E 232 -2.52 75.74 6.94
C TYR E 232 -2.25 75.11 5.58
N ALA E 233 -3.26 74.91 4.74
CA ALA E 233 -3.09 74.23 3.47
C ALA E 233 -3.03 75.22 2.31
N ASP E 234 -2.15 74.95 1.35
CA ASP E 234 -2.05 75.80 0.17
C ASP E 234 -3.24 75.65 -0.77
N GLY E 235 -3.94 74.53 -0.71
CA GLY E 235 -5.12 74.32 -1.54
C GLY E 235 -6.15 73.50 -0.80
N VAL E 236 -7.41 73.79 -1.08
CA VAL E 236 -8.54 73.08 -0.50
C VAL E 236 -9.23 72.30 -1.61
N ILE E 237 -9.23 70.97 -1.48
CA ILE E 237 -9.75 70.08 -2.51
C ILE E 237 -11.18 69.70 -2.14
N VAL E 238 -12.10 69.90 -3.08
CA VAL E 238 -13.52 69.60 -2.88
C VAL E 238 -13.99 68.71 -4.03
N GLY E 239 -14.61 67.59 -3.70
CA GLY E 239 -15.07 66.66 -4.71
C GLY E 239 -16.48 66.16 -4.51
N SER E 240 -16.69 65.37 -3.45
CA SER E 240 -18.00 64.78 -3.20
C SER E 240 -19.08 65.83 -3.07
N ALA E 241 -18.76 66.98 -2.45
CA ALA E 241 -19.76 68.03 -2.26
C ALA E 241 -20.22 68.60 -3.59
N LEU E 242 -19.28 68.80 -4.53
CA LEU E 242 -19.66 69.33 -5.84
C LEU E 242 -20.58 68.37 -6.58
N VAL E 243 -20.29 67.07 -6.53
CA VAL E 243 -21.12 66.08 -7.22
C VAL E 243 -22.53 66.08 -6.63
N THR E 244 -22.63 66.05 -5.30
CA THR E 244 -23.93 66.11 -4.65
C THR E 244 -24.69 67.38 -5.04
N ALA E 245 -23.98 68.51 -5.12
CA ALA E 245 -24.61 69.76 -5.55
C ALA E 245 -25.11 69.65 -6.98
N LEU E 246 -24.25 69.19 -7.90
CA LEU E 246 -24.65 69.07 -9.30
C LEU E 246 -25.85 68.14 -9.46
N THR E 247 -25.95 67.09 -8.64
CA THR E 247 -27.09 66.19 -8.72
C THR E 247 -28.39 66.92 -8.43
N GLU E 248 -28.38 67.82 -7.46
CA GLU E 248 -29.57 68.63 -7.19
C GLU E 248 -29.84 69.60 -8.33
N GLY E 249 -28.81 70.21 -8.87
CA GLY E 249 -28.99 71.12 -9.98
C GLY E 249 -27.78 72.01 -10.17
N LEU E 250 -27.67 72.55 -11.38
CA LEU E 250 -26.59 73.47 -11.71
C LEU E 250 -26.64 74.77 -10.91
N PRO E 251 -27.80 75.34 -10.56
CA PRO E 251 -27.79 76.50 -9.66
C PRO E 251 -27.19 76.18 -8.31
N ARG E 252 -27.49 75.01 -7.75
CA ARG E 252 -26.91 74.61 -6.47
C ARG E 252 -25.40 74.52 -6.56
N LEU E 253 -24.89 74.02 -7.69
CA LEU E 253 -23.44 73.92 -7.87
C LEU E 253 -22.78 75.29 -7.87
N ARG E 254 -23.43 76.27 -8.51
N ARG E 254 -23.43 76.27 -8.51
CA ARG E 254 -22.88 77.62 -8.53
CA ARG E 254 -22.88 77.62 -8.53
C ARG E 254 -22.94 78.25 -7.13
C ARG E 254 -22.95 78.26 -7.15
N ALA E 255 -24.06 78.05 -6.43
CA ALA E 255 -24.20 78.62 -5.09
C ALA E 255 -23.19 78.01 -4.12
N LEU E 256 -22.99 76.70 -4.21
CA LEU E 256 -22.02 76.05 -3.34
C LEU E 256 -20.60 76.50 -3.67
N THR E 257 -20.24 76.49 -4.95
CA THR E 257 -18.89 76.90 -5.34
C THR E 257 -18.62 78.35 -4.92
N GLY E 258 -19.65 79.20 -4.99
CA GLY E 258 -19.51 80.54 -4.44
C GLY E 258 -19.25 80.54 -2.94
N GLU E 259 -20.04 79.75 -2.21
CA GLU E 259 -19.81 79.61 -0.77
C GLU E 259 -18.39 79.12 -0.47
N LEU E 260 -17.93 78.12 -1.23
CA LEU E 260 -16.58 77.61 -1.01
C LEU E 260 -15.53 78.61 -1.47
N ALA E 261 -15.80 79.38 -2.53
CA ALA E 261 -14.88 80.40 -2.97
C ALA E 261 -14.65 81.43 -1.86
N ALA E 262 -15.70 81.79 -1.13
CA ALA E 262 -15.55 82.74 -0.05
C ALA E 262 -14.83 82.12 1.15
N GLY E 263 -15.01 80.83 1.38
CA GLY E 263 -14.39 80.18 2.51
C GLY E 263 -12.87 80.11 2.45
N VAL E 264 -12.32 80.00 1.24
CA VAL E 264 -10.88 79.88 1.07
C VAL E 264 -10.22 81.24 1.28
N ARG E 265 -11.01 82.23 1.67
CA ARG E 265 -10.52 83.59 1.87
C ARG E 265 -10.70 84.06 3.31
N PRO F 8 14.10 30.34 -0.41
CA PRO F 8 13.74 31.04 -1.66
C PRO F 8 14.13 30.25 -2.91
N THR F 9 13.65 30.69 -4.07
CA THR F 9 13.96 30.07 -5.35
C THR F 9 14.43 31.14 -6.33
N SER F 10 14.95 30.67 -7.47
CA SER F 10 15.30 31.57 -8.56
C SER F 10 14.08 32.08 -9.31
N HIS F 11 12.88 31.65 -8.93
CA HIS F 11 11.63 32.12 -9.52
C HIS F 11 10.99 33.24 -8.72
N ASP F 12 11.69 33.77 -7.72
CA ASP F 12 11.16 34.85 -6.90
C ASP F 12 11.28 36.18 -7.63
N PRO F 13 10.41 37.14 -7.32
CA PRO F 13 10.52 38.48 -7.90
C PRO F 13 11.62 39.28 -7.22
N ASP F 14 11.77 40.53 -7.66
CA ASP F 14 12.70 41.45 -7.02
C ASP F 14 12.06 42.01 -5.74
N SER F 15 12.78 42.91 -5.06
CA SER F 15 12.29 43.46 -3.81
C SER F 15 11.01 44.26 -3.99
N GLY F 16 10.76 44.79 -5.20
CA GLY F 16 9.52 45.45 -5.50
C GLY F 16 8.39 44.53 -5.92
N GLY F 17 8.65 43.23 -6.03
CA GLY F 17 7.64 42.27 -6.42
C GLY F 17 7.45 42.10 -7.90
N HIS F 18 8.46 42.42 -8.72
CA HIS F 18 8.36 42.33 -10.17
C HIS F 18 8.94 41.00 -10.64
N PHE F 19 8.19 40.30 -11.49
CA PHE F 19 8.65 39.06 -12.11
C PHE F 19 9.17 39.38 -13.51
N GLY F 20 10.36 38.88 -13.82
CA GLY F 20 10.84 38.91 -15.19
C GLY F 20 11.34 40.24 -15.70
N GLY F 21 11.92 41.07 -14.85
CA GLY F 21 12.63 42.25 -15.26
C GLY F 21 11.84 43.26 -16.07
N PRO F 22 12.15 43.34 -17.38
CA PRO F 22 11.61 44.45 -18.18
C PRO F 22 10.10 44.47 -18.33
N SER F 23 9.49 43.32 -18.63
N SER F 23 9.48 43.32 -18.63
CA SER F 23 8.04 43.25 -18.79
CA SER F 23 8.02 43.30 -18.80
C SER F 23 7.30 43.69 -17.53
C SER F 23 7.28 43.69 -17.53
N GLY F 24 7.93 43.59 -16.37
CA GLY F 24 7.39 44.10 -15.13
C GLY F 24 6.08 43.52 -14.65
N TRP F 25 5.94 42.19 -14.67
CA TRP F 25 4.77 41.57 -14.07
C TRP F 25 4.84 41.71 -12.56
N GLY F 26 3.69 42.04 -11.96
CA GLY F 26 3.62 42.13 -10.50
C GLY F 26 3.62 43.55 -9.99
N GLY F 27 4.56 43.88 -9.11
CA GLY F 27 4.66 45.21 -8.56
C GLY F 27 3.66 45.45 -7.44
N ARG F 28 3.47 46.75 -7.13
CA ARG F 28 2.53 47.20 -6.10
C ARG F 28 1.75 48.38 -6.66
N TYR F 29 0.62 48.11 -7.29
CA TYR F 29 -0.24 49.17 -7.81
C TYR F 29 -1.34 49.47 -6.80
N VAL F 30 -0.93 50.11 -5.72
CA VAL F 30 -1.79 50.39 -4.57
C VAL F 30 -1.63 51.85 -4.18
N PRO F 31 -2.60 52.40 -3.44
CA PRO F 31 -2.43 53.74 -2.89
C PRO F 31 -1.37 53.77 -1.79
N GLU F 32 -0.73 54.93 -1.66
CA GLU F 32 0.26 55.14 -0.61
C GLU F 32 -0.31 54.86 0.77
N ALA F 33 -1.63 55.06 0.94
CA ALA F 33 -2.26 54.86 2.24
C ALA F 33 -2.06 53.45 2.78
N LEU F 34 -1.84 52.47 1.90
CA LEU F 34 -1.62 51.10 2.32
C LEU F 34 -0.16 50.69 2.34
N MET F 35 0.75 51.55 1.86
CA MET F 35 2.14 51.14 1.71
C MET F 35 2.80 50.87 3.07
N ALA F 36 2.32 51.49 4.14
CA ALA F 36 2.92 51.24 5.45
C ALA F 36 2.62 49.84 5.93
N VAL F 37 1.37 49.41 5.83
CA VAL F 37 1.02 48.08 6.32
C VAL F 37 1.47 47.00 5.33
N ILE F 38 1.50 47.32 4.03
CA ILE F 38 1.97 46.35 3.04
C ILE F 38 3.45 46.07 3.25
N GLU F 39 4.24 47.11 3.53
CA GLU F 39 5.64 46.88 3.88
C GLU F 39 5.76 46.17 5.23
N GLU F 40 4.79 46.39 6.12
CA GLU F 40 4.81 45.70 7.41
C GLU F 40 4.55 44.21 7.24
N VAL F 41 3.66 43.85 6.31
CA VAL F 41 3.41 42.44 6.03
C VAL F 41 4.60 41.82 5.30
N THR F 42 5.16 42.55 4.34
CA THR F 42 6.33 42.07 3.62
C THR F 42 7.48 41.77 4.57
N ALA F 43 7.78 42.71 5.47
CA ALA F 43 8.87 42.50 6.41
C ALA F 43 8.58 41.35 7.37
N ALA F 44 7.36 41.31 7.92
CA ALA F 44 7.00 40.25 8.86
C ALA F 44 7.10 38.88 8.22
N TYR F 45 6.68 38.77 6.95
CA TYR F 45 6.73 37.49 6.28
C TYR F 45 8.17 37.04 6.03
N GLN F 46 9.04 37.97 5.63
CA GLN F 46 10.44 37.63 5.42
C GLN F 46 11.11 37.20 6.72
N LYS F 47 10.64 37.74 7.85
CA LYS F 47 11.18 37.36 9.14
C LYS F 47 10.71 35.97 9.57
N GLU F 48 9.40 35.72 9.48
CA GLU F 48 8.85 34.48 10.01
C GLU F 48 9.11 33.28 9.11
N ARG F 49 9.28 33.51 7.80
CA ARG F 49 9.48 32.38 6.89
C ARG F 49 10.76 31.61 7.17
N VAL F 50 11.68 32.19 7.94
CA VAL F 50 12.92 31.52 8.33
C VAL F 50 12.97 31.28 9.83
N SER F 51 11.89 31.53 10.55
CA SER F 51 11.82 31.27 11.98
C SER F 51 11.37 29.83 12.20
N GLN F 52 12.22 29.03 12.85
CA GLN F 52 11.88 27.62 13.05
C GLN F 52 10.65 27.45 13.92
N ASP F 53 10.40 28.39 14.84
CA ASP F 53 9.16 28.35 15.61
C ASP F 53 7.95 28.49 14.71
N PHE F 54 8.00 29.45 13.78
CA PHE F 54 6.90 29.63 12.83
C PHE F 54 6.71 28.40 11.96
N LEU F 55 7.82 27.87 11.43
CA LEU F 55 7.73 26.70 10.55
C LEU F 55 7.19 25.49 11.29
N ASP F 56 7.63 25.29 12.54
CA ASP F 56 7.13 24.18 13.32
C ASP F 56 5.64 24.33 13.64
N ASP F 57 5.18 25.57 13.85
CA ASP F 57 3.76 25.80 14.09
C ASP F 57 2.94 25.49 12.83
N LEU F 58 3.39 25.99 11.68
CA LEU F 58 2.68 25.73 10.44
C LEU F 58 2.67 24.23 10.13
N ASP F 59 3.82 23.58 10.25
CA ASP F 59 3.91 22.15 9.97
C ASP F 59 3.01 21.34 10.89
N ARG F 60 2.99 21.69 12.18
N ARG F 60 2.95 21.72 12.17
CA ARG F 60 2.13 21.00 13.14
CA ARG F 60 2.14 20.98 13.14
C ARG F 60 0.67 21.09 12.73
C ARG F 60 0.65 21.11 12.80
N LEU F 61 0.21 22.30 12.38
CA LEU F 61 -1.20 22.48 12.02
C LEU F 61 -1.54 21.79 10.71
N GLN F 62 -0.62 21.81 9.74
CA GLN F 62 -0.90 21.14 8.47
C GLN F 62 -1.11 19.65 8.67
N ALA F 63 -0.32 19.03 9.55
CA ALA F 63 -0.40 17.59 9.74
C ALA F 63 -1.61 17.20 10.60
N ASN F 64 -1.67 17.72 11.84
CA ASN F 64 -2.65 17.23 12.79
C ASN F 64 -4.01 17.91 12.64
N TYR F 65 -4.05 19.13 12.11
CA TYR F 65 -5.29 19.90 12.02
C TYR F 65 -5.89 19.89 10.61
N ALA F 66 -5.07 20.11 9.59
CA ALA F 66 -5.56 20.16 8.22
C ALA F 66 -5.56 18.79 7.53
N GLY F 67 -4.78 17.83 8.04
CA GLY F 67 -4.79 16.49 7.49
C GLY F 67 -3.79 16.22 6.39
N ARG F 68 -2.66 16.93 6.36
CA ARG F 68 -1.68 16.75 5.31
C ARG F 68 -0.74 15.59 5.64
N PRO F 69 -0.17 14.93 4.62
CA PRO F 69 -0.36 15.21 3.20
C PRO F 69 -1.70 14.74 2.66
N SER F 70 -2.18 15.41 1.62
CA SER F 70 -3.32 14.89 0.89
C SER F 70 -2.86 13.76 -0.03
N PRO F 71 -3.70 12.76 -0.26
CA PRO F 71 -3.28 11.62 -1.07
C PRO F 71 -3.24 11.97 -2.56
N LEU F 72 -2.56 11.09 -3.30
CA LEU F 72 -2.55 11.13 -4.76
C LEU F 72 -3.22 9.85 -5.25
N TYR F 73 -4.34 10.00 -5.95
CA TYR F 73 -5.19 8.87 -6.31
C TYR F 73 -5.22 8.67 -7.81
N GLU F 74 -4.85 7.48 -8.27
CA GLU F 74 -4.95 7.14 -9.69
C GLU F 74 -6.39 6.78 -10.00
N ALA F 75 -7.06 7.63 -10.79
CA ALA F 75 -8.47 7.46 -11.13
C ALA F 75 -8.57 6.59 -12.38
N THR F 76 -8.51 5.27 -12.17
CA THR F 76 -8.41 4.34 -13.30
C THR F 76 -9.70 4.29 -14.12
N ARG F 77 -10.84 4.63 -13.52
CA ARG F 77 -12.09 4.61 -14.26
C ARG F 77 -12.29 5.84 -15.15
N LEU F 78 -11.43 6.86 -15.04
CA LEU F 78 -11.43 7.96 -15.98
C LEU F 78 -10.60 7.66 -17.23
N SER F 79 -9.77 6.63 -17.19
CA SER F 79 -8.77 6.41 -18.24
C SER F 79 -9.42 6.27 -19.61
N GLN F 80 -10.49 5.47 -19.71
CA GLN F 80 -11.17 5.27 -20.99
C GLN F 80 -11.77 6.58 -21.52
N HIS F 81 -11.99 7.57 -20.66
CA HIS F 81 -12.53 8.86 -21.07
C HIS F 81 -11.42 9.88 -21.32
N ALA F 82 -10.16 9.47 -21.24
CA ALA F 82 -9.02 10.34 -21.45
C ALA F 82 -7.99 9.68 -22.37
N GLY F 83 -8.46 8.99 -23.39
CA GLY F 83 -7.56 8.36 -24.34
C GLY F 83 -6.67 7.31 -23.74
N SER F 84 -7.13 6.61 -22.70
CA SER F 84 -6.35 5.62 -21.96
C SER F 84 -5.11 6.22 -21.32
N ALA F 85 -5.10 7.54 -21.09
CA ALA F 85 -4.07 8.14 -20.26
C ALA F 85 -4.33 7.78 -18.79
N ARG F 86 -3.36 8.11 -17.95
CA ARG F 86 -3.42 7.78 -16.53
C ARG F 86 -3.59 9.07 -15.74
N ILE F 87 -4.77 9.25 -15.15
CA ILE F 87 -5.14 10.48 -14.45
C ILE F 87 -4.94 10.26 -12.96
N PHE F 88 -4.00 10.99 -12.37
CA PHE F 88 -3.77 10.98 -10.93
C PHE F 88 -4.36 12.25 -10.33
N LEU F 89 -5.22 12.09 -9.34
CA LEU F 89 -5.89 13.21 -8.68
C LEU F 89 -5.18 13.55 -7.39
N LYS F 90 -4.66 14.78 -7.30
CA LYS F 90 -4.10 15.30 -6.06
C LYS F 90 -5.25 15.79 -5.19
N ARG F 91 -5.50 15.10 -4.08
CA ARG F 91 -6.79 15.21 -3.37
C ARG F 91 -6.78 16.31 -2.32
N GLU F 92 -6.64 17.56 -2.79
CA GLU F 92 -6.82 18.69 -1.88
C GLU F 92 -8.26 18.79 -1.38
N ASP F 93 -9.20 18.11 -2.05
CA ASP F 93 -10.59 18.09 -1.59
C ASP F 93 -10.75 17.44 -0.23
N LEU F 94 -9.74 16.69 0.23
CA LEU F 94 -9.81 16.02 1.53
C LEU F 94 -9.23 16.85 2.67
N ASN F 95 -8.68 18.03 2.39
CA ASN F 95 -8.19 18.91 3.45
C ASN F 95 -9.34 19.31 4.37
N HIS F 96 -8.97 19.73 5.58
CA HIS F 96 -9.92 20.39 6.46
C HIS F 96 -10.50 21.60 5.74
N THR F 97 -11.82 21.75 5.82
CA THR F 97 -12.69 22.77 5.21
C THR F 97 -12.96 22.49 3.73
N GLY F 98 -12.25 21.55 3.10
CA GLY F 98 -12.68 21.05 1.82
C GLY F 98 -11.99 21.60 0.58
N SER F 99 -10.87 22.31 0.73
CA SER F 99 -10.15 22.79 -0.44
C SER F 99 -8.71 23.13 -0.05
N HIS F 100 -7.94 23.53 -1.06
CA HIS F 100 -6.56 23.95 -0.88
C HIS F 100 -6.43 25.26 -0.12
N LYS F 101 -7.51 26.05 -0.04
CA LYS F 101 -7.43 27.39 0.57
C LYS F 101 -6.87 27.35 1.98
N ILE F 102 -7.08 26.25 2.70
CA ILE F 102 -6.64 26.15 4.09
C ILE F 102 -5.11 26.23 4.19
N ASN F 103 -4.39 25.80 3.15
CA ASN F 103 -2.93 25.88 3.17
C ASN F 103 -2.45 27.32 3.30
N ASN F 104 -2.98 28.20 2.45
CA ASN F 104 -2.57 29.59 2.48
C ASN F 104 -3.05 30.29 3.75
N VAL F 105 -4.24 29.92 4.23
CA VAL F 105 -4.84 30.60 5.38
C VAL F 105 -4.05 30.30 6.66
N LEU F 106 -3.63 29.04 6.85
CA LEU F 106 -2.89 28.70 8.05
C LEU F 106 -1.61 29.50 8.15
N GLY F 107 -0.92 29.72 7.03
CA GLY F 107 0.29 30.52 7.07
C GLY F 107 0.01 31.98 7.37
N GLN F 108 -1.00 32.55 6.71
CA GLN F 108 -1.29 33.96 6.90
C GLN F 108 -1.93 34.24 8.26
N ALA F 109 -2.77 33.31 8.74
CA ALA F 109 -3.37 33.48 10.07
C ALA F 109 -2.29 33.42 11.14
N LEU F 110 -1.33 32.50 11.00
CA LEU F 110 -0.20 32.46 11.93
C LEU F 110 0.61 33.75 11.83
N LEU F 111 0.78 34.28 10.62
CA LEU F 111 1.52 35.51 10.45
C LEU F 111 0.79 36.69 11.08
N ALA F 112 -0.52 36.78 10.85
CA ALA F 112 -1.32 37.84 11.46
C ALA F 112 -1.15 37.85 12.98
N ARG F 113 -1.12 36.67 13.59
CA ARG F 113 -0.93 36.59 15.03
C ARG F 113 0.47 37.05 15.44
N ARG F 114 1.49 36.69 14.65
CA ARG F 114 2.85 37.12 14.95
C ARG F 114 2.99 38.63 14.87
N MET F 115 2.20 39.28 14.00
CA MET F 115 2.25 40.72 13.83
C MET F 115 1.45 41.48 14.88
N GLY F 116 0.78 40.78 15.79
CA GLY F 116 -0.04 41.47 16.77
C GLY F 116 -1.34 42.04 16.23
N LYS F 117 -1.70 41.72 15.00
CA LYS F 117 -3.01 42.12 14.49
C LYS F 117 -4.11 41.37 15.23
N THR F 118 -5.23 42.04 15.43
CA THR F 118 -6.34 41.49 16.19
C THR F 118 -7.57 41.23 15.34
N ARG F 119 -7.50 41.52 14.04
CA ARG F 119 -8.66 41.48 13.17
C ARG F 119 -8.22 41.03 11.79
N VAL F 120 -8.86 39.99 11.26
CA VAL F 120 -8.54 39.45 9.95
C VAL F 120 -9.74 39.67 9.04
N ILE F 121 -9.49 40.22 7.86
CA ILE F 121 -10.53 40.36 6.85
C ILE F 121 -10.10 39.57 5.62
N ALA F 122 -11.09 39.16 4.84
CA ALA F 122 -10.82 38.40 3.63
C ALA F 122 -11.99 38.54 2.69
N GLU F 123 -11.71 38.43 1.40
CA GLU F 123 -12.71 38.28 0.36
C GLU F 123 -12.96 36.79 0.13
N THR F 124 -14.11 36.49 -0.47
CA THR F 124 -14.34 35.12 -0.91
C THR F 124 -15.34 35.12 -2.04
N GLY F 125 -15.18 34.16 -2.95
CA GLY F 125 -16.11 33.98 -4.06
C GLY F 125 -16.88 32.69 -3.91
N ALA F 126 -16.17 31.56 -4.01
CA ALA F 126 -16.79 30.27 -3.76
C ALA F 126 -17.12 30.04 -2.29
N GLY F 127 -16.58 30.86 -1.39
CA GLY F 127 -16.78 30.67 0.03
C GLY F 127 -15.77 29.75 0.69
N GLN F 128 -14.94 29.06 -0.09
CA GLN F 128 -13.96 28.15 0.50
C GLN F 128 -12.85 28.93 1.20
N HIS F 129 -12.41 30.05 0.62
CA HIS F 129 -11.42 30.87 1.30
C HIS F 129 -12.03 31.56 2.52
N GLY F 130 -13.30 31.96 2.41
CA GLY F 130 -13.97 32.55 3.57
C GLY F 130 -14.12 31.56 4.71
N VAL F 131 -14.54 30.34 4.39
CA VAL F 131 -14.67 29.31 5.42
C VAL F 131 -13.31 28.97 6.01
N ALA F 132 -12.29 28.90 5.17
CA ALA F 132 -10.94 28.60 5.67
C ALA F 132 -10.44 29.72 6.58
N THR F 133 -10.63 30.98 6.17
CA THR F 133 -10.23 32.10 7.01
C THR F 133 -11.01 32.11 8.31
N ALA F 134 -12.33 31.95 8.23
CA ALA F 134 -13.15 31.83 9.44
C ALA F 134 -12.65 30.71 10.33
N THR F 135 -12.17 29.63 9.73
CA THR F 135 -11.72 28.47 10.48
C THR F 135 -10.45 28.79 11.28
N ALA F 136 -9.45 29.39 10.63
CA ALA F 136 -8.21 29.71 11.33
C ALA F 136 -8.42 30.80 12.36
N CYS F 137 -9.28 31.78 12.06
CA CYS F 137 -9.54 32.83 13.02
C CYS F 137 -10.25 32.31 14.26
N ALA F 138 -11.20 31.39 14.09
CA ALA F 138 -11.81 30.76 15.25
C ALA F 138 -10.78 29.97 16.04
N LEU F 139 -9.88 29.28 15.35
CA LEU F 139 -8.86 28.49 16.03
C LEU F 139 -7.88 29.38 16.79
N LEU F 140 -7.57 30.55 16.24
CA LEU F 140 -6.53 31.42 16.81
C LEU F 140 -7.08 32.57 17.63
N GLY F 141 -8.41 32.69 17.76
CA GLY F 141 -8.99 33.74 18.57
C GLY F 141 -9.00 35.11 17.93
N LEU F 142 -9.03 35.17 16.61
CA LEU F 142 -9.02 36.43 15.87
C LEU F 142 -10.43 36.81 15.45
N ASP F 143 -10.74 38.11 15.54
CA ASP F 143 -11.97 38.61 14.94
C ASP F 143 -11.90 38.49 13.43
N CYS F 144 -13.03 38.19 12.81
CA CYS F 144 -13.04 37.83 11.39
C CYS F 144 -14.23 38.48 10.69
N VAL F 145 -13.96 39.14 9.57
CA VAL F 145 -14.98 39.71 8.71
C VAL F 145 -14.69 39.26 7.29
N ILE F 146 -15.67 38.62 6.65
CA ILE F 146 -15.52 38.12 5.29
C ILE F 146 -16.43 38.92 4.37
N TYR F 147 -15.88 39.36 3.24
CA TYR F 147 -16.65 40.05 2.20
C TYR F 147 -16.94 39.08 1.06
N MET F 148 -18.18 39.09 0.60
CA MET F 148 -18.64 38.10 -0.37
C MET F 148 -19.72 38.72 -1.25
N GLY F 149 -19.56 38.59 -2.56
CA GLY F 149 -20.51 39.19 -3.47
C GLY F 149 -21.90 38.58 -3.33
N GLY F 150 -22.91 39.42 -3.57
CA GLY F 150 -24.28 39.01 -3.35
C GLY F 150 -24.73 37.84 -4.21
N ILE F 151 -24.20 37.75 -5.44
CA ILE F 151 -24.53 36.61 -6.27
C ILE F 151 -23.88 35.34 -5.72
N ASP F 152 -22.71 35.48 -5.10
CA ASP F 152 -22.01 34.32 -4.54
C ASP F 152 -22.64 33.84 -3.24
N THR F 153 -23.19 34.75 -2.42
CA THR F 153 -23.89 34.31 -1.22
C THR F 153 -25.14 33.51 -1.53
N ALA F 154 -25.70 33.68 -2.73
CA ALA F 154 -26.89 32.93 -3.11
C ALA F 154 -26.53 31.55 -3.66
N ARG F 155 -25.52 31.46 -4.51
CA ARG F 155 -25.18 30.20 -5.15
C ARG F 155 -24.17 29.37 -4.36
N GLN F 156 -23.60 29.91 -3.29
CA GLN F 156 -22.72 29.17 -2.39
C GLN F 156 -23.22 29.31 -0.95
N ALA F 157 -24.54 29.19 -0.77
CA ALA F 157 -25.14 29.52 0.51
C ALA F 157 -24.67 28.59 1.63
N LEU F 158 -24.24 27.38 1.30
CA LEU F 158 -23.71 26.47 2.31
C LEU F 158 -22.50 27.09 3.01
N ASN F 159 -21.62 27.74 2.25
CA ASN F 159 -20.41 28.29 2.84
C ASN F 159 -20.70 29.54 3.67
N VAL F 160 -21.75 30.28 3.32
CA VAL F 160 -22.13 31.44 4.13
C VAL F 160 -22.51 30.99 5.53
N ALA F 161 -23.34 29.94 5.62
CA ALA F 161 -23.78 29.48 6.92
C ALA F 161 -22.64 28.85 7.72
N ARG F 162 -21.70 28.18 7.03
CA ARG F 162 -20.52 27.67 7.71
C ARG F 162 -19.70 28.80 8.31
N MET F 163 -19.51 29.89 7.57
CA MET F 163 -18.73 31.02 8.06
C MET F 163 -19.35 31.62 9.32
N ARG F 164 -20.68 31.77 9.34
CA ARG F 164 -21.32 32.34 10.51
C ARG F 164 -21.25 31.41 11.72
N LEU F 165 -21.41 30.09 11.49
CA LEU F 165 -21.24 29.13 12.57
C LEU F 165 -19.82 29.19 13.14
N LEU F 166 -18.82 29.45 12.29
CA LEU F 166 -17.46 29.59 12.75
C LEU F 166 -17.22 30.90 13.50
N GLY F 167 -18.23 31.76 13.60
CA GLY F 167 -18.10 32.99 14.34
C GLY F 167 -17.56 34.17 13.56
N ALA F 168 -17.62 34.12 12.24
CA ALA F 168 -17.21 35.24 11.41
C ALA F 168 -18.42 36.08 11.02
N GLU F 169 -18.15 37.36 10.75
CA GLU F 169 -19.17 38.23 10.18
C GLU F 169 -19.04 38.18 8.65
N VAL F 170 -20.18 38.09 7.97
CA VAL F 170 -20.22 38.02 6.52
C VAL F 170 -20.93 39.27 6.01
N VAL F 171 -20.21 40.07 5.24
CA VAL F 171 -20.74 41.28 4.64
C VAL F 171 -21.06 40.99 3.18
N ALA F 172 -22.32 41.09 2.80
CA ALA F 172 -22.73 40.85 1.43
C ALA F 172 -22.45 42.09 0.58
N VAL F 173 -21.69 41.91 -0.49
CA VAL F 173 -21.31 43.01 -1.37
C VAL F 173 -22.29 43.07 -2.54
N GLN F 174 -22.97 44.20 -2.67
CA GLN F 174 -24.01 44.36 -3.70
C GLN F 174 -23.58 45.25 -4.86
N THR F 175 -22.33 45.72 -4.87
CA THR F 175 -21.86 46.60 -5.93
C THR F 175 -21.27 45.80 -7.09
N GLY F 176 -21.19 46.45 -8.25
CA GLY F 176 -20.54 45.86 -9.40
C GLY F 176 -21.23 44.59 -9.84
N SER F 177 -20.44 43.59 -10.23
CA SER F 177 -20.95 42.30 -10.68
C SER F 177 -21.41 41.41 -9.52
N LYS F 178 -21.30 41.87 -8.28
CA LYS F 178 -21.75 41.14 -7.11
C LYS F 178 -21.02 39.81 -6.94
N THR F 179 -19.77 39.75 -7.42
CA THR F 179 -18.97 38.54 -7.30
C THR F 179 -17.57 38.87 -6.77
N LEU F 180 -16.59 38.03 -7.12
CA LEU F 180 -15.32 38.03 -6.39
C LEU F 180 -14.58 39.35 -6.50
N LYS F 181 -14.52 39.94 -7.70
CA LYS F 181 -13.76 41.17 -7.85
C LYS F 181 -14.37 42.32 -7.05
N ASP F 182 -15.69 42.30 -6.88
CA ASP F 182 -16.36 43.31 -6.06
C ASP F 182 -16.13 43.07 -4.58
N ALA F 183 -16.03 41.80 -4.18
CA ALA F 183 -15.67 41.49 -2.79
C ALA F 183 -14.25 41.94 -2.48
N ILE F 184 -13.35 41.88 -3.46
CA ILE F 184 -11.98 42.35 -3.25
C ILE F 184 -11.96 43.86 -3.12
N ASN F 185 -12.75 44.57 -3.94
CA ASN F 185 -12.85 46.02 -3.82
C ASN F 185 -13.31 46.41 -2.41
N GLU F 186 -14.29 45.68 -1.87
CA GLU F 186 -14.82 46.02 -0.56
C GLU F 186 -13.82 45.70 0.54
N ALA F 187 -13.17 44.54 0.45
CA ALA F 187 -12.14 44.20 1.44
C ALA F 187 -10.99 45.20 1.39
N PHE F 188 -10.66 45.69 0.20
CA PHE F 188 -9.62 46.72 0.09
C PHE F 188 -10.04 47.98 0.83
N ARG F 189 -11.27 48.45 0.59
CA ARG F 189 -11.76 49.64 1.30
C ARG F 189 -11.70 49.44 2.81
N ASP F 190 -11.99 48.22 3.27
CA ASP F 190 -11.90 47.93 4.70
C ASP F 190 -10.46 48.06 5.20
N TRP F 191 -9.51 47.47 4.47
CA TRP F 191 -8.13 47.49 4.93
C TRP F 191 -7.58 48.90 4.99
N VAL F 192 -7.93 49.74 4.00
CA VAL F 192 -7.46 51.12 4.00
C VAL F 192 -7.90 51.84 5.27
N ALA F 193 -9.14 51.60 5.69
CA ALA F 193 -9.68 52.27 6.87
C ALA F 193 -9.19 51.67 8.18
N ASN F 194 -8.78 50.39 8.19
CA ASN F 194 -8.45 49.72 9.44
C ASN F 194 -7.05 49.13 9.43
N ALA F 195 -6.13 49.68 8.63
CA ALA F 195 -4.80 49.13 8.49
C ALA F 195 -4.05 49.05 9.83
N ASP F 196 -4.48 49.81 10.83
CA ASP F 196 -3.76 49.85 12.09
C ASP F 196 -3.80 48.49 12.80
N ASN F 197 -4.98 47.87 12.83
CA ASN F 197 -5.18 46.66 13.62
C ASN F 197 -5.59 45.45 12.79
N THR F 198 -5.72 45.58 11.47
CA THR F 198 -6.33 44.55 10.66
C THR F 198 -5.32 43.92 9.71
N TYR F 199 -5.35 42.58 9.63
CA TYR F 199 -4.61 41.84 8.63
C TYR F 199 -5.56 41.43 7.51
N TYR F 200 -5.13 41.60 6.26
CA TYR F 200 -5.90 41.18 5.09
C TYR F 200 -5.37 39.84 4.63
N CYS F 201 -6.12 38.77 4.90
CA CYS F 201 -5.77 37.41 4.51
C CYS F 201 -6.27 37.18 3.10
N PHE F 202 -5.44 37.48 2.11
CA PHE F 202 -5.83 37.37 0.71
C PHE F 202 -5.72 35.92 0.23
N GLY F 203 -6.70 35.49 -0.55
CA GLY F 203 -6.90 34.09 -0.83
C GLY F 203 -6.40 33.54 -2.14
N THR F 204 -5.78 34.36 -2.98
CA THR F 204 -5.30 33.84 -4.26
C THR F 204 -3.93 34.46 -4.56
N ALA F 205 -3.27 33.92 -5.58
CA ALA F 205 -1.91 34.30 -5.91
C ALA F 205 -1.87 35.58 -6.74
N ALA F 206 -2.56 36.62 -6.29
CA ALA F 206 -2.60 37.88 -7.03
C ALA F 206 -2.42 39.00 -6.02
N GLY F 207 -2.80 40.22 -6.42
CA GLY F 207 -2.66 41.37 -5.56
C GLY F 207 -1.26 41.94 -5.59
N PRO F 208 -1.01 42.94 -4.76
CA PRO F 208 0.32 43.55 -4.69
C PRO F 208 1.30 42.67 -3.92
N HIS F 209 2.57 42.83 -4.25
CA HIS F 209 3.65 42.24 -3.47
C HIS F 209 3.44 42.58 -2.00
N PRO F 210 3.56 41.60 -1.08
CA PRO F 210 4.13 40.25 -1.22
C PRO F 210 3.12 39.13 -1.49
N PHE F 211 1.85 39.47 -1.75
CA PHE F 211 0.81 38.45 -1.75
C PHE F 211 1.00 37.38 -2.81
N PRO F 212 1.31 37.69 -4.08
CA PRO F 212 1.55 36.60 -5.05
C PRO F 212 2.62 35.62 -4.60
N THR F 213 3.76 36.13 -4.10
CA THR F 213 4.82 35.24 -3.65
C THR F 213 4.46 34.54 -2.35
N MET F 214 3.85 35.26 -1.41
CA MET F 214 3.53 34.67 -0.12
C MET F 214 2.46 33.59 -0.25
N VAL F 215 1.41 33.85 -1.02
CA VAL F 215 0.36 32.84 -1.20
C VAL F 215 0.91 31.62 -1.91
N ARG F 216 1.69 31.84 -2.98
CA ARG F 216 2.30 30.73 -3.68
C ARG F 216 3.21 29.92 -2.74
N ASP F 217 3.95 30.60 -1.88
CA ASP F 217 4.86 29.90 -0.98
C ASP F 217 4.10 28.99 -0.01
N PHE F 218 2.95 29.45 0.50
CA PHE F 218 2.17 28.60 1.38
C PHE F 218 1.49 27.45 0.64
N GLN F 219 1.36 27.54 -0.68
CA GLN F 219 0.74 26.50 -1.48
C GLN F 219 1.75 25.58 -2.17
N ARG F 220 3.05 25.91 -2.10
CA ARG F 220 4.07 25.07 -2.75
C ARG F 220 4.02 23.63 -2.26
N ILE F 221 3.52 23.41 -1.04
CA ILE F 221 3.53 22.08 -0.46
C ILE F 221 2.71 21.11 -1.30
N ILE F 222 1.71 21.60 -2.03
CA ILE F 222 0.92 20.72 -2.91
C ILE F 222 1.82 20.05 -3.93
N GLY F 223 2.54 20.85 -4.72
CA GLY F 223 3.42 20.30 -5.73
C GLY F 223 4.59 19.53 -5.15
N MET F 224 5.07 19.93 -3.98
CA MET F 224 6.17 19.21 -3.34
C MET F 224 5.76 17.80 -2.99
N GLU F 225 4.59 17.63 -2.35
CA GLU F 225 4.08 16.31 -2.07
C GLU F 225 3.81 15.54 -3.36
N ALA F 226 3.11 16.18 -4.30
CA ALA F 226 2.72 15.52 -5.54
C ALA F 226 3.94 14.99 -6.29
N ARG F 227 5.04 15.75 -6.27
CA ARG F 227 6.23 15.32 -6.99
C ARG F 227 6.84 14.07 -6.38
N VAL F 228 6.84 13.99 -5.04
CA VAL F 228 7.31 12.77 -4.39
C VAL F 228 6.34 11.62 -4.61
N GLN F 229 5.04 11.90 -4.51
CA GLN F 229 4.03 10.84 -4.60
C GLN F 229 3.98 10.23 -6.00
N ILE F 230 4.08 11.06 -7.05
CA ILE F 230 3.97 10.51 -8.40
C ILE F 230 5.19 9.65 -8.72
N GLN F 231 6.37 10.05 -8.25
CA GLN F 231 7.56 9.24 -8.49
C GLN F 231 7.46 7.90 -7.76
N GLY F 232 6.86 7.88 -6.57
CA GLY F 232 6.71 6.64 -5.84
C GLY F 232 5.65 5.74 -6.44
N GLN F 233 4.54 6.31 -6.92
CA GLN F 233 3.43 5.52 -7.42
C GLN F 233 3.63 5.10 -8.86
N ALA F 234 4.14 5.99 -9.70
CA ALA F 234 4.26 5.72 -11.13
C ALA F 234 5.67 5.35 -11.55
N GLY F 235 6.67 5.65 -10.73
CA GLY F 235 8.05 5.35 -11.08
C GLY F 235 8.75 6.39 -11.91
N ARG F 236 8.13 7.54 -12.16
N ARG F 236 8.13 7.54 -12.16
CA ARG F 236 8.74 8.58 -12.98
CA ARG F 236 8.74 8.57 -12.97
C ARG F 236 7.99 9.89 -12.75
C ARG F 236 8.00 9.89 -12.74
N LEU F 237 8.57 10.96 -13.27
CA LEU F 237 7.89 12.25 -13.27
C LEU F 237 6.71 12.21 -14.23
N PRO F 238 5.69 13.02 -13.99
CA PRO F 238 4.50 12.97 -14.86
C PRO F 238 4.79 13.57 -16.23
N ASP F 239 3.97 13.18 -17.20
CA ASP F 239 4.02 13.81 -18.50
C ASP F 239 3.41 15.21 -18.46
N ALA F 240 2.46 15.43 -17.55
CA ALA F 240 1.80 16.73 -17.43
C ALA F 240 1.24 16.90 -16.04
N VAL F 241 1.19 18.15 -15.60
CA VAL F 241 0.51 18.55 -14.37
C VAL F 241 -0.48 19.66 -14.73
N VAL F 242 -1.74 19.50 -14.30
CA VAL F 242 -2.80 20.40 -14.72
C VAL F 242 -3.58 20.91 -13.50
N ALA F 243 -4.21 22.06 -13.66
CA ALA F 243 -5.01 22.67 -12.60
C ALA F 243 -5.89 23.76 -13.20
N CYS F 244 -7.00 24.03 -12.52
CA CYS F 244 -7.82 25.18 -12.88
C CYS F 244 -7.17 26.46 -12.36
N VAL F 245 -7.46 27.56 -13.06
CA VAL F 245 -6.84 28.85 -12.75
C VAL F 245 -7.93 29.90 -12.62
N GLY F 246 -8.18 30.35 -11.39
CA GLY F 246 -8.94 31.55 -11.17
C GLY F 246 -7.98 32.71 -10.99
N GLY F 247 -7.70 33.07 -9.73
CA GLY F 247 -6.58 33.94 -9.46
C GLY F 247 -5.24 33.25 -9.58
N GLY F 248 -5.21 31.94 -9.28
CA GLY F 248 -4.04 31.14 -9.58
C GLY F 248 -3.32 30.48 -8.43
N SER F 249 -3.94 30.41 -7.24
CA SER F 249 -3.22 29.90 -6.07
C SER F 249 -3.03 28.38 -6.16
N ASN F 250 -4.09 27.62 -6.44
CA ASN F 250 -3.95 26.17 -6.44
C ASN F 250 -3.09 25.70 -7.61
N ALA F 251 -3.13 26.41 -8.74
CA ALA F 251 -2.31 26.02 -9.88
C ALA F 251 -0.83 26.28 -9.63
N ILE F 252 -0.50 27.50 -9.18
CA ILE F 252 0.90 27.80 -8.88
C ILE F 252 1.40 26.91 -7.74
N GLY F 253 0.52 26.48 -6.86
CA GLY F 253 0.94 25.63 -5.76
C GLY F 253 1.41 24.27 -6.23
N ILE F 254 0.72 23.69 -7.22
CA ILE F 254 1.12 22.38 -7.72
C ILE F 254 2.16 22.49 -8.84
N PHE F 255 2.15 23.58 -9.60
CA PHE F 255 3.11 23.74 -10.69
C PHE F 255 4.53 23.92 -10.17
N HIS F 256 4.69 24.57 -9.02
CA HIS F 256 5.97 25.21 -8.70
C HIS F 256 7.08 24.19 -8.50
N ALA F 257 6.77 23.05 -7.88
CA ALA F 257 7.80 22.03 -7.68
C ALA F 257 8.27 21.41 -8.99
N PHE F 258 7.55 21.62 -10.09
CA PHE F 258 7.88 21.02 -11.37
C PHE F 258 8.48 22.00 -12.37
N LEU F 259 8.69 23.26 -11.98
CA LEU F 259 9.11 24.28 -12.94
C LEU F 259 10.44 23.91 -13.60
N ASP F 260 11.36 23.35 -12.83
CA ASP F 260 12.69 23.00 -13.34
C ASP F 260 12.78 21.56 -13.84
N ASP F 261 11.64 20.89 -14.04
CA ASP F 261 11.61 19.60 -14.71
C ASP F 261 11.18 19.83 -16.15
N PRO F 262 12.12 19.93 -17.10
CA PRO F 262 11.77 20.43 -18.44
C PRO F 262 10.87 19.50 -19.22
N GLY F 263 10.79 18.21 -18.87
CA GLY F 263 9.93 17.28 -19.58
C GLY F 263 8.49 17.24 -19.10
N VAL F 264 8.14 18.02 -18.09
CA VAL F 264 6.81 18.01 -17.49
C VAL F 264 6.02 19.17 -18.07
N ARG F 265 4.98 18.85 -18.84
N ARG F 265 4.98 18.85 -18.84
CA ARG F 265 4.08 19.89 -19.35
CA ARG F 265 4.06 19.87 -19.33
C ARG F 265 3.22 20.44 -18.21
C ARG F 265 3.27 20.45 -18.16
N LEU F 266 3.01 21.75 -18.23
CA LEU F 266 2.20 22.43 -17.22
C LEU F 266 1.07 23.16 -17.93
N VAL F 267 -0.17 22.81 -17.60
CA VAL F 267 -1.34 23.34 -18.28
C VAL F 267 -2.33 23.84 -17.23
N GLY F 268 -2.64 25.13 -17.28
CA GLY F 268 -3.69 25.71 -16.47
C GLY F 268 -4.95 25.92 -17.30
N PHE F 269 -6.10 25.59 -16.72
CA PHE F 269 -7.38 25.69 -17.39
C PHE F 269 -8.24 26.76 -16.73
N GLU F 270 -8.74 27.68 -17.52
CA GLU F 270 -9.52 28.81 -17.03
C GLU F 270 -10.97 28.70 -17.50
N ALA F 271 -11.86 29.38 -16.77
CA ALA F 271 -13.30 29.29 -17.02
C ALA F 271 -13.69 30.08 -18.26
N ALA F 272 -14.34 29.41 -19.20
CA ALA F 272 -14.84 30.05 -20.41
C ALA F 272 -16.34 30.33 -20.37
N GLY F 273 -17.01 30.00 -19.26
CA GLY F 273 -18.42 30.33 -19.12
C GLY F 273 -19.26 29.78 -20.25
N ASP F 274 -20.09 30.64 -20.84
CA ASP F 274 -20.88 30.26 -21.99
C ASP F 274 -20.05 30.11 -23.26
N GLY F 275 -18.79 30.53 -23.24
CA GLY F 275 -17.92 30.49 -24.40
C GLY F 275 -17.11 31.75 -24.54
N VAL F 276 -15.83 31.63 -24.91
CA VAL F 276 -14.94 32.78 -24.97
C VAL F 276 -15.35 33.81 -26.02
N GLU F 277 -16.30 33.47 -26.89
CA GLU F 277 -16.79 34.37 -27.91
C GLU F 277 -18.15 34.98 -27.57
N THR F 278 -18.68 34.70 -26.38
CA THR F 278 -20.03 35.11 -26.03
C THR F 278 -20.08 36.35 -25.14
N GLY F 279 -18.95 36.77 -24.58
CA GLY F 279 -18.95 37.87 -23.64
C GLY F 279 -19.36 37.49 -22.23
N ARG F 280 -19.60 36.21 -21.95
CA ARG F 280 -19.93 35.71 -20.61
C ARG F 280 -18.93 34.61 -20.29
N HIS F 281 -17.74 35.00 -19.87
CA HIS F 281 -16.65 34.07 -19.62
C HIS F 281 -15.69 34.69 -18.61
N ALA F 282 -14.69 33.92 -18.21
CA ALA F 282 -13.63 34.41 -17.33
C ALA F 282 -12.26 33.96 -17.83
N ALA F 283 -12.11 33.85 -19.15
CA ALA F 283 -10.88 33.31 -19.75
C ALA F 283 -9.87 34.44 -19.86
N THR F 284 -9.18 34.69 -18.74
CA THR F 284 -8.33 35.87 -18.63
C THR F 284 -7.16 35.84 -19.60
N PHE F 285 -6.48 34.69 -19.70
CA PHE F 285 -5.35 34.58 -20.62
C PHE F 285 -5.79 34.41 -22.07
N THR F 286 -6.96 33.81 -22.30
CA THR F 286 -7.42 33.58 -23.66
C THR F 286 -7.94 34.86 -24.31
N ALA F 287 -8.64 35.70 -23.55
CA ALA F 287 -9.32 36.86 -24.11
C ALA F 287 -8.90 38.19 -23.51
N GLY F 288 -7.98 38.21 -22.54
CA GLY F 288 -7.57 39.42 -21.89
C GLY F 288 -6.27 39.98 -22.45
N SER F 289 -5.81 41.06 -21.82
CA SER F 289 -4.61 41.77 -22.22
C SER F 289 -3.89 42.27 -20.98
N PRO F 290 -2.60 42.60 -21.09
CA PRO F 290 -1.87 43.10 -19.93
C PRO F 290 -2.43 44.42 -19.43
N GLY F 291 -2.31 44.62 -18.12
CA GLY F 291 -2.77 45.85 -17.51
C GLY F 291 -2.57 45.81 -16.01
N ALA F 292 -2.98 46.90 -15.37
CA ALA F 292 -2.93 47.01 -13.91
C ALA F 292 -4.31 46.79 -13.33
N PHE F 293 -4.42 45.84 -12.41
CA PHE F 293 -5.71 45.50 -11.83
C PHE F 293 -5.49 44.84 -10.48
N HIS F 294 -6.15 45.37 -9.45
CA HIS F 294 -6.12 44.80 -8.10
C HIS F 294 -4.70 44.65 -7.58
N GLY F 295 -3.90 45.70 -7.76
CA GLY F 295 -2.61 45.80 -7.11
C GLY F 295 -1.42 45.24 -7.88
N SER F 296 -1.64 44.65 -9.05
CA SER F 296 -0.53 44.06 -9.79
C SER F 296 -0.66 44.37 -11.28
N PHE F 297 0.46 44.29 -11.98
CA PHE F 297 0.46 44.31 -13.43
C PHE F 297 0.43 42.87 -13.94
N SER F 298 -0.66 42.51 -14.62
CA SER F 298 -0.84 41.13 -15.07
C SER F 298 -1.83 41.15 -16.24
N TYR F 299 -2.56 40.06 -16.43
CA TYR F 299 -3.59 39.98 -17.45
C TYR F 299 -4.96 40.23 -16.83
N LEU F 300 -5.84 40.89 -17.57
CA LEU F 300 -7.23 41.04 -17.15
C LEU F 300 -8.11 41.24 -18.38
N LEU F 301 -9.40 41.00 -18.19
CA LEU F 301 -10.40 41.30 -19.21
C LEU F 301 -10.76 42.79 -19.11
N GLN F 302 -10.44 43.55 -20.15
CA GLN F 302 -10.65 44.99 -20.14
C GLN F 302 -11.05 45.45 -21.53
N ASP F 303 -11.82 46.54 -21.58
CA ASP F 303 -12.29 47.07 -22.85
C ASP F 303 -11.24 48.02 -23.45
N GLU F 304 -11.64 48.76 -24.49
CA GLU F 304 -10.69 49.61 -25.21
C GLU F 304 -10.19 50.76 -24.34
N ASP F 305 -10.96 51.17 -23.34
CA ASP F 305 -10.56 52.26 -22.46
C ASP F 305 -9.81 51.79 -21.22
N GLY F 306 -9.69 50.48 -21.00
CA GLY F 306 -9.08 49.96 -19.80
C GLY F 306 -10.03 49.70 -18.66
N GLN F 307 -11.34 49.75 -18.91
CA GLN F 307 -12.31 49.41 -17.90
C GLN F 307 -12.41 47.89 -17.73
N THR F 308 -12.54 47.44 -16.49
CA THR F 308 -12.66 46.02 -16.23
C THR F 308 -13.96 45.49 -16.84
N ILE F 309 -13.85 44.38 -17.55
CA ILE F 309 -15.01 43.69 -18.10
C ILE F 309 -15.47 42.64 -17.10
N GLU F 310 -16.75 42.65 -16.76
CA GLU F 310 -17.28 41.72 -15.77
C GLU F 310 -17.24 40.30 -16.31
N SER F 311 -16.69 39.39 -15.51
CA SER F 311 -16.57 38.00 -15.89
C SER F 311 -17.88 37.25 -15.60
N HIS F 312 -17.97 36.03 -16.11
N HIS F 312 -18.00 36.07 -16.18
CA HIS F 312 -19.10 35.15 -15.83
CA HIS F 312 -19.06 35.14 -15.83
C HIS F 312 -18.65 33.70 -15.92
C HIS F 312 -18.50 33.73 -15.82
N SER F 313 -19.04 32.91 -14.93
CA SER F 313 -18.78 31.48 -14.92
C SER F 313 -19.80 30.83 -13.99
N ILE F 314 -20.17 29.60 -14.32
CA ILE F 314 -20.98 28.82 -13.39
C ILE F 314 -20.20 28.58 -12.10
N SER F 315 -18.87 28.67 -12.16
CA SER F 315 -18.00 28.48 -11.01
C SER F 315 -17.71 29.82 -10.35
N ALA F 316 -18.05 29.94 -9.05
CA ALA F 316 -17.83 31.19 -8.35
C ALA F 316 -16.36 31.44 -8.06
N GLY F 317 -15.57 30.38 -7.89
CA GLY F 317 -14.15 30.54 -7.62
C GLY F 317 -13.31 30.89 -8.81
N LEU F 318 -13.81 30.64 -10.01
CA LEU F 318 -13.13 31.02 -11.25
C LEU F 318 -13.74 32.26 -11.88
N ASP F 319 -14.78 32.82 -11.26
CA ASP F 319 -15.51 33.97 -11.82
C ASP F 319 -14.76 35.25 -11.46
N TYR F 320 -13.59 35.41 -12.09
CA TYR F 320 -12.70 36.50 -11.80
C TYR F 320 -12.03 36.97 -13.09
N PRO F 321 -12.13 38.26 -13.42
CA PRO F 321 -11.58 38.75 -14.68
C PRO F 321 -10.06 38.96 -14.67
N GLY F 322 -9.39 38.71 -13.55
CA GLY F 322 -7.95 38.86 -13.45
C GLY F 322 -7.23 37.53 -13.24
N VAL F 323 -5.92 37.64 -13.05
CA VAL F 323 -5.09 36.47 -12.83
C VAL F 323 -3.78 36.93 -12.21
N GLY F 324 -3.14 36.04 -11.45
CA GLY F 324 -1.94 36.36 -10.72
C GLY F 324 -0.73 36.63 -11.60
N PRO F 325 0.16 37.52 -11.14
CA PRO F 325 1.25 37.96 -12.02
C PRO F 325 2.30 36.89 -12.31
N GLU F 326 2.54 35.95 -11.39
CA GLU F 326 3.51 34.90 -11.70
C GLU F 326 3.03 34.02 -12.85
N HIS F 327 1.71 33.85 -12.99
CA HIS F 327 1.20 33.09 -14.13
C HIS F 327 1.43 33.83 -15.43
N ALA F 328 1.22 35.15 -15.45
CA ALA F 328 1.51 35.94 -16.64
C ALA F 328 2.99 35.86 -17.00
N TRP F 329 3.86 35.77 -15.99
CA TRP F 329 5.28 35.58 -16.27
C TRP F 329 5.56 34.20 -16.85
N LEU F 330 4.89 33.17 -16.34
CA LEU F 330 5.09 31.82 -16.88
C LEU F 330 4.47 31.67 -18.26
N LYS F 331 3.36 32.37 -18.52
CA LYS F 331 2.80 32.36 -19.87
C LYS F 331 3.74 33.03 -20.86
N GLU F 332 4.25 34.21 -20.49
CA GLU F 332 5.18 34.90 -21.38
C GLU F 332 6.45 34.10 -21.62
N ALA F 333 6.97 33.46 -20.56
CA ALA F 333 8.18 32.65 -20.69
C ALA F 333 7.94 31.32 -21.39
N GLY F 334 6.69 31.00 -21.73
CA GLY F 334 6.37 29.77 -22.42
C GLY F 334 6.40 28.52 -21.57
N ARG F 335 6.59 28.64 -20.26
CA ARG F 335 6.70 27.46 -19.41
C ARG F 335 5.35 26.79 -19.17
N VAL F 336 4.26 27.56 -19.14
CA VAL F 336 2.94 27.03 -18.84
C VAL F 336 1.98 27.42 -19.95
N ASP F 337 1.12 26.49 -20.34
CA ASP F 337 0.07 26.71 -21.33
C ASP F 337 -1.27 26.91 -20.61
N TYR F 338 -2.04 27.90 -21.06
CA TYR F 338 -3.32 28.24 -20.45
C TYR F 338 -4.42 28.11 -21.48
N ARG F 339 -5.48 27.36 -21.13
CA ARG F 339 -6.52 26.98 -22.07
C ARG F 339 -7.90 27.13 -21.44
N PRO F 340 -8.91 27.48 -22.22
CA PRO F 340 -10.25 27.68 -21.67
C PRO F 340 -11.06 26.40 -21.58
N ILE F 341 -11.96 26.38 -20.60
CA ILE F 341 -12.91 25.30 -20.39
C ILE F 341 -14.27 25.92 -20.12
N THR F 342 -15.29 25.48 -20.85
CA THR F 342 -16.61 26.08 -20.72
C THR F 342 -17.39 25.50 -19.54
N ASP F 343 -18.51 26.15 -19.21
CA ASP F 343 -19.42 25.62 -18.21
C ASP F 343 -19.86 24.20 -18.56
N SER F 344 -20.23 23.97 -19.83
CA SER F 344 -20.71 22.66 -20.24
C SER F 344 -19.64 21.59 -20.10
N GLU F 345 -18.42 21.89 -20.54
CA GLU F 345 -17.33 20.93 -20.40
C GLU F 345 -17.05 20.64 -18.93
N ALA F 346 -17.06 21.68 -18.09
CA ALA F 346 -16.77 21.48 -16.68
C ALA F 346 -17.85 20.63 -16.00
N MET F 347 -19.12 20.88 -16.32
CA MET F 347 -20.18 20.10 -15.70
C MET F 347 -20.21 18.66 -16.20
N ASP F 348 -19.83 18.45 -17.47
CA ASP F 348 -19.72 17.07 -17.97
C ASP F 348 -18.67 16.30 -17.19
N ALA F 349 -17.50 16.91 -16.97
CA ALA F 349 -16.45 16.27 -16.18
C ALA F 349 -16.91 16.08 -14.73
N PHE F 350 -17.63 17.06 -14.19
CA PHE F 350 -18.20 16.95 -12.85
C PHE F 350 -18.99 15.65 -12.72
N GLY F 351 -19.98 15.44 -13.59
CA GLY F 351 -20.80 14.25 -13.52
C GLY F 351 -20.00 12.98 -13.77
N LEU F 352 -19.01 13.06 -14.65
CA LEU F 352 -18.19 11.90 -14.94
C LEU F 352 -17.40 11.46 -13.71
N LEU F 353 -16.85 12.43 -12.97
CA LEU F 353 -16.09 12.08 -11.77
C LEU F 353 -16.98 11.50 -10.69
N CYS F 354 -18.22 11.98 -10.58
CA CYS F 354 -19.18 11.41 -9.65
C CYS F 354 -19.44 9.94 -9.97
N ARG F 355 -19.68 9.64 -11.25
CA ARG F 355 -20.12 8.31 -11.64
C ARG F 355 -18.96 7.32 -11.76
N MET F 356 -17.77 7.79 -12.15
CA MET F 356 -16.64 6.90 -12.36
C MET F 356 -15.85 6.64 -11.09
N GLU F 357 -15.64 7.68 -10.28
CA GLU F 357 -14.79 7.56 -9.10
C GLU F 357 -15.49 7.81 -7.78
N GLY F 358 -16.76 8.19 -7.78
CA GLY F 358 -17.42 8.49 -6.52
C GLY F 358 -16.89 9.71 -5.82
N ILE F 359 -16.37 10.68 -6.56
CA ILE F 359 -15.85 11.92 -6.00
C ILE F 359 -16.70 13.05 -6.56
N ILE F 360 -17.32 13.82 -5.66
CA ILE F 360 -18.09 15.00 -6.03
C ILE F 360 -17.14 16.20 -5.96
N PRO F 361 -16.71 16.74 -7.10
CA PRO F 361 -15.70 17.81 -7.08
C PRO F 361 -16.33 19.19 -6.96
N ALA F 362 -15.51 20.14 -6.54
CA ALA F 362 -15.87 21.54 -6.72
C ALA F 362 -15.94 21.85 -8.20
N ILE F 363 -16.91 22.69 -8.59
CA ILE F 363 -17.07 23.02 -10.01
C ILE F 363 -15.80 23.70 -10.54
N GLU F 364 -15.08 24.41 -9.69
CA GLU F 364 -13.75 24.90 -10.04
C GLU F 364 -12.87 23.74 -10.49
N SER F 365 -12.70 22.73 -9.62
CA SER F 365 -11.84 21.61 -9.92
C SER F 365 -12.33 20.82 -11.13
N ALA F 366 -13.64 20.81 -11.37
CA ALA F 366 -14.17 20.09 -12.52
C ALA F 366 -13.67 20.68 -13.84
N HIS F 367 -13.34 21.97 -13.85
CA HIS F 367 -12.66 22.55 -15.02
C HIS F 367 -11.32 21.88 -15.26
N ALA F 368 -10.58 21.59 -14.19
CA ALA F 368 -9.29 20.92 -14.34
C ALA F 368 -9.48 19.49 -14.84
N VAL F 369 -10.49 18.78 -14.33
CA VAL F 369 -10.74 17.43 -14.81
C VAL F 369 -11.12 17.45 -16.28
N ALA F 370 -11.98 18.38 -16.69
CA ALA F 370 -12.39 18.48 -18.09
C ALA F 370 -11.17 18.64 -19.00
N GLY F 371 -10.25 19.54 -18.63
CA GLY F 371 -9.06 19.72 -19.44
C GLY F 371 -8.14 18.53 -19.43
N ALA F 372 -8.05 17.84 -18.28
CA ALA F 372 -7.24 16.63 -18.21
C ALA F 372 -7.76 15.57 -19.17
N LEU F 373 -9.08 15.42 -19.27
CA LEU F 373 -9.66 14.48 -20.22
C LEU F 373 -9.26 14.83 -21.64
N LYS F 374 -9.28 16.11 -21.99
CA LYS F 374 -8.84 16.53 -23.32
C LYS F 374 -7.34 16.31 -23.48
N LEU F 375 -6.55 16.62 -22.45
CA LEU F 375 -5.11 16.44 -22.54
C LEU F 375 -4.74 14.97 -22.67
N GLY F 376 -5.48 14.09 -21.99
CA GLY F 376 -5.19 12.66 -22.09
C GLY F 376 -5.39 12.13 -23.49
N VAL F 377 -6.41 12.62 -24.20
CA VAL F 377 -6.61 12.22 -25.58
C VAL F 377 -5.45 12.67 -26.45
N GLU F 378 -4.87 13.83 -26.13
CA GLU F 378 -3.72 14.33 -26.89
C GLU F 378 -2.47 13.51 -26.61
N LEU F 379 -2.22 13.18 -25.34
CA LEU F 379 -0.94 12.57 -24.98
C LEU F 379 -0.94 11.07 -25.21
N GLY F 380 -2.09 10.41 -25.14
CA GLY F 380 -2.21 9.02 -25.54
C GLY F 380 -2.10 8.06 -24.38
N ARG F 381 -2.16 6.77 -24.73
CA ARG F 381 -2.18 5.69 -23.75
C ARG F 381 -0.90 5.69 -22.90
N GLY F 382 -1.07 5.47 -21.60
CA GLY F 382 0.05 5.37 -20.69
C GLY F 382 0.61 6.69 -20.20
N ALA F 383 0.20 7.81 -20.78
CA ALA F 383 0.68 9.11 -20.31
C ALA F 383 0.21 9.35 -18.89
N VAL F 384 1.07 10.00 -18.09
CA VAL F 384 0.79 10.27 -16.69
C VAL F 384 0.44 11.75 -16.55
N ILE F 385 -0.77 12.02 -16.09
CA ILE F 385 -1.29 13.38 -15.95
C ILE F 385 -1.71 13.55 -14.50
N VAL F 386 -1.03 14.44 -13.78
CA VAL F 386 -1.40 14.76 -12.41
C VAL F 386 -2.30 15.98 -12.42
N VAL F 387 -3.43 15.88 -11.72
CA VAL F 387 -4.47 16.91 -11.73
C VAL F 387 -4.68 17.37 -10.30
N ASN F 388 -4.69 18.69 -10.10
CA ASN F 388 -5.00 19.25 -8.79
C ASN F 388 -6.52 19.27 -8.62
N LEU F 389 -7.04 18.35 -7.80
CA LEU F 389 -8.45 18.36 -7.43
C LEU F 389 -8.58 19.32 -6.25
N SER F 390 -8.81 20.59 -6.57
CA SER F 390 -8.58 21.65 -5.59
C SER F 390 -9.60 21.64 -4.46
N GLY F 391 -10.80 21.10 -4.68
CA GLY F 391 -11.79 21.11 -3.62
C GLY F 391 -12.94 20.18 -3.91
N ARG F 392 -13.74 19.96 -2.87
CA ARG F 392 -14.92 19.10 -2.95
C ARG F 392 -16.17 19.93 -3.23
N GLY F 393 -17.23 19.25 -3.66
CA GLY F 393 -18.37 19.94 -4.24
C GLY F 393 -19.62 20.05 -3.40
N ASP F 394 -19.49 19.92 -2.07
CA ASP F 394 -20.64 20.12 -1.18
C ASP F 394 -21.34 21.44 -1.47
N LYS F 395 -20.55 22.51 -1.58
CA LYS F 395 -21.10 23.84 -1.85
C LYS F 395 -21.84 23.90 -3.18
N ASP F 396 -21.51 23.02 -4.13
CA ASP F 396 -22.05 23.05 -5.48
C ASP F 396 -23.18 22.06 -5.70
N VAL F 397 -23.55 21.30 -4.67
CA VAL F 397 -24.47 20.19 -4.83
C VAL F 397 -25.79 20.67 -5.42
N GLU F 398 -26.32 21.79 -4.91
CA GLU F 398 -27.60 22.28 -5.39
C GLU F 398 -27.50 22.77 -6.84
N THR F 399 -26.40 23.44 -7.18
CA THR F 399 -26.20 23.87 -8.56
C THR F 399 -26.12 22.67 -9.50
N ALA F 400 -25.37 21.64 -9.10
CA ALA F 400 -25.21 20.46 -9.95
C ALA F 400 -26.51 19.68 -10.07
N ALA F 401 -27.24 19.52 -8.97
CA ALA F 401 -28.49 18.78 -9.01
C ALA F 401 -29.50 19.45 -9.94
N LYS F 402 -29.49 20.78 -9.99
CA LYS F 402 -30.36 21.49 -10.92
C LYS F 402 -29.88 21.31 -12.35
N TRP F 403 -28.57 21.33 -12.55
CA TRP F 403 -28.00 21.14 -13.89
C TRP F 403 -28.38 19.79 -14.47
N PHE F 404 -28.32 18.74 -13.65
CA PHE F 404 -28.57 17.38 -14.13
C PHE F 404 -30.02 16.94 -13.96
N GLY F 405 -30.91 17.81 -13.51
CA GLY F 405 -32.31 17.44 -13.34
C GLY F 405 -32.55 16.45 -12.22
N LEU F 406 -31.85 16.61 -11.10
CA LEU F 406 -32.00 15.68 -9.98
C LEU F 406 -32.61 16.36 -8.77
N LEU F 407 -33.67 17.13 -8.98
CA LEU F 407 -34.35 17.81 -7.89
C LEU F 407 -35.66 17.10 -7.54
N ALA G 9 -47.14 -37.75 18.37
CA ALA G 9 -48.45 -37.29 17.90
C ALA G 9 -48.62 -35.79 18.14
N SER G 10 -48.58 -35.02 17.06
CA SER G 10 -48.65 -33.57 17.16
C SER G 10 -50.10 -33.11 17.35
N ARG G 11 -50.24 -31.85 17.79
CA ARG G 11 -51.56 -31.30 18.06
C ARG G 11 -52.39 -31.15 16.78
N LEU G 12 -51.74 -30.82 15.66
CA LEU G 12 -52.44 -30.62 14.40
C LEU G 12 -52.54 -31.89 13.56
N GLY G 13 -51.99 -33.00 14.05
CA GLY G 13 -52.06 -34.28 13.37
C GLY G 13 -53.47 -34.70 12.97
N PRO G 14 -54.40 -34.73 13.94
CA PRO G 14 -55.78 -35.13 13.62
C PRO G 14 -56.41 -34.33 12.49
N VAL G 15 -56.15 -33.02 12.42
CA VAL G 15 -56.74 -32.19 11.38
C VAL G 15 -56.25 -32.61 10.01
N PHE G 16 -54.93 -32.84 9.90
CA PHE G 16 -54.37 -33.24 8.61
C PHE G 16 -54.67 -34.70 8.27
N ASP G 17 -54.73 -35.57 9.29
CA ASP G 17 -55.18 -36.94 9.05
C ASP G 17 -56.62 -36.95 8.56
N SER G 18 -57.47 -36.09 9.13
CA SER G 18 -58.85 -36.00 8.68
C SER G 18 -58.94 -35.46 7.26
N CYS G 19 -58.17 -34.42 6.95
CA CYS G 19 -58.19 -33.86 5.60
C CYS G 19 -57.67 -34.86 4.58
N ARG G 20 -56.67 -35.66 4.96
CA ARG G 20 -56.12 -36.65 4.03
C ARG G 20 -57.09 -37.79 3.79
N ALA G 21 -57.94 -38.11 4.78
CA ALA G 21 -58.94 -39.15 4.58
C ALA G 21 -60.08 -38.67 3.70
N ASN G 22 -60.35 -37.37 3.66
CA ASN G 22 -61.39 -36.80 2.80
C ASN G 22 -60.85 -36.33 1.47
N ASN G 23 -59.61 -36.70 1.11
CA ASN G 23 -59.00 -36.39 -0.17
C ASN G 23 -59.04 -34.89 -0.45
N ARG G 24 -58.46 -34.13 0.48
CA ARG G 24 -58.44 -32.67 0.37
C ARG G 24 -57.28 -32.13 1.18
N ALA G 25 -56.92 -30.89 0.88
CA ALA G 25 -55.95 -30.16 1.68
C ALA G 25 -56.67 -29.36 2.75
N ALA G 26 -55.94 -29.06 3.83
CA ALA G 26 -56.46 -28.21 4.88
C ALA G 26 -56.44 -26.75 4.44
N LEU G 27 -57.46 -26.01 4.84
CA LEU G 27 -57.51 -24.57 4.60
C LEU G 27 -57.04 -23.85 5.86
N ILE G 28 -55.94 -23.11 5.74
CA ILE G 28 -55.31 -22.45 6.87
C ILE G 28 -55.43 -20.95 6.66
N GLY G 29 -56.11 -20.28 7.60
CA GLY G 29 -56.44 -18.88 7.43
C GLY G 29 -55.83 -17.95 8.46
N TYR G 30 -55.31 -16.82 8.00
CA TYR G 30 -54.64 -15.84 8.85
C TYR G 30 -55.51 -14.59 9.00
N LEU G 31 -55.56 -14.06 10.23
CA LEU G 31 -56.17 -12.78 10.52
C LEU G 31 -55.44 -12.18 11.71
N PRO G 32 -55.11 -10.89 11.66
CA PRO G 32 -54.42 -10.25 12.80
C PRO G 32 -55.41 -9.83 13.89
N THR G 33 -55.02 -10.10 15.13
CA THR G 33 -55.83 -9.69 16.28
C THR G 33 -55.93 -8.17 16.34
N GLY G 34 -57.14 -7.68 16.56
CA GLY G 34 -57.34 -6.26 16.80
C GLY G 34 -57.60 -5.41 15.58
N TYR G 35 -57.78 -6.00 14.40
CA TYR G 35 -58.13 -5.24 13.21
C TYR G 35 -59.51 -5.66 12.72
N PRO G 36 -60.44 -4.72 12.50
CA PRO G 36 -60.29 -3.26 12.68
C PRO G 36 -60.33 -2.84 14.16
N ASP G 37 -60.84 -3.73 15.00
CA ASP G 37 -60.73 -3.61 16.44
C ASP G 37 -60.75 -5.02 17.02
N VAL G 38 -60.47 -5.13 18.32
CA VAL G 38 -60.44 -6.46 18.94
C VAL G 38 -61.76 -7.19 18.80
N PRO G 39 -62.92 -6.61 19.14
CA PRO G 39 -64.19 -7.35 18.95
C PRO G 39 -64.42 -7.77 17.50
N ALA G 40 -64.26 -6.84 16.55
CA ALA G 40 -64.51 -7.18 15.15
C ALA G 40 -63.56 -8.28 14.67
N SER G 41 -62.30 -8.26 15.13
CA SER G 41 -61.37 -9.30 14.72
C SER G 41 -61.78 -10.65 15.31
N VAL G 42 -62.31 -10.66 16.52
CA VAL G 42 -62.82 -11.91 17.08
C VAL G 42 -64.03 -12.39 16.28
N ALA G 43 -64.94 -11.48 15.95
CA ALA G 43 -66.09 -11.85 15.13
C ALA G 43 -65.65 -12.41 13.78
N ALA G 44 -64.62 -11.81 13.18
CA ALA G 44 -64.14 -12.29 11.89
C ALA G 44 -63.49 -13.66 12.01
N MET G 45 -62.70 -13.88 13.07
CA MET G 45 -62.09 -15.19 13.25
C MET G 45 -63.13 -16.27 13.53
N THR G 46 -64.19 -15.92 14.25
CA THR G 46 -65.30 -16.85 14.45
C THR G 46 -65.94 -17.22 13.12
N ALA G 47 -66.14 -16.22 12.25
CA ALA G 47 -66.72 -16.48 10.94
C ALA G 47 -65.84 -17.43 10.12
N LEU G 48 -64.53 -17.31 10.26
CA LEU G 48 -63.62 -18.23 9.56
C LEU G 48 -63.89 -19.67 9.95
N VAL G 49 -64.10 -19.93 11.24
CA VAL G 49 -64.43 -21.28 11.68
C VAL G 49 -65.75 -21.72 11.08
N GLU G 50 -66.73 -20.83 11.05
CA GLU G 50 -68.05 -21.17 10.52
C GLU G 50 -68.00 -21.41 9.01
N SER G 51 -67.14 -20.69 8.30
CA SER G 51 -67.10 -20.74 6.84
C SER G 51 -66.24 -21.86 6.28
N GLY G 52 -65.52 -22.60 7.13
CA GLY G 52 -64.81 -23.78 6.65
C GLY G 52 -63.31 -23.78 6.80
N CYS G 53 -62.77 -22.89 7.63
CA CYS G 53 -61.34 -22.90 7.91
C CYS G 53 -61.00 -24.05 8.85
N ASP G 54 -60.03 -24.88 8.44
CA ASP G 54 -59.61 -25.98 9.29
C ASP G 54 -58.66 -25.52 10.39
N ILE G 55 -57.82 -24.53 10.11
CA ILE G 55 -56.87 -23.99 11.08
C ILE G 55 -56.87 -22.48 10.95
N ILE G 56 -56.92 -21.79 12.09
CA ILE G 56 -56.82 -20.34 12.13
C ILE G 56 -55.42 -19.95 12.58
N GLU G 57 -54.79 -19.04 11.84
CA GLU G 57 -53.53 -18.42 12.26
C GLU G 57 -53.87 -17.07 12.87
N VAL G 58 -53.79 -16.98 14.20
CA VAL G 58 -54.06 -15.75 14.92
C VAL G 58 -52.77 -14.93 14.94
N GLY G 59 -52.75 -13.82 14.20
CA GLY G 59 -51.55 -13.01 14.08
C GLY G 59 -51.43 -12.03 15.23
N VAL G 60 -50.22 -11.94 15.78
CA VAL G 60 -49.90 -10.95 16.80
C VAL G 60 -49.33 -9.71 16.09
N PRO G 61 -50.01 -8.57 16.14
CA PRO G 61 -49.46 -7.36 15.52
C PRO G 61 -48.13 -6.97 16.14
N TYR G 62 -47.18 -6.59 15.29
CA TYR G 62 -45.83 -6.22 15.69
C TYR G 62 -45.47 -4.89 15.08
N SER G 63 -44.68 -4.09 15.81
CA SER G 63 -44.42 -2.72 15.43
C SER G 63 -43.56 -2.62 14.16
N ASP G 64 -42.69 -3.60 13.90
CA ASP G 64 -41.81 -3.58 12.74
C ASP G 64 -41.93 -4.89 11.97
N PRO G 65 -43.05 -5.10 11.29
CA PRO G 65 -43.33 -6.39 10.60
C PRO G 65 -42.69 -6.49 9.21
N GLY G 66 -41.38 -6.79 9.22
CA GLY G 66 -40.61 -6.76 7.99
C GLY G 66 -40.98 -7.82 6.97
N MET G 67 -41.57 -8.93 7.40
N MET G 67 -41.56 -8.94 7.41
CA MET G 67 -41.90 -10.01 6.49
CA MET G 67 -41.92 -10.04 6.53
C MET G 67 -43.32 -9.92 5.96
C MET G 67 -43.36 -9.97 6.04
N ASP G 68 -44.05 -8.87 6.28
CA ASP G 68 -45.45 -8.72 5.88
C ASP G 68 -45.58 -7.68 4.77
N GLY G 69 -46.44 -7.99 3.80
CA GLY G 69 -46.75 -7.07 2.73
C GLY G 69 -47.61 -5.92 3.22
N PRO G 70 -47.86 -4.95 2.34
CA PRO G 70 -48.57 -3.73 2.78
C PRO G 70 -49.98 -3.99 3.30
N THR G 71 -50.68 -5.02 2.81
CA THR G 71 -52.03 -5.28 3.28
C THR G 71 -52.04 -5.59 4.77
N ILE G 72 -51.30 -6.61 5.19
CA ILE G 72 -51.24 -6.98 6.60
C ILE G 72 -50.50 -5.90 7.39
N ALA G 73 -49.53 -5.23 6.77
CA ALA G 73 -48.78 -4.19 7.48
C ALA G 73 -49.67 -3.02 7.88
N ARG G 74 -50.55 -2.57 6.97
CA ARG G 74 -51.47 -1.50 7.32
C ARG G 74 -52.48 -1.96 8.37
N ALA G 75 -52.89 -3.22 8.31
CA ALA G 75 -53.87 -3.73 9.27
C ALA G 75 -53.28 -3.81 10.68
N THR G 76 -52.05 -4.35 10.80
CA THR G 76 -51.44 -4.45 12.12
C THR G 76 -51.10 -3.09 12.69
N GLU G 77 -50.71 -2.13 11.83
CA GLU G 77 -50.54 -0.76 12.28
C GLU G 77 -51.85 -0.21 12.84
N ALA G 78 -52.96 -0.45 12.13
CA ALA G 78 -54.26 -0.01 12.63
C ALA G 78 -54.63 -0.70 13.93
N ALA G 79 -54.39 -2.02 14.00
CA ALA G 79 -54.65 -2.76 15.23
C ALA G 79 -53.84 -2.19 16.40
N LEU G 80 -52.56 -1.90 16.16
CA LEU G 80 -51.73 -1.33 17.21
C LEU G 80 -52.15 0.08 17.57
N ARG G 81 -52.66 0.85 16.60
CA ARG G 81 -53.20 2.17 16.93
C ARG G 81 -54.43 2.07 17.81
N GLY G 82 -55.24 1.03 17.60
CA GLY G 82 -56.38 0.73 18.45
C GLY G 82 -56.04 0.15 19.80
N GLY G 83 -54.76 -0.03 20.10
CA GLY G 83 -54.35 -0.48 21.42
C GLY G 83 -54.37 -1.97 21.63
N VAL G 84 -54.17 -2.76 20.57
CA VAL G 84 -54.20 -4.21 20.71
C VAL G 84 -53.04 -4.66 21.58
N ARG G 85 -53.29 -5.68 22.39
CA ARG G 85 -52.29 -6.25 23.28
C ARG G 85 -52.06 -7.71 22.92
N VAL G 86 -50.91 -8.23 23.35
CA VAL G 86 -50.63 -9.65 23.12
C VAL G 86 -51.68 -10.51 23.80
N ARG G 87 -52.16 -10.08 24.96
CA ARG G 87 -53.19 -10.86 25.66
C ARG G 87 -54.47 -10.98 24.84
N ASP G 88 -54.75 -9.99 23.99
CA ASP G 88 -55.93 -10.09 23.12
C ASP G 88 -55.82 -11.26 22.14
N THR G 89 -54.59 -11.59 21.73
CA THR G 89 -54.41 -12.77 20.89
C THR G 89 -54.75 -14.04 21.65
N LEU G 90 -54.38 -14.13 22.92
CA LEU G 90 -54.77 -15.28 23.72
C LEU G 90 -56.28 -15.34 23.91
N ALA G 91 -56.93 -14.17 24.05
CA ALA G 91 -58.39 -14.13 24.11
C ALA G 91 -59.00 -14.62 22.80
N ALA G 92 -58.41 -14.21 21.66
CA ALA G 92 -58.91 -14.68 20.38
C ALA G 92 -58.74 -16.18 20.22
N VAL G 93 -57.62 -16.72 20.71
CA VAL G 93 -57.39 -18.16 20.67
C VAL G 93 -58.49 -18.89 21.43
N GLU G 94 -58.83 -18.38 22.61
CA GLU G 94 -59.87 -19.02 23.43
C GLU G 94 -61.22 -19.00 22.71
N ALA G 95 -61.60 -17.83 22.16
CA ALA G 95 -62.88 -17.71 21.47
C ALA G 95 -62.97 -18.65 20.28
N ILE G 96 -61.87 -18.79 19.54
CA ILE G 96 -61.85 -19.71 18.40
C ILE G 96 -62.04 -21.15 18.89
N SER G 97 -61.38 -21.52 19.98
CA SER G 97 -61.50 -22.88 20.50
C SER G 97 -62.90 -23.17 20.98
N ILE G 98 -63.57 -22.18 21.59
CA ILE G 98 -64.93 -22.38 22.08
C ILE G 98 -65.89 -22.59 20.92
N ALA G 99 -65.68 -21.87 19.83
CA ALA G 99 -66.51 -22.02 18.63
C ALA G 99 -66.19 -23.29 17.84
N GLY G 100 -65.42 -24.20 18.41
CA GLY G 100 -65.10 -25.45 17.74
C GLY G 100 -63.95 -25.38 16.77
N GLY G 101 -63.23 -24.26 16.71
CA GLY G 101 -62.12 -24.12 15.78
C GLY G 101 -60.80 -24.61 16.35
N ARG G 102 -59.80 -24.60 15.48
N ARG G 102 -59.80 -24.63 15.46
CA ARG G 102 -58.44 -25.02 15.84
CA ARG G 102 -58.44 -25.02 15.79
C ARG G 102 -57.49 -23.89 15.49
C ARG G 102 -57.54 -23.84 15.48
N ALA G 103 -56.93 -23.24 16.51
CA ALA G 103 -56.14 -22.03 16.35
C ALA G 103 -54.69 -22.27 16.70
N VAL G 104 -53.79 -21.72 15.88
CA VAL G 104 -52.40 -21.52 16.21
C VAL G 104 -52.13 -20.02 16.17
N VAL G 105 -51.00 -19.62 16.74
CA VAL G 105 -50.59 -18.23 16.80
C VAL G 105 -49.39 -18.03 15.89
N MET G 106 -49.40 -16.94 15.14
CA MET G 106 -48.25 -16.53 14.33
C MET G 106 -47.74 -15.19 14.86
N THR G 107 -46.46 -15.14 15.21
CA THR G 107 -45.93 -13.96 15.87
C THR G 107 -44.45 -13.82 15.55
N TYR G 108 -44.01 -12.57 15.39
CA TYR G 108 -42.59 -12.26 15.48
C TYR G 108 -42.09 -12.61 16.87
N TRP G 109 -40.78 -12.80 16.98
CA TRP G 109 -40.26 -13.45 18.17
C TRP G 109 -40.14 -12.52 19.38
N ASN G 110 -39.93 -11.23 19.16
CA ASN G 110 -39.64 -10.39 20.32
C ASN G 110 -40.83 -10.24 21.27
N PRO G 111 -42.08 -10.14 20.79
CA PRO G 111 -43.21 -10.19 21.75
C PRO G 111 -43.22 -11.45 22.60
N VAL G 112 -42.74 -12.57 22.07
CA VAL G 112 -42.64 -13.79 22.88
C VAL G 112 -41.52 -13.65 23.91
N LEU G 113 -40.37 -13.09 23.51
CA LEU G 113 -39.28 -12.87 24.45
C LEU G 113 -39.70 -11.94 25.59
N ARG G 114 -40.35 -10.82 25.25
CA ARG G 114 -40.79 -9.88 26.27
C ARG G 114 -41.79 -10.55 27.22
N TYR G 115 -42.68 -11.37 26.66
CA TYR G 115 -43.64 -12.10 27.47
C TYR G 115 -42.96 -13.14 28.36
N GLY G 116 -41.86 -13.71 27.89
CA GLY G 116 -41.29 -14.89 28.50
C GLY G 116 -41.71 -16.12 27.72
N VAL G 117 -40.73 -16.89 27.22
CA VAL G 117 -41.05 -18.00 26.32
C VAL G 117 -41.89 -19.05 27.03
N ASP G 118 -41.41 -19.54 28.17
CA ASP G 118 -42.15 -20.54 28.93
C ASP G 118 -43.52 -20.00 29.35
N ALA G 119 -43.56 -18.76 29.83
CA ALA G 119 -44.84 -18.19 30.27
C ALA G 119 -45.82 -18.06 29.12
N PHE G 120 -45.32 -17.69 27.93
CA PHE G 120 -46.21 -17.60 26.77
C PHE G 120 -46.69 -18.97 26.34
N ALA G 121 -45.80 -19.97 26.36
CA ALA G 121 -46.20 -21.32 26.01
C ALA G 121 -47.30 -21.82 26.93
N ARG G 122 -47.14 -21.62 28.24
CA ARG G 122 -48.17 -22.03 29.20
C ARG G 122 -49.49 -21.31 28.93
N ASP G 123 -49.43 -19.99 28.72
CA ASP G 123 -50.65 -19.23 28.50
C ASP G 123 -51.28 -19.55 27.15
N LEU G 124 -50.48 -19.91 26.15
CA LEU G 124 -51.04 -20.33 24.87
C LEU G 124 -51.75 -21.68 25.01
N ALA G 125 -51.09 -22.63 25.67
CA ALA G 125 -51.72 -23.94 25.88
C ALA G 125 -52.98 -23.80 26.73
N ALA G 126 -52.96 -22.90 27.71
CA ALA G 126 -54.13 -22.70 28.56
C ALA G 126 -55.29 -22.08 27.78
N ALA G 127 -54.98 -21.27 26.77
CA ALA G 127 -56.02 -20.66 25.95
C ALA G 127 -56.64 -21.64 24.96
N GLY G 128 -56.09 -22.85 24.84
CA GLY G 128 -56.53 -23.79 23.84
C GLY G 128 -55.74 -23.76 22.55
N GLY G 129 -54.65 -23.01 22.50
CA GLY G 129 -53.84 -22.97 21.30
C GLY G 129 -53.14 -24.29 21.05
N LEU G 130 -52.93 -24.59 19.77
CA LEU G 130 -52.35 -25.86 19.36
C LEU G 130 -50.90 -25.74 18.93
N GLY G 131 -50.43 -24.55 18.62
CA GLY G 131 -49.07 -24.41 18.13
C GLY G 131 -48.74 -22.95 17.88
N LEU G 132 -47.51 -22.74 17.42
CA LEU G 132 -46.95 -21.40 17.23
C LEU G 132 -46.15 -21.37 15.94
N ILE G 133 -46.41 -20.35 15.12
CA ILE G 133 -45.67 -20.13 13.88
C ILE G 133 -44.70 -18.98 14.10
N THR G 134 -43.42 -19.22 13.83
CA THR G 134 -42.33 -18.30 14.19
C THR G 134 -41.58 -17.88 12.93
N PRO G 135 -42.06 -16.86 12.22
CA PRO G 135 -41.46 -16.52 10.92
C PRO G 135 -40.07 -15.89 11.00
N ASP G 136 -39.68 -15.29 12.13
CA ASP G 136 -38.33 -14.74 12.25
C ASP G 136 -37.49 -15.48 13.29
N LEU G 137 -37.89 -16.69 13.66
CA LEU G 137 -37.13 -17.55 14.57
C LEU G 137 -36.73 -18.80 13.80
N ILE G 138 -35.43 -18.95 13.55
CA ILE G 138 -34.90 -20.17 12.95
C ILE G 138 -34.57 -21.14 14.07
N PRO G 139 -34.50 -22.45 13.81
CA PRO G 139 -34.15 -23.39 14.89
C PRO G 139 -32.83 -23.09 15.57
N ASP G 140 -31.88 -22.44 14.87
CA ASP G 140 -30.59 -22.14 15.47
C ASP G 140 -30.73 -21.35 16.77
N GLU G 141 -31.77 -20.53 16.87
CA GLU G 141 -31.98 -19.67 18.03
C GLU G 141 -33.13 -20.11 18.92
N ALA G 142 -33.68 -21.30 18.68
CA ALA G 142 -34.98 -21.67 19.24
C ALA G 142 -34.88 -22.61 20.44
N GLN G 143 -33.74 -22.65 21.13
CA GLN G 143 -33.53 -23.62 22.21
C GLN G 143 -34.61 -23.52 23.28
N GLN G 144 -34.89 -22.31 23.78
CA GLN G 144 -35.94 -22.14 24.77
C GLN G 144 -37.29 -22.59 24.24
N TRP G 145 -37.59 -22.23 22.99
CA TRP G 145 -38.89 -22.56 22.42
C TRP G 145 -39.05 -24.06 22.21
N LEU G 146 -38.00 -24.73 21.71
CA LEU G 146 -38.08 -26.18 21.55
C LEU G 146 -38.37 -26.87 22.87
N ALA G 147 -37.78 -26.35 23.96
CA ALA G 147 -38.05 -26.92 25.28
C ALA G 147 -39.49 -26.65 25.70
N ALA G 148 -39.95 -25.41 25.55
CA ALA G 148 -41.31 -25.07 25.96
C ALA G 148 -42.35 -25.74 25.07
N SER G 149 -42.06 -25.83 23.76
CA SER G 149 -42.97 -26.52 22.85
C SER G 149 -43.15 -27.98 23.25
N GLU G 150 -42.05 -28.65 23.60
CA GLU G 150 -42.12 -30.05 24.01
C GLU G 150 -42.80 -30.19 25.37
N GLU G 151 -42.48 -29.29 26.31
CA GLU G 151 -42.96 -29.44 27.68
C GLU G 151 -44.46 -29.21 27.77
N HIS G 152 -45.00 -28.27 27.00
CA HIS G 152 -46.39 -27.86 27.12
C HIS G 152 -47.23 -28.29 25.92
N ARG G 153 -46.72 -29.22 25.11
CA ARG G 153 -47.48 -29.88 24.04
C ARG G 153 -48.05 -28.87 23.05
N LEU G 154 -47.14 -28.10 22.45
CA LEU G 154 -47.50 -27.15 21.41
C LEU G 154 -46.75 -27.49 20.14
N ASP G 155 -47.43 -27.37 19.01
CA ASP G 155 -46.75 -27.53 17.74
C ASP G 155 -45.86 -26.33 17.46
N ARG G 156 -44.81 -26.56 16.69
CA ARG G 156 -43.85 -25.50 16.34
C ARG G 156 -43.65 -25.52 14.84
N ILE G 157 -44.21 -24.52 14.17
CA ILE G 157 -44.20 -24.43 12.72
C ILE G 157 -43.10 -23.45 12.32
N PHE G 158 -42.00 -23.97 11.81
CA PHE G 158 -40.95 -23.17 11.21
C PHE G 158 -41.19 -23.04 9.71
N LEU G 159 -40.52 -22.06 9.10
CA LEU G 159 -40.67 -21.79 7.69
C LEU G 159 -39.46 -22.28 6.90
N VAL G 160 -39.72 -22.81 5.71
CA VAL G 160 -38.69 -23.06 4.72
C VAL G 160 -38.99 -22.20 3.50
N ALA G 161 -37.95 -21.92 2.73
CA ALA G 161 -38.02 -21.06 1.56
C ALA G 161 -37.39 -21.76 0.37
N PRO G 162 -37.73 -21.34 -0.85
CA PRO G 162 -37.07 -21.94 -2.03
C PRO G 162 -35.55 -21.88 -1.98
N SER G 163 -34.98 -20.86 -1.35
CA SER G 163 -33.53 -20.72 -1.29
C SER G 163 -32.89 -21.55 -0.19
N SER G 164 -33.68 -22.20 0.67
CA SER G 164 -33.12 -23.00 1.74
C SER G 164 -32.14 -24.04 1.20
N THR G 165 -30.93 -24.03 1.76
CA THR G 165 -29.95 -25.04 1.40
C THR G 165 -30.46 -26.42 1.83
N PRO G 166 -29.97 -27.48 1.18
CA PRO G 166 -30.41 -28.83 1.59
C PRO G 166 -30.18 -29.11 3.07
N GLU G 167 -29.05 -28.64 3.63
CA GLU G 167 -28.76 -28.88 5.03
C GLU G 167 -29.74 -28.15 5.94
N ARG G 168 -29.99 -26.87 5.65
CA ARG G 168 -30.90 -26.09 6.50
C ARG G 168 -32.33 -26.58 6.37
N LEU G 169 -32.75 -26.93 5.15
CA LEU G 169 -34.11 -27.43 4.95
C LEU G 169 -34.36 -28.67 5.80
N ALA G 170 -33.44 -29.63 5.77
CA ALA G 170 -33.60 -30.85 6.57
C ALA G 170 -33.65 -30.53 8.06
N ALA G 171 -32.76 -29.66 8.53
CA ALA G 171 -32.75 -29.30 9.95
C ALA G 171 -34.02 -28.55 10.35
N THR G 172 -34.56 -27.74 9.44
CA THR G 172 -35.77 -26.99 9.76
C THR G 172 -36.99 -27.91 9.78
N VAL G 173 -37.07 -28.85 8.84
CA VAL G 173 -38.15 -29.83 8.85
C VAL G 173 -38.07 -30.70 10.09
N GLU G 174 -36.85 -31.16 10.42
CA GLU G 174 -36.65 -31.98 11.61
C GLU G 174 -37.12 -31.26 12.88
N ALA G 175 -36.88 -29.95 12.96
CA ALA G 175 -37.26 -29.21 14.15
C ALA G 175 -38.75 -28.92 14.22
N SER G 176 -39.48 -29.06 13.13
CA SER G 176 -40.89 -28.67 13.10
C SER G 176 -41.80 -29.79 13.62
N ARG G 177 -42.93 -29.37 14.19
CA ARG G 177 -44.00 -30.27 14.60
C ARG G 177 -45.33 -29.66 14.17
N GLY G 178 -46.25 -30.50 13.72
CA GLY G 178 -47.54 -30.01 13.25
C GLY G 178 -47.56 -29.87 11.75
N PHE G 179 -46.92 -28.82 11.22
CA PHE G 179 -46.65 -28.75 9.79
C PHE G 179 -45.45 -27.83 9.58
N VAL G 180 -44.91 -27.88 8.36
CA VAL G 180 -43.85 -26.99 7.92
C VAL G 180 -44.48 -25.96 6.99
N TYR G 181 -44.06 -24.70 7.13
CA TYR G 181 -44.61 -23.58 6.38
C TYR G 181 -43.67 -23.32 5.19
N ALA G 182 -44.08 -23.76 4.01
CA ALA G 182 -43.33 -23.50 2.78
C ALA G 182 -43.78 -22.16 2.22
N ALA G 183 -42.97 -21.12 2.46
CA ALA G 183 -43.32 -19.77 2.08
C ALA G 183 -42.66 -19.38 0.78
N SER G 184 -43.37 -18.63 -0.05
CA SER G 184 -42.82 -18.10 -1.30
C SER G 184 -43.25 -16.65 -1.50
N SER G 196 -44.89 -19.22 -10.08
CA SER G 196 -43.81 -19.97 -10.70
C SER G 196 -43.89 -21.45 -10.32
N GLN G 197 -42.76 -22.14 -10.45
CA GLN G 197 -42.64 -23.54 -10.07
C GLN G 197 -41.96 -23.72 -8.72
N ALA G 198 -41.69 -22.62 -8.01
CA ALA G 198 -40.93 -22.70 -6.77
C ALA G 198 -41.66 -23.51 -5.71
N ALA G 199 -42.95 -23.21 -5.49
CA ALA G 199 -43.69 -23.86 -4.42
C ALA G 199 -43.75 -25.38 -4.57
N PRO G 200 -44.15 -25.95 -5.71
CA PRO G 200 -44.20 -27.43 -5.78
C PRO G 200 -42.82 -28.07 -5.67
N GLU G 201 -41.78 -27.44 -6.20
CA GLU G 201 -40.43 -28.00 -6.04
C GLU G 201 -40.00 -27.97 -4.58
N LEU G 202 -40.34 -26.91 -3.85
CA LEU G 202 -39.97 -26.82 -2.45
C LEU G 202 -40.67 -27.90 -1.63
N VAL G 203 -41.97 -28.11 -1.88
CA VAL G 203 -42.70 -29.16 -1.17
C VAL G 203 -42.09 -30.53 -1.45
N GLY G 204 -41.67 -30.75 -2.69
CA GLY G 204 -41.04 -32.01 -3.03
C GLY G 204 -39.77 -32.27 -2.23
N ARG G 205 -38.98 -31.22 -1.99
N ARG G 205 -38.99 -31.21 -1.99
CA ARG G 205 -37.78 -31.38 -1.19
CA ARG G 205 -37.77 -31.37 -1.19
C ARG G 205 -38.11 -31.73 0.25
C ARG G 205 -38.10 -31.71 0.26
N VAL G 206 -39.19 -31.18 0.79
CA VAL G 206 -39.59 -31.49 2.16
C VAL G 206 -40.08 -32.93 2.25
N LYS G 207 -40.95 -33.33 1.31
CA LYS G 207 -41.48 -34.69 1.34
C LYS G 207 -40.42 -35.71 0.98
N ALA G 208 -39.31 -35.29 0.36
CA ALA G 208 -38.19 -36.19 0.15
C ALA G 208 -37.50 -36.58 1.45
N VAL G 209 -37.69 -35.80 2.51
CA VAL G 209 -36.99 -36.06 3.77
C VAL G 209 -37.93 -36.27 4.95
N SER G 210 -39.25 -36.10 4.78
CA SER G 210 -40.14 -36.24 5.92
C SER G 210 -41.58 -36.40 5.45
N ASP G 211 -42.38 -37.05 6.28
CA ASP G 211 -43.82 -37.19 6.06
C ASP G 211 -44.63 -36.12 6.77
N ILE G 212 -43.99 -35.09 7.29
CA ILE G 212 -44.71 -34.04 8.01
C ILE G 212 -45.60 -33.26 7.05
N PRO G 213 -46.80 -32.86 7.45
CA PRO G 213 -47.64 -32.05 6.56
C PRO G 213 -46.94 -30.75 6.17
N VAL G 214 -47.25 -30.26 4.98
CA VAL G 214 -46.62 -29.07 4.43
C VAL G 214 -47.72 -28.10 4.02
N GLY G 215 -47.72 -26.92 4.63
CA GLY G 215 -48.59 -25.83 4.22
C GLY G 215 -47.84 -24.90 3.28
N VAL G 216 -48.58 -24.36 2.30
CA VAL G 216 -47.99 -23.50 1.27
C VAL G 216 -48.69 -22.15 1.31
N GLY G 217 -47.90 -21.10 1.53
CA GLY G 217 -48.38 -19.73 1.39
C GLY G 217 -47.84 -19.14 0.09
N LEU G 218 -48.68 -18.36 -0.58
CA LEU G 218 -48.34 -17.97 -1.96
C LEU G 218 -49.08 -16.72 -2.42
N GLY G 219 -49.61 -15.90 -1.53
CA GLY G 219 -50.48 -14.82 -1.96
C GLY G 219 -51.74 -15.34 -2.62
N VAL G 220 -52.33 -16.40 -2.08
CA VAL G 220 -53.53 -16.99 -2.66
C VAL G 220 -54.67 -15.99 -2.58
N ARG G 221 -55.43 -15.87 -3.68
CA ARG G 221 -56.57 -14.97 -3.74
C ARG G 221 -57.84 -15.60 -4.31
N SER G 222 -57.77 -16.81 -4.88
CA SER G 222 -58.91 -17.35 -5.61
C SER G 222 -59.07 -18.83 -5.31
N ARG G 223 -60.29 -19.32 -5.55
CA ARG G 223 -60.55 -20.75 -5.45
C ARG G 223 -59.64 -21.56 -6.36
N ALA G 224 -59.34 -21.01 -7.54
CA ALA G 224 -58.48 -21.72 -8.49
C ALA G 224 -57.08 -21.92 -7.92
N GLN G 225 -56.50 -20.85 -7.36
CA GLN G 225 -55.15 -20.95 -6.82
C GLN G 225 -55.09 -21.92 -5.65
N ALA G 226 -56.15 -21.96 -4.82
CA ALA G 226 -56.20 -22.94 -3.74
C ALA G 226 -56.20 -24.36 -4.27
N ALA G 227 -56.99 -24.62 -5.32
CA ALA G 227 -57.08 -25.97 -5.87
C ALA G 227 -55.76 -26.41 -6.49
N GLN G 228 -55.04 -25.48 -7.11
CA GLN G 228 -53.73 -25.82 -7.69
C GLN G 228 -52.77 -26.25 -6.59
N ILE G 229 -52.72 -25.49 -5.49
CA ILE G 229 -51.80 -25.82 -4.41
C ILE G 229 -52.20 -27.12 -3.73
N ALA G 230 -53.50 -27.41 -3.67
CA ALA G 230 -53.99 -28.61 -3.01
C ALA G 230 -53.57 -29.90 -3.72
N GLN G 231 -53.05 -29.81 -4.95
CA GLN G 231 -52.63 -31.01 -5.66
C GLN G 231 -51.32 -31.57 -5.13
N TYR G 232 -50.50 -30.74 -4.46
CA TYR G 232 -49.23 -31.19 -3.92
C TYR G 232 -49.01 -30.86 -2.45
N ALA G 233 -49.77 -29.94 -1.87
CA ALA G 233 -49.58 -29.51 -0.48
C ALA G 233 -50.69 -30.05 0.40
N ASP G 234 -50.33 -30.32 1.66
CA ASP G 234 -51.30 -30.81 2.64
C ASP G 234 -52.14 -29.69 3.23
N GLY G 235 -51.70 -28.44 3.08
CA GLY G 235 -52.47 -27.31 3.58
C GLY G 235 -52.25 -26.10 2.69
N VAL G 236 -53.31 -25.30 2.53
CA VAL G 236 -53.26 -24.07 1.74
C VAL G 236 -53.42 -22.91 2.70
N ILE G 237 -52.43 -22.01 2.73
CA ILE G 237 -52.38 -20.90 3.67
C ILE G 237 -52.79 -19.63 2.94
N VAL G 238 -53.74 -18.90 3.53
CA VAL G 238 -54.25 -17.66 2.96
C VAL G 238 -54.25 -16.60 4.05
N GLY G 239 -53.67 -15.45 3.76
CA GLY G 239 -53.57 -14.38 4.74
C GLY G 239 -54.00 -13.03 4.24
N SER G 240 -53.29 -12.49 3.25
CA SER G 240 -53.56 -11.13 2.78
C SER G 240 -54.93 -11.03 2.13
N ALA G 241 -55.39 -12.08 1.44
CA ALA G 241 -56.71 -12.04 0.82
C ALA G 241 -57.81 -11.96 1.87
N LEU G 242 -57.61 -12.59 3.02
CA LEU G 242 -58.63 -12.53 4.08
C LEU G 242 -58.71 -11.15 4.70
N VAL G 243 -57.56 -10.50 4.91
CA VAL G 243 -57.56 -9.15 5.45
C VAL G 243 -58.21 -8.18 4.48
N THR G 244 -58.00 -8.38 3.18
CA THR G 244 -58.65 -7.54 2.18
C THR G 244 -60.16 -7.75 2.20
N ALA G 245 -60.60 -9.01 2.24
CA ALA G 245 -62.03 -9.30 2.29
C ALA G 245 -62.67 -8.72 3.54
N LEU G 246 -62.00 -8.86 4.69
CA LEU G 246 -62.53 -8.29 5.93
C LEU G 246 -62.61 -6.77 5.85
N THR G 247 -61.67 -6.14 5.15
CA THR G 247 -61.72 -4.69 4.98
C THR G 247 -62.98 -4.28 4.24
N GLU G 248 -63.34 -5.02 3.19
CA GLU G 248 -64.61 -4.78 2.51
C GLU G 248 -65.78 -5.01 3.45
N GLY G 249 -65.79 -6.14 4.13
CA GLY G 249 -66.84 -6.44 5.09
C GLY G 249 -66.85 -7.90 5.45
N LEU G 250 -67.44 -8.18 6.62
CA LEU G 250 -67.59 -9.56 7.08
C LEU G 250 -68.34 -10.46 6.11
N PRO G 251 -69.38 -10.00 5.40
CA PRO G 251 -69.97 -10.88 4.37
C PRO G 251 -69.00 -11.28 3.28
N ARG G 252 -68.14 -10.36 2.83
CA ARG G 252 -67.15 -10.70 1.83
C ARG G 252 -66.17 -11.75 2.35
N LEU G 253 -65.85 -11.68 3.64
CA LEU G 253 -64.93 -12.66 4.23
C LEU G 253 -65.55 -14.07 4.18
N ARG G 254 -66.81 -14.20 4.59
CA ARG G 254 -67.47 -15.50 4.54
C ARG G 254 -67.53 -16.03 3.12
N ALA G 255 -67.84 -15.16 2.15
CA ALA G 255 -67.92 -15.58 0.77
C ALA G 255 -66.58 -16.10 0.26
N LEU G 256 -65.52 -15.31 0.45
CA LEU G 256 -64.19 -15.72 -0.02
C LEU G 256 -63.74 -16.99 0.66
N THR G 257 -63.99 -17.12 1.97
CA THR G 257 -63.59 -18.33 2.68
C THR G 257 -64.31 -19.56 2.12
N GLY G 258 -65.59 -19.41 1.77
CA GLY G 258 -66.32 -20.52 1.18
C GLY G 258 -65.75 -20.94 -0.16
N GLU G 259 -65.35 -19.96 -0.98
CA GLU G 259 -64.75 -20.27 -2.28
C GLU G 259 -63.44 -21.01 -2.09
N LEU G 260 -62.61 -20.57 -1.14
CA LEU G 260 -61.35 -21.25 -0.87
C LEU G 260 -61.57 -22.64 -0.28
N ALA G 261 -62.59 -22.78 0.56
CA ALA G 261 -62.88 -24.09 1.15
C ALA G 261 -63.26 -25.11 0.09
N ALA G 262 -63.95 -24.67 -0.96
CA ALA G 262 -64.24 -25.57 -2.07
C ALA G 262 -62.98 -25.86 -2.87
N GLY G 263 -62.12 -24.86 -3.04
CA GLY G 263 -60.92 -25.05 -3.84
C GLY G 263 -60.03 -26.16 -3.30
N VAL G 264 -59.87 -26.24 -1.98
CA VAL G 264 -58.92 -27.17 -1.38
C VAL G 264 -59.48 -28.59 -1.41
N ARG G 265 -60.72 -28.74 -1.90
CA ARG G 265 -61.35 -30.06 -1.98
C ARG G 265 -61.27 -30.68 -3.37
N LEU G 266 -60.79 -29.94 -4.36
CA LEU G 266 -60.63 -30.50 -5.70
C LEU G 266 -59.48 -31.51 -5.72
N GLY G 267 -59.40 -32.26 -6.82
CA GLY G 267 -58.38 -33.27 -7.00
C GLY G 267 -58.58 -34.50 -6.14
N ILE H 5 -1.05 -9.16 9.34
CA ILE H 5 -2.03 -8.20 8.85
C ILE H 5 -3.37 -8.38 9.55
N ALA H 6 -3.86 -9.60 9.58
CA ALA H 6 -5.17 -9.89 10.19
C ALA H 6 -5.05 -9.89 11.70
N GLU H 7 -5.94 -9.12 12.35
CA GLU H 7 -5.91 -8.95 13.80
C GLU H 7 -6.47 -10.18 14.51
N PRO H 8 -6.05 -10.43 15.74
CA PRO H 8 -6.52 -11.62 16.48
C PRO H 8 -8.03 -11.62 16.68
N THR H 9 -8.55 -12.79 17.04
CA THR H 9 -9.97 -13.04 17.21
C THR H 9 -10.35 -13.31 18.66
N SER H 10 -9.68 -12.62 19.60
CA SER H 10 -9.89 -12.91 21.02
C SER H 10 -11.26 -12.45 21.49
N HIS H 11 -11.83 -11.40 20.88
CA HIS H 11 -13.09 -10.83 21.30
C HIS H 11 -14.25 -11.22 20.40
N ASP H 12 -14.04 -12.17 19.49
CA ASP H 12 -15.03 -12.50 18.48
C ASP H 12 -16.14 -13.37 19.04
N PRO H 13 -17.30 -13.40 18.38
CA PRO H 13 -18.39 -14.28 18.79
C PRO H 13 -18.15 -15.69 18.26
N ASP H 14 -19.03 -16.61 18.64
CA ASP H 14 -18.93 -17.98 18.16
C ASP H 14 -19.44 -18.05 16.72
N SER H 15 -19.52 -19.26 16.16
CA SER H 15 -19.91 -19.42 14.76
C SER H 15 -21.37 -19.04 14.51
N GLY H 16 -22.21 -19.09 15.54
CA GLY H 16 -23.56 -18.56 15.44
C GLY H 16 -23.67 -17.07 15.67
N GLY H 17 -22.55 -16.40 15.93
CA GLY H 17 -22.55 -14.96 16.11
C GLY H 17 -22.94 -14.47 17.48
N HIS H 18 -22.73 -15.28 18.52
CA HIS H 18 -23.14 -14.95 19.87
C HIS H 18 -21.96 -14.49 20.71
N PHE H 19 -22.18 -13.41 21.48
N PHE H 19 -22.19 -13.43 21.49
CA PHE H 19 -21.17 -12.88 22.39
CA PHE H 19 -21.25 -12.97 22.49
C PHE H 19 -21.47 -13.36 23.81
C PHE H 19 -21.75 -13.38 23.88
N GLY H 20 -20.51 -14.03 24.43
N GLY H 20 -20.82 -13.77 24.74
CA GLY H 20 -20.65 -14.40 25.82
CA GLY H 20 -21.14 -14.07 26.12
C GLY H 20 -21.42 -15.67 26.10
C GLY H 20 -21.73 -15.44 26.38
N GLY H 21 -21.32 -16.67 25.21
N GLY H 21 -21.85 -16.29 25.38
CA GLY H 21 -21.99 -17.93 25.44
CA GLY H 21 -22.36 -17.63 25.56
C GLY H 21 -22.81 -18.40 24.26
C GLY H 21 -23.83 -17.67 25.94
N PRO H 22 -23.24 -19.66 24.32
N PRO H 22 -24.12 -18.06 27.18
CA PRO H 22 -23.96 -20.23 23.15
CA PRO H 22 -25.53 -18.16 27.61
C PRO H 22 -25.26 -19.54 22.83
C PRO H 22 -26.26 -16.84 27.70
N SER H 23 -25.86 -18.81 23.77
N SER H 23 -25.54 -15.71 27.83
CA SER H 23 -27.10 -18.08 23.55
CA SER H 23 -26.23 -14.42 27.87
C SER H 23 -26.99 -16.66 24.09
C SER H 23 -26.91 -14.11 26.55
N GLY H 24 -25.82 -16.05 23.93
N GLY H 24 -26.39 -14.63 25.44
CA GLY H 24 -25.59 -14.70 24.40
CA GLY H 24 -27.12 -14.66 24.19
C GLY H 24 -26.09 -13.65 23.41
C GLY H 24 -27.06 -13.42 23.34
N TRP H 25 -25.55 -12.45 23.56
N TRP H 25 -26.03 -12.59 23.49
CA TRP H 25 -25.94 -11.34 22.69
CA TRP H 25 -25.94 -11.37 22.70
C TRP H 25 -25.57 -11.64 21.24
C TRP H 25 -25.60 -11.69 21.25
N GLY H 26 -26.33 -11.09 20.32
CA GLY H 26 -26.05 -11.22 18.91
C GLY H 26 -26.91 -12.29 18.25
N GLY H 27 -26.28 -13.19 17.51
CA GLY H 27 -26.99 -14.25 16.85
C GLY H 27 -27.59 -13.82 15.52
N ARG H 28 -28.60 -14.57 15.09
CA ARG H 28 -29.30 -14.34 13.82
C ARG H 28 -30.80 -14.47 14.06
N TYR H 29 -31.48 -13.34 14.20
CA TYR H 29 -32.94 -13.34 14.32
C TYR H 29 -33.50 -12.84 12.98
N VAL H 30 -33.49 -13.75 12.01
CA VAL H 30 -33.86 -13.44 10.63
C VAL H 30 -34.74 -14.56 10.10
N PRO H 31 -35.51 -14.29 9.03
CA PRO H 31 -36.26 -15.36 8.39
C PRO H 31 -35.33 -16.35 7.71
N GLU H 32 -35.77 -17.62 7.68
CA GLU H 32 -35.04 -18.65 6.96
C GLU H 32 -34.84 -18.27 5.50
N ALA H 33 -35.72 -17.42 4.95
CA ALA H 33 -35.60 -17.00 3.57
C ALA H 33 -34.26 -16.32 3.28
N LEU H 34 -33.69 -15.63 4.27
CA LEU H 34 -32.42 -14.94 4.08
C LEU H 34 -31.20 -15.76 4.49
N MET H 35 -31.39 -16.94 5.06
CA MET H 35 -30.25 -17.66 5.63
C MET H 35 -29.27 -18.11 4.55
N ALA H 36 -29.74 -18.36 3.33
CA ALA H 36 -28.84 -18.76 2.26
C ALA H 36 -27.84 -17.65 1.94
N VAL H 37 -28.35 -16.43 1.71
CA VAL H 37 -27.44 -15.34 1.36
C VAL H 37 -26.66 -14.87 2.58
N ILE H 38 -27.22 -15.05 3.78
CA ILE H 38 -26.50 -14.65 4.99
C ILE H 38 -25.32 -15.59 5.23
N GLU H 39 -25.51 -16.90 5.02
CA GLU H 39 -24.39 -17.82 5.09
C GLU H 39 -23.40 -17.56 3.97
N GLU H 40 -23.89 -17.16 2.80
CA GLU H 40 -23.01 -16.82 1.68
C GLU H 40 -22.12 -15.63 2.02
N VAL H 41 -22.69 -14.59 2.62
CA VAL H 41 -21.89 -13.44 3.04
C VAL H 41 -20.93 -13.83 4.15
N THR H 42 -21.42 -14.59 5.13
CA THR H 42 -20.55 -15.05 6.20
C THR H 42 -19.36 -15.82 5.66
N ALA H 43 -19.61 -16.77 4.75
CA ALA H 43 -18.53 -17.56 4.17
C ALA H 43 -17.56 -16.68 3.38
N ALA H 44 -18.10 -15.77 2.57
CA ALA H 44 -17.24 -14.86 1.82
C ALA H 44 -16.41 -14.00 2.76
N TYR H 45 -16.99 -13.57 3.88
CA TYR H 45 -16.23 -12.73 4.80
C TYR H 45 -15.13 -13.52 5.50
N GLN H 46 -15.41 -14.77 5.89
CA GLN H 46 -14.37 -15.59 6.53
C GLN H 46 -13.21 -15.82 5.57
N LYS H 47 -13.51 -16.08 4.30
CA LYS H 47 -12.46 -16.29 3.31
C LYS H 47 -11.60 -15.04 3.14
N GLU H 48 -12.24 -13.89 2.93
CA GLU H 48 -11.51 -12.68 2.56
C GLU H 48 -10.85 -11.97 3.74
N ARG H 49 -11.35 -12.14 4.96
CA ARG H 49 -10.75 -11.47 6.12
C ARG H 49 -9.33 -11.95 6.38
N VAL H 50 -8.96 -13.13 5.89
CA VAL H 50 -7.62 -13.67 6.07
C VAL H 50 -6.82 -13.62 4.77
N SER H 51 -7.38 -13.04 3.71
CA SER H 51 -6.69 -12.93 2.43
C SER H 51 -5.84 -11.67 2.43
N GLN H 52 -4.52 -11.84 2.37
N GLN H 52 -4.52 -11.84 2.36
CA GLN H 52 -3.63 -10.68 2.31
CA GLN H 52 -3.64 -10.68 2.32
C GLN H 52 -3.92 -9.82 1.09
C GLN H 52 -3.90 -9.82 1.08
N ASP H 53 -4.33 -10.44 -0.02
CA ASP H 53 -4.65 -9.68 -1.22
C ASP H 53 -5.90 -8.83 -1.04
N PHE H 54 -6.89 -9.35 -0.31
CA PHE H 54 -8.07 -8.54 -0.02
C PHE H 54 -7.71 -7.37 0.89
N LEU H 55 -6.93 -7.63 1.94
CA LEU H 55 -6.54 -6.56 2.85
C LEU H 55 -5.67 -5.52 2.15
N ASP H 56 -4.84 -5.94 1.20
CA ASP H 56 -4.08 -4.99 0.40
C ASP H 56 -5.01 -4.11 -0.42
N ASP H 57 -6.03 -4.71 -1.03
CA ASP H 57 -7.00 -3.94 -1.81
C ASP H 57 -7.70 -2.91 -0.95
N LEU H 58 -8.16 -3.33 0.24
CA LEU H 58 -8.80 -2.39 1.15
C LEU H 58 -7.83 -1.33 1.63
N ASP H 59 -6.62 -1.75 2.02
CA ASP H 59 -5.62 -0.79 2.50
C ASP H 59 -5.24 0.21 1.42
N ARG H 60 -5.19 -0.24 0.15
CA ARG H 60 -4.81 0.66 -0.93
C ARG H 60 -5.86 1.75 -1.13
N LEU H 61 -7.15 1.38 -1.08
CA LEU H 61 -8.20 2.38 -1.20
C LEU H 61 -8.22 3.31 0.02
N GLN H 62 -7.99 2.75 1.21
N GLN H 62 -7.99 2.75 1.21
CA GLN H 62 -8.01 3.58 2.41
CA GLN H 62 -8.00 3.58 2.42
C GLN H 62 -6.90 4.62 2.39
C GLN H 62 -6.90 4.63 2.37
N ALA H 63 -5.74 4.29 1.82
CA ALA H 63 -4.62 5.22 1.78
C ALA H 63 -4.81 6.29 0.71
N ASN H 64 -4.94 5.87 -0.55
CA ASN H 64 -4.91 6.80 -1.68
C ASN H 64 -6.27 7.40 -2.03
N TYR H 65 -7.35 6.73 -1.70
CA TYR H 65 -8.68 7.18 -2.07
C TYR H 65 -9.44 7.83 -0.92
N ALA H 66 -9.32 7.28 0.29
CA ALA H 66 -10.02 7.84 1.45
C ALA H 66 -9.14 8.74 2.31
N GLY H 67 -7.83 8.67 2.15
CA GLY H 67 -6.92 9.60 2.82
C GLY H 67 -6.42 9.19 4.19
N ARG H 68 -6.43 7.89 4.50
CA ARG H 68 -5.95 7.44 5.81
C ARG H 68 -4.43 7.49 5.87
N PRO H 69 -3.85 7.58 7.08
CA PRO H 69 -4.52 7.69 8.39
C PRO H 69 -5.16 9.05 8.63
N SER H 70 -6.26 9.07 9.37
CA SER H 70 -6.78 10.34 9.82
C SER H 70 -5.93 10.86 10.98
N PRO H 71 -5.75 12.17 11.08
CA PRO H 71 -4.89 12.71 12.14
C PRO H 71 -5.55 12.65 13.51
N LEU H 72 -4.72 12.83 14.52
CA LEU H 72 -5.17 13.00 15.91
C LEU H 72 -4.78 14.40 16.33
N TYR H 73 -5.78 15.21 16.68
CA TYR H 73 -5.59 16.63 16.94
C TYR H 73 -5.94 16.96 18.38
N GLU H 74 -5.00 17.57 19.11
CA GLU H 74 -5.25 17.98 20.48
C GLU H 74 -5.98 19.32 20.48
N ALA H 75 -7.25 19.31 20.85
CA ALA H 75 -8.08 20.51 20.87
C ALA H 75 -7.79 21.27 22.17
N THR H 76 -6.67 21.99 22.17
CA THR H 76 -6.19 22.65 23.38
C THR H 76 -7.17 23.72 23.87
N ARG H 77 -7.96 24.31 22.97
CA ARG H 77 -8.86 25.38 23.37
C ARG H 77 -10.16 24.86 23.99
N LEU H 78 -10.38 23.55 24.00
CA LEU H 78 -11.50 22.96 24.76
C LEU H 78 -11.15 22.70 26.21
N SER H 79 -9.87 22.76 26.57
CA SER H 79 -9.40 22.19 27.83
C SER H 79 -10.13 22.77 29.03
N GLN H 80 -10.21 24.11 29.11
CA GLN H 80 -10.81 24.74 30.28
C GLN H 80 -12.31 24.48 30.38
N HIS H 81 -12.94 24.01 29.32
CA HIS H 81 -14.34 23.61 29.36
C HIS H 81 -14.51 22.12 29.64
N ALA H 82 -13.42 21.39 29.82
CA ALA H 82 -13.43 19.96 30.10
C ALA H 82 -12.63 19.67 31.36
N GLY H 83 -12.81 20.50 32.39
CA GLY H 83 -12.11 20.30 33.65
C GLY H 83 -10.61 20.38 33.56
N SER H 84 -10.07 21.02 32.53
CA SER H 84 -8.64 21.10 32.22
C SER H 84 -8.06 19.75 31.81
N ALA H 85 -8.90 18.81 31.39
CA ALA H 85 -8.41 17.62 30.73
C ALA H 85 -7.89 17.97 29.33
N ARG H 86 -7.18 17.03 28.74
CA ARG H 86 -6.64 17.19 27.39
C ARG H 86 -7.49 16.36 26.42
N ILE H 87 -8.18 17.05 25.52
CA ILE H 87 -9.08 16.41 24.56
C ILE H 87 -8.33 16.23 23.25
N PHE H 88 -8.22 14.97 22.80
CA PHE H 88 -7.64 14.64 21.51
C PHE H 88 -8.75 14.18 20.57
N LEU H 89 -8.85 14.83 19.43
CA LEU H 89 -9.90 14.54 18.46
C LEU H 89 -9.33 13.61 17.37
N LYS H 90 -9.90 12.42 17.25
CA LYS H 90 -9.59 11.53 16.13
C LYS H 90 -10.42 11.97 14.94
N ARG H 91 -9.75 12.44 13.88
CA ARG H 91 -10.39 13.25 12.84
C ARG H 91 -10.95 12.39 11.71
N GLU H 92 -11.92 11.55 12.05
CA GLU H 92 -12.64 10.84 11.00
C GLU H 92 -13.49 11.77 10.16
N ASP H 93 -13.74 13.00 10.63
CA ASP H 93 -14.43 14.00 9.84
C ASP H 93 -13.67 14.39 8.58
N LEU H 94 -12.38 14.04 8.49
CA LEU H 94 -11.56 14.36 7.34
C LEU H 94 -11.52 13.24 6.30
N ASN H 95 -12.14 12.09 6.57
CA ASN H 95 -12.22 11.03 5.58
C ASN H 95 -13.00 11.50 4.36
N HIS H 96 -12.71 10.89 3.22
CA HIS H 96 -13.55 11.06 2.03
C HIS H 96 -14.99 10.70 2.36
N THR H 97 -15.91 11.53 1.89
CA THR H 97 -17.36 11.57 2.16
C THR H 97 -17.68 12.22 3.50
N GLY H 98 -16.71 12.38 4.41
CA GLY H 98 -16.93 13.19 5.59
C GLY H 98 -17.31 12.45 6.86
N SER H 99 -17.08 11.14 6.94
CA SER H 99 -17.37 10.41 8.16
C SER H 99 -16.62 9.09 8.14
N HIS H 100 -16.77 8.33 9.24
CA HIS H 100 -16.20 7.01 9.38
C HIS H 100 -16.90 5.96 8.51
N LYS H 101 -18.10 6.26 7.99
CA LYS H 101 -18.87 5.27 7.25
C LYS H 101 -18.08 4.68 6.08
N ILE H 102 -17.16 5.47 5.51
CA ILE H 102 -16.42 5.02 4.34
C ILE H 102 -15.52 3.83 4.67
N ASN H 103 -15.12 3.66 5.93
CA ASN H 103 -14.28 2.53 6.30
C ASN H 103 -15.01 1.22 6.13
N ASN H 104 -16.22 1.13 6.65
CA ASN H 104 -17.03 -0.08 6.53
C ASN H 104 -17.48 -0.29 5.10
N VAL H 105 -17.82 0.78 4.39
CA VAL H 105 -18.35 0.66 3.04
C VAL H 105 -17.30 0.12 2.09
N LEU H 106 -16.07 0.62 2.18
CA LEU H 106 -15.02 0.15 1.29
C LEU H 106 -14.78 -1.35 1.46
N GLY H 107 -14.79 -1.83 2.69
CA GLY H 107 -14.61 -3.26 2.91
C GLY H 107 -15.76 -4.09 2.34
N GLN H 108 -17.00 -3.67 2.60
CA GLN H 108 -18.15 -4.46 2.16
C GLN H 108 -18.37 -4.34 0.66
N ALA H 109 -18.07 -3.18 0.06
CA ALA H 109 -18.21 -3.04 -1.38
C ALA H 109 -17.22 -3.92 -2.12
N LEU H 110 -15.98 -3.99 -1.63
CA LEU H 110 -15.01 -4.92 -2.19
C LEU H 110 -15.50 -6.35 -2.02
N LEU H 111 -16.07 -6.67 -0.86
CA LEU H 111 -16.62 -8.01 -0.63
C LEU H 111 -17.75 -8.30 -1.61
N ALA H 112 -18.65 -7.33 -1.80
CA ALA H 112 -19.73 -7.51 -2.76
C ALA H 112 -19.20 -7.83 -4.16
N ARG H 113 -18.14 -7.13 -4.57
CA ARG H 113 -17.53 -7.38 -5.87
C ARG H 113 -16.92 -8.78 -5.93
N ARG H 114 -16.18 -9.16 -4.87
CA ARG H 114 -15.64 -10.52 -4.78
C ARG H 114 -16.73 -11.57 -4.90
N MET H 115 -17.93 -11.28 -4.38
CA MET H 115 -19.03 -12.23 -4.40
C MET H 115 -19.80 -12.23 -5.71
N GLY H 116 -19.44 -11.38 -6.65
CA GLY H 116 -20.18 -11.34 -7.91
C GLY H 116 -21.54 -10.68 -7.83
N LYS H 117 -21.85 -10.00 -6.73
CA LYS H 117 -23.09 -9.24 -6.66
C LYS H 117 -23.00 -8.02 -7.56
N THR H 118 -24.12 -7.67 -8.18
CA THR H 118 -24.19 -6.55 -9.11
C THR H 118 -25.01 -5.38 -8.60
N ARG H 119 -25.79 -5.58 -7.54
CA ARG H 119 -26.69 -4.57 -7.00
C ARG H 119 -26.46 -4.48 -5.50
N VAL H 120 -26.34 -3.25 -4.99
CA VAL H 120 -26.06 -3.00 -3.58
C VAL H 120 -27.17 -2.14 -3.01
N ILE H 121 -27.68 -2.52 -1.84
CA ILE H 121 -28.68 -1.74 -1.14
C ILE H 121 -28.13 -1.35 0.22
N ALA H 122 -28.67 -0.26 0.76
CA ALA H 122 -28.28 0.19 2.09
C ALA H 122 -29.36 1.09 2.66
N GLU H 123 -29.46 1.10 3.98
CA GLU H 123 -30.23 2.07 4.73
C GLU H 123 -29.34 3.26 5.05
N THR H 124 -29.97 4.39 5.37
CA THR H 124 -29.21 5.50 5.89
C THR H 124 -30.11 6.41 6.71
N GLY H 125 -29.57 6.92 7.81
CA GLY H 125 -30.28 7.85 8.65
C GLY H 125 -29.78 9.26 8.44
N ALA H 126 -28.53 9.51 8.80
CA ALA H 126 -27.92 10.82 8.58
C ALA H 126 -27.54 11.04 7.13
N GLY H 127 -27.58 10.01 6.29
CA GLY H 127 -27.14 10.13 4.92
C GLY H 127 -25.66 9.91 4.71
N GLN H 128 -24.88 9.78 5.78
CA GLN H 128 -23.44 9.58 5.61
C GLN H 128 -23.12 8.17 5.13
N HIS H 129 -23.83 7.16 5.67
CA HIS H 129 -23.64 5.81 5.15
C HIS H 129 -24.17 5.70 3.72
N GLY H 130 -25.29 6.37 3.43
CA GLY H 130 -25.83 6.34 2.07
C GLY H 130 -24.87 6.95 1.06
N VAL H 131 -24.29 8.10 1.40
CA VAL H 131 -23.33 8.75 0.50
C VAL H 131 -22.11 7.87 0.30
N ALA H 132 -21.56 7.33 1.39
CA ALA H 132 -20.38 6.46 1.27
C ALA H 132 -20.70 5.23 0.44
N THR H 133 -21.86 4.60 0.68
CA THR H 133 -22.25 3.44 -0.12
C THR H 133 -22.39 3.81 -1.59
N ALA H 134 -23.12 4.88 -1.89
CA ALA H 134 -23.25 5.34 -3.26
C ALA H 134 -21.91 5.73 -3.85
N THR H 135 -21.00 6.23 -3.01
CA THR H 135 -19.65 6.57 -3.46
C THR H 135 -18.90 5.33 -3.93
N ALA H 136 -18.89 4.29 -3.10
CA ALA H 136 -18.17 3.06 -3.45
C ALA H 136 -18.82 2.35 -4.63
N CYS H 137 -20.15 2.38 -4.72
CA CYS H 137 -20.83 1.74 -5.83
C CYS H 137 -20.51 2.44 -7.16
N ALA H 138 -20.37 3.76 -7.14
CA ALA H 138 -19.88 4.45 -8.33
C ALA H 138 -18.44 4.06 -8.64
N LEU H 139 -17.60 3.97 -7.60
CA LEU H 139 -16.20 3.61 -7.78
C LEU H 139 -16.05 2.21 -8.39
N LEU H 140 -16.93 1.28 -8.04
CA LEU H 140 -16.79 -0.12 -8.43
C LEU H 140 -17.82 -0.56 -9.46
N GLY H 141 -18.58 0.36 -10.03
CA GLY H 141 -19.53 0.01 -11.07
C GLY H 141 -20.69 -0.84 -10.63
N LEU H 142 -21.17 -0.64 -9.40
CA LEU H 142 -22.30 -1.39 -8.86
C LEU H 142 -23.54 -0.51 -8.84
N ASP H 143 -24.70 -1.14 -9.05
CA ASP H 143 -25.97 -0.44 -8.94
C ASP H 143 -26.33 -0.22 -7.48
N CYS H 144 -26.80 0.98 -7.16
CA CYS H 144 -26.98 1.39 -5.78
C CYS H 144 -28.39 1.90 -5.54
N VAL H 145 -29.04 1.37 -4.51
CA VAL H 145 -30.35 1.83 -4.06
C VAL H 145 -30.25 2.08 -2.56
N ILE H 146 -30.58 3.29 -2.13
CA ILE H 146 -30.48 3.69 -0.73
C ILE H 146 -31.88 3.91 -0.20
N TYR H 147 -32.17 3.35 0.98
CA TYR H 147 -33.43 3.58 1.67
C TYR H 147 -33.21 4.56 2.81
N MET H 148 -34.04 5.59 2.86
CA MET H 148 -33.90 6.66 3.83
C MET H 148 -35.27 7.08 4.32
N GLY H 149 -35.44 7.17 5.64
CA GLY H 149 -36.72 7.62 6.18
C GLY H 149 -37.07 9.01 5.70
N GLY H 150 -38.37 9.22 5.44
CA GLY H 150 -38.82 10.48 4.87
C GLY H 150 -38.49 11.69 5.73
N ILE H 151 -38.51 11.52 7.06
CA ILE H 151 -38.13 12.62 7.93
C ILE H 151 -36.64 12.94 7.77
N ASP H 152 -35.82 11.90 7.59
CA ASP H 152 -34.39 12.13 7.43
C ASP H 152 -34.04 12.72 6.06
N THR H 153 -34.84 12.42 5.02
CA THR H 153 -34.60 13.05 3.73
C THR H 153 -34.81 14.56 3.81
N ALA H 154 -35.62 15.02 4.77
CA ALA H 154 -35.87 16.44 4.91
C ALA H 154 -34.74 17.13 5.68
N ARG H 155 -34.34 16.58 6.82
CA ARG H 155 -33.36 17.23 7.67
C ARG H 155 -31.91 16.93 7.29
N GLN H 156 -31.68 16.01 6.37
CA GLN H 156 -30.35 15.72 5.84
C GLN H 156 -30.35 15.80 4.32
N ALA H 157 -30.96 16.86 3.79
CA ALA H 157 -31.21 16.96 2.36
C ALA H 157 -29.94 17.09 1.54
N LEU H 158 -28.87 17.64 2.12
CA LEU H 158 -27.60 17.72 1.40
C LEU H 158 -27.10 16.34 0.99
N ASN H 159 -27.34 15.32 1.83
CA ASN H 159 -26.84 13.99 1.52
C ASN H 159 -27.75 13.27 0.52
N VAL H 160 -29.04 13.57 0.52
CA VAL H 160 -29.91 13.02 -0.53
C VAL H 160 -29.41 13.44 -1.90
N ALA H 161 -29.10 14.72 -2.05
CA ALA H 161 -28.66 15.23 -3.34
C ALA H 161 -27.26 14.73 -3.68
N ARG H 162 -26.38 14.58 -2.69
CA ARG H 162 -25.08 13.96 -2.93
C ARG H 162 -25.26 12.53 -3.46
N MET H 163 -26.14 11.75 -2.84
CA MET H 163 -26.37 10.38 -3.26
C MET H 163 -26.87 10.32 -4.70
N ARG H 164 -27.83 11.18 -5.05
N ARG H 164 -27.83 11.18 -5.04
CA ARG H 164 -28.38 11.16 -6.40
CA ARG H 164 -28.39 11.14 -6.40
C ARG H 164 -27.36 11.58 -7.45
C ARG H 164 -27.36 11.59 -7.44
N LEU H 165 -26.49 12.53 -7.10
CA LEU H 165 -25.41 12.91 -8.01
C LEU H 165 -24.43 11.77 -8.23
N LEU H 166 -24.25 10.92 -7.22
CA LEU H 166 -23.39 9.74 -7.34
C LEU H 166 -24.04 8.63 -8.15
N GLY H 167 -25.27 8.81 -8.61
CA GLY H 167 -25.95 7.82 -9.43
C GLY H 167 -26.81 6.83 -8.68
N ALA H 168 -27.01 7.02 -7.38
CA ALA H 168 -27.82 6.11 -6.59
C ALA H 168 -29.28 6.52 -6.61
N GLU H 169 -30.16 5.52 -6.54
CA GLU H 169 -31.58 5.75 -6.33
C GLU H 169 -31.83 5.88 -4.84
N VAL H 170 -32.47 6.97 -4.43
CA VAL H 170 -32.84 7.20 -3.04
C VAL H 170 -34.34 6.96 -2.91
N VAL H 171 -34.73 6.07 -2.00
CA VAL H 171 -36.12 5.73 -1.77
C VAL H 171 -36.51 6.28 -0.41
N ALA H 172 -37.47 7.22 -0.41
CA ALA H 172 -37.98 7.78 0.83
C ALA H 172 -38.92 6.80 1.50
N VAL H 173 -38.69 6.54 2.78
CA VAL H 173 -39.45 5.55 3.54
C VAL H 173 -40.44 6.28 4.44
N GLN H 174 -41.72 6.02 4.24
CA GLN H 174 -42.79 6.70 4.96
C GLN H 174 -43.46 5.84 6.01
N THR H 175 -43.01 4.60 6.20
CA THR H 175 -43.56 3.76 7.25
C THR H 175 -43.02 4.15 8.62
N GLY H 176 -43.76 3.79 9.65
CA GLY H 176 -43.29 3.95 11.03
C GLY H 176 -42.96 5.38 11.37
N SER H 177 -41.82 5.57 12.03
CA SER H 177 -41.35 6.88 12.47
C SER H 177 -40.59 7.63 11.39
N LYS H 178 -40.49 7.07 10.17
CA LYS H 178 -39.83 7.73 9.03
C LYS H 178 -38.37 8.04 9.31
N THR H 179 -37.69 7.20 10.09
CA THR H 179 -36.29 7.44 10.41
C THR H 179 -35.52 6.13 10.19
N LEU H 180 -34.38 6.00 10.87
CA LEU H 180 -33.40 4.96 10.52
C LEU H 180 -33.99 3.56 10.65
N LYS H 181 -34.69 3.29 11.77
CA LYS H 181 -35.20 1.94 11.97
C LYS H 181 -36.20 1.55 10.88
N ASP H 182 -36.93 2.54 10.35
CA ASP H 182 -37.90 2.25 9.30
C ASP H 182 -37.21 2.08 7.95
N ALA H 183 -36.12 2.83 7.72
CA ALA H 183 -35.30 2.61 6.53
C ALA H 183 -34.70 1.22 6.54
N ILE H 184 -34.29 0.73 7.72
CA ILE H 184 -33.74 -0.61 7.84
C ILE H 184 -34.80 -1.65 7.49
N ASN H 185 -36.04 -1.45 7.96
CA ASN H 185 -37.12 -2.39 7.64
C ASN H 185 -37.31 -2.52 6.13
N GLU H 186 -37.24 -1.41 5.41
CA GLU H 186 -37.48 -1.46 3.97
C GLU H 186 -36.30 -2.07 3.23
N ALA H 187 -35.07 -1.77 3.65
CA ALA H 187 -33.91 -2.42 3.06
C ALA H 187 -33.97 -3.94 3.26
N PHE H 188 -34.44 -4.38 4.42
CA PHE H 188 -34.66 -5.80 4.65
C PHE H 188 -35.63 -6.38 3.63
N ARG H 189 -36.76 -5.70 3.41
CA ARG H 189 -37.74 -6.16 2.45
C ARG H 189 -37.13 -6.27 1.06
N ASP H 190 -36.30 -5.30 0.69
CA ASP H 190 -35.62 -5.35 -0.60
C ASP H 190 -34.74 -6.59 -0.70
N TRP H 191 -33.95 -6.86 0.33
CA TRP H 191 -33.00 -7.97 0.28
C TRP H 191 -33.72 -9.31 0.19
N VAL H 192 -34.80 -9.48 0.94
CA VAL H 192 -35.59 -10.71 0.86
C VAL H 192 -36.01 -10.98 -0.57
N ALA H 193 -36.45 -9.94 -1.29
CA ALA H 193 -36.93 -10.08 -2.65
C ALA H 193 -35.80 -10.22 -3.68
N ASN H 194 -34.59 -9.77 -3.36
CA ASN H 194 -33.53 -9.67 -4.38
C ASN H 194 -32.23 -10.32 -3.92
N ALA H 195 -32.32 -11.37 -3.10
CA ALA H 195 -31.10 -11.93 -2.51
C ALA H 195 -30.17 -12.53 -3.57
N ASP H 196 -30.72 -12.95 -4.72
CA ASP H 196 -29.91 -13.67 -5.69
C ASP H 196 -28.78 -12.79 -6.25
N ASN H 197 -29.04 -11.50 -6.44
CA ASN H 197 -28.08 -10.61 -7.07
C ASN H 197 -27.68 -9.41 -6.22
N THR H 198 -28.31 -9.19 -5.08
CA THR H 198 -28.14 -7.96 -4.32
C THR H 198 -27.33 -8.21 -3.06
N TYR H 199 -26.41 -7.30 -2.78
CA TYR H 199 -25.65 -7.28 -1.54
C TYR H 199 -26.21 -6.17 -0.64
N TYR H 200 -26.43 -6.50 0.64
CA TYR H 200 -26.94 -5.53 1.61
C TYR H 200 -25.73 -4.96 2.36
N CYS H 201 -25.36 -3.74 2.01
CA CYS H 201 -24.25 -3.04 2.65
C CYS H 201 -24.79 -2.33 3.89
N PHE H 202 -24.73 -3.03 5.03
CA PHE H 202 -25.29 -2.51 6.27
C PHE H 202 -24.30 -1.58 6.97
N GLY H 203 -24.81 -0.48 7.51
CA GLY H 203 -23.99 0.65 7.90
C GLY H 203 -23.61 0.80 9.35
N THR H 204 -24.04 -0.10 10.23
CA THR H 204 -23.66 0.00 11.63
C THR H 204 -23.33 -1.38 12.18
N ALA H 205 -22.78 -1.40 13.39
CA ALA H 205 -22.29 -2.63 14.01
C ALA H 205 -23.44 -3.39 14.68
N ALA H 206 -24.46 -3.69 13.87
CA ALA H 206 -25.65 -4.36 14.36
C ALA H 206 -26.10 -5.36 13.31
N GLY H 207 -27.34 -5.85 13.44
CA GLY H 207 -27.89 -6.80 12.52
C GLY H 207 -27.50 -8.22 12.86
N PRO H 208 -27.87 -9.18 12.01
CA PRO H 208 -27.50 -10.56 12.26
C PRO H 208 -26.04 -10.80 11.96
N HIS H 209 -25.50 -11.83 12.59
CA HIS H 209 -24.19 -12.33 12.21
C HIS H 209 -24.15 -12.56 10.70
N PRO H 210 -23.11 -12.11 9.99
CA PRO H 210 -21.82 -11.63 10.47
C PRO H 210 -21.67 -10.12 10.60
N PHE H 211 -22.76 -9.37 10.45
CA PHE H 211 -22.62 -7.91 10.31
C PHE H 211 -22.04 -7.22 11.53
N PRO H 212 -22.44 -7.52 12.77
CA PRO H 212 -21.76 -6.88 13.91
C PRO H 212 -20.25 -7.06 13.88
N THR H 213 -19.78 -8.27 13.57
CA THR H 213 -18.35 -8.55 13.58
C THR H 213 -17.66 -7.94 12.36
N MET H 214 -18.27 -8.08 11.19
CA MET H 214 -17.67 -7.56 9.96
C MET H 214 -17.57 -6.05 9.98
N VAL H 215 -18.63 -5.35 10.42
CA VAL H 215 -18.59 -3.90 10.49
C VAL H 215 -17.52 -3.44 11.48
N ARG H 216 -17.43 -4.10 12.63
CA ARG H 216 -16.41 -3.73 13.60
C ARG H 216 -15.01 -3.93 13.03
N ASP H 217 -14.78 -5.03 12.32
CA ASP H 217 -13.46 -5.31 11.78
C ASP H 217 -13.05 -4.26 10.75
N PHE H 218 -13.99 -3.77 9.94
CA PHE H 218 -13.67 -2.73 8.98
C PHE H 218 -13.50 -1.37 9.65
N GLN H 219 -13.99 -1.20 10.88
CA GLN H 219 -13.80 0.04 11.63
C GLN H 219 -12.67 -0.03 12.65
N ARG H 220 -12.08 -1.21 12.89
CA ARG H 220 -10.99 -1.35 13.84
C ARG H 220 -9.84 -0.41 13.54
N ILE H 221 -9.67 -0.03 12.28
CA ILE H 221 -8.55 0.82 11.85
C ILE H 221 -8.51 2.13 12.64
N ILE H 222 -9.69 2.63 13.05
CA ILE H 222 -9.73 3.89 13.79
C ILE H 222 -8.97 3.76 15.11
N GLY H 223 -9.31 2.73 15.90
CA GLY H 223 -8.65 2.54 17.17
C GLY H 223 -7.20 2.12 17.04
N MET H 224 -6.87 1.35 16.01
N MET H 224 -6.86 1.37 16.00
CA MET H 224 -5.49 0.94 15.78
CA MET H 224 -5.47 0.95 15.83
C MET H 224 -4.60 2.15 15.52
C MET H 224 -4.58 2.14 15.51
N GLU H 225 -5.05 3.06 14.67
CA GLU H 225 -4.30 4.28 14.41
C GLU H 225 -4.20 5.14 15.66
N ALA H 226 -5.33 5.32 16.35
CA ALA H 226 -5.36 6.23 17.48
C ALA H 226 -4.51 5.73 18.64
N ARG H 227 -4.41 4.42 18.83
CA ARG H 227 -3.58 3.90 19.91
C ARG H 227 -2.11 4.22 19.67
N VAL H 228 -1.67 4.18 18.42
CA VAL H 228 -0.30 4.59 18.10
C VAL H 228 -0.13 6.09 18.22
N GLN H 229 -1.11 6.85 17.70
CA GLN H 229 -0.96 8.30 17.66
C GLN H 229 -0.96 8.91 19.05
N ILE H 230 -1.81 8.41 19.94
CA ILE H 230 -1.91 9.02 21.27
C ILE H 230 -0.64 8.73 22.08
N GLN H 231 -0.03 7.57 21.88
CA GLN H 231 1.24 7.30 22.54
C GLN H 231 2.37 8.13 21.95
N GLY H 232 2.23 8.58 20.70
CA GLY H 232 3.22 9.45 20.12
C GLY H 232 3.08 10.90 20.52
N GLN H 233 1.86 11.35 20.80
CA GLN H 233 1.59 12.74 21.11
C GLN H 233 1.49 13.02 22.59
N ALA H 234 0.86 12.14 23.36
CA ALA H 234 0.73 12.31 24.80
C ALA H 234 1.76 11.51 25.59
N GLY H 235 2.49 10.60 24.94
CA GLY H 235 3.52 9.83 25.60
C GLY H 235 3.02 8.65 26.41
N ARG H 236 1.72 8.39 26.43
CA ARG H 236 1.19 7.28 27.20
C ARG H 236 -0.18 6.91 26.64
N LEU H 237 -0.68 5.76 27.06
CA LEU H 237 -2.06 5.39 26.75
C LEU H 237 -3.02 6.39 27.39
N PRO H 238 -4.15 6.66 26.75
CA PRO H 238 -5.08 7.64 27.28
C PRO H 238 -5.74 7.15 28.55
N ASP H 239 -6.29 8.11 29.31
CA ASP H 239 -7.10 7.77 30.47
C ASP H 239 -8.49 7.30 30.06
N ALA H 240 -8.99 7.80 28.92
CA ALA H 240 -10.32 7.45 28.47
C ALA H 240 -10.39 7.61 26.96
N VAL H 241 -11.23 6.77 26.35
CA VAL H 241 -11.56 6.86 24.93
C VAL H 241 -13.09 6.91 24.83
N VAL H 242 -13.61 7.93 24.13
CA VAL H 242 -15.05 8.16 24.09
C VAL H 242 -15.51 8.30 22.65
N ALA H 243 -16.79 8.00 22.44
CA ALA H 243 -17.42 8.08 21.13
C ALA H 243 -18.93 8.13 21.31
N CYS H 244 -19.61 8.62 20.28
CA CYS H 244 -21.06 8.53 20.28
C CYS H 244 -21.50 7.16 19.78
N VAL H 245 -22.72 6.77 20.17
CA VAL H 245 -23.21 5.41 19.93
C VAL H 245 -24.61 5.51 19.33
N GLY H 246 -24.71 5.30 18.02
CA GLY H 246 -25.98 5.03 17.39
C GLY H 246 -26.24 3.54 17.41
N GLY H 247 -26.00 2.88 16.26
CA GLY H 247 -25.95 1.43 16.26
C GLY H 247 -24.64 0.90 16.81
N GLY H 248 -23.57 1.67 16.71
CA GLY H 248 -22.35 1.35 17.43
C GLY H 248 -21.06 1.21 16.63
N SER H 249 -21.06 1.58 15.35
CA SER H 249 -19.91 1.23 14.51
C SER H 249 -18.69 2.12 14.78
N ASN H 250 -18.87 3.44 14.91
CA ASN H 250 -17.69 4.27 15.13
C ASN H 250 -17.15 4.08 16.54
N ALA H 251 -18.01 3.80 17.51
CA ALA H 251 -17.53 3.55 18.87
C ALA H 251 -16.76 2.26 18.97
N ILE H 252 -17.32 1.16 18.43
CA ILE H 252 -16.61 -0.10 18.49
C ILE H 252 -15.33 -0.04 17.67
N GLY H 253 -15.32 0.78 16.61
CA GLY H 253 -14.11 0.92 15.81
C GLY H 253 -12.96 1.52 16.59
N ILE H 254 -13.25 2.52 17.42
CA ILE H 254 -12.18 3.15 18.19
C ILE H 254 -11.93 2.43 19.52
N PHE H 255 -12.96 1.79 20.10
CA PHE H 255 -12.77 1.10 21.37
C PHE H 255 -11.85 -0.11 21.22
N HIS H 256 -11.94 -0.83 20.10
CA HIS H 256 -11.51 -2.23 20.07
C HIS H 256 -10.03 -2.38 20.38
N ALA H 257 -9.18 -1.55 19.77
CA ALA H 257 -7.74 -1.66 20.01
C ALA H 257 -7.36 -1.40 21.46
N PHE H 258 -8.27 -0.83 22.26
CA PHE H 258 -8.01 -0.52 23.66
C PHE H 258 -8.63 -1.50 24.64
N LEU H 259 -9.36 -2.51 24.15
CA LEU H 259 -10.13 -3.36 25.06
C LEU H 259 -9.23 -4.07 26.08
N ASP H 260 -8.02 -4.45 25.68
CA ASP H 260 -7.12 -5.18 26.56
C ASP H 260 -6.16 -4.29 27.33
N ASP H 261 -6.34 -2.97 27.25
CA ASP H 261 -5.61 -2.05 28.10
C ASP H 261 -6.46 -1.75 29.33
N PRO H 262 -6.21 -2.44 30.46
CA PRO H 262 -7.15 -2.35 31.59
C PRO H 262 -7.27 -0.97 32.20
N GLY H 263 -6.30 -0.09 32.00
CA GLY H 263 -6.35 1.24 32.56
C GLY H 263 -7.07 2.28 31.71
N VAL H 264 -7.55 1.92 30.54
CA VAL H 264 -8.18 2.86 29.62
C VAL H 264 -9.69 2.76 29.77
N ARG H 265 -10.30 3.80 30.34
N ARG H 265 -10.30 3.82 30.31
CA ARG H 265 -11.76 3.89 30.41
CA ARG H 265 -11.76 3.85 30.42
C ARG H 265 -12.34 3.99 29.01
C ARG H 265 -12.38 4.03 29.04
N LEU H 266 -13.45 3.29 28.78
CA LEU H 266 -14.17 3.34 27.52
C LEU H 266 -15.59 3.79 27.82
N VAL H 267 -16.02 4.88 27.19
CA VAL H 267 -17.32 5.47 27.47
C VAL H 267 -18.00 5.81 26.15
N GLY H 268 -19.20 5.29 25.95
CA GLY H 268 -20.03 5.62 24.82
C GLY H 268 -21.16 6.55 25.26
N PHE H 269 -21.55 7.47 24.37
CA PHE H 269 -22.58 8.45 24.68
C PHE H 269 -23.70 8.31 23.66
N GLU H 270 -24.91 8.02 24.16
CA GLU H 270 -26.08 7.82 23.32
C GLU H 270 -26.98 9.04 23.39
N ALA H 271 -27.89 9.13 22.41
CA ALA H 271 -28.70 10.33 22.22
C ALA H 271 -29.88 10.32 23.20
N ALA H 272 -29.95 11.34 24.04
CA ALA H 272 -31.05 11.48 25.00
C ALA H 272 -32.16 12.40 24.50
N GLY H 273 -32.01 12.97 23.30
CA GLY H 273 -33.09 13.75 22.71
C GLY H 273 -33.55 14.89 23.62
N ASP H 274 -34.86 14.96 23.83
CA ASP H 274 -35.44 15.95 24.75
C ASP H 274 -35.13 15.64 26.20
N GLY H 275 -34.55 14.48 26.50
CA GLY H 275 -34.32 14.06 27.88
C GLY H 275 -34.92 12.69 28.06
N VAL H 276 -34.27 11.88 28.92
CA VAL H 276 -34.68 10.49 29.10
C VAL H 276 -36.09 10.42 29.69
N GLU H 277 -36.42 11.34 30.60
CA GLU H 277 -37.72 11.31 31.27
C GLU H 277 -38.86 11.79 30.39
N THR H 278 -38.58 12.24 29.17
CA THR H 278 -39.62 12.80 28.30
C THR H 278 -40.22 11.78 27.35
N GLY H 279 -39.59 10.62 27.16
CA GLY H 279 -40.09 9.69 26.17
C GLY H 279 -39.83 10.09 24.73
N ARG H 280 -39.07 11.15 24.51
CA ARG H 280 -38.59 11.54 23.18
C ARG H 280 -37.07 11.52 23.26
N HIS H 281 -36.50 10.31 23.18
CA HIS H 281 -35.07 10.12 23.30
C HIS H 281 -34.68 8.89 22.47
N ALA H 282 -33.39 8.57 22.50
CA ALA H 282 -32.87 7.36 21.87
C ALA H 282 -31.84 6.68 22.76
N ALA H 283 -32.04 6.77 24.07
CA ALA H 283 -31.06 6.29 25.06
C ALA H 283 -31.26 4.79 25.25
N THR H 284 -30.77 4.02 24.27
CA THR H 284 -31.04 2.59 24.24
C THR H 284 -30.58 1.88 25.51
N PHE H 285 -29.33 2.11 25.92
CA PHE H 285 -28.84 1.46 27.12
C PHE H 285 -29.40 2.08 28.39
N THR H 286 -29.67 3.38 28.39
CA THR H 286 -30.13 4.04 29.60
C THR H 286 -31.56 3.67 29.95
N ALA H 287 -32.43 3.55 28.94
CA ALA H 287 -33.85 3.31 29.18
C ALA H 287 -34.39 2.04 28.52
N GLY H 288 -33.57 1.33 27.74
CA GLY H 288 -34.02 0.14 27.05
C GLY H 288 -33.84 -1.11 27.88
N SER H 289 -34.08 -2.25 27.25
CA SER H 289 -34.02 -3.54 27.91
C SER H 289 -33.70 -4.60 26.86
N PRO H 290 -33.19 -5.76 27.28
CA PRO H 290 -32.77 -6.78 26.30
C PRO H 290 -33.94 -7.33 25.50
N GLY H 291 -33.69 -7.62 24.22
CA GLY H 291 -34.69 -8.23 23.37
C GLY H 291 -34.11 -8.48 21.99
N ALA H 292 -34.95 -9.06 21.14
CA ALA H 292 -34.59 -9.32 19.75
C ALA H 292 -35.11 -8.19 18.87
N PHE H 293 -34.24 -7.63 18.04
CA PHE H 293 -34.60 -6.49 17.21
C PHE H 293 -33.59 -6.39 16.08
N HIS H 294 -34.09 -6.29 14.85
CA HIS H 294 -33.26 -6.10 13.65
C HIS H 294 -32.16 -7.16 13.55
N GLY H 295 -32.54 -8.41 13.79
CA GLY H 295 -31.68 -9.54 13.51
C GLY H 295 -30.74 -9.95 14.61
N SER H 296 -30.70 -9.22 15.74
CA SER H 296 -29.79 -9.57 16.82
C SER H 296 -30.51 -9.51 18.14
N PHE H 297 -29.95 -10.18 19.14
CA PHE H 297 -30.37 -10.04 20.52
C PHE H 297 -29.47 -9.02 21.19
N SER H 298 -30.08 -7.95 21.70
CA SER H 298 -29.32 -6.82 22.24
C SER H 298 -30.27 -5.98 23.09
N TYR H 299 -29.96 -4.70 23.25
CA TYR H 299 -30.85 -3.76 23.91
C TYR H 299 -31.70 -3.01 22.89
N LEU H 300 -32.93 -2.70 23.28
CA LEU H 300 -33.78 -1.84 22.48
C LEU H 300 -34.78 -1.14 23.38
N LEU H 301 -35.28 -0.02 22.90
CA LEU H 301 -36.43 0.63 23.52
C LEU H 301 -37.69 -0.16 23.14
N GLN H 302 -38.34 -0.74 24.14
CA GLN H 302 -39.53 -1.55 23.91
C GLN H 302 -40.52 -1.36 25.05
N ASP H 303 -41.80 -1.59 24.75
CA ASP H 303 -42.85 -1.41 25.73
C ASP H 303 -43.14 -2.75 26.42
N GLU H 304 -44.25 -2.81 27.17
CA GLU H 304 -44.57 -4.00 27.95
C GLU H 304 -44.82 -5.23 27.07
N ASP H 305 -45.33 -5.03 25.86
CA ASP H 305 -45.61 -6.12 24.95
C ASP H 305 -44.45 -6.47 24.03
N GLY H 306 -43.33 -5.77 24.14
CA GLY H 306 -42.22 -6.01 23.22
C GLY H 306 -42.33 -5.28 21.91
N GLN H 307 -43.22 -4.28 21.82
CA GLN H 307 -43.28 -3.44 20.64
C GLN H 307 -42.21 -2.36 20.70
N THR H 308 -41.68 -2.00 19.53
CA THR H 308 -40.60 -1.04 19.48
C THR H 308 -41.10 0.37 19.78
N ILE H 309 -40.47 1.03 20.74
CA ILE H 309 -40.73 2.43 21.02
C ILE H 309 -39.93 3.28 20.04
N GLU H 310 -40.62 4.17 19.34
CA GLU H 310 -39.95 5.04 18.38
C GLU H 310 -39.01 5.99 19.09
N SER H 311 -37.81 6.12 18.54
CA SER H 311 -36.79 6.98 19.11
C SER H 311 -36.97 8.41 18.60
N HIS H 312 -36.34 9.35 19.31
CA HIS H 312 -36.30 10.73 18.87
C HIS H 312 -34.97 11.34 19.24
N SER H 313 -34.39 12.09 18.29
CA SER H 313 -33.17 12.84 18.53
C SER H 313 -33.05 13.91 17.45
N ILE H 314 -32.38 15.00 17.80
CA ILE H 314 -32.06 16.00 16.78
C ILE H 314 -31.04 15.45 15.81
N SER H 315 -30.30 14.42 16.21
CA SER H 315 -29.28 13.79 15.38
C SER H 315 -29.90 12.61 14.64
N ALA H 316 -29.89 12.68 13.30
CA ALA H 316 -30.46 11.61 12.50
C ALA H 316 -29.68 10.31 12.64
N GLY H 317 -28.36 10.39 12.79
CA GLY H 317 -27.54 9.21 12.89
C GLY H 317 -27.66 8.48 14.22
N LEU H 318 -28.06 9.17 15.28
CA LEU H 318 -28.27 8.55 16.58
C LEU H 318 -29.74 8.27 16.88
N ASP H 319 -30.64 8.59 15.94
CA ASP H 319 -32.08 8.45 16.16
C ASP H 319 -32.51 7.01 15.87
N TYR H 320 -32.16 6.12 16.79
CA TYR H 320 -32.33 4.70 16.60
C TYR H 320 -32.60 4.04 17.95
N PRO H 321 -33.66 3.25 18.10
CA PRO H 321 -33.97 2.64 19.39
C PRO H 321 -33.21 1.36 19.69
N GLY H 322 -32.31 0.93 18.80
CA GLY H 322 -31.51 -0.26 19.03
C GLY H 322 -30.04 0.07 19.25
N VAL H 323 -29.26 -1.00 19.47
CA VAL H 323 -27.82 -0.88 19.64
C VAL H 323 -27.20 -2.23 19.29
N GLY H 324 -25.97 -2.19 18.80
CA GLY H 324 -25.25 -3.37 18.39
C GLY H 324 -24.96 -4.32 19.54
N PRO H 325 -24.96 -5.63 19.24
CA PRO H 325 -24.87 -6.62 20.32
C PRO H 325 -23.51 -6.68 20.98
N GLU H 326 -22.42 -6.35 20.29
CA GLU H 326 -21.12 -6.37 20.96
C GLU H 326 -21.07 -5.33 22.07
N HIS H 327 -21.74 -4.19 21.87
CA HIS H 327 -21.83 -3.19 22.93
C HIS H 327 -22.62 -3.70 24.13
N ALA H 328 -23.72 -4.43 23.87
CA ALA H 328 -24.47 -5.01 24.97
C ALA H 328 -23.61 -5.96 25.79
N TRP H 329 -22.77 -6.75 25.12
CA TRP H 329 -21.86 -7.64 25.82
C TRP H 329 -20.82 -6.84 26.60
N LEU H 330 -20.24 -5.82 25.97
CA LEU H 330 -19.24 -5.00 26.66
C LEU H 330 -19.85 -4.28 27.86
N LYS H 331 -21.12 -3.86 27.74
CA LYS H 331 -21.80 -3.26 28.88
C LYS H 331 -21.99 -4.29 30.00
N GLU H 332 -22.50 -5.48 29.65
CA GLU H 332 -22.73 -6.50 30.67
C GLU H 332 -21.44 -6.87 31.39
N ALA H 333 -20.34 -6.91 30.65
CA ALA H 333 -19.03 -7.26 31.22
C ALA H 333 -18.42 -6.12 32.02
N GLY H 334 -19.01 -4.92 32.00
CA GLY H 334 -18.43 -3.79 32.69
C GLY H 334 -17.22 -3.19 32.03
N ARG H 335 -16.94 -3.52 30.77
CA ARG H 335 -15.78 -2.97 30.09
C ARG H 335 -16.02 -1.57 29.57
N VAL H 336 -17.27 -1.24 29.19
CA VAL H 336 -17.59 0.05 28.60
C VAL H 336 -18.78 0.65 29.35
N ASP H 337 -18.73 1.96 29.59
CA ASP H 337 -19.83 2.73 30.16
C ASP H 337 -20.60 3.43 29.06
N TYR H 338 -21.93 3.45 29.19
CA TYR H 338 -22.80 4.12 28.23
C TYR H 338 -23.65 5.13 28.99
N ARG H 339 -23.57 6.39 28.58
N ARG H 339 -23.58 6.40 28.58
CA ARG H 339 -24.25 7.49 29.24
CA ARG H 339 -24.25 7.49 29.24
C ARG H 339 -25.06 8.28 28.22
C ARG H 339 -25.04 8.31 28.24
N PRO H 340 -26.11 8.98 28.68
CA PRO H 340 -26.92 9.79 27.77
C PRO H 340 -26.43 11.22 27.63
N ILE H 341 -26.70 11.80 26.47
CA ILE H 341 -26.40 13.19 26.15
C ILE H 341 -27.58 13.76 25.39
N THR H 342 -28.11 14.89 25.88
CA THR H 342 -29.32 15.47 25.31
C THR H 342 -29.02 16.28 24.05
N ASP H 343 -30.08 16.58 23.29
CA ASP H 343 -29.97 17.52 22.17
C ASP H 343 -29.26 18.79 22.58
N SER H 344 -29.68 19.38 23.71
CA SER H 344 -29.13 20.66 24.15
C SER H 344 -27.64 20.53 24.47
N GLU H 345 -27.26 19.48 25.20
CA GLU H 345 -25.85 19.27 25.51
C GLU H 345 -25.03 19.09 24.24
N ALA H 346 -25.57 18.35 23.26
CA ALA H 346 -24.85 18.13 22.01
C ALA H 346 -24.70 19.43 21.22
N MET H 347 -25.78 20.22 21.13
CA MET H 347 -25.69 21.46 20.35
C MET H 347 -24.78 22.48 21.03
N ASP H 348 -24.75 22.49 22.36
CA ASP H 348 -23.78 23.32 23.07
C ASP H 348 -22.35 22.96 22.66
N ALA H 349 -22.02 21.67 22.67
CA ALA H 349 -20.69 21.24 22.27
C ALA H 349 -20.45 21.49 20.78
N PHE H 350 -21.46 21.31 19.96
CA PHE H 350 -21.37 21.66 18.54
C PHE H 350 -20.86 23.09 18.38
N GLY H 351 -21.52 24.05 19.02
CA GLY H 351 -21.12 25.43 18.90
C GLY H 351 -19.75 25.69 19.51
N LEU H 352 -19.47 25.07 20.66
CA LEU H 352 -18.16 25.25 21.29
C LEU H 352 -17.02 24.81 20.38
N LEU H 353 -17.18 23.67 19.70
CA LEU H 353 -16.13 23.21 18.79
C LEU H 353 -15.96 24.17 17.61
N CYS H 354 -17.07 24.72 17.11
CA CYS H 354 -16.99 25.70 16.04
C CYS H 354 -16.20 26.92 16.47
N ARG H 355 -16.52 27.47 17.64
CA ARG H 355 -15.92 28.73 18.09
C ARG H 355 -14.46 28.54 18.50
N MET H 356 -14.14 27.42 19.13
CA MET H 356 -12.83 27.23 19.74
C MET H 356 -11.81 26.62 18.79
N GLU H 357 -12.22 25.62 18.00
CA GLU H 357 -11.28 24.88 17.17
C GLU H 357 -11.52 25.07 15.68
N GLY H 358 -12.57 25.80 15.29
CA GLY H 358 -12.85 25.96 13.88
C GLY H 358 -13.23 24.67 13.18
N ILE H 359 -13.85 23.74 13.90
CA ILE H 359 -14.29 22.46 13.36
C ILE H 359 -15.81 22.40 13.48
N ILE H 360 -16.48 22.23 12.36
CA ILE H 360 -17.93 22.04 12.36
C ILE H 360 -18.20 20.54 12.40
N PRO H 361 -18.56 19.98 13.55
CA PRO H 361 -18.74 18.54 13.65
C PRO H 361 -20.14 18.12 13.21
N ALA H 362 -20.28 16.84 12.93
CA ALA H 362 -21.62 16.29 12.82
C ALA H 362 -22.31 16.36 14.18
N ILE H 363 -23.63 16.51 14.15
CA ILE H 363 -24.39 16.56 15.40
C ILE H 363 -24.24 15.25 16.16
N GLU H 364 -24.07 14.14 15.44
CA GLU H 364 -23.74 12.86 16.07
C GLU H 364 -22.47 12.99 16.92
N SER H 365 -21.38 13.41 16.29
CA SER H 365 -20.10 13.50 17.00
C SER H 365 -20.15 14.55 18.10
N ALA H 366 -21.01 15.57 17.97
CA ALA H 366 -21.14 16.58 19.01
C ALA H 366 -21.63 15.96 20.31
N HIS H 367 -22.40 14.86 20.23
CA HIS H 367 -22.75 14.12 21.44
C HIS H 367 -21.50 13.58 22.13
N ALA H 368 -20.53 13.10 21.35
CA ALA H 368 -19.30 12.59 21.93
C ALA H 368 -18.47 13.70 22.53
N VAL H 369 -18.35 14.83 21.84
CA VAL H 369 -17.62 15.97 22.39
C VAL H 369 -18.27 16.42 23.69
N ALA H 370 -19.60 16.54 23.70
CA ALA H 370 -20.32 16.96 24.90
C ALA H 370 -20.02 16.02 26.07
N GLY H 371 -20.05 14.71 25.82
CA GLY H 371 -19.72 13.76 26.87
C GLY H 371 -18.29 13.86 27.34
N ALA H 372 -17.37 14.18 26.43
CA ALA H 372 -15.97 14.32 26.82
C ALA H 372 -15.76 15.53 27.71
N LEU H 373 -16.51 16.62 27.48
CA LEU H 373 -16.42 17.78 28.37
C LEU H 373 -16.82 17.40 29.78
N LYS H 374 -17.92 16.65 29.93
CA LYS H 374 -18.35 16.19 31.24
C LYS H 374 -17.33 15.22 31.84
N LEU H 375 -16.83 14.28 31.03
CA LEU H 375 -15.85 13.32 31.53
C LEU H 375 -14.55 13.99 31.92
N GLY H 376 -14.16 15.08 31.24
CA GLY H 376 -12.95 15.78 31.60
C GLY H 376 -13.04 16.45 32.95
N VAL H 377 -14.21 16.99 33.28
CA VAL H 377 -14.44 17.51 34.63
C VAL H 377 -14.35 16.39 35.66
N GLU H 378 -14.85 15.20 35.31
N GLU H 378 -14.85 15.19 35.31
CA GLU H 378 -14.82 14.07 36.24
CA GLU H 378 -14.82 14.08 36.24
C GLU H 378 -13.39 13.57 36.45
C GLU H 378 -13.40 13.56 36.45
N LEU H 379 -12.59 13.52 35.38
CA LEU H 379 -11.24 13.00 35.47
C LEU H 379 -10.21 14.05 35.90
N GLY H 380 -10.44 15.31 35.57
CA GLY H 380 -9.60 16.37 36.12
C GLY H 380 -8.42 16.77 35.26
N ARG H 381 -7.61 17.64 35.85
N ARG H 381 -7.62 17.66 35.85
CA ARG H 381 -6.53 18.31 35.13
CA ARG H 381 -6.49 18.27 35.16
C ARG H 381 -5.51 17.30 34.59
C ARG H 381 -5.55 17.23 34.57
N GLY H 382 -5.13 17.46 33.33
CA GLY H 382 -4.13 16.63 32.69
C GLY H 382 -4.63 15.29 32.17
N ALA H 383 -5.88 14.92 32.43
CA ALA H 383 -6.39 13.66 31.93
C ALA H 383 -6.40 13.65 30.42
N VAL H 384 -6.03 12.51 29.83
CA VAL H 384 -5.92 12.36 28.39
C VAL H 384 -7.15 11.60 27.90
N ILE H 385 -8.00 12.29 27.15
CA ILE H 385 -9.26 11.73 26.64
C ILE H 385 -9.21 11.77 25.12
N VAL H 386 -9.38 10.61 24.49
CA VAL H 386 -9.45 10.50 23.03
C VAL H 386 -10.91 10.45 22.62
N VAL H 387 -11.30 11.34 21.71
CA VAL H 387 -12.67 11.47 21.25
C VAL H 387 -12.73 11.14 19.77
N ASN H 388 -13.62 10.22 19.40
CA ASN H 388 -13.84 9.87 18.00
C ASN H 388 -14.74 10.94 17.38
N LEU H 389 -14.14 11.87 16.64
CA LEU H 389 -14.92 12.86 15.89
C LEU H 389 -15.35 12.19 14.60
N SER H 390 -16.53 11.57 14.63
CA SER H 390 -16.90 10.59 13.62
C SER H 390 -17.23 11.22 12.27
N GLY H 391 -17.69 12.48 12.25
CA GLY H 391 -18.02 13.09 10.99
C GLY H 391 -18.02 14.60 11.07
N ARG H 392 -18.06 15.23 9.90
CA ARG H 392 -18.17 16.67 9.80
C ARG H 392 -19.61 17.09 9.60
N GLY H 393 -19.88 18.37 9.85
CA GLY H 393 -21.25 18.83 10.02
C GLY H 393 -21.89 19.56 8.86
N ASP H 394 -21.37 19.35 7.65
CA ASP H 394 -21.96 19.98 6.46
C ASP H 394 -23.45 19.64 6.34
N LYS H 395 -23.79 18.36 6.53
CA LYS H 395 -25.19 17.94 6.47
C LYS H 395 -26.06 18.63 7.51
N ASP H 396 -25.48 19.12 8.59
CA ASP H 396 -26.22 19.68 9.71
C ASP H 396 -26.19 21.19 9.77
N VAL H 397 -25.58 21.84 8.78
CA VAL H 397 -25.34 23.28 8.87
C VAL H 397 -26.65 24.05 8.91
N GLU H 398 -27.64 23.62 8.14
CA GLU H 398 -28.93 24.31 8.17
C GLU H 398 -29.64 24.12 9.51
N THR H 399 -29.60 22.91 10.06
CA THR H 399 -30.16 22.68 11.38
C THR H 399 -29.45 23.51 12.44
N ALA H 400 -28.11 23.56 12.38
CA ALA H 400 -27.35 24.31 13.38
C ALA H 400 -27.60 25.80 13.28
N ALA H 401 -27.76 26.32 12.06
CA ALA H 401 -27.98 27.76 11.89
C ALA H 401 -29.32 28.18 12.49
N LYS H 402 -30.36 27.37 12.32
CA LYS H 402 -31.63 27.63 12.99
C LYS H 402 -31.45 27.63 14.50
N TRP H 403 -30.75 26.62 15.02
CA TRP H 403 -30.58 26.49 16.46
C TRP H 403 -29.93 27.73 17.07
N PHE H 404 -28.91 28.27 16.41
CA PHE H 404 -28.16 29.41 16.94
C PHE H 404 -28.64 30.75 16.38
N GLY H 405 -29.79 30.77 15.71
CA GLY H 405 -30.37 32.01 15.20
C GLY H 405 -29.51 32.70 14.16
N LEU H 406 -29.05 31.97 13.15
CA LEU H 406 -28.18 32.51 12.12
C LEU H 406 -28.79 32.43 10.73
N LEU H 407 -30.10 32.19 10.64
CA LEU H 407 -30.76 32.12 9.34
C LEU H 407 -30.64 33.45 8.58
#